data_7NAL
#
_entry.id   7NAL
#
_cell.length_a   1.00
_cell.length_b   1.00
_cell.length_c   1.00
_cell.angle_alpha   90.00
_cell.angle_beta   90.00
_cell.angle_gamma   90.00
#
_symmetry.space_group_name_H-M   'P 1'
#
loop_
_entity.id
_entity.type
_entity.pdbx_description
1 polymer 'NAD(+) hydrolase SARM1'
2 non-polymer 'BETA-NICOTINAMIDE RIBOSE MONOPHOSPHATE'
#
_entity_poly.entity_id   1
_entity_poly.type   'polypeptide(L)'
_entity_poly.pdbx_seq_one_letter_code
;LAVPGPDGGGGTGPWWAAGGRGPREVSPGAGTEVQDALERALPELQQALSALKQAGGARAVGAGLAEVFQLVEEAWLLPA
VGREVAQGLCDAIRLDGGLDLLLRLLQAPELETRVQAARLLEQILVAENRDRVARIGLGVILNLAKEREPVELARSVAGI
LEHMFKHSEETCQRLVAAGGLDAVLYWCRRTDPALLRHCALALGNCALHGGQAVQRRMVEKRAAEWLFPLAFSKEDELLR
LHACLAVAVLATNKEVEREVERSGTLALVEPLVASLDPGRFARCLVDASDTSQGRGPDDLQRLVPLLDSNRLEAQCIGAF
YLCAEAAIKSLQGKTKVFSDIGAIQSLKRLVSYSTNGTKSALAKRALRLLGEEVPRPILPSVPSWKEAEVQTWLQQIGFS
KYCESFREQQVDGDLLLRLTEEELQTDLGMKSGITRKRFFRELTELKTFANYSTCDRSNLADWLGSLDPRFRQYTYGLVS
CGLDRSLLHRVSEQQLLEDCGIHLGVHRARILTAAREMLHSPLPCTGGKPSGDTPDVFISYRRNSGSQLASLLKVHLQLH
GFSVFIDVEKLEAGKFEDKLIQSVMGARNFVLVLSPGALDKCMQDHDCKDWVHKEIVTALSCGKNIVPIIDGFEWPEPQV
LPEDMQAVLTFNGIKWSHEYQEATIEKIIRFLQGRSSRDSSAGSDTSLEGAAPMGPT
;
_entity_poly.pdbx_strand_id   A,B,C,D,E,F,G,H
#
loop_
_chem_comp.id
_chem_comp.type
_chem_comp.name
_chem_comp.formula
NMN non-polymer 'BETA-NICOTINAMIDE RIBOSE MONOPHOSPHATE' 'C11 H16 N2 O8 P 1'
#
# COMPACT_ATOMS: atom_id res chain seq x y z
N VAL A 34 -49.30 -28.58 -40.93
CA VAL A 34 -49.95 -28.45 -42.26
C VAL A 34 -50.98 -27.32 -42.23
N GLN A 35 -50.87 -26.39 -43.18
CA GLN A 35 -51.77 -25.26 -43.27
C GLN A 35 -52.94 -25.51 -44.21
N ASP A 36 -53.06 -26.72 -44.76
CA ASP A 36 -54.15 -27.00 -45.70
C ASP A 36 -55.50 -26.77 -45.04
N ALA A 37 -55.67 -27.25 -43.81
CA ALA A 37 -56.92 -26.98 -43.09
C ALA A 37 -57.10 -25.48 -42.87
N LEU A 38 -56.01 -24.78 -42.53
CA LEU A 38 -56.10 -23.33 -42.35
C LEU A 38 -56.50 -22.64 -43.65
N GLU A 39 -55.89 -23.04 -44.77
CA GLU A 39 -56.22 -22.43 -46.05
C GLU A 39 -57.67 -22.69 -46.42
N ARG A 40 -58.15 -23.91 -46.18
CA ARG A 40 -59.54 -24.22 -46.47
C ARG A 40 -60.49 -23.42 -45.58
N ALA A 41 -60.13 -23.27 -44.30
CA ALA A 41 -61.09 -22.75 -43.30
C ALA A 41 -61.22 -21.23 -43.43
N LEU A 42 -60.16 -20.54 -43.85
CA LEU A 42 -60.13 -19.06 -43.76
C LEU A 42 -61.13 -18.42 -44.74
N PRO A 43 -61.17 -18.75 -46.06
CA PRO A 43 -62.28 -18.36 -46.94
C PRO A 43 -63.65 -18.42 -46.25
N GLU A 44 -64.01 -19.57 -45.67
CA GLU A 44 -65.31 -19.71 -45.03
C GLU A 44 -65.44 -18.74 -43.86
N LEU A 45 -64.37 -18.57 -43.09
CA LEU A 45 -64.40 -17.62 -41.98
C LEU A 45 -64.62 -16.20 -42.48
N GLN A 46 -63.96 -15.83 -43.58
CA GLN A 46 -64.14 -14.50 -44.14
C GLN A 46 -65.57 -14.31 -44.63
N GLN A 47 -66.13 -15.31 -45.31
CA GLN A 47 -67.52 -15.21 -45.75
C GLN A 47 -68.47 -15.06 -44.58
N ALA A 48 -68.24 -15.84 -43.52
CA ALA A 48 -69.12 -15.74 -42.34
C ALA A 48 -69.00 -14.38 -41.69
N LEU A 49 -67.77 -13.85 -41.59
CA LEU A 49 -67.59 -12.53 -41.00
C LEU A 49 -68.28 -11.46 -41.82
N SER A 50 -68.17 -11.54 -43.15
CA SER A 50 -68.86 -10.58 -44.01
C SER A 50 -70.37 -10.68 -43.83
N ALA A 51 -70.90 -11.90 -43.78
CA ALA A 51 -72.33 -12.07 -43.58
C ALA A 51 -72.77 -11.48 -42.25
N LEU A 52 -72.00 -11.72 -41.19
CA LEU A 52 -72.33 -11.15 -39.88
C LEU A 52 -72.30 -9.62 -39.93
N LYS A 53 -71.29 -9.05 -40.59
CA LYS A 53 -71.27 -7.61 -40.78
C LYS A 53 -72.46 -7.13 -41.57
N GLN A 54 -72.96 -7.95 -42.50
CA GLN A 54 -74.15 -7.63 -43.27
C GLN A 54 -75.44 -7.97 -42.52
N ALA A 55 -75.35 -8.57 -41.34
CA ALA A 55 -76.53 -8.92 -40.58
C ALA A 55 -77.12 -7.68 -39.92
N GLY A 56 -78.34 -7.32 -40.32
CA GLY A 56 -79.04 -6.18 -39.79
C GLY A 56 -80.09 -6.51 -38.75
N GLY A 57 -80.32 -7.78 -38.45
CA GLY A 57 -81.34 -8.19 -37.51
C GLY A 57 -80.83 -9.29 -36.62
N ALA A 58 -81.67 -9.64 -35.63
CA ALA A 58 -81.28 -10.68 -34.67
C ALA A 58 -81.10 -12.02 -35.35
N ARG A 59 -81.98 -12.36 -36.30
CA ARG A 59 -81.91 -13.67 -36.94
C ARG A 59 -80.60 -13.85 -37.71
N ALA A 60 -80.25 -12.86 -38.54
CA ALA A 60 -79.01 -12.94 -39.30
C ALA A 60 -77.80 -12.93 -38.38
N VAL A 61 -77.84 -12.12 -37.32
CA VAL A 61 -76.74 -12.08 -36.36
C VAL A 61 -76.53 -13.47 -35.76
N GLY A 62 -77.62 -14.10 -35.32
CA GLY A 62 -77.50 -15.42 -34.75
C GLY A 62 -77.00 -16.45 -35.74
N ALA A 63 -77.49 -16.38 -36.98
CA ALA A 63 -77.04 -17.33 -37.99
C ALA A 63 -75.54 -17.20 -38.23
N GLY A 64 -75.06 -15.96 -38.38
CA GLY A 64 -73.63 -15.77 -38.60
C GLY A 64 -72.81 -16.20 -37.40
N LEU A 65 -73.28 -15.90 -36.19
CA LEU A 65 -72.56 -16.30 -34.99
C LEU A 65 -72.47 -17.83 -34.92
N ALA A 66 -73.57 -18.52 -35.21
CA ALA A 66 -73.55 -19.98 -35.20
C ALA A 66 -72.60 -20.52 -36.26
N GLU A 67 -72.59 -19.90 -37.45
CA GLU A 67 -71.69 -20.36 -38.50
C GLU A 67 -70.23 -20.24 -38.06
N VAL A 68 -69.85 -19.07 -37.52
CA VAL A 68 -68.46 -18.86 -37.12
C VAL A 68 -68.11 -19.78 -35.95
N PHE A 69 -69.05 -19.97 -35.02
CA PHE A 69 -68.79 -20.86 -33.90
C PHE A 69 -68.54 -22.28 -34.38
N GLN A 70 -69.36 -22.77 -35.32
CA GLN A 70 -69.15 -24.10 -35.87
C GLN A 70 -67.79 -24.17 -36.56
N LEU A 71 -67.44 -23.14 -37.33
CA LEU A 71 -66.16 -23.17 -38.05
C LEU A 71 -64.98 -23.24 -37.09
N VAL A 72 -65.03 -22.46 -36.01
CA VAL A 72 -63.86 -22.42 -35.08
C VAL A 72 -63.81 -23.72 -34.26
N GLU A 73 -64.97 -24.27 -33.88
CA GLU A 73 -65.02 -25.51 -33.06
C GLU A 73 -64.43 -26.68 -33.83
N GLU A 74 -64.68 -26.76 -35.14
CA GLU A 74 -64.17 -27.90 -35.94
C GLU A 74 -62.64 -27.89 -35.87
N ALA A 75 -62.02 -26.72 -35.97
CA ALA A 75 -60.55 -26.60 -35.86
C ALA A 75 -60.08 -27.00 -34.46
N TRP A 76 -60.79 -26.59 -33.42
CA TRP A 76 -60.35 -26.87 -32.03
C TRP A 76 -60.40 -28.38 -31.75
N LEU A 77 -61.24 -29.12 -32.47
CA LEU A 77 -61.30 -30.60 -32.32
C LEU A 77 -60.49 -31.30 -33.43
N LEU A 78 -59.43 -30.67 -33.97
CA LEU A 78 -58.76 -31.36 -35.09
C LEU A 78 -57.53 -32.09 -34.55
N PRO A 79 -57.34 -33.39 -34.82
CA PRO A 79 -56.21 -34.10 -34.21
C PRO A 79 -54.83 -33.57 -34.57
N ALA A 80 -53.94 -33.43 -33.58
CA ALA A 80 -52.53 -32.98 -33.80
C ALA A 80 -52.40 -31.50 -34.21
N VAL A 81 -52.96 -31.08 -35.34
CA VAL A 81 -52.72 -29.69 -35.82
C VAL A 81 -53.82 -28.74 -35.38
N GLY A 82 -54.70 -29.17 -34.47
CA GLY A 82 -55.86 -28.34 -34.07
C GLY A 82 -55.49 -26.98 -33.49
N ARG A 83 -54.46 -26.90 -32.64
CA ARG A 83 -54.13 -25.62 -31.97
C ARG A 83 -53.73 -24.55 -33.00
N GLU A 84 -52.76 -24.86 -33.87
CA GLU A 84 -52.27 -23.89 -34.85
C GLU A 84 -53.38 -23.46 -35.79
N VAL A 85 -54.14 -24.42 -36.32
CA VAL A 85 -55.20 -24.11 -37.27
C VAL A 85 -56.44 -23.56 -36.60
N ALA A 86 -56.42 -23.38 -35.28
CA ALA A 86 -57.45 -22.60 -34.60
C ALA A 86 -56.94 -21.23 -34.19
N GLN A 87 -55.66 -21.14 -33.79
CA GLN A 87 -55.06 -19.84 -33.55
C GLN A 87 -55.02 -19.00 -34.82
N GLY A 88 -54.92 -19.66 -35.98
CA GLY A 88 -54.99 -18.92 -37.23
C GLY A 88 -56.32 -18.22 -37.43
N LEU A 89 -57.43 -18.95 -37.21
CA LEU A 89 -58.74 -18.33 -37.34
C LEU A 89 -58.95 -17.29 -36.25
N CYS A 90 -58.45 -17.53 -35.04
CA CYS A 90 -58.56 -16.53 -33.98
C CYS A 90 -57.82 -15.25 -34.35
N ASP A 91 -56.65 -15.39 -34.97
CA ASP A 91 -55.86 -14.22 -35.45
C ASP A 91 -56.64 -13.50 -36.55
N ALA A 92 -57.23 -14.27 -37.47
CA ALA A 92 -58.03 -13.65 -38.53
C ALA A 92 -59.19 -12.87 -37.96
N ILE A 93 -59.88 -13.43 -36.96
CA ILE A 93 -60.97 -12.71 -36.31
C ILE A 93 -60.44 -11.48 -35.59
N ARG A 94 -59.22 -11.58 -35.05
CA ARG A 94 -58.56 -10.43 -34.37
C ARG A 94 -58.47 -9.25 -35.34
N LEU A 95 -58.00 -9.51 -36.57
CA LEU A 95 -58.12 -8.56 -37.67
C LEU A 95 -59.54 -8.62 -38.22
N ASP A 96 -59.80 -7.79 -39.23
CA ASP A 96 -61.11 -7.69 -39.88
C ASP A 96 -62.18 -7.14 -38.95
N GLY A 97 -61.80 -6.65 -37.77
CA GLY A 97 -62.75 -6.08 -36.84
C GLY A 97 -63.68 -7.08 -36.18
N GLY A 98 -63.34 -8.37 -36.21
CA GLY A 98 -64.23 -9.37 -35.64
C GLY A 98 -64.44 -9.19 -34.15
N LEU A 99 -63.37 -8.97 -33.39
CA LEU A 99 -63.48 -8.86 -31.95
C LEU A 99 -64.35 -7.67 -31.55
N ASP A 100 -64.15 -6.53 -32.20
CA ASP A 100 -64.96 -5.35 -31.89
C ASP A 100 -66.42 -5.60 -32.23
N LEU A 101 -66.69 -6.26 -33.37
CA LEU A 101 -68.06 -6.57 -33.72
C LEU A 101 -68.71 -7.48 -32.69
N LEU A 102 -67.99 -8.50 -32.23
CA LEU A 102 -68.54 -9.40 -31.22
C LEU A 102 -68.79 -8.66 -29.91
N LEU A 103 -67.88 -7.77 -29.53
CA LEU A 103 -68.09 -6.98 -28.31
C LEU A 103 -69.33 -6.10 -28.45
N ARG A 104 -69.49 -5.44 -29.59
CA ARG A 104 -70.65 -4.58 -29.79
C ARG A 104 -71.94 -5.40 -29.74
N LEU A 105 -71.93 -6.59 -30.33
CA LEU A 105 -73.08 -7.47 -30.23
C LEU A 105 -73.35 -7.86 -28.77
N LEU A 106 -72.28 -8.16 -28.03
CA LEU A 106 -72.41 -8.42 -26.61
C LEU A 106 -73.03 -7.24 -25.87
N GLN A 107 -72.88 -6.02 -26.39
CA GLN A 107 -73.58 -4.87 -25.86
C GLN A 107 -74.99 -4.72 -26.41
N ALA A 108 -75.45 -5.65 -27.23
CA ALA A 108 -76.76 -5.51 -27.87
C ALA A 108 -77.87 -5.59 -26.82
N PRO A 109 -78.96 -4.86 -27.02
CA PRO A 109 -80.08 -4.93 -26.05
C PRO A 109 -80.66 -6.33 -25.91
N GLU A 110 -80.69 -7.12 -26.98
CA GLU A 110 -81.33 -8.42 -26.95
C GLU A 110 -80.40 -9.44 -26.31
N LEU A 111 -80.87 -10.09 -25.24
CA LEU A 111 -80.05 -11.08 -24.56
C LEU A 111 -79.84 -12.34 -25.38
N GLU A 112 -80.75 -12.66 -26.31
CA GLU A 112 -80.59 -13.84 -27.13
C GLU A 112 -79.33 -13.74 -27.99
N THR A 113 -79.03 -12.54 -28.49
CA THR A 113 -77.78 -12.33 -29.21
C THR A 113 -76.60 -12.23 -28.25
N ARG A 114 -76.82 -11.65 -27.07
CA ARG A 114 -75.74 -11.49 -26.06
C ARG A 114 -75.17 -12.87 -25.70
N VAL A 115 -76.05 -13.85 -25.46
CA VAL A 115 -75.60 -15.17 -25.02
C VAL A 115 -74.71 -15.82 -26.08
N GLN A 116 -75.12 -15.72 -27.36
CA GLN A 116 -74.31 -16.29 -28.42
C GLN A 116 -73.00 -15.53 -28.60
N ALA A 117 -73.05 -14.21 -28.45
CA ALA A 117 -71.83 -13.42 -28.54
C ALA A 117 -70.83 -13.85 -27.47
N ALA A 118 -71.30 -14.03 -26.24
CA ALA A 118 -70.42 -14.50 -25.17
C ALA A 118 -69.94 -15.93 -25.44
N ARG A 119 -70.83 -16.78 -25.97
CA ARG A 119 -70.42 -18.14 -26.31
C ARG A 119 -69.26 -18.15 -27.30
N LEU A 120 -69.32 -17.31 -28.33
CA LEU A 120 -68.21 -17.21 -29.27
C LEU A 120 -66.99 -16.54 -28.67
N LEU A 121 -67.17 -15.51 -27.84
CA LEU A 121 -66.05 -14.80 -27.23
C LEU A 121 -65.30 -15.66 -26.24
N GLU A 122 -65.94 -16.68 -25.68
CA GLU A 122 -65.29 -17.60 -24.76
C GLU A 122 -64.29 -18.51 -25.46
N GLN A 123 -64.59 -18.89 -26.71
CA GLN A 123 -63.79 -19.88 -27.43
C GLN A 123 -62.72 -19.26 -28.32
N ILE A 124 -62.38 -17.98 -28.13
CA ILE A 124 -61.40 -17.32 -28.97
C ILE A 124 -60.32 -16.58 -28.18
N LEU A 125 -60.42 -16.49 -26.86
CA LEU A 125 -59.52 -15.62 -26.10
C LEU A 125 -58.13 -16.20 -25.96
N VAL A 126 -57.41 -16.32 -27.08
CA VAL A 126 -55.97 -16.58 -27.04
C VAL A 126 -55.28 -15.28 -26.63
N ALA A 127 -53.98 -15.36 -26.32
CA ALA A 127 -53.23 -14.20 -25.86
C ALA A 127 -53.37 -13.00 -26.78
N GLU A 128 -53.22 -13.19 -28.08
CA GLU A 128 -53.35 -12.08 -29.03
C GLU A 128 -54.78 -11.52 -29.01
N ASN A 129 -55.77 -12.40 -28.92
CA ASN A 129 -57.16 -11.98 -28.79
C ASN A 129 -57.60 -11.55 -27.40
N ARG A 130 -56.69 -11.68 -26.43
CA ARG A 130 -57.03 -11.38 -25.00
C ARG A 130 -56.49 -9.99 -24.65
N ASP A 131 -55.27 -9.68 -25.10
CA ASP A 131 -54.66 -8.40 -24.77
C ASP A 131 -55.55 -7.28 -25.31
N ARG A 132 -56.08 -7.47 -26.52
CA ARG A 132 -57.00 -6.46 -27.08
C ARG A 132 -58.23 -6.31 -26.21
N VAL A 133 -58.82 -7.41 -25.77
CA VAL A 133 -60.00 -7.34 -24.91
C VAL A 133 -59.65 -6.66 -23.60
N ALA A 134 -58.48 -6.98 -23.04
CA ALA A 134 -58.06 -6.34 -21.81
C ALA A 134 -57.93 -4.84 -21.97
N ARG A 135 -57.39 -4.39 -23.12
CA ARG A 135 -57.24 -2.96 -23.35
C ARG A 135 -58.59 -2.29 -23.60
N ILE A 136 -59.50 -2.98 -24.27
CA ILE A 136 -60.75 -2.40 -24.74
C ILE A 136 -61.96 -3.02 -24.03
N GLY A 137 -62.06 -4.35 -24.06
CA GLY A 137 -63.24 -5.04 -23.60
C GLY A 137 -63.39 -5.20 -22.11
N LEU A 138 -62.44 -4.72 -21.31
CA LEU A 138 -62.58 -4.77 -19.88
C LEU A 138 -63.52 -3.66 -19.41
N GLY A 139 -64.24 -3.93 -18.33
CA GLY A 139 -65.25 -3.02 -17.83
C GLY A 139 -66.65 -3.37 -18.32
N VAL A 140 -66.84 -3.41 -19.63
CA VAL A 140 -68.14 -3.81 -20.17
C VAL A 140 -68.46 -5.23 -19.76
N ILE A 141 -67.48 -6.14 -19.85
CA ILE A 141 -67.70 -7.50 -19.40
C ILE A 141 -67.88 -7.54 -17.89
N LEU A 142 -67.18 -6.67 -17.16
CA LEU A 142 -67.36 -6.58 -15.71
C LEU A 142 -68.80 -6.24 -15.37
N ASN A 143 -69.36 -5.22 -16.03
CA ASN A 143 -70.74 -4.85 -15.77
C ASN A 143 -71.70 -5.96 -16.20
N LEU A 144 -71.42 -6.58 -17.36
CA LEU A 144 -72.29 -7.65 -17.83
C LEU A 144 -72.33 -8.81 -16.85
N ALA A 145 -71.20 -9.09 -16.19
CA ALA A 145 -71.15 -10.18 -15.22
C ALA A 145 -72.10 -9.96 -14.06
N LYS A 146 -72.55 -8.71 -13.86
CA LYS A 146 -73.42 -8.36 -12.70
C LYS A 146 -74.80 -9.02 -12.84
N GLU A 147 -75.14 -9.56 -14.02
CA GLU A 147 -76.40 -10.32 -14.16
C GLU A 147 -76.10 -11.72 -13.62
N ARG A 148 -76.37 -11.96 -12.35
CA ARG A 148 -75.98 -13.26 -11.74
C ARG A 148 -77.11 -14.27 -11.91
N GLU A 149 -78.23 -13.84 -12.48
CA GLU A 149 -79.43 -14.73 -12.54
C GLU A 149 -79.39 -15.68 -13.74
N PRO A 150 -79.21 -15.23 -14.99
CA PRO A 150 -79.29 -16.14 -16.14
C PRO A 150 -78.23 -17.23 -16.06
N VAL A 151 -78.57 -18.41 -16.56
CA VAL A 151 -77.67 -19.55 -16.48
C VAL A 151 -76.70 -19.57 -17.66
N GLU A 152 -77.20 -19.42 -18.88
CA GLU A 152 -76.33 -19.45 -20.04
C GLU A 152 -75.37 -18.26 -20.03
N LEU A 153 -75.88 -17.06 -19.73
CA LEU A 153 -75.02 -15.89 -19.62
C LEU A 153 -74.00 -16.07 -18.51
N ALA A 154 -74.42 -16.62 -17.37
CA ALA A 154 -73.49 -16.85 -16.28
C ALA A 154 -72.37 -17.80 -16.70
N ARG A 155 -72.73 -18.88 -17.39
CA ARG A 155 -71.73 -19.85 -17.85
C ARG A 155 -70.74 -19.21 -18.81
N SER A 156 -71.26 -18.50 -19.81
CA SER A 156 -70.38 -17.87 -20.79
C SER A 156 -69.48 -16.84 -20.13
N VAL A 157 -70.02 -16.04 -19.22
CA VAL A 157 -69.23 -15.03 -18.54
C VAL A 157 -68.18 -15.67 -17.64
N ALA A 158 -68.51 -16.80 -17.02
CA ALA A 158 -67.51 -17.52 -16.25
C ALA A 158 -66.37 -17.97 -17.15
N GLY A 159 -66.69 -18.44 -18.34
CA GLY A 159 -65.64 -18.75 -19.31
C GLY A 159 -64.78 -17.54 -19.63
N ILE A 160 -65.42 -16.40 -19.87
CA ILE A 160 -64.66 -15.20 -20.22
C ILE A 160 -63.70 -14.85 -19.09
N LEU A 161 -64.20 -14.81 -17.85
CA LEU A 161 -63.35 -14.45 -16.73
C LEU A 161 -62.25 -15.47 -16.49
N GLU A 162 -62.54 -16.76 -16.59
CA GLU A 162 -61.51 -17.75 -16.33
C GLU A 162 -60.39 -17.60 -17.34
N HIS A 163 -60.75 -17.35 -18.61
CA HIS A 163 -59.72 -17.23 -19.62
C HIS A 163 -59.06 -15.86 -19.57
N MET A 164 -59.63 -14.92 -18.82
CA MET A 164 -59.09 -13.54 -18.77
C MET A 164 -58.12 -13.41 -17.59
N PHE A 165 -58.34 -14.16 -16.51
CA PHE A 165 -57.49 -14.04 -15.30
C PHE A 165 -56.04 -14.38 -15.63
N LYS A 166 -55.76 -14.85 -16.86
CA LYS A 166 -54.41 -15.27 -17.24
C LYS A 166 -53.64 -14.15 -17.92
N HIS A 167 -53.98 -12.90 -17.61
CA HIS A 167 -53.29 -11.72 -18.13
C HIS A 167 -52.42 -11.15 -17.01
N SER A 168 -51.59 -10.16 -17.35
CA SER A 168 -50.62 -9.59 -16.42
C SER A 168 -51.27 -9.28 -15.07
N GLU A 169 -50.46 -9.30 -14.01
CA GLU A 169 -51.00 -9.23 -12.65
C GLU A 169 -51.78 -7.94 -12.41
N GLU A 170 -51.46 -6.87 -13.15
CA GLU A 170 -52.25 -5.65 -13.00
C GLU A 170 -53.67 -5.90 -13.50
N THR A 171 -53.83 -6.74 -14.52
CA THR A 171 -55.21 -7.08 -14.96
C THR A 171 -55.92 -7.83 -13.82
N CYS A 172 -55.21 -8.72 -13.13
CA CYS A 172 -55.82 -9.36 -11.97
C CYS A 172 -56.20 -8.37 -10.88
N GLN A 173 -55.33 -7.39 -10.61
CA GLN A 173 -55.65 -6.35 -9.64
C GLN A 173 -56.95 -5.66 -9.99
N ARG A 174 -57.07 -5.18 -11.23
CA ARG A 174 -58.26 -4.44 -11.60
C ARG A 174 -59.51 -5.32 -11.62
N LEU A 175 -59.36 -6.58 -12.05
CA LEU A 175 -60.51 -7.49 -12.03
C LEU A 175 -60.99 -7.74 -10.61
N VAL A 176 -60.06 -7.97 -9.67
CA VAL A 176 -60.47 -8.20 -8.29
C VAL A 176 -61.07 -6.94 -7.70
N ALA A 177 -60.54 -5.77 -8.07
CA ALA A 177 -61.11 -4.51 -7.58
C ALA A 177 -62.57 -4.39 -7.97
N ALA A 178 -62.92 -4.79 -9.18
CA ALA A 178 -64.31 -4.84 -9.63
C ALA A 178 -64.99 -6.05 -9.01
N GLY A 179 -66.20 -6.35 -9.45
CA GLY A 179 -66.98 -7.43 -8.89
C GLY A 179 -66.72 -8.80 -9.48
N GLY A 180 -65.69 -8.94 -10.31
CA GLY A 180 -65.44 -10.23 -10.93
C GLY A 180 -65.17 -11.33 -9.92
N LEU A 181 -64.27 -11.07 -8.97
CA LEU A 181 -63.93 -12.08 -7.97
C LEU A 181 -65.15 -12.41 -7.12
N ASP A 182 -65.83 -11.38 -6.60
CA ASP A 182 -67.03 -11.61 -5.82
C ASP A 182 -68.09 -12.32 -6.66
N ALA A 183 -68.18 -11.98 -7.95
CA ALA A 183 -69.18 -12.61 -8.81
C ALA A 183 -68.91 -14.10 -8.95
N VAL A 184 -67.65 -14.49 -9.16
CA VAL A 184 -67.35 -15.91 -9.30
C VAL A 184 -67.54 -16.54 -7.93
N LEU A 185 -67.12 -15.85 -6.87
CA LEU A 185 -67.43 -16.35 -5.53
C LEU A 185 -68.92 -16.66 -5.39
N TYR A 186 -69.75 -15.75 -5.91
CA TYR A 186 -71.23 -15.93 -5.80
C TYR A 186 -71.67 -17.15 -6.61
N TRP A 187 -71.27 -17.23 -7.89
CA TRP A 187 -71.71 -18.35 -8.76
C TRP A 187 -71.29 -19.70 -8.17
N CYS A 188 -70.27 -19.71 -7.32
CA CYS A 188 -69.79 -20.99 -6.78
C CYS A 188 -70.90 -21.81 -6.12
N ARG A 189 -72.01 -21.17 -5.75
CA ARG A 189 -73.06 -21.89 -4.98
C ARG A 189 -74.18 -22.45 -5.89
N ARG A 190 -73.99 -22.48 -7.21
CA ARG A 190 -74.98 -23.08 -8.08
C ARG A 190 -74.71 -24.58 -8.20
N THR A 191 -75.48 -25.24 -9.08
CA THR A 191 -75.35 -26.72 -9.19
C THR A 191 -74.98 -27.18 -10.61
N ASP A 192 -75.27 -26.42 -11.66
CA ASP A 192 -75.03 -26.93 -13.01
C ASP A 192 -73.53 -27.15 -13.19
N PRO A 193 -73.04 -28.35 -13.62
CA PRO A 193 -71.59 -28.64 -13.62
C PRO A 193 -70.67 -27.67 -14.36
N ALA A 194 -71.10 -27.19 -15.52
CA ALA A 194 -70.21 -26.37 -16.35
C ALA A 194 -69.84 -25.08 -15.63
N LEU A 195 -70.82 -24.43 -14.99
CA LEU A 195 -70.53 -23.19 -14.28
C LEU A 195 -69.57 -23.42 -13.13
N LEU A 196 -69.76 -24.51 -12.37
CA LEU A 196 -68.87 -24.80 -11.26
C LEU A 196 -67.46 -25.10 -11.75
N ARG A 197 -67.34 -25.89 -12.83
CA ARG A 197 -66.02 -26.18 -13.37
C ARG A 197 -65.33 -24.91 -13.87
N HIS A 198 -66.07 -24.03 -14.53
CA HIS A 198 -65.49 -22.78 -15.00
C HIS A 198 -65.05 -21.91 -13.83
N CYS A 199 -65.85 -21.87 -12.76
CA CYS A 199 -65.47 -21.10 -11.59
C CYS A 199 -64.20 -21.65 -10.95
N ALA A 200 -64.09 -22.97 -10.86
CA ALA A 200 -62.88 -23.57 -10.30
C ALA A 200 -61.66 -23.27 -11.15
N LEU A 201 -61.81 -23.37 -12.48
CA LEU A 201 -60.71 -23.06 -13.38
C LEU A 201 -60.30 -21.59 -13.25
N ALA A 202 -61.28 -20.69 -13.15
CA ALA A 202 -60.97 -19.28 -12.95
C ALA A 202 -60.21 -19.06 -11.64
N LEU A 203 -60.65 -19.70 -10.57
CA LEU A 203 -59.99 -19.56 -9.29
C LEU A 203 -58.54 -20.04 -9.36
N GLY A 204 -58.32 -21.18 -10.01
CA GLY A 204 -56.95 -21.67 -10.17
C GLY A 204 -56.10 -20.73 -11.02
N ASN A 205 -56.66 -20.23 -12.12
CA ASN A 205 -55.91 -19.36 -13.01
C ASN A 205 -55.50 -18.08 -12.31
N CYS A 206 -56.41 -17.48 -11.54
CA CYS A 206 -56.08 -16.25 -10.83
C CYS A 206 -55.19 -16.51 -9.62
N ALA A 207 -55.26 -17.70 -9.03
CA ALA A 207 -54.31 -18.05 -7.97
C ALA A 207 -52.90 -18.17 -8.53
N LEU A 208 -52.76 -18.73 -9.73
CA LEU A 208 -51.44 -18.90 -10.33
C LEU A 208 -50.90 -17.58 -10.87
N HIS A 209 -51.60 -16.99 -11.84
CA HIS A 209 -51.08 -15.79 -12.50
C HIS A 209 -51.11 -14.58 -11.57
N GLY A 210 -52.09 -14.48 -10.69
CA GLY A 210 -52.16 -13.34 -9.80
C GLY A 210 -50.99 -13.29 -8.85
N GLY A 211 -50.68 -12.09 -8.40
CA GLY A 211 -49.56 -11.88 -7.50
C GLY A 211 -49.87 -12.31 -6.07
N GLN A 212 -48.86 -12.15 -5.21
CA GLN A 212 -49.03 -12.51 -3.81
C GLN A 212 -50.12 -11.68 -3.16
N ALA A 213 -50.24 -10.41 -3.54
CA ALA A 213 -51.31 -9.57 -2.99
C ALA A 213 -52.68 -10.13 -3.36
N VAL A 214 -52.83 -10.61 -4.59
CA VAL A 214 -54.12 -11.18 -5.00
C VAL A 214 -54.46 -12.38 -4.14
N GLN A 215 -53.49 -13.26 -3.89
CA GLN A 215 -53.74 -14.46 -3.09
C GLN A 215 -54.10 -14.08 -1.66
N ARG A 216 -53.37 -13.12 -1.07
CA ARG A 216 -53.70 -12.67 0.28
C ARG A 216 -55.10 -12.07 0.28
N ARG A 217 -55.41 -11.29 -0.75
CA ARG A 217 -56.73 -10.66 -0.84
C ARG A 217 -57.82 -11.73 -0.87
N MET A 218 -57.64 -12.76 -1.71
CA MET A 218 -58.59 -13.86 -1.76
C MET A 218 -58.74 -14.59 -0.43
N VAL A 219 -57.63 -14.84 0.26
CA VAL A 219 -57.73 -15.50 1.56
C VAL A 219 -58.55 -14.64 2.52
N GLU A 220 -58.29 -13.34 2.55
CA GLU A 220 -59.11 -12.44 3.35
C GLU A 220 -60.54 -12.39 2.84
N LYS A 221 -60.75 -12.60 1.53
CA LYS A 221 -62.08 -12.73 0.97
C LYS A 221 -62.79 -14.00 1.44
N ARG A 222 -62.06 -14.94 2.06
CA ARG A 222 -62.60 -16.22 2.48
C ARG A 222 -62.75 -17.19 1.32
N ALA A 223 -62.11 -16.91 0.19
CA ALA A 223 -62.25 -17.76 -0.99
C ALA A 223 -61.72 -19.18 -0.75
N ALA A 224 -60.78 -19.36 0.18
CA ALA A 224 -60.26 -20.69 0.45
C ALA A 224 -61.36 -21.61 0.98
N GLU A 225 -62.19 -21.07 1.89
CA GLU A 225 -63.25 -21.89 2.54
C GLU A 225 -64.34 -22.23 1.52
N TRP A 226 -64.62 -21.32 0.59
CA TRP A 226 -65.68 -21.52 -0.43
C TRP A 226 -65.41 -22.73 -1.33
N LEU A 227 -64.14 -23.13 -1.47
CA LEU A 227 -63.79 -24.25 -2.37
C LEU A 227 -64.02 -25.60 -1.70
N PHE A 228 -64.11 -25.64 -0.36
CA PHE A 228 -64.24 -26.93 0.32
C PHE A 228 -65.39 -27.78 -0.22
N PRO A 229 -66.61 -27.25 -0.37
CA PRO A 229 -67.67 -28.10 -0.94
C PRO A 229 -67.34 -28.62 -2.32
N LEU A 230 -66.61 -27.85 -3.13
CA LEU A 230 -66.25 -28.30 -4.46
C LEU A 230 -65.28 -29.48 -4.41
N ALA A 231 -64.22 -29.36 -3.59
CA ALA A 231 -63.26 -30.45 -3.48
C ALA A 231 -63.92 -31.70 -2.89
N PHE A 232 -64.76 -31.52 -1.88
CA PHE A 232 -65.41 -32.65 -1.23
C PHE A 232 -66.57 -33.23 -2.04
N SER A 233 -67.00 -32.55 -3.09
CA SER A 233 -68.06 -33.07 -3.94
C SER A 233 -67.62 -34.37 -4.58
N LYS A 234 -68.59 -35.05 -5.22
CA LYS A 234 -68.31 -36.34 -5.84
C LYS A 234 -68.98 -36.50 -7.21
N GLU A 235 -69.62 -35.45 -7.74
CA GLU A 235 -70.27 -35.57 -9.04
C GLU A 235 -69.25 -35.78 -10.15
N ASP A 236 -68.22 -34.92 -10.20
CA ASP A 236 -67.19 -35.00 -11.22
C ASP A 236 -65.81 -34.92 -10.55
N GLU A 237 -64.87 -35.73 -11.05
CA GLU A 237 -63.51 -35.69 -10.53
C GLU A 237 -62.74 -34.48 -11.04
N LEU A 238 -63.09 -33.97 -12.22
CA LEU A 238 -62.40 -32.81 -12.77
C LEU A 238 -62.59 -31.58 -11.88
N LEU A 239 -63.81 -31.37 -11.39
CA LEU A 239 -64.06 -30.24 -10.51
C LEU A 239 -63.25 -30.35 -9.22
N ARG A 240 -63.20 -31.56 -8.65
CA ARG A 240 -62.39 -31.78 -7.46
C ARG A 240 -60.92 -31.49 -7.73
N LEU A 241 -60.41 -31.96 -8.87
CA LEU A 241 -59.02 -31.72 -9.21
C LEU A 241 -58.74 -30.22 -9.34
N HIS A 242 -59.63 -29.49 -10.00
CA HIS A 242 -59.42 -28.05 -10.16
C HIS A 242 -59.45 -27.35 -8.80
N ALA A 243 -60.39 -27.73 -7.94
CA ALA A 243 -60.46 -27.11 -6.61
C ALA A 243 -59.19 -27.40 -5.81
N CYS A 244 -58.71 -28.64 -5.87
CA CYS A 244 -57.48 -28.99 -5.16
C CYS A 244 -56.30 -28.21 -5.71
N LEU A 245 -56.22 -28.05 -7.04
CA LEU A 245 -55.16 -27.24 -7.62
C LEU A 245 -55.21 -25.82 -7.08
N ALA A 246 -56.39 -25.21 -7.10
CA ALA A 246 -56.50 -23.82 -6.64
C ALA A 246 -56.10 -23.70 -5.18
N VAL A 247 -56.60 -24.59 -4.33
CA VAL A 247 -56.32 -24.46 -2.90
C VAL A 247 -54.84 -24.72 -2.63
N ALA A 248 -54.23 -25.68 -3.33
CA ALA A 248 -52.80 -25.93 -3.13
C ALA A 248 -51.96 -24.74 -3.56
N VAL A 249 -52.27 -24.17 -4.72
CA VAL A 249 -51.51 -23.01 -5.20
C VAL A 249 -51.67 -21.85 -4.23
N LEU A 250 -52.87 -21.69 -3.65
CA LEU A 250 -53.06 -20.67 -2.63
C LEU A 250 -52.22 -20.98 -1.39
N ALA A 251 -52.19 -22.25 -0.98
CA ALA A 251 -51.49 -22.63 0.23
C ALA A 251 -49.97 -22.51 0.10
N THR A 252 -49.45 -22.54 -1.14
CA THR A 252 -47.97 -22.42 -1.30
C THR A 252 -47.49 -21.16 -0.57
N ASN A 253 -48.31 -20.11 -0.58
CA ASN A 253 -47.91 -18.82 -0.02
C ASN A 253 -47.91 -18.93 1.50
N LYS A 254 -46.74 -18.77 2.11
CA LYS A 254 -46.61 -19.00 3.54
C LYS A 254 -47.41 -18.00 4.36
N GLU A 255 -47.61 -16.79 3.84
CA GLU A 255 -48.26 -15.75 4.69
C GLU A 255 -49.65 -16.23 5.13
N VAL A 256 -50.31 -17.04 4.31
CA VAL A 256 -51.70 -17.42 4.59
C VAL A 256 -51.82 -18.95 4.64
N GLU A 257 -50.69 -19.64 4.77
CA GLU A 257 -50.71 -21.09 4.74
C GLU A 257 -51.52 -21.67 5.88
N ARG A 258 -51.39 -21.10 7.08
CA ARG A 258 -52.03 -21.67 8.26
C ARG A 258 -53.55 -21.58 8.16
N GLU A 259 -54.07 -20.39 7.85
CA GLU A 259 -55.52 -20.23 7.73
C GLU A 259 -56.07 -21.04 6.58
N VAL A 260 -55.32 -21.13 5.47
CA VAL A 260 -55.75 -21.96 4.36
C VAL A 260 -55.86 -23.41 4.79
N GLU A 261 -54.86 -23.90 5.54
CA GLU A 261 -54.90 -25.28 6.02
C GLU A 261 -56.08 -25.50 6.96
N ARG A 262 -56.37 -24.51 7.82
CA ARG A 262 -57.48 -24.65 8.75
C ARG A 262 -58.82 -24.84 8.04
N SER A 263 -58.91 -24.47 6.76
CA SER A 263 -60.14 -24.69 6.02
C SER A 263 -60.50 -26.16 5.93
N GLY A 264 -59.48 -27.04 5.94
CA GLY A 264 -59.69 -28.47 5.91
C GLY A 264 -59.66 -29.08 4.52
N THR A 265 -59.82 -28.29 3.47
CA THR A 265 -59.80 -28.83 2.12
C THR A 265 -58.40 -29.23 1.70
N LEU A 266 -57.37 -28.53 2.19
CA LEU A 266 -56.00 -28.82 1.78
C LEU A 266 -55.63 -30.27 2.09
N ALA A 267 -55.98 -30.74 3.29
CA ALA A 267 -55.67 -32.11 3.66
C ALA A 267 -56.32 -33.13 2.74
N LEU A 268 -57.34 -32.72 1.99
CA LEU A 268 -58.02 -33.61 1.05
C LEU A 268 -57.28 -33.75 -0.27
N VAL A 269 -56.18 -33.02 -0.46
CA VAL A 269 -55.48 -33.05 -1.75
C VAL A 269 -54.75 -34.38 -1.93
N GLU A 270 -53.83 -34.68 -1.03
CA GLU A 270 -52.97 -35.86 -1.21
C GLU A 270 -53.75 -37.16 -1.38
N PRO A 271 -54.78 -37.45 -0.59
CA PRO A 271 -55.54 -38.70 -0.82
C PRO A 271 -56.16 -38.77 -2.21
N LEU A 272 -56.55 -37.63 -2.79
CA LEU A 272 -57.22 -37.65 -4.08
C LEU A 272 -56.29 -38.12 -5.19
N VAL A 273 -55.07 -37.57 -5.24
CA VAL A 273 -54.18 -37.85 -6.36
C VAL A 273 -53.75 -39.32 -6.34
N ALA A 274 -53.52 -39.87 -5.15
CA ALA A 274 -53.01 -41.23 -5.04
C ALA A 274 -53.98 -42.26 -5.59
N SER A 275 -55.26 -41.91 -5.74
CA SER A 275 -56.26 -42.85 -6.22
C SER A 275 -56.55 -42.72 -7.71
N LEU A 276 -56.55 -41.50 -8.24
CA LEU A 276 -56.87 -41.30 -9.65
C LEU A 276 -55.71 -41.73 -10.53
N ASP A 277 -56.05 -42.12 -11.76
CA ASP A 277 -55.06 -42.57 -12.73
C ASP A 277 -54.81 -41.46 -13.74
N PRO A 278 -53.56 -40.97 -13.88
CA PRO A 278 -53.33 -39.90 -14.86
C PRO A 278 -53.78 -40.26 -16.27
N GLY A 279 -53.61 -41.52 -16.67
CA GLY A 279 -54.04 -41.91 -18.01
C GLY A 279 -55.53 -41.73 -18.23
N ARG A 280 -56.35 -42.16 -17.27
CA ARG A 280 -57.79 -41.94 -17.38
C ARG A 280 -58.11 -40.46 -17.32
N PHE A 281 -57.44 -39.72 -16.44
CA PHE A 281 -57.61 -38.27 -16.41
C PHE A 281 -57.11 -37.63 -17.69
N ALA A 282 -56.07 -38.22 -18.30
CA ALA A 282 -55.60 -37.74 -19.60
C ALA A 282 -56.51 -38.18 -20.73
N ARG A 283 -57.15 -39.34 -20.58
CA ARG A 283 -58.12 -39.84 -21.60
C ARG A 283 -59.30 -38.87 -21.67
N CYS A 284 -59.77 -38.41 -20.51
CA CYS A 284 -60.67 -37.26 -20.44
C CYS A 284 -59.87 -36.02 -20.80
N LEU A 285 -60.56 -34.88 -20.97
CA LEU A 285 -59.94 -33.64 -21.42
C LEU A 285 -59.60 -33.72 -22.91
N VAL A 286 -59.80 -34.88 -23.52
CA VAL A 286 -59.64 -35.05 -24.96
C VAL A 286 -60.94 -35.44 -25.63
N ASP A 287 -61.83 -36.15 -24.95
CA ASP A 287 -63.19 -36.35 -25.44
C ASP A 287 -64.00 -35.07 -25.37
N ALA A 288 -63.70 -34.18 -24.41
CA ALA A 288 -64.33 -32.89 -24.32
C ALA A 288 -63.74 -31.93 -25.36
N SER A 289 -64.45 -30.84 -25.59
CA SER A 289 -64.06 -29.84 -26.59
C SER A 289 -63.35 -28.64 -25.96
N ASP A 290 -63.71 -28.27 -24.74
CA ASP A 290 -63.11 -27.11 -24.09
C ASP A 290 -61.63 -27.33 -23.81
N THR A 291 -61.19 -28.58 -23.86
CA THR A 291 -59.78 -28.89 -23.66
C THR A 291 -59.26 -29.94 -24.62
N SER A 292 -59.94 -30.22 -25.73
CA SER A 292 -59.59 -31.30 -26.64
C SER A 292 -58.11 -31.30 -26.99
N GLN A 293 -57.54 -30.10 -27.09
CA GLN A 293 -56.14 -29.91 -27.59
C GLN A 293 -55.09 -29.91 -26.49
N GLY A 294 -55.51 -29.77 -25.24
CA GLY A 294 -54.57 -29.83 -24.13
C GLY A 294 -54.32 -28.48 -23.48
N ARG A 295 -53.09 -28.35 -22.99
CA ARG A 295 -52.65 -27.16 -22.26
C ARG A 295 -51.45 -26.55 -22.96
N GLY A 296 -51.43 -25.22 -23.06
CA GLY A 296 -50.44 -24.53 -23.86
C GLY A 296 -49.07 -24.47 -23.21
N PRO A 297 -48.08 -23.96 -23.94
CA PRO A 297 -46.71 -23.89 -23.40
C PRO A 297 -46.53 -22.93 -22.24
N ASP A 298 -47.39 -21.92 -22.15
CA ASP A 298 -47.23 -20.89 -21.10
C ASP A 298 -48.04 -21.27 -19.85
N ASP A 299 -49.07 -22.12 -20.01
CA ASP A 299 -49.85 -22.60 -18.84
C ASP A 299 -49.11 -23.79 -18.22
N LEU A 300 -48.19 -24.42 -18.97
CA LEU A 300 -47.38 -25.51 -18.38
C LEU A 300 -46.23 -24.87 -17.61
N GLN A 301 -45.69 -23.75 -18.12
CA GLN A 301 -44.61 -23.02 -17.43
C GLN A 301 -45.11 -22.66 -16.05
N ARG A 302 -46.39 -22.33 -15.88
CA ARG A 302 -46.89 -21.88 -14.56
C ARG A 302 -46.95 -23.03 -13.56
N LEU A 303 -47.22 -24.25 -14.02
CA LEU A 303 -47.34 -25.39 -13.12
C LEU A 303 -45.99 -25.90 -12.65
N VAL A 304 -44.94 -25.72 -13.47
CA VAL A 304 -43.65 -26.32 -13.13
C VAL A 304 -43.16 -25.90 -11.75
N PRO A 305 -43.28 -24.64 -11.33
CA PRO A 305 -42.81 -24.28 -9.99
C PRO A 305 -43.48 -25.04 -8.86
N LEU A 306 -44.67 -25.62 -9.08
CA LEU A 306 -45.32 -26.38 -8.03
C LEU A 306 -44.47 -27.56 -7.58
N LEU A 307 -43.64 -28.10 -8.48
CA LEU A 307 -42.71 -29.15 -8.08
C LEU A 307 -41.62 -28.64 -7.14
N ASP A 308 -41.49 -27.32 -7.00
CA ASP A 308 -40.50 -26.70 -6.14
C ASP A 308 -41.13 -25.90 -5.02
N SER A 309 -42.36 -26.23 -4.64
CA SER A 309 -43.14 -25.38 -3.74
C SER A 309 -42.81 -25.61 -2.27
N ASN A 310 -42.06 -26.66 -1.94
CA ASN A 310 -41.76 -27.06 -0.57
C ASN A 310 -42.99 -27.56 0.18
N ARG A 311 -44.15 -27.60 -0.46
CA ARG A 311 -45.38 -28.09 0.14
C ARG A 311 -45.74 -29.42 -0.51
N LEU A 312 -46.00 -30.44 0.31
CA LEU A 312 -46.19 -31.78 -0.22
C LEU A 312 -47.38 -31.84 -1.17
N GLU A 313 -48.50 -31.24 -0.77
CA GLU A 313 -49.69 -31.27 -1.61
C GLU A 313 -49.46 -30.57 -2.94
N ALA A 314 -48.78 -29.42 -2.90
CA ALA A 314 -48.50 -28.69 -4.13
C ALA A 314 -47.67 -29.53 -5.09
N GLN A 315 -46.61 -30.17 -4.58
CA GLN A 315 -45.78 -31.00 -5.44
C GLN A 315 -46.57 -32.18 -6.00
N CYS A 316 -47.38 -32.81 -5.15
CA CYS A 316 -48.17 -33.96 -5.62
C CYS A 316 -49.11 -33.55 -6.75
N ILE A 317 -49.86 -32.47 -6.57
CA ILE A 317 -50.84 -32.07 -7.58
C ILE A 317 -50.13 -31.59 -8.84
N GLY A 318 -49.02 -30.87 -8.70
CA GLY A 318 -48.27 -30.45 -9.86
C GLY A 318 -47.73 -31.63 -10.65
N ALA A 319 -47.20 -32.64 -9.97
CA ALA A 319 -46.73 -33.83 -10.65
C ALA A 319 -47.86 -34.56 -11.35
N PHE A 320 -49.03 -34.63 -10.71
CA PHE A 320 -50.19 -35.27 -11.35
C PHE A 320 -50.57 -34.54 -12.63
N TYR A 321 -50.67 -33.22 -12.57
CA TYR A 321 -51.05 -32.46 -13.76
C TYR A 321 -50.00 -32.58 -14.86
N LEU A 322 -48.72 -32.51 -14.49
CA LEU A 322 -47.67 -32.66 -15.49
C LEU A 322 -47.69 -34.04 -16.12
N CYS A 323 -47.99 -35.08 -15.32
CA CYS A 323 -48.10 -36.42 -15.89
C CYS A 323 -49.26 -36.51 -16.88
N ALA A 324 -50.41 -35.93 -16.53
CA ALA A 324 -51.55 -35.96 -17.44
C ALA A 324 -51.23 -35.21 -18.74
N GLU A 325 -50.62 -34.03 -18.61
CA GLU A 325 -50.28 -33.25 -19.80
C GLU A 325 -49.23 -33.95 -20.64
N ALA A 326 -48.27 -34.64 -20.00
CA ALA A 326 -47.32 -35.43 -20.76
C ALA A 326 -48.01 -36.55 -21.51
N ALA A 327 -48.99 -37.20 -20.88
CA ALA A 327 -49.73 -38.24 -21.55
C ALA A 327 -50.44 -37.69 -22.79
N ILE A 328 -51.01 -36.50 -22.67
CA ILE A 328 -51.68 -35.88 -23.82
C ILE A 328 -50.67 -35.54 -24.91
N LYS A 329 -49.57 -34.87 -24.54
CA LYS A 329 -48.66 -34.32 -25.53
C LYS A 329 -47.86 -35.42 -26.23
N SER A 330 -47.53 -36.51 -25.52
CA SER A 330 -46.84 -37.61 -26.17
C SER A 330 -47.69 -38.20 -27.29
N LEU A 331 -49.00 -38.32 -27.05
CA LEU A 331 -49.90 -38.70 -28.13
C LEU A 331 -49.90 -37.65 -29.23
N GLN A 332 -49.91 -36.37 -28.85
CA GLN A 332 -49.79 -35.30 -29.83
C GLN A 332 -48.41 -35.21 -30.45
N GLY A 333 -47.42 -35.88 -29.89
CA GLY A 333 -46.07 -35.84 -30.44
C GLY A 333 -45.43 -34.46 -30.36
N LYS A 334 -45.54 -33.81 -29.20
CA LYS A 334 -44.96 -32.49 -29.00
C LYS A 334 -44.24 -32.42 -27.64
N THR A 335 -43.57 -33.51 -27.26
CA THR A 335 -42.97 -33.58 -25.93
C THR A 335 -41.84 -32.57 -25.83
N LYS A 336 -41.33 -32.03 -26.94
CA LYS A 336 -40.18 -31.10 -26.79
C LYS A 336 -40.53 -29.93 -25.86
N VAL A 337 -41.82 -29.60 -25.74
CA VAL A 337 -42.19 -28.40 -24.93
C VAL A 337 -41.69 -28.61 -23.52
N PHE A 338 -41.74 -29.84 -23.00
CA PHE A 338 -41.37 -30.10 -21.62
C PHE A 338 -39.91 -29.79 -21.36
N SER A 339 -39.06 -29.90 -22.38
CA SER A 339 -37.66 -29.54 -22.21
C SER A 339 -37.47 -28.04 -22.15
N ASP A 340 -38.18 -27.30 -23.01
CA ASP A 340 -38.03 -25.85 -23.04
C ASP A 340 -38.58 -25.18 -21.78
N ILE A 341 -39.36 -25.90 -20.99
CA ILE A 341 -39.99 -25.32 -19.80
C ILE A 341 -39.17 -25.58 -18.53
N GLY A 342 -38.27 -26.55 -18.56
CA GLY A 342 -37.56 -26.96 -17.35
C GLY A 342 -38.29 -27.98 -16.53
N ALA A 343 -39.27 -28.68 -17.10
CA ALA A 343 -40.03 -29.68 -16.34
C ALA A 343 -39.24 -30.95 -16.12
N ILE A 344 -38.45 -31.36 -17.11
CA ILE A 344 -37.69 -32.62 -16.98
C ILE A 344 -36.66 -32.51 -15.88
N GLN A 345 -35.95 -31.38 -15.79
CA GLN A 345 -34.96 -31.20 -14.73
C GLN A 345 -35.63 -31.29 -13.37
N SER A 346 -36.75 -30.60 -13.20
CA SER A 346 -37.44 -30.62 -11.91
C SER A 346 -37.95 -32.02 -11.58
N LEU A 347 -38.47 -32.73 -12.58
CA LEU A 347 -38.96 -34.08 -12.33
C LEU A 347 -37.83 -35.01 -11.90
N LYS A 348 -36.68 -34.92 -12.57
CA LYS A 348 -35.55 -35.76 -12.20
C LYS A 348 -35.06 -35.42 -10.79
N ARG A 349 -34.98 -34.13 -10.47
CA ARG A 349 -34.57 -33.74 -9.12
C ARG A 349 -35.56 -34.23 -8.07
N LEU A 350 -36.86 -34.16 -8.38
CA LEU A 350 -37.87 -34.65 -7.47
C LEU A 350 -37.73 -36.15 -7.25
N VAL A 351 -37.43 -36.90 -8.32
CA VAL A 351 -37.25 -38.33 -8.18
C VAL A 351 -36.02 -38.64 -7.33
N SER A 352 -34.94 -37.87 -7.52
CA SER A 352 -33.71 -38.16 -6.80
C SER A 352 -33.83 -37.83 -5.32
N TYR A 353 -34.36 -36.67 -4.98
CA TYR A 353 -34.31 -36.12 -3.62
C TYR A 353 -35.67 -36.11 -2.94
N SER A 354 -36.46 -37.16 -3.11
CA SER A 354 -37.76 -37.26 -2.47
C SER A 354 -37.87 -38.55 -1.68
N THR A 355 -38.68 -38.49 -0.62
CA THR A 355 -38.95 -39.65 0.22
C THR A 355 -40.40 -40.10 0.18
N ASN A 356 -41.33 -39.27 -0.28
CA ASN A 356 -42.72 -39.65 -0.38
C ASN A 356 -42.92 -40.66 -1.50
N GLY A 357 -44.06 -41.35 -1.46
CA GLY A 357 -44.34 -42.40 -2.41
C GLY A 357 -45.17 -41.97 -3.60
N THR A 358 -46.28 -41.26 -3.34
CA THR A 358 -47.19 -40.91 -4.43
C THR A 358 -46.54 -39.96 -5.43
N LYS A 359 -45.87 -38.91 -4.93
CA LYS A 359 -45.26 -37.94 -5.85
C LYS A 359 -44.08 -38.56 -6.57
N SER A 360 -43.31 -39.42 -5.91
CA SER A 360 -42.21 -40.11 -6.58
C SER A 360 -42.75 -41.00 -7.69
N ALA A 361 -43.83 -41.74 -7.43
CA ALA A 361 -44.40 -42.60 -8.46
C ALA A 361 -44.91 -41.77 -9.63
N LEU A 362 -45.60 -40.67 -9.34
CA LEU A 362 -46.11 -39.82 -10.41
C LEU A 362 -44.97 -39.26 -11.25
N ALA A 363 -43.91 -38.78 -10.60
CA ALA A 363 -42.78 -38.23 -11.34
C ALA A 363 -42.10 -39.29 -12.19
N LYS A 364 -41.93 -40.50 -11.64
CA LYS A 364 -41.29 -41.56 -12.41
C LYS A 364 -42.13 -41.93 -13.62
N ARG A 365 -43.45 -42.05 -13.46
CA ARG A 365 -44.30 -42.36 -14.59
C ARG A 365 -44.25 -41.24 -15.63
N ALA A 366 -44.25 -39.99 -15.19
CA ALA A 366 -44.16 -38.88 -16.13
C ALA A 366 -42.85 -38.92 -16.90
N LEU A 367 -41.73 -39.18 -16.22
CA LEU A 367 -40.45 -39.26 -16.89
C LEU A 367 -40.43 -40.39 -17.90
N ARG A 368 -41.00 -41.55 -17.55
CA ARG A 368 -41.05 -42.65 -18.50
C ARG A 368 -41.93 -42.32 -19.70
N LEU A 369 -43.01 -41.56 -19.48
CA LEU A 369 -43.87 -41.16 -20.61
C LEU A 369 -43.08 -40.32 -21.62
N LEU A 370 -42.27 -39.39 -21.14
CA LEU A 370 -41.44 -38.58 -22.02
C LEU A 370 -40.29 -39.35 -22.64
N GLY A 371 -40.07 -40.59 -22.21
CA GLY A 371 -38.94 -41.36 -22.71
C GLY A 371 -37.63 -40.88 -22.14
N GLU A 372 -37.65 -40.36 -20.91
CA GLU A 372 -36.39 -39.88 -20.27
C GLU A 372 -35.98 -40.89 -19.22
N GLU A 373 -34.75 -40.80 -18.70
CA GLU A 373 -34.27 -41.82 -17.74
C GLU A 373 -34.92 -41.54 -16.40
N VAL A 374 -34.76 -42.44 -15.44
CA VAL A 374 -35.31 -42.25 -14.10
C VAL A 374 -34.15 -42.37 -13.12
N PRO A 375 -33.64 -41.27 -12.55
CA PRO A 375 -32.48 -41.38 -11.67
C PRO A 375 -32.77 -42.24 -10.45
N ARG A 376 -31.75 -42.98 -10.03
CA ARG A 376 -31.85 -43.73 -8.79
C ARG A 376 -31.78 -42.79 -7.59
N PRO A 377 -32.47 -43.10 -6.50
CA PRO A 377 -32.47 -42.18 -5.35
C PRO A 377 -31.07 -42.03 -4.77
N ILE A 378 -30.76 -40.81 -4.36
CA ILE A 378 -29.49 -40.49 -3.72
C ILE A 378 -29.74 -40.44 -2.22
N LEU A 379 -29.07 -41.32 -1.48
CA LEU A 379 -29.26 -41.35 -0.04
C LEU A 379 -28.76 -40.03 0.55
N PRO A 380 -29.52 -39.40 1.46
CA PRO A 380 -29.26 -37.99 1.77
C PRO A 380 -28.16 -37.75 2.79
N SER A 381 -27.76 -38.74 3.58
CA SER A 381 -26.78 -38.51 4.63
C SER A 381 -25.40 -38.30 4.04
N VAL A 382 -25.17 -37.15 3.42
CA VAL A 382 -23.88 -36.88 2.79
C VAL A 382 -22.74 -36.92 3.80
N PRO A 383 -22.84 -36.29 4.97
CA PRO A 383 -21.68 -36.23 5.88
C PRO A 383 -21.14 -37.60 6.26
N SER A 384 -21.96 -38.63 6.16
CA SER A 384 -21.58 -39.98 6.53
C SER A 384 -21.23 -40.84 5.31
N TRP A 385 -20.75 -40.22 4.24
CA TRP A 385 -20.47 -40.93 2.99
C TRP A 385 -19.04 -41.46 2.99
N LYS A 386 -18.89 -42.69 2.52
CA LYS A 386 -17.58 -43.29 2.28
C LYS A 386 -17.23 -43.12 0.81
N GLU A 387 -16.12 -43.73 0.38
CA GLU A 387 -15.66 -43.54 -0.98
C GLU A 387 -16.67 -44.09 -1.99
N ALA A 388 -17.28 -45.23 -1.68
CA ALA A 388 -18.19 -45.85 -2.64
C ALA A 388 -19.36 -44.93 -2.96
N GLU A 389 -19.93 -44.26 -1.96
CA GLU A 389 -21.02 -43.34 -2.20
C GLU A 389 -20.58 -42.19 -3.09
N VAL A 390 -19.37 -41.67 -2.87
CA VAL A 390 -18.87 -40.57 -3.70
C VAL A 390 -18.69 -41.03 -5.13
N GLN A 391 -18.17 -42.24 -5.32
CA GLN A 391 -18.02 -42.75 -6.69
C GLN A 391 -19.37 -42.89 -7.37
N THR A 392 -20.36 -43.42 -6.65
CA THR A 392 -21.69 -43.56 -7.25
C THR A 392 -22.28 -42.22 -7.62
N TRP A 393 -22.16 -41.23 -6.74
CA TRP A 393 -22.68 -39.90 -7.04
C TRP A 393 -21.97 -39.28 -8.23
N LEU A 394 -20.64 -39.45 -8.29
CA LEU A 394 -19.89 -38.94 -9.43
C LEU A 394 -20.37 -39.57 -10.73
N GLN A 395 -20.63 -40.88 -10.71
CA GLN A 395 -21.13 -41.52 -11.92
C GLN A 395 -22.54 -41.06 -12.26
N GLN A 396 -23.33 -40.68 -11.26
CA GLN A 396 -24.69 -40.20 -11.53
C GLN A 396 -24.67 -38.86 -12.26
N ILE A 397 -23.89 -37.90 -11.75
CA ILE A 397 -23.91 -36.53 -12.29
C ILE A 397 -23.12 -36.38 -13.58
N GLY A 398 -22.54 -37.45 -14.09
CA GLY A 398 -21.85 -37.40 -15.37
C GLY A 398 -20.40 -36.97 -15.29
N PHE A 399 -19.78 -37.02 -14.12
CA PHE A 399 -18.35 -36.73 -13.96
C PHE A 399 -17.54 -38.00 -13.79
N SER A 400 -17.91 -39.07 -14.50
CA SER A 400 -17.23 -40.34 -14.35
C SER A 400 -15.79 -40.32 -14.85
N LYS A 401 -15.39 -39.27 -15.56
CA LYS A 401 -13.99 -39.14 -15.98
C LYS A 401 -13.07 -38.87 -14.80
N TYR A 402 -13.61 -38.39 -13.69
CA TYR A 402 -12.81 -38.01 -12.53
C TYR A 402 -12.97 -38.98 -11.36
N CYS A 403 -13.54 -40.17 -11.61
CA CYS A 403 -13.66 -41.16 -10.55
C CYS A 403 -12.30 -41.60 -10.06
N GLU A 404 -11.35 -41.82 -10.97
CA GLU A 404 -10.03 -42.30 -10.57
C GLU A 404 -9.32 -41.28 -9.68
N SER A 405 -9.37 -40.01 -10.06
CA SER A 405 -8.70 -38.99 -9.28
C SER A 405 -9.34 -38.84 -7.89
N PHE A 406 -10.67 -38.87 -7.83
CA PHE A 406 -11.34 -38.76 -6.54
C PHE A 406 -11.02 -39.96 -5.65
N ARG A 407 -10.98 -41.16 -6.24
CA ARG A 407 -10.68 -42.36 -5.46
C ARG A 407 -9.23 -42.35 -4.96
N GLU A 408 -8.31 -41.88 -5.80
CA GLU A 408 -6.90 -41.84 -5.40
C GLU A 408 -6.69 -40.95 -4.20
N GLN A 409 -7.35 -39.79 -4.18
CA GLN A 409 -7.21 -38.84 -3.07
C GLN A 409 -8.13 -39.16 -1.91
N GLN A 410 -8.94 -40.22 -2.02
CA GLN A 410 -9.81 -40.66 -0.92
C GLN A 410 -10.74 -39.55 -0.46
N VAL A 411 -11.39 -38.90 -1.43
CA VAL A 411 -12.39 -37.89 -1.11
C VAL A 411 -13.66 -38.59 -0.64
N ASP A 412 -14.10 -38.25 0.57
CA ASP A 412 -15.32 -38.80 1.15
C ASP A 412 -16.29 -37.65 1.44
N GLY A 413 -17.39 -37.97 2.12
CA GLY A 413 -18.43 -36.97 2.33
C GLY A 413 -17.92 -35.74 3.06
N ASP A 414 -17.14 -35.93 4.11
CA ASP A 414 -16.61 -34.79 4.85
C ASP A 414 -15.68 -33.96 3.97
N LEU A 415 -14.81 -34.60 3.21
CA LEU A 415 -13.91 -33.88 2.32
C LEU A 415 -14.64 -33.35 1.09
N LEU A 416 -15.74 -33.98 0.69
CA LEU A 416 -16.49 -33.50 -0.46
C LEU A 416 -17.27 -32.24 -0.14
N LEU A 417 -17.91 -32.20 1.03
CA LEU A 417 -18.71 -31.03 1.41
C LEU A 417 -17.86 -29.80 1.67
N ARG A 418 -16.53 -29.94 1.76
CA ARG A 418 -15.63 -28.82 2.03
C ARG A 418 -14.67 -28.57 0.88
N LEU A 419 -14.95 -29.13 -0.29
CA LEU A 419 -14.04 -28.99 -1.42
C LEU A 419 -14.03 -27.55 -1.93
N THR A 420 -12.89 -27.14 -2.47
CA THR A 420 -12.67 -25.75 -2.89
C THR A 420 -12.21 -25.72 -4.34
N GLU A 421 -12.06 -24.51 -4.87
CA GLU A 421 -11.63 -24.35 -6.28
C GLU A 421 -10.19 -24.82 -6.48
N GLU A 422 -9.30 -24.42 -5.57
CA GLU A 422 -7.86 -24.76 -5.69
C GLU A 422 -7.68 -26.27 -5.58
N GLU A 423 -8.36 -26.92 -4.64
CA GLU A 423 -8.25 -28.36 -4.49
C GLU A 423 -8.79 -29.08 -5.71
N LEU A 424 -9.86 -28.54 -6.32
CA LEU A 424 -10.36 -29.11 -7.57
C LEU A 424 -9.35 -28.95 -8.68
N GLN A 425 -8.69 -27.80 -8.76
CA GLN A 425 -7.81 -27.51 -9.88
C GLN A 425 -6.47 -28.24 -9.76
N THR A 426 -5.79 -28.10 -8.63
CA THR A 426 -4.43 -28.61 -8.52
C THR A 426 -4.39 -30.07 -8.13
N ASP A 427 -5.23 -30.49 -7.19
CA ASP A 427 -5.12 -31.83 -6.62
C ASP A 427 -5.98 -32.86 -7.37
N LEU A 428 -7.19 -32.49 -7.78
CA LEU A 428 -8.07 -33.42 -8.46
C LEU A 428 -7.99 -33.34 -9.97
N GLY A 429 -7.51 -32.23 -10.52
CA GLY A 429 -7.21 -32.14 -11.93
C GLY A 429 -8.26 -31.53 -12.83
N MET A 430 -9.13 -30.66 -12.30
CA MET A 430 -10.13 -29.99 -13.11
C MET A 430 -9.55 -28.66 -13.56
N LYS A 431 -8.83 -28.68 -14.69
CA LYS A 431 -8.16 -27.48 -15.17
C LYS A 431 -9.14 -26.48 -15.74
N SER A 432 -10.11 -26.95 -16.53
CA SER A 432 -11.05 -26.03 -17.22
C SER A 432 -12.01 -25.39 -16.21
N GLY A 433 -12.10 -24.05 -16.20
CA GLY A 433 -12.95 -23.34 -15.28
C GLY A 433 -14.42 -23.56 -15.51
N ILE A 434 -14.82 -23.88 -16.74
CA ILE A 434 -16.22 -24.19 -17.02
C ILE A 434 -16.60 -25.53 -16.40
N THR A 435 -15.69 -26.51 -16.48
CA THR A 435 -15.95 -27.80 -15.84
C THR A 435 -16.06 -27.64 -14.33
N ARG A 436 -15.21 -26.81 -13.73
CA ARG A 436 -15.33 -26.54 -12.30
C ARG A 436 -16.63 -25.85 -11.92
N LYS A 437 -17.10 -24.92 -12.75
CA LYS A 437 -18.40 -24.31 -12.49
C LYS A 437 -19.53 -25.34 -12.57
N ARG A 438 -19.45 -26.26 -13.53
CA ARG A 438 -20.46 -27.30 -13.62
C ARG A 438 -20.41 -28.18 -12.38
N PHE A 439 -19.21 -28.54 -11.94
CA PHE A 439 -19.08 -29.40 -10.76
C PHE A 439 -19.65 -28.71 -9.54
N PHE A 440 -19.34 -27.43 -9.36
CA PHE A 440 -19.90 -26.71 -8.21
C PHE A 440 -21.40 -26.51 -8.35
N ARG A 441 -21.90 -26.42 -9.59
CA ARG A 441 -23.34 -26.36 -9.80
C ARG A 441 -24.03 -27.64 -9.34
N GLU A 442 -23.39 -28.79 -9.57
CA GLU A 442 -23.93 -30.06 -9.06
C GLU A 442 -23.81 -30.14 -7.54
N LEU A 443 -22.65 -29.75 -7.01
CA LEU A 443 -22.41 -29.87 -5.58
C LEU A 443 -23.32 -28.95 -4.78
N THR A 444 -23.68 -27.80 -5.30
CA THR A 444 -24.60 -26.92 -4.59
C THR A 444 -25.98 -27.55 -4.48
N GLU A 445 -26.44 -28.25 -5.51
CA GLU A 445 -27.75 -28.96 -5.44
C GLU A 445 -27.68 -30.09 -4.44
N LEU A 446 -26.56 -30.80 -4.44
CA LEU A 446 -26.39 -31.84 -3.43
C LEU A 446 -26.40 -31.26 -2.02
N LYS A 447 -25.71 -30.14 -1.81
CA LYS A 447 -25.66 -29.51 -0.51
C LYS A 447 -27.05 -29.07 -0.05
N THR A 448 -27.82 -28.44 -0.95
CA THR A 448 -29.14 -27.96 -0.57
C THR A 448 -30.06 -29.11 -0.19
N PHE A 449 -30.00 -30.21 -0.95
CA PHE A 449 -30.91 -31.33 -0.72
C PHE A 449 -30.27 -32.46 0.09
N ALA A 450 -29.36 -32.13 1.00
CA ALA A 450 -28.72 -33.13 1.86
C ALA A 450 -29.36 -33.14 3.24
N ASN A 451 -28.97 -34.12 4.04
CA ASN A 451 -29.48 -34.32 5.40
C ASN A 451 -28.32 -34.19 6.38
N TYR A 452 -28.40 -33.20 7.27
CA TYR A 452 -27.35 -32.90 8.22
C TYR A 452 -27.72 -33.29 9.64
N SER A 453 -28.59 -34.27 9.82
CA SER A 453 -29.03 -34.64 11.16
C SER A 453 -27.86 -35.11 12.02
N THR A 454 -26.91 -35.83 11.42
CA THR A 454 -25.76 -36.32 12.15
C THR A 454 -24.79 -35.23 12.56
N CYS A 455 -24.95 -34.02 12.02
CA CYS A 455 -23.98 -32.94 12.32
C CYS A 455 -24.61 -31.92 13.27
N ASP A 456 -25.66 -31.26 12.81
CA ASP A 456 -26.24 -30.11 13.57
C ASP A 456 -27.31 -30.58 14.56
N ARG A 457 -26.99 -30.52 15.85
CA ARG A 457 -27.96 -30.88 16.91
C ARG A 457 -28.81 -29.67 17.31
N SER A 458 -28.42 -28.47 16.86
CA SER A 458 -29.19 -27.24 17.14
C SER A 458 -30.17 -26.98 15.98
N ASN A 459 -30.28 -27.94 15.06
CA ASN A 459 -31.19 -27.80 13.91
C ASN A 459 -31.02 -26.46 13.21
N LEU A 460 -29.78 -26.19 12.79
CA LEU A 460 -29.46 -24.93 12.13
C LEU A 460 -29.84 -24.94 10.65
N ALA A 461 -30.08 -26.10 10.07
CA ALA A 461 -30.43 -26.16 8.65
C ALA A 461 -31.79 -25.54 8.39
N ASP A 462 -32.76 -25.81 9.27
CA ASP A 462 -34.11 -25.27 9.07
C ASP A 462 -34.12 -23.75 9.20
N TRP A 463 -33.32 -23.20 10.11
CA TRP A 463 -33.26 -21.75 10.23
C TRP A 463 -32.75 -21.12 8.95
N LEU A 464 -31.69 -21.68 8.36
CA LEU A 464 -31.18 -21.17 7.10
C LEU A 464 -32.20 -21.31 5.99
N GLY A 465 -32.87 -22.46 5.92
CA GLY A 465 -33.89 -22.66 4.91
C GLY A 465 -35.08 -21.72 5.05
N SER A 466 -35.36 -21.25 6.27
CA SER A 466 -36.46 -20.32 6.47
C SER A 466 -36.24 -19.01 5.73
N LEU A 467 -35.03 -18.46 5.82
CA LEU A 467 -34.73 -17.22 5.12
C LEU A 467 -34.94 -17.39 3.61
N ASP A 468 -34.30 -18.40 3.04
CA ASP A 468 -34.37 -18.71 1.63
C ASP A 468 -33.88 -20.13 1.46
N PRO A 469 -34.62 -21.02 0.78
CA PRO A 469 -34.16 -22.41 0.69
C PRO A 469 -32.74 -22.55 0.16
N ARG A 470 -32.35 -21.66 -0.76
CA ARG A 470 -31.00 -21.77 -1.39
C ARG A 470 -29.89 -21.42 -0.38
N PHE A 471 -30.25 -21.15 0.88
CA PHE A 471 -29.22 -20.85 1.92
C PHE A 471 -28.93 -22.12 2.71
N ARG A 472 -29.66 -23.20 2.45
CA ARG A 472 -29.50 -24.44 3.23
C ARG A 472 -28.16 -25.10 2.87
N GLN A 473 -27.55 -24.69 1.75
CA GLN A 473 -26.25 -25.24 1.30
C GLN A 473 -25.14 -24.85 2.28
N TYR A 474 -25.34 -23.79 3.05
CA TYR A 474 -24.28 -23.28 3.95
C TYR A 474 -24.33 -24.00 5.31
N THR A 475 -25.30 -24.88 5.56
CA THR A 475 -25.35 -25.51 6.88
C THR A 475 -23.98 -26.04 7.28
N TYR A 476 -23.45 -26.99 6.52
CA TYR A 476 -22.18 -27.62 6.89
C TYR A 476 -21.05 -26.60 7.02
N GLY A 477 -21.13 -25.47 6.31
CA GLY A 477 -20.13 -24.44 6.48
C GLY A 477 -20.13 -23.87 7.88
N LEU A 478 -21.31 -23.55 8.39
CA LEU A 478 -21.42 -22.97 9.73
C LEU A 478 -21.17 -24.03 10.80
N VAL A 479 -21.79 -25.20 10.65
CA VAL A 479 -21.78 -26.20 11.71
C VAL A 479 -20.35 -26.64 12.03
N SER A 480 -19.55 -26.86 10.99
CA SER A 480 -18.17 -27.31 11.22
C SER A 480 -17.33 -26.27 11.92
N CYS A 481 -17.78 -25.02 12.00
CA CYS A 481 -17.08 -23.96 12.71
C CYS A 481 -17.59 -23.78 14.13
N GLY A 482 -18.53 -24.61 14.58
CA GLY A 482 -19.06 -24.53 15.93
C GLY A 482 -20.22 -23.57 16.12
N LEU A 483 -20.65 -22.87 15.08
CA LEU A 483 -21.74 -21.93 15.21
C LEU A 483 -23.06 -22.65 15.45
N ASP A 484 -23.91 -22.02 16.26
CA ASP A 484 -25.24 -22.54 16.57
C ASP A 484 -26.22 -21.37 16.54
N ARG A 485 -27.50 -21.69 16.79
CA ARG A 485 -28.51 -20.63 16.84
C ARG A 485 -28.22 -19.65 17.97
N SER A 486 -27.53 -20.10 19.02
CA SER A 486 -27.26 -19.25 20.18
C SER A 486 -25.96 -18.46 20.05
N LEU A 487 -25.22 -18.63 18.96
CA LEU A 487 -23.97 -17.91 18.75
C LEU A 487 -23.96 -17.07 17.49
N LEU A 488 -25.03 -17.08 16.70
CA LEU A 488 -25.02 -16.41 15.41
C LEU A 488 -25.00 -14.89 15.54
N HIS A 489 -25.69 -14.35 16.55
CA HIS A 489 -25.84 -12.91 16.64
C HIS A 489 -24.52 -12.18 16.85
N ARG A 490 -23.47 -12.89 17.27
CA ARG A 490 -22.17 -12.27 17.51
C ARG A 490 -21.19 -12.46 16.35
N VAL A 491 -21.62 -13.08 15.25
CA VAL A 491 -20.72 -13.32 14.14
C VAL A 491 -20.58 -12.04 13.31
N SER A 492 -19.53 -12.02 12.48
CA SER A 492 -19.23 -10.86 11.65
C SER A 492 -19.06 -11.30 10.20
N GLU A 493 -19.12 -10.31 9.30
CA GLU A 493 -19.04 -10.60 7.87
C GLU A 493 -17.70 -11.21 7.50
N GLN A 494 -16.62 -10.76 8.12
CA GLN A 494 -15.27 -11.27 7.77
C GLN A 494 -15.18 -12.75 8.16
N GLN A 495 -15.75 -13.13 9.30
CA GLN A 495 -15.75 -14.53 9.71
C GLN A 495 -16.56 -15.39 8.74
N LEU A 496 -17.73 -14.90 8.32
CA LEU A 496 -18.53 -15.65 7.35
C LEU A 496 -17.78 -15.81 6.04
N LEU A 497 -17.08 -14.77 5.60
CA LEU A 497 -16.34 -14.85 4.34
C LEU A 497 -15.21 -15.86 4.44
N GLU A 498 -14.42 -15.80 5.51
CA GLU A 498 -13.22 -16.61 5.60
C GLU A 498 -13.47 -17.99 6.18
N ASP A 499 -14.19 -18.08 7.29
CA ASP A 499 -14.32 -19.35 7.99
C ASP A 499 -15.45 -20.20 7.43
N CYS A 500 -16.65 -19.63 7.31
CA CYS A 500 -17.80 -20.37 6.82
C CYS A 500 -17.85 -20.46 5.30
N GLY A 501 -16.99 -19.73 4.59
CA GLY A 501 -16.91 -19.85 3.15
C GLY A 501 -18.16 -19.44 2.39
N ILE A 502 -18.73 -18.29 2.75
CA ILE A 502 -19.86 -17.71 2.04
C ILE A 502 -19.28 -16.66 1.10
N HIS A 503 -19.30 -16.95 -0.20
CA HIS A 503 -18.59 -16.10 -1.16
C HIS A 503 -19.44 -14.91 -1.61
N LEU A 504 -20.71 -15.13 -1.94
CA LEU A 504 -21.54 -14.04 -2.43
C LEU A 504 -21.86 -13.06 -1.32
N GLY A 505 -21.63 -11.77 -1.58
CA GLY A 505 -21.88 -10.76 -0.58
C GLY A 505 -23.34 -10.60 -0.23
N VAL A 506 -24.23 -10.83 -1.20
CA VAL A 506 -25.66 -10.70 -0.94
C VAL A 506 -26.09 -11.68 0.15
N HIS A 507 -25.65 -12.94 0.03
CA HIS A 507 -26.03 -13.94 1.02
C HIS A 507 -25.40 -13.63 2.38
N ARG A 508 -24.15 -13.16 2.40
CA ARG A 508 -23.53 -12.77 3.66
C ARG A 508 -24.34 -11.68 4.34
N ALA A 509 -24.71 -10.64 3.60
CA ALA A 509 -25.46 -9.54 4.17
C ALA A 509 -26.83 -10.01 4.67
N ARG A 510 -27.52 -10.85 3.89
CA ARG A 510 -28.83 -11.33 4.31
C ARG A 510 -28.72 -12.16 5.59
N ILE A 511 -27.73 -13.05 5.66
CA ILE A 511 -27.57 -13.89 6.84
C ILE A 511 -27.24 -13.03 8.06
N LEU A 512 -26.35 -12.05 7.90
CA LEU A 512 -26.01 -11.19 9.02
C LEU A 512 -27.21 -10.38 9.49
N THR A 513 -27.99 -9.85 8.55
CA THR A 513 -29.17 -9.08 8.92
C THR A 513 -30.19 -9.94 9.66
N ALA A 514 -30.37 -11.18 9.21
CA ALA A 514 -31.31 -12.07 9.88
C ALA A 514 -30.80 -12.48 11.26
N ALA A 515 -29.49 -12.67 11.40
CA ALA A 515 -28.94 -13.11 12.68
C ALA A 515 -28.93 -11.99 13.71
N ARG A 516 -28.61 -10.76 13.28
CA ARG A 516 -28.52 -9.64 14.20
C ARG A 516 -29.87 -9.22 14.75
N GLU A 517 -30.97 -9.74 14.21
CA GLU A 517 -32.29 -9.56 14.80
C GLU A 517 -32.60 -10.62 15.85
N MET A 518 -31.56 -11.24 16.42
CA MET A 518 -31.72 -12.28 17.44
C MET A 518 -32.58 -13.44 16.89
N LEU A 519 -32.11 -14.01 15.78
CA LEU A 519 -32.74 -15.18 15.19
C LEU A 519 -34.24 -14.94 14.95
N VAL B 34 -25.47 10.83 -64.48
CA VAL B 34 -25.21 11.57 -65.73
C VAL B 34 -25.66 13.03 -65.57
N GLN B 35 -24.75 13.95 -65.89
CA GLN B 35 -25.03 15.37 -65.79
C GLN B 35 -25.51 15.98 -67.10
N ASP B 36 -25.69 15.16 -68.15
CA ASP B 36 -26.11 15.70 -69.43
C ASP B 36 -27.45 16.42 -69.33
N ALA B 37 -28.41 15.81 -68.62
CA ALA B 37 -29.68 16.49 -68.37
C ALA B 37 -29.46 17.77 -67.58
N LEU B 38 -28.59 17.71 -66.57
CA LEU B 38 -28.28 18.92 -65.80
C LEU B 38 -27.66 19.99 -66.68
N GLU B 39 -26.70 19.63 -67.52
CA GLU B 39 -26.06 20.62 -68.39
C GLU B 39 -27.06 21.21 -69.37
N ARG B 40 -27.98 20.40 -69.88
CA ARG B 40 -29.02 20.91 -70.76
C ARG B 40 -29.94 21.86 -70.01
N ALA B 41 -30.29 21.51 -68.77
CA ALA B 41 -31.40 22.19 -68.05
C ALA B 41 -30.93 23.56 -67.54
N LEU B 42 -29.66 23.66 -67.13
CA LEU B 42 -29.16 24.90 -66.46
C LEU B 42 -29.29 26.11 -67.38
N PRO B 43 -28.82 26.12 -68.65
CA PRO B 43 -28.94 27.30 -69.53
C PRO B 43 -30.38 27.80 -69.59
N GLU B 44 -31.34 26.89 -69.71
CA GLU B 44 -32.74 27.30 -69.73
C GLU B 44 -33.16 27.91 -68.41
N LEU B 45 -32.70 27.33 -67.29
CA LEU B 45 -33.03 27.87 -65.98
C LEU B 45 -32.46 29.28 -65.82
N GLN B 46 -31.22 29.49 -66.28
CA GLN B 46 -30.62 30.82 -66.18
C GLN B 46 -31.37 31.83 -67.03
N GLN B 47 -31.76 31.43 -68.25
CA GLN B 47 -32.54 32.33 -69.09
C GLN B 47 -33.87 32.67 -68.44
N ALA B 48 -34.54 31.68 -67.85
CA ALA B 48 -35.82 31.93 -67.19
C ALA B 48 -35.65 32.85 -65.99
N LEU B 49 -34.59 32.64 -65.20
CA LEU B 49 -34.35 33.50 -64.05
C LEU B 49 -34.07 34.93 -64.49
N SER B 50 -33.28 35.11 -65.55
CA SER B 50 -33.03 36.45 -66.06
C SER B 50 -34.32 37.10 -66.54
N ALA B 51 -35.17 36.35 -67.26
CA ALA B 51 -36.43 36.89 -67.71
C ALA B 51 -37.31 37.30 -66.55
N LEU B 52 -37.38 36.46 -65.50
CA LEU B 52 -38.16 36.81 -64.32
C LEU B 52 -37.61 38.07 -63.66
N LYS B 53 -36.29 38.18 -63.56
CA LYS B 53 -35.69 39.42 -63.04
C LYS B 53 -36.05 40.61 -63.92
N GLN B 54 -36.19 40.39 -65.23
CA GLN B 54 -36.61 41.43 -66.15
C GLN B 54 -38.11 41.64 -66.16
N ALA B 55 -38.88 40.81 -65.47
CA ALA B 55 -40.32 40.94 -65.44
C ALA B 55 -40.72 42.17 -64.61
N GLY B 56 -41.37 43.13 -65.25
CA GLY B 56 -41.82 44.34 -64.60
C GLY B 56 -43.29 44.39 -64.26
N GLY B 57 -44.05 43.35 -64.62
CA GLY B 57 -45.47 43.33 -64.37
C GLY B 57 -45.94 41.95 -63.97
N ALA B 58 -47.23 41.86 -63.65
CA ALA B 58 -47.79 40.59 -63.21
C ALA B 58 -47.72 39.54 -64.30
N ARG B 59 -47.99 39.92 -65.55
CA ARG B 59 -48.03 38.94 -66.63
C ARG B 59 -46.66 38.32 -66.85
N ALA B 60 -45.61 39.15 -66.95
CA ALA B 60 -44.27 38.62 -67.14
C ALA B 60 -43.82 37.80 -65.95
N VAL B 61 -44.15 38.26 -64.73
CA VAL B 61 -43.82 37.50 -63.54
C VAL B 61 -44.43 36.11 -63.61
N GLY B 62 -45.72 36.04 -63.94
CA GLY B 62 -46.38 34.75 -64.03
C GLY B 62 -45.79 33.88 -65.11
N ALA B 63 -45.47 34.46 -66.26
CA ALA B 63 -44.88 33.67 -67.34
C ALA B 63 -43.54 33.08 -66.92
N GLY B 64 -42.68 33.89 -66.31
CA GLY B 64 -41.39 33.38 -65.85
C GLY B 64 -41.53 32.33 -64.77
N LEU B 65 -42.45 32.55 -63.82
CA LEU B 65 -42.68 31.57 -62.77
C LEU B 65 -43.16 30.25 -63.35
N ALA B 66 -44.08 30.31 -64.32
CA ALA B 66 -44.55 29.09 -64.96
C ALA B 66 -43.42 28.39 -65.71
N GLU B 67 -42.56 29.15 -66.38
CA GLU B 67 -41.45 28.54 -67.09
C GLU B 67 -40.52 27.80 -66.12
N VAL B 68 -40.13 28.47 -65.04
CA VAL B 68 -39.21 27.85 -64.09
C VAL B 68 -39.87 26.65 -63.43
N PHE B 69 -41.18 26.75 -63.13
CA PHE B 69 -41.88 25.63 -62.53
C PHE B 69 -41.91 24.44 -63.48
N GLN B 70 -42.17 24.69 -64.76
CA GLN B 70 -42.17 23.59 -65.72
C GLN B 70 -40.80 22.95 -65.81
N LEU B 71 -39.75 23.77 -65.74
CA LEU B 71 -38.35 23.24 -65.84
C LEU B 71 -38.04 22.34 -64.63
N VAL B 72 -38.28 22.83 -63.42
CA VAL B 72 -37.92 22.04 -62.19
C VAL B 72 -38.75 20.74 -62.17
N GLU B 73 -40.03 20.81 -62.55
CA GLU B 73 -40.91 19.61 -62.55
C GLU B 73 -40.38 18.58 -63.55
N GLU B 74 -39.92 19.02 -64.71
CA GLU B 74 -39.43 18.07 -65.73
C GLU B 74 -38.24 17.31 -65.15
N ALA B 75 -37.33 18.00 -64.46
CA ALA B 75 -36.18 17.33 -63.80
C ALA B 75 -36.67 16.41 -62.68
N TRP B 76 -37.64 16.84 -61.89
CA TRP B 76 -38.09 16.03 -60.73
C TRP B 76 -38.69 14.69 -61.20
N LEU B 77 -39.24 14.66 -62.42
CA LEU B 77 -39.91 13.42 -62.89
C LEU B 77 -38.98 12.62 -63.82
N LEU B 78 -37.69 12.71 -63.57
CA LEU B 78 -36.75 12.05 -64.50
C LEU B 78 -36.33 10.70 -63.92
N PRO B 79 -36.41 9.57 -64.67
CA PRO B 79 -36.10 8.28 -64.07
C PRO B 79 -34.65 8.11 -63.60
N ALA B 80 -34.45 7.54 -62.40
CA ALA B 80 -33.10 7.24 -61.86
C ALA B 80 -32.30 8.50 -61.49
N VAL B 81 -32.08 9.44 -62.42
CA VAL B 81 -31.19 10.60 -62.12
C VAL B 81 -31.98 11.84 -61.64
N GLY B 82 -33.31 11.80 -61.72
CA GLY B 82 -34.19 12.92 -61.28
C GLY B 82 -33.67 13.71 -60.09
N ARG B 83 -33.50 13.07 -58.93
CA ARG B 83 -33.14 13.73 -57.68
C ARG B 83 -31.88 14.58 -57.81
N GLU B 84 -30.82 14.04 -58.42
CA GLU B 84 -29.58 14.79 -58.57
C GLU B 84 -29.75 15.97 -59.52
N VAL B 85 -30.38 15.74 -60.68
CA VAL B 85 -30.54 16.78 -61.67
C VAL B 85 -31.59 17.82 -61.28
N ALA B 86 -32.37 17.55 -60.24
CA ALA B 86 -33.24 18.58 -59.67
C ALA B 86 -32.59 19.29 -58.50
N GLN B 87 -31.77 18.59 -57.72
CA GLN B 87 -30.98 19.25 -56.69
C GLN B 87 -30.00 20.23 -57.31
N GLY B 88 -29.47 19.92 -58.49
CA GLY B 88 -28.62 20.88 -59.18
C GLY B 88 -29.36 22.14 -59.58
N LEU B 89 -30.58 22.00 -60.11
CA LEU B 89 -31.37 23.17 -60.46
C LEU B 89 -31.73 23.98 -59.22
N CYS B 90 -31.94 23.29 -58.10
CA CYS B 90 -32.26 23.97 -56.81
C CYS B 90 -31.07 24.82 -56.34
N ASP B 91 -29.84 24.29 -56.47
CA ASP B 91 -28.61 25.01 -56.10
C ASP B 91 -28.41 26.19 -57.05
N ALA B 92 -28.71 25.98 -58.34
CA ALA B 92 -28.70 27.10 -59.30
C ALA B 92 -29.63 28.20 -58.82
N ILE B 93 -30.87 27.86 -58.45
CA ILE B 93 -31.86 28.85 -58.00
C ILE B 93 -31.41 29.49 -56.69
N ARG B 94 -30.76 28.69 -55.83
CA ARG B 94 -30.26 29.18 -54.51
C ARG B 94 -29.30 30.35 -54.73
N LEU B 95 -28.32 30.17 -55.63
CA LEU B 95 -27.51 31.25 -56.15
C LEU B 95 -28.32 32.06 -57.16
N ASP B 96 -27.71 33.11 -57.69
CA ASP B 96 -28.35 34.01 -58.64
C ASP B 96 -29.50 34.80 -58.02
N GLY B 97 -29.67 34.73 -56.70
CA GLY B 97 -30.74 35.46 -56.03
C GLY B 97 -32.13 34.92 -56.28
N GLY B 98 -32.27 33.67 -56.71
CA GLY B 98 -33.60 33.15 -57.01
C GLY B 98 -34.50 33.07 -55.81
N LEU B 99 -33.98 32.55 -54.69
CA LEU B 99 -34.82 32.36 -53.51
C LEU B 99 -35.30 33.69 -52.96
N ASP B 100 -34.41 34.68 -52.89
CA ASP B 100 -34.82 36.00 -52.41
C ASP B 100 -35.85 36.63 -53.34
N LEU B 101 -35.67 36.46 -54.64
CA LEU B 101 -36.64 36.98 -55.60
C LEU B 101 -38.01 36.34 -55.39
N LEU B 102 -38.05 35.01 -55.25
CA LEU B 102 -39.32 34.34 -55.05
C LEU B 102 -39.97 34.77 -53.74
N LEU B 103 -39.17 34.95 -52.69
CA LEU B 103 -39.73 35.45 -51.43
C LEU B 103 -40.33 36.84 -51.61
N ARG B 104 -39.62 37.73 -52.32
CA ARG B 104 -40.14 39.07 -52.53
C ARG B 104 -41.43 39.05 -53.32
N LEU B 105 -41.52 38.20 -54.35
CA LEU B 105 -42.79 38.03 -55.05
C LEU B 105 -43.87 37.50 -54.10
N LEU B 106 -43.51 36.55 -53.23
CA LEU B 106 -44.46 36.06 -52.23
C LEU B 106 -44.93 37.18 -51.33
N GLN B 107 -44.16 38.25 -51.19
CA GLN B 107 -44.61 39.44 -50.49
C GLN B 107 -45.38 40.41 -51.39
N ALA B 108 -45.60 40.05 -52.65
CA ALA B 108 -46.24 40.97 -53.57
C ALA B 108 -47.70 41.22 -53.15
N PRO B 109 -48.21 42.44 -53.38
CA PRO B 109 -49.62 42.69 -53.03
C PRO B 109 -50.60 41.80 -53.77
N GLU B 110 -50.30 41.42 -55.01
CA GLU B 110 -51.22 40.62 -55.81
C GLU B 110 -51.14 39.17 -55.39
N LEU B 111 -52.28 38.58 -55.03
CA LEU B 111 -52.33 37.18 -54.64
C LEU B 111 -52.20 36.25 -55.84
N GLU B 112 -52.53 36.71 -57.05
CA GLU B 112 -52.40 35.86 -58.22
C GLU B 112 -50.95 35.46 -58.44
N THR B 113 -50.02 36.39 -58.26
CA THR B 113 -48.60 36.04 -58.31
C THR B 113 -48.14 35.34 -57.05
N ARG B 114 -48.78 35.69 -55.91
CA ARG B 114 -48.42 35.07 -54.61
C ARG B 114 -48.61 33.55 -54.68
N VAL B 115 -49.74 33.11 -55.24
CA VAL B 115 -50.04 31.68 -55.27
C VAL B 115 -49.00 30.93 -56.09
N GLN B 116 -48.60 31.50 -57.24
CA GLN B 116 -47.59 30.85 -58.06
C GLN B 116 -46.22 30.87 -57.37
N ALA B 117 -45.91 31.97 -56.68
CA ALA B 117 -44.65 32.03 -55.95
C ALA B 117 -44.59 30.94 -54.89
N ALA B 118 -45.68 30.76 -54.14
CA ALA B 118 -45.73 29.70 -53.15
C ALA B 118 -45.68 28.32 -53.82
N ARG B 119 -46.33 28.18 -54.97
CA ARG B 119 -46.30 26.92 -55.69
C ARG B 119 -44.87 26.52 -56.06
N LEU B 120 -44.08 27.48 -56.53
CA LEU B 120 -42.68 27.19 -56.86
C LEU B 120 -41.80 27.05 -55.63
N LEU B 121 -42.10 27.77 -54.55
CA LEU B 121 -41.36 27.64 -53.31
C LEU B 121 -41.60 26.30 -52.62
N GLU B 122 -42.75 25.67 -52.86
CA GLU B 122 -43.05 24.37 -52.29
C GLU B 122 -42.17 23.28 -52.89
N GLN B 123 -41.92 23.35 -54.20
CA GLN B 123 -41.21 22.30 -54.92
C GLN B 123 -39.70 22.48 -54.93
N ILE B 124 -39.12 23.46 -54.24
CA ILE B 124 -37.68 23.67 -54.26
C ILE B 124 -37.03 23.57 -52.90
N LEU B 125 -37.80 23.40 -51.82
CA LEU B 125 -37.26 23.49 -50.48
C LEU B 125 -36.46 22.25 -50.09
N VAL B 126 -35.32 22.04 -50.76
CA VAL B 126 -34.35 21.05 -50.30
C VAL B 126 -33.59 21.66 -49.13
N ALA B 127 -32.87 20.83 -48.38
CA ALA B 127 -32.17 21.27 -47.18
C ALA B 127 -31.31 22.51 -47.38
N GLU B 128 -30.54 22.55 -48.47
CA GLU B 128 -29.73 23.73 -48.75
C GLU B 128 -30.61 24.95 -48.99
N ASN B 129 -31.72 24.77 -49.71
CA ASN B 129 -32.72 25.82 -49.89
C ASN B 129 -33.61 25.95 -48.67
N ARG B 130 -33.51 25.04 -47.72
CA ARG B 130 -34.40 25.05 -46.53
C ARG B 130 -33.77 25.93 -45.46
N ASP B 131 -32.47 25.73 -45.20
CA ASP B 131 -31.85 26.50 -44.12
C ASP B 131 -31.90 27.99 -44.39
N ARG B 132 -31.71 28.40 -45.65
CA ARG B 132 -31.75 29.82 -45.99
C ARG B 132 -33.10 30.43 -45.68
N VAL B 133 -34.19 29.75 -46.04
CA VAL B 133 -35.52 30.29 -45.78
C VAL B 133 -35.75 30.39 -44.27
N ALA B 134 -35.28 29.41 -43.52
CA ALA B 134 -35.41 29.48 -42.06
C ALA B 134 -34.65 30.67 -41.50
N ARG B 135 -33.46 30.96 -42.04
CA ARG B 135 -32.70 32.11 -41.58
C ARG B 135 -33.37 33.43 -41.97
N ILE B 136 -33.97 33.47 -43.15
CA ILE B 136 -34.49 34.70 -43.74
C ILE B 136 -36.01 34.67 -43.88
N GLY B 137 -36.53 33.67 -44.58
CA GLY B 137 -37.94 33.64 -44.95
C GLY B 137 -38.90 33.18 -43.89
N LEU B 138 -38.42 32.85 -42.69
CA LEU B 138 -39.33 32.52 -41.60
C LEU B 138 -39.96 33.80 -41.05
N GLY B 139 -41.19 33.67 -40.58
CA GLY B 139 -41.95 34.82 -40.11
C GLY B 139 -42.89 35.37 -41.17
N VAL B 140 -42.36 35.74 -42.33
CA VAL B 140 -43.22 36.21 -43.41
C VAL B 140 -44.16 35.10 -43.85
N ILE B 141 -43.64 33.88 -43.98
CA ILE B 141 -44.50 32.74 -44.32
C ILE B 141 -45.48 32.47 -43.19
N LEU B 142 -45.04 32.65 -41.93
CA LEU B 142 -45.94 32.48 -40.80
C LEU B 142 -47.13 33.42 -40.91
N ASN B 143 -46.86 34.70 -41.17
CA ASN B 143 -47.96 35.67 -41.31
C ASN B 143 -48.83 35.33 -42.52
N LEU B 144 -48.21 34.96 -43.64
CA LEU B 144 -48.97 34.64 -44.84
C LEU B 144 -49.89 33.45 -44.60
N ALA B 145 -49.46 32.51 -43.75
CA ALA B 145 -50.30 31.35 -43.44
C ALA B 145 -51.61 31.75 -42.78
N LYS B 146 -51.66 32.96 -42.21
CA LYS B 146 -52.89 33.44 -41.51
C LYS B 146 -54.05 33.57 -42.51
N GLU B 147 -53.75 33.49 -43.81
CA GLU B 147 -54.83 33.51 -44.83
C GLU B 147 -55.45 32.11 -44.87
N ARG B 148 -56.37 31.82 -43.94
CA ARG B 148 -56.90 30.43 -43.85
C ARG B 148 -57.98 30.18 -44.91
N GLU B 149 -58.53 31.25 -45.48
CA GLU B 149 -59.68 31.11 -46.41
C GLU B 149 -59.26 30.57 -47.78
N PRO B 150 -58.32 31.18 -48.53
CA PRO B 150 -58.03 30.73 -49.90
C PRO B 150 -57.59 29.27 -49.91
N VAL B 151 -57.95 28.58 -50.99
CA VAL B 151 -57.66 27.15 -51.10
C VAL B 151 -56.27 26.92 -51.69
N GLU B 152 -55.94 27.59 -52.79
CA GLU B 152 -54.64 27.41 -53.42
C GLU B 152 -53.52 27.89 -52.50
N LEU B 153 -53.70 29.08 -51.91
CA LEU B 153 -52.70 29.60 -50.98
C LEU B 153 -52.56 28.68 -49.77
N ALA B 154 -53.67 28.18 -49.25
CA ALA B 154 -53.61 27.26 -48.11
C ALA B 154 -52.85 25.99 -48.48
N ARG B 155 -53.10 25.44 -49.66
CA ARG B 155 -52.41 24.24 -50.10
C ARG B 155 -50.91 24.48 -50.22
N SER B 156 -50.53 25.58 -50.87
CA SER B 156 -49.11 25.88 -51.03
C SER B 156 -48.45 26.11 -49.67
N VAL B 157 -49.13 26.80 -48.77
CA VAL B 157 -48.57 27.05 -47.45
C VAL B 157 -48.44 25.75 -46.67
N ALA B 158 -49.39 24.83 -46.84
CA ALA B 158 -49.27 23.52 -46.20
C ALA B 158 -48.05 22.78 -46.72
N GLY B 159 -47.81 22.85 -48.03
CA GLY B 159 -46.60 22.25 -48.56
C GLY B 159 -45.34 22.87 -47.98
N ILE B 160 -45.32 24.20 -47.91
CA ILE B 160 -44.15 24.88 -47.35
C ILE B 160 -43.93 24.45 -45.90
N LEU B 161 -45.01 24.39 -45.11
CA LEU B 161 -44.86 24.05 -43.71
C LEU B 161 -44.43 22.60 -43.52
N GLU B 162 -44.98 21.68 -44.31
CA GLU B 162 -44.57 20.29 -44.18
C GLU B 162 -43.10 20.13 -44.53
N HIS B 163 -42.65 20.84 -45.58
CA HIS B 163 -41.27 20.69 -46.01
C HIS B 163 -40.32 21.51 -45.16
N MET B 164 -40.86 22.33 -44.25
CA MET B 164 -40.02 23.19 -43.38
C MET B 164 -39.91 22.55 -41.99
N PHE B 165 -40.94 21.84 -41.55
CA PHE B 165 -40.93 21.22 -40.20
C PHE B 165 -39.77 20.23 -40.07
N LYS B 166 -39.02 20.01 -41.16
CA LYS B 166 -37.92 19.06 -41.13
C LYS B 166 -36.58 19.75 -40.87
N HIS B 167 -36.61 20.89 -40.20
CA HIS B 167 -35.41 21.63 -39.83
C HIS B 167 -35.14 21.38 -38.34
N SER B 168 -34.00 21.86 -37.86
CA SER B 168 -33.58 21.61 -36.49
C SER B 168 -34.71 21.87 -35.50
N GLU B 169 -34.68 21.19 -34.36
CA GLU B 169 -35.82 21.21 -33.45
C GLU B 169 -36.12 22.60 -32.94
N GLU B 170 -35.12 23.50 -32.93
CA GLU B 170 -35.41 24.89 -32.56
C GLU B 170 -36.32 25.52 -33.61
N THR B 171 -36.15 25.15 -34.88
CA THR B 171 -37.08 25.71 -35.90
C THR B 171 -38.49 25.18 -35.61
N CYS B 172 -38.62 23.90 -35.25
CA CYS B 172 -39.94 23.41 -34.87
C CYS B 172 -40.52 24.15 -33.68
N GLN B 173 -39.69 24.44 -32.68
CA GLN B 173 -40.15 25.16 -31.50
C GLN B 173 -40.70 26.53 -31.89
N ARG B 174 -39.97 27.26 -32.73
CA ARG B 174 -40.42 28.60 -33.11
C ARG B 174 -41.65 28.53 -34.01
N LEU B 175 -41.73 27.52 -34.88
CA LEU B 175 -42.93 27.36 -35.70
C LEU B 175 -44.15 27.08 -34.84
N VAL B 176 -44.03 26.21 -33.84
CA VAL B 176 -45.17 25.91 -33.00
C VAL B 176 -45.52 27.12 -32.13
N ALA B 177 -44.52 27.87 -31.69
CA ALA B 177 -44.78 29.08 -30.91
C ALA B 177 -45.67 30.05 -31.69
N ALA B 178 -45.44 30.15 -33.00
CA ALA B 178 -46.28 30.95 -33.87
C ALA B 178 -47.54 30.14 -34.20
N GLY B 179 -48.32 30.61 -35.16
CA GLY B 179 -49.57 29.98 -35.52
C GLY B 179 -49.48 28.82 -36.48
N GLY B 180 -48.27 28.37 -36.82
CA GLY B 180 -48.14 27.30 -37.80
C GLY B 180 -48.84 26.03 -37.39
N LEU B 181 -48.59 25.58 -36.15
CA LEU B 181 -49.24 24.35 -35.68
C LEU B 181 -50.75 24.53 -35.61
N ASP B 182 -51.19 25.65 -35.02
CA ASP B 182 -52.62 25.92 -34.97
C ASP B 182 -53.20 26.05 -36.36
N ALA B 183 -52.47 26.68 -37.28
CA ALA B 183 -52.98 26.85 -38.63
C ALA B 183 -53.17 25.51 -39.32
N VAL B 184 -52.20 24.60 -39.19
CA VAL B 184 -52.34 23.29 -39.84
C VAL B 184 -53.47 22.50 -39.18
N LEU B 185 -53.56 22.53 -37.86
CA LEU B 185 -54.68 21.86 -37.19
C LEU B 185 -56.01 22.42 -37.68
N TYR B 186 -56.04 23.72 -37.97
CA TYR B 186 -57.28 24.34 -38.43
C TYR B 186 -57.60 23.91 -39.86
N TRP B 187 -56.60 23.87 -40.73
CA TRP B 187 -56.86 23.38 -42.08
C TRP B 187 -57.22 21.90 -42.10
N CYS B 188 -56.90 21.15 -41.04
CA CYS B 188 -57.22 19.73 -41.03
C CYS B 188 -58.70 19.47 -41.22
N ARG B 189 -59.55 20.47 -40.98
CA ARG B 189 -61.02 20.25 -41.00
C ARG B 189 -61.63 20.51 -42.39
N ARG B 190 -60.80 20.76 -43.42
CA ARG B 190 -61.34 20.92 -44.77
C ARG B 190 -61.53 19.56 -45.44
N THR B 191 -61.86 19.62 -46.74
CA THR B 191 -62.17 18.36 -47.47
C THR B 191 -61.28 18.12 -48.70
N ASP B 192 -60.70 19.17 -49.30
CA ASP B 192 -59.95 18.94 -50.55
C ASP B 192 -58.78 18.01 -50.27
N PRO B 193 -58.56 16.91 -51.02
CA PRO B 193 -57.53 15.91 -50.66
C PRO B 193 -56.10 16.41 -50.46
N ALA B 194 -55.64 17.30 -51.34
CA ALA B 194 -54.24 17.73 -51.29
C ALA B 194 -53.92 18.43 -49.99
N LEU B 195 -54.81 19.31 -49.53
CA LEU B 195 -54.57 20.03 -48.28
C LEU B 195 -54.52 19.07 -47.10
N LEU B 196 -55.44 18.09 -47.06
CA LEU B 196 -55.43 17.13 -45.96
C LEU B 196 -54.16 16.29 -45.97
N ARG B 197 -53.74 15.83 -47.16
CA ARG B 197 -52.52 15.04 -47.24
C ARG B 197 -51.31 15.85 -46.81
N HIS B 198 -51.23 17.11 -47.24
CA HIS B 198 -50.12 17.96 -46.83
C HIS B 198 -50.12 18.19 -45.32
N CYS B 199 -51.30 18.40 -44.74
CA CYS B 199 -51.38 18.59 -43.29
C CYS B 199 -50.92 17.33 -42.55
N ALA B 200 -51.34 16.15 -43.03
CA ALA B 200 -50.90 14.92 -42.39
C ALA B 200 -49.39 14.75 -42.50
N LEU B 201 -48.83 15.05 -43.67
CA LEU B 201 -47.37 14.94 -43.83
C LEU B 201 -46.65 15.92 -42.92
N ALA B 202 -47.17 17.14 -42.79
CA ALA B 202 -46.54 18.12 -41.89
C ALA B 202 -46.60 17.64 -40.45
N LEU B 203 -47.73 17.08 -40.04
CA LEU B 203 -47.85 16.59 -38.67
C LEU B 203 -46.88 15.45 -38.40
N GLY B 204 -46.76 14.53 -39.36
CA GLY B 204 -45.77 13.46 -39.22
C GLY B 204 -44.36 13.99 -39.15
N ASN B 205 -44.04 14.96 -40.00
CA ASN B 205 -42.68 15.52 -40.01
C ASN B 205 -42.36 16.21 -38.69
N CYS B 206 -43.32 16.95 -38.13
CA CYS B 206 -43.07 17.60 -36.85
C CYS B 206 -43.01 16.61 -35.70
N ALA B 207 -43.78 15.52 -35.78
CA ALA B 207 -43.67 14.47 -34.77
C ALA B 207 -42.29 13.81 -34.81
N LEU B 208 -41.75 13.57 -36.01
CA LEU B 208 -40.46 12.92 -36.12
C LEU B 208 -39.32 13.86 -35.78
N HIS B 209 -39.16 14.94 -36.55
CA HIS B 209 -38.02 15.83 -36.36
C HIS B 209 -38.14 16.65 -35.08
N GLY B 210 -39.36 17.04 -34.70
CA GLY B 210 -39.51 17.84 -33.50
C GLY B 210 -39.10 17.09 -32.26
N GLY B 211 -38.66 17.83 -31.26
CA GLY B 211 -38.21 17.25 -30.01
C GLY B 211 -39.36 16.71 -29.18
N GLN B 212 -39.00 16.10 -28.06
CA GLN B 212 -40.01 15.56 -27.16
C GLN B 212 -40.91 16.65 -26.62
N ALA B 213 -40.37 17.84 -26.37
CA ALA B 213 -41.20 18.94 -25.91
C ALA B 213 -42.28 19.29 -26.93
N VAL B 214 -41.92 19.29 -28.22
CA VAL B 214 -42.90 19.59 -29.25
C VAL B 214 -44.00 18.53 -29.26
N GLN B 215 -43.62 17.26 -29.11
CA GLN B 215 -44.62 16.18 -29.10
C GLN B 215 -45.56 16.34 -27.91
N ARG B 216 -45.02 16.62 -26.73
CA ARG B 216 -45.85 16.84 -25.56
C ARG B 216 -46.75 18.04 -25.80
N ARG B 217 -46.20 19.11 -26.38
CA ARG B 217 -46.99 20.30 -26.64
C ARG B 217 -48.15 19.98 -27.56
N MET B 218 -47.89 19.25 -28.64
CA MET B 218 -48.95 18.83 -29.56
C MET B 218 -50.02 17.99 -28.89
N VAL B 219 -49.61 17.05 -28.03
CA VAL B 219 -50.60 16.24 -27.32
C VAL B 219 -51.49 17.14 -26.47
N GLU B 220 -50.87 18.06 -25.72
CA GLU B 220 -51.66 19.01 -24.95
C GLU B 220 -52.48 19.93 -25.86
N LYS B 221 -52.00 20.17 -27.09
CA LYS B 221 -52.77 20.89 -28.08
C LYS B 221 -53.98 20.10 -28.56
N ARG B 222 -54.08 18.82 -28.23
CA ARG B 222 -55.12 17.93 -28.71
C ARG B 222 -54.90 17.49 -30.15
N ALA B 223 -53.66 17.57 -30.63
CA ALA B 223 -53.36 17.23 -32.02
C ALA B 223 -53.64 15.76 -32.32
N ALA B 224 -53.54 14.88 -31.33
CA ALA B 224 -53.77 13.46 -31.58
C ALA B 224 -55.21 13.21 -32.02
N GLU B 225 -56.16 13.90 -31.38
CA GLU B 225 -57.62 13.61 -31.60
C GLU B 225 -58.04 14.08 -32.99
N TRP B 226 -57.48 15.19 -33.48
CA TRP B 226 -57.85 15.76 -34.81
C TRP B 226 -57.47 14.80 -35.94
N LEU B 227 -56.51 13.90 -35.70
CA LEU B 227 -56.10 12.93 -36.70
C LEU B 227 -57.06 11.74 -36.83
N PHE B 228 -57.89 11.50 -35.82
CA PHE B 228 -58.79 10.35 -35.87
C PHE B 228 -59.68 10.35 -37.11
N PRO B 229 -60.37 11.45 -37.46
CA PRO B 229 -61.17 11.41 -38.69
C PRO B 229 -60.35 11.13 -39.94
N LEU B 230 -59.10 11.59 -39.98
CA LEU B 230 -58.26 11.34 -41.15
C LEU B 230 -57.91 9.85 -41.25
N ALA B 231 -57.50 9.25 -40.14
CA ALA B 231 -57.16 7.83 -40.16
C ALA B 231 -58.39 6.98 -40.49
N PHE B 232 -59.54 7.31 -39.91
CA PHE B 232 -60.76 6.56 -40.14
C PHE B 232 -61.39 6.85 -41.50
N SER B 233 -60.93 7.88 -42.21
CA SER B 233 -61.46 8.17 -43.52
C SER B 233 -61.20 7.00 -44.46
N LYS B 234 -61.82 7.07 -45.65
CA LYS B 234 -61.68 5.99 -46.63
C LYS B 234 -61.51 6.51 -48.05
N GLU B 235 -61.41 7.82 -48.26
CA GLU B 235 -61.26 8.34 -49.62
C GLU B 235 -59.93 7.92 -50.23
N ASP B 236 -58.83 8.14 -49.52
CA ASP B 236 -57.50 7.79 -49.98
C ASP B 236 -56.76 7.01 -48.90
N GLU B 237 -56.05 5.97 -49.31
CA GLU B 237 -55.27 5.18 -48.36
C GLU B 237 -53.99 5.91 -47.95
N LEU B 238 -53.46 6.77 -48.81
CA LEU B 238 -52.24 7.50 -48.48
C LEU B 238 -52.46 8.42 -47.28
N LEU B 239 -53.61 9.11 -47.24
CA LEU B 239 -53.92 9.98 -46.11
C LEU B 239 -54.01 9.18 -44.82
N ARG B 240 -54.66 8.01 -44.88
CA ARG B 240 -54.77 7.16 -43.70
C ARG B 240 -53.40 6.70 -43.24
N LEU B 241 -52.53 6.32 -44.19
CA LEU B 241 -51.19 5.87 -43.83
C LEU B 241 -50.40 7.00 -43.17
N HIS B 242 -50.50 8.22 -43.71
CA HIS B 242 -49.79 9.35 -43.11
C HIS B 242 -50.29 9.63 -41.71
N ALA B 243 -51.62 9.60 -41.52
CA ALA B 243 -52.17 9.84 -40.20
C ALA B 243 -51.72 8.77 -39.21
N CYS B 244 -51.72 7.51 -39.64
CA CYS B 244 -51.27 6.43 -38.76
C CYS B 244 -49.80 6.60 -38.41
N LEU B 245 -48.97 6.97 -39.38
CA LEU B 245 -47.56 7.23 -39.10
C LEU B 245 -47.41 8.32 -38.05
N ALA B 246 -48.12 9.44 -38.23
CA ALA B 246 -48.00 10.54 -37.30
C ALA B 246 -48.43 10.12 -35.90
N VAL B 247 -49.57 9.44 -35.79
CA VAL B 247 -50.08 9.09 -34.47
C VAL B 247 -49.17 8.06 -33.81
N ALA B 248 -48.62 7.11 -34.59
CA ALA B 248 -47.70 6.14 -34.01
C ALA B 248 -46.42 6.80 -33.51
N VAL B 249 -45.86 7.71 -34.29
CA VAL B 249 -44.65 8.41 -33.87
C VAL B 249 -44.92 9.23 -32.62
N LEU B 250 -46.12 9.82 -32.53
CA LEU B 250 -46.49 10.52 -31.31
C LEU B 250 -46.59 9.55 -30.13
N ALA B 251 -47.18 8.38 -30.37
CA ALA B 251 -47.42 7.42 -29.29
C ALA B 251 -46.14 6.79 -28.78
N THR B 252 -45.07 6.75 -29.59
CA THR B 252 -43.81 6.13 -29.11
C THR B 252 -43.38 6.79 -27.80
N ASN B 253 -43.70 8.08 -27.64
CA ASN B 253 -43.28 8.83 -26.46
C ASN B 253 -44.14 8.40 -25.28
N LYS B 254 -43.51 7.78 -24.29
CA LYS B 254 -44.28 7.18 -23.18
C LYS B 254 -45.02 8.25 -22.38
N GLU B 255 -44.48 9.46 -22.31
CA GLU B 255 -45.10 10.47 -21.41
C GLU B 255 -46.57 10.68 -21.77
N VAL B 256 -46.93 10.52 -23.05
CA VAL B 256 -48.27 10.84 -23.50
C VAL B 256 -48.90 9.62 -24.17
N GLU B 257 -48.32 8.44 -23.94
CA GLU B 257 -48.81 7.24 -24.63
C GLU B 257 -50.25 6.92 -24.24
N ARG B 258 -50.58 7.07 -22.96
CA ARG B 258 -51.91 6.66 -22.51
C ARG B 258 -53.00 7.53 -23.13
N GLU B 259 -52.84 8.86 -23.02
CA GLU B 259 -53.85 9.75 -23.59
C GLU B 259 -53.92 9.63 -25.11
N VAL B 260 -52.77 9.42 -25.76
CA VAL B 260 -52.78 9.21 -27.21
C VAL B 260 -53.57 7.96 -27.56
N GLU B 261 -53.37 6.88 -26.80
CA GLU B 261 -54.11 5.64 -27.05
C GLU B 261 -55.59 5.85 -26.82
N ARG B 262 -55.95 6.62 -25.79
CA ARG B 262 -57.37 6.85 -25.51
C ARG B 262 -58.08 7.55 -26.66
N SER B 263 -57.33 8.20 -27.56
CA SER B 263 -57.96 8.82 -28.72
C SER B 263 -58.67 7.79 -29.59
N GLY B 264 -58.16 6.56 -29.62
CA GLY B 264 -58.78 5.49 -30.37
C GLY B 264 -58.21 5.27 -31.77
N THR B 265 -57.50 6.26 -32.31
CA THR B 265 -56.92 6.10 -33.65
C THR B 265 -55.73 5.15 -33.63
N LEU B 266 -54.99 5.10 -32.52
CA LEU B 266 -53.80 4.25 -32.47
C LEU B 266 -54.15 2.79 -32.72
N ALA B 267 -55.24 2.31 -32.11
CA ALA B 267 -55.64 0.93 -32.29
C ALA B 267 -55.98 0.61 -33.74
N LEU B 268 -56.21 1.64 -34.56
CA LEU B 268 -56.52 1.44 -35.97
C LEU B 268 -55.26 1.27 -36.82
N VAL B 269 -54.07 1.36 -36.23
CA VAL B 269 -52.84 1.28 -37.01
C VAL B 269 -52.61 -0.15 -37.50
N GLU B 270 -52.49 -1.09 -36.56
CA GLU B 270 -52.11 -2.45 -36.93
C GLU B 270 -53.06 -3.09 -37.93
N PRO B 271 -54.39 -3.00 -37.78
CA PRO B 271 -55.27 -3.60 -38.79
C PRO B 271 -55.05 -3.04 -40.19
N LEU B 272 -54.67 -1.78 -40.31
CA LEU B 272 -54.53 -1.15 -41.62
C LEU B 272 -53.37 -1.76 -42.41
N VAL B 273 -52.21 -1.89 -41.78
CA VAL B 273 -51.01 -2.30 -42.50
C VAL B 273 -51.15 -3.75 -42.97
N ALA B 274 -51.79 -4.60 -42.18
CA ALA B 274 -51.89 -6.02 -42.52
C ALA B 274 -52.69 -6.26 -43.79
N SER B 275 -53.48 -5.28 -44.23
CA SER B 275 -54.30 -5.42 -45.42
C SER B 275 -53.67 -4.82 -46.67
N LEU B 276 -52.98 -3.69 -46.55
CA LEU B 276 -52.41 -3.03 -47.71
C LEU B 276 -51.17 -3.79 -48.20
N ASP B 277 -50.89 -3.63 -49.50
CA ASP B 277 -49.76 -4.29 -50.12
C ASP B 277 -48.65 -3.27 -50.34
N PRO B 278 -47.44 -3.47 -49.80
CA PRO B 278 -46.38 -2.47 -50.03
C PRO B 278 -46.10 -2.23 -51.51
N GLY B 279 -46.20 -3.26 -52.34
CA GLY B 279 -45.95 -3.06 -53.76
C GLY B 279 -46.91 -2.09 -54.40
N ARG B 280 -48.20 -2.24 -54.13
CA ARG B 280 -49.19 -1.29 -54.65
C ARG B 280 -48.97 0.09 -54.06
N PHE B 281 -48.70 0.17 -52.75
CA PHE B 281 -48.34 1.45 -52.15
C PHE B 281 -47.04 1.98 -52.71
N ALA B 282 -46.07 1.10 -52.95
CA ALA B 282 -44.84 1.51 -53.61
C ALA B 282 -45.08 1.86 -55.07
N ARG B 283 -46.04 1.20 -55.71
CA ARG B 283 -46.39 1.50 -57.13
C ARG B 283 -46.94 2.92 -57.20
N CYS B 284 -47.80 3.27 -56.23
CA CYS B 284 -48.13 4.67 -56.01
C CYS B 284 -46.92 5.39 -55.44
N LEU B 285 -47.03 6.71 -55.35
CA LEU B 285 -45.94 7.59 -54.92
C LEU B 285 -44.90 7.71 -56.02
N VAL B 286 -45.06 6.94 -57.11
CA VAL B 286 -44.20 7.07 -58.28
C VAL B 286 -44.95 7.64 -59.46
N ASP B 287 -46.23 7.30 -59.65
CA ASP B 287 -47.05 7.99 -60.63
C ASP B 287 -47.33 9.43 -60.21
N ALA B 288 -47.17 9.75 -58.93
CA ALA B 288 -47.37 11.10 -58.43
C ALA B 288 -46.08 11.90 -58.56
N SER B 289 -46.24 13.19 -58.88
CA SER B 289 -45.07 14.05 -59.07
C SER B 289 -44.45 14.47 -57.75
N ASP B 290 -45.28 14.69 -56.72
CA ASP B 290 -44.79 15.21 -55.45
C ASP B 290 -43.89 14.22 -54.74
N THR B 291 -43.92 12.95 -55.17
CA THR B 291 -43.06 11.95 -54.55
C THR B 291 -42.43 11.01 -55.59
N SER B 292 -42.37 11.39 -56.86
CA SER B 292 -41.92 10.50 -57.92
C SER B 292 -40.57 9.87 -57.60
N GLN B 293 -39.72 10.59 -56.87
CA GLN B 293 -38.37 10.12 -56.59
C GLN B 293 -38.25 9.35 -55.27
N GLY B 294 -39.24 9.42 -54.40
CA GLY B 294 -39.23 8.66 -53.16
C GLY B 294 -38.81 9.48 -51.96
N ARG B 295 -38.14 8.81 -51.04
CA ARG B 295 -37.72 9.39 -49.77
C ARG B 295 -36.19 9.43 -49.72
N GLY B 296 -35.65 10.52 -49.15
CA GLY B 296 -34.24 10.77 -49.18
C GLY B 296 -33.46 10.01 -48.12
N PRO B 297 -32.12 10.10 -48.18
CA PRO B 297 -31.29 9.37 -47.21
C PRO B 297 -31.47 9.82 -45.76
N ASP B 298 -31.91 11.05 -45.52
CA ASP B 298 -32.09 11.55 -44.16
C ASP B 298 -33.51 11.41 -43.68
N ASP B 299 -34.47 11.24 -44.60
CA ASP B 299 -35.88 11.05 -44.20
C ASP B 299 -36.10 9.56 -43.89
N LEU B 300 -35.18 8.70 -44.34
CA LEU B 300 -35.26 7.25 -44.02
C LEU B 300 -34.57 7.01 -42.68
N GLN B 301 -33.46 7.71 -42.42
CA GLN B 301 -32.76 7.59 -41.13
C GLN B 301 -33.74 7.90 -40.01
N ARG B 302 -34.77 8.69 -40.25
CA ARG B 302 -35.69 9.07 -39.15
C ARG B 302 -36.72 7.97 -38.95
N LEU B 303 -37.05 7.21 -40.01
CA LEU B 303 -37.97 6.09 -39.86
C LEU B 303 -37.31 4.89 -39.20
N VAL B 304 -36.03 4.66 -39.46
CA VAL B 304 -35.36 3.47 -38.92
C VAL B 304 -35.51 3.32 -37.41
N PRO B 305 -35.39 4.38 -36.60
CA PRO B 305 -35.57 4.20 -35.15
C PRO B 305 -36.95 3.67 -34.76
N LEU B 306 -37.93 3.67 -35.67
CA LEU B 306 -39.25 3.16 -35.30
C LEU B 306 -39.23 1.65 -35.12
N LEU B 307 -38.32 0.95 -35.82
CA LEU B 307 -38.21 -0.50 -35.64
C LEU B 307 -37.73 -0.87 -34.25
N ASP B 308 -37.22 0.10 -33.48
CA ASP B 308 -36.74 -0.12 -32.13
C ASP B 308 -37.60 0.60 -31.10
N SER B 309 -38.89 0.82 -31.41
CA SER B 309 -39.72 1.72 -30.62
C SER B 309 -40.35 1.06 -29.41
N ASN B 310 -40.28 -0.28 -29.30
CA ASN B 310 -40.91 -1.07 -28.25
C ASN B 310 -42.44 -1.03 -28.34
N ARG B 311 -43.01 -0.33 -29.30
CA ARG B 311 -44.46 -0.25 -29.50
C ARG B 311 -44.82 -1.02 -30.76
N LEU B 312 -45.80 -1.91 -30.66
CA LEU B 312 -46.10 -2.81 -31.77
C LEU B 312 -46.54 -2.02 -33.01
N GLU B 313 -47.41 -1.03 -32.82
CA GLU B 313 -47.90 -0.26 -33.97
C GLU B 313 -46.76 0.51 -34.62
N ALA B 314 -45.88 1.10 -33.82
CA ALA B 314 -44.76 1.84 -34.37
C ALA B 314 -43.89 0.94 -35.23
N GLN B 315 -43.54 -0.24 -34.72
CA GLN B 315 -42.72 -1.17 -35.49
C GLN B 315 -43.42 -1.61 -36.77
N CYS B 316 -44.72 -1.90 -36.68
CA CYS B 316 -45.46 -2.33 -37.86
C CYS B 316 -45.44 -1.26 -38.95
N ILE B 317 -45.76 -0.02 -38.57
CA ILE B 317 -45.83 1.05 -39.57
C ILE B 317 -44.43 1.35 -40.11
N GLY B 318 -43.41 1.33 -39.25
CA GLY B 318 -42.06 1.54 -39.73
C GLY B 318 -41.62 0.48 -40.72
N ALA B 319 -41.94 -0.78 -40.43
CA ALA B 319 -41.59 -1.86 -41.36
C ALA B 319 -42.33 -1.70 -42.68
N PHE B 320 -43.61 -1.31 -42.63
CA PHE B 320 -44.36 -1.09 -43.86
C PHE B 320 -43.73 0.00 -44.71
N TYR B 321 -43.41 1.13 -44.08
CA TYR B 321 -42.82 2.24 -44.83
C TYR B 321 -41.46 1.86 -45.38
N LEU B 322 -40.63 1.16 -44.60
CA LEU B 322 -39.32 0.75 -45.08
C LEU B 322 -39.45 -0.23 -46.24
N CYS B 323 -40.45 -1.12 -46.18
CA CYS B 323 -40.67 -2.03 -47.29
C CYS B 323 -41.06 -1.29 -48.56
N ALA B 324 -41.95 -0.30 -48.43
CA ALA B 324 -42.34 0.47 -49.62
C ALA B 324 -41.14 1.23 -50.19
N GLU B 325 -40.36 1.87 -49.32
CA GLU B 325 -39.20 2.61 -49.80
C GLU B 325 -38.15 1.69 -50.41
N ALA B 326 -37.99 0.48 -49.86
CA ALA B 326 -37.11 -0.50 -50.47
C ALA B 326 -37.59 -0.88 -51.85
N ALA B 327 -38.91 -1.08 -52.00
CA ALA B 327 -39.46 -1.40 -53.31
C ALA B 327 -39.16 -0.29 -54.31
N ILE B 328 -39.27 0.96 -53.87
CA ILE B 328 -38.96 2.08 -54.77
C ILE B 328 -37.47 2.09 -55.13
N LYS B 329 -36.61 1.99 -54.12
CA LYS B 329 -35.19 2.22 -54.34
C LYS B 329 -34.54 1.07 -55.09
N SER B 330 -35.01 -0.16 -54.87
CA SER B 330 -34.49 -1.29 -55.63
C SER B 330 -34.75 -1.10 -57.12
N LEU B 331 -35.94 -0.60 -57.46
CA LEU B 331 -36.19 -0.23 -58.85
C LEU B 331 -35.26 0.89 -59.28
N GLN B 332 -35.05 1.88 -58.41
CA GLN B 332 -34.08 2.94 -58.71
C GLN B 332 -32.63 2.45 -58.69
N GLY B 333 -32.38 1.25 -58.17
CA GLY B 333 -31.03 0.73 -58.10
C GLY B 333 -30.12 1.53 -57.17
N LYS B 334 -30.62 1.84 -55.97
CA LYS B 334 -29.88 2.64 -55.00
C LYS B 334 -30.00 2.04 -53.60
N THR B 335 -30.05 0.71 -53.50
CA THR B 335 -30.32 0.05 -52.22
C THR B 335 -29.15 0.30 -51.28
N LYS B 336 -27.99 0.76 -51.74
CA LYS B 336 -26.85 0.92 -50.79
C LYS B 336 -27.27 1.80 -49.61
N VAL B 337 -28.15 2.77 -49.85
CA VAL B 337 -28.53 3.73 -48.77
C VAL B 337 -28.98 2.95 -47.54
N PHE B 338 -29.70 1.85 -47.71
CA PHE B 338 -30.23 1.11 -46.57
C PHE B 338 -29.14 0.55 -45.68
N SER B 339 -27.95 0.28 -46.24
CA SER B 339 -26.85 -0.18 -45.42
C SER B 339 -26.22 0.98 -44.65
N ASP B 340 -26.14 2.16 -45.26
CA ASP B 340 -25.56 3.32 -44.59
C ASP B 340 -26.42 3.83 -43.46
N ILE B 341 -27.69 3.41 -43.39
CA ILE B 341 -28.62 3.92 -42.40
C ILE B 341 -28.72 3.00 -41.18
N GLY B 342 -28.33 1.74 -41.31
CA GLY B 342 -28.57 0.77 -40.26
C GLY B 342 -29.92 0.09 -40.31
N ALA B 343 -30.60 0.15 -41.47
CA ALA B 343 -31.92 -0.45 -41.58
C ALA B 343 -31.85 -1.96 -41.69
N ILE B 344 -30.82 -2.49 -42.37
CA ILE B 344 -30.73 -3.93 -42.55
C ILE B 344 -30.48 -4.63 -41.23
N GLN B 345 -29.62 -4.08 -40.38
CA GLN B 345 -29.38 -4.67 -39.07
C GLN B 345 -30.66 -4.71 -38.25
N SER B 346 -31.41 -3.60 -38.25
CA SER B 346 -32.65 -3.55 -37.49
C SER B 346 -33.67 -4.53 -38.04
N LEU B 347 -33.77 -4.64 -39.36
CA LEU B 347 -34.71 -5.58 -39.95
C LEU B 347 -34.37 -7.02 -39.59
N LYS B 348 -33.09 -7.38 -39.64
CA LYS B 348 -32.70 -8.73 -39.28
C LYS B 348 -32.96 -9.00 -37.80
N ARG B 349 -32.65 -8.04 -36.93
CA ARG B 349 -32.93 -8.22 -35.51
C ARG B 349 -34.42 -8.36 -35.26
N LEU B 350 -35.24 -7.58 -35.97
CA LEU B 350 -36.69 -7.68 -35.83
C LEU B 350 -37.20 -9.03 -36.30
N VAL B 351 -36.60 -9.58 -37.37
CA VAL B 351 -37.03 -10.90 -37.83
C VAL B 351 -36.63 -11.97 -36.84
N SER B 352 -35.45 -11.84 -36.23
CA SER B 352 -34.96 -12.88 -35.33
C SER B 352 -35.76 -12.92 -34.03
N TYR B 353 -35.97 -11.76 -33.41
CA TYR B 353 -36.48 -11.67 -32.04
C TYR B 353 -37.90 -11.12 -31.98
N SER B 354 -38.77 -11.54 -32.90
CA SER B 354 -40.15 -11.10 -32.91
C SER B 354 -41.09 -12.30 -32.94
N THR B 355 -42.28 -12.10 -32.37
CA THR B 355 -43.33 -13.11 -32.34
C THR B 355 -44.57 -12.73 -33.13
N ASN B 356 -44.75 -11.45 -33.46
CA ASN B 356 -45.91 -11.03 -34.23
C ASN B 356 -45.78 -11.51 -35.68
N GLY B 357 -46.92 -11.49 -36.38
CA GLY B 357 -46.95 -12.00 -37.73
C GLY B 357 -46.82 -10.94 -38.81
N THR B 358 -47.58 -9.86 -38.68
CA THR B 358 -47.60 -8.84 -39.74
C THR B 358 -46.23 -8.15 -39.87
N LYS B 359 -45.65 -7.74 -38.75
CA LYS B 359 -44.37 -7.05 -38.81
C LYS B 359 -43.26 -7.98 -39.25
N SER B 360 -43.30 -9.24 -38.81
CA SER B 360 -42.31 -10.21 -39.26
C SER B 360 -42.41 -10.43 -40.76
N ALA B 361 -43.63 -10.56 -41.29
CA ALA B 361 -43.80 -10.73 -42.72
C ALA B 361 -43.29 -9.52 -43.49
N LEU B 362 -43.62 -8.33 -43.00
CA LEU B 362 -43.15 -7.11 -43.66
C LEU B 362 -41.63 -7.04 -43.67
N ALA B 363 -41.01 -7.34 -42.53
CA ALA B 363 -39.56 -7.30 -42.45
C ALA B 363 -38.92 -8.32 -43.37
N LYS B 364 -39.49 -9.53 -43.42
CA LYS B 364 -38.92 -10.55 -44.30
C LYS B 364 -39.03 -10.14 -45.76
N ARG B 365 -40.18 -9.61 -46.17
CA ARG B 365 -40.32 -9.16 -47.55
C ARG B 365 -39.37 -8.02 -47.86
N ALA B 366 -39.20 -7.08 -46.93
CA ALA B 366 -38.27 -5.98 -47.15
C ALA B 366 -36.85 -6.50 -47.30
N LEU B 367 -36.45 -7.45 -46.46
CA LEU B 367 -35.11 -8.01 -46.58
C LEU B 367 -34.93 -8.72 -47.92
N ARG B 368 -35.95 -9.46 -48.36
CA ARG B 368 -35.83 -10.15 -49.64
C ARG B 368 -35.76 -9.17 -50.81
N LEU B 369 -36.45 -8.03 -50.71
CA LEU B 369 -36.35 -7.02 -51.76
C LEU B 369 -34.92 -6.52 -51.90
N LEU B 370 -34.23 -6.30 -50.78
CA LEU B 370 -32.85 -5.85 -50.79
C LEU B 370 -31.88 -6.94 -51.23
N GLY B 371 -32.35 -8.15 -51.51
CA GLY B 371 -31.46 -9.23 -51.85
C GLY B 371 -30.65 -9.63 -50.63
N GLU B 372 -31.23 -9.58 -49.43
CA GLU B 372 -30.43 -9.89 -48.22
C GLU B 372 -30.97 -11.18 -47.60
N GLU B 373 -30.27 -11.78 -46.64
CA GLU B 373 -30.72 -13.09 -46.10
C GLU B 373 -31.83 -12.88 -45.07
N VAL B 374 -32.56 -13.92 -44.71
CA VAL B 374 -33.59 -13.81 -43.69
C VAL B 374 -33.22 -14.73 -42.54
N PRO B 375 -32.84 -14.20 -41.37
CA PRO B 375 -32.43 -15.09 -40.27
C PRO B 375 -33.58 -15.96 -39.83
N ARG B 376 -33.25 -17.18 -39.41
CA ARG B 376 -34.26 -18.03 -38.80
C ARG B 376 -34.55 -17.54 -37.39
N PRO B 377 -35.79 -17.69 -36.91
CA PRO B 377 -36.11 -17.22 -35.55
C PRO B 377 -35.30 -17.95 -34.49
N ILE B 378 -34.92 -17.20 -33.46
CA ILE B 378 -34.16 -17.73 -32.33
C ILE B 378 -35.12 -17.90 -31.16
N LEU B 379 -35.32 -19.14 -30.73
CA LEU B 379 -36.25 -19.38 -29.63
C LEU B 379 -35.72 -18.69 -28.37
N PRO B 380 -36.56 -17.92 -27.67
CA PRO B 380 -36.02 -16.97 -26.69
C PRO B 380 -35.67 -17.56 -25.34
N SER B 381 -36.12 -18.77 -25.01
CA SER B 381 -35.87 -19.33 -23.69
C SER B 381 -34.42 -19.74 -23.54
N VAL B 382 -33.52 -18.75 -23.43
CA VAL B 382 -32.09 -19.06 -23.35
C VAL B 382 -31.77 -19.90 -22.12
N PRO B 383 -32.27 -19.58 -20.92
CA PRO B 383 -31.85 -20.32 -19.72
C PRO B 383 -32.05 -21.83 -19.84
N SER B 384 -33.00 -22.24 -20.68
CA SER B 384 -33.33 -23.66 -20.85
C SER B 384 -32.68 -24.27 -22.08
N TRP B 385 -31.58 -23.70 -22.55
CA TRP B 385 -30.92 -24.19 -23.74
C TRP B 385 -30.00 -25.35 -23.43
N LYS B 386 -29.95 -26.31 -24.34
CA LYS B 386 -29.00 -27.41 -24.29
C LYS B 386 -27.88 -27.13 -25.31
N GLU B 387 -27.00 -28.11 -25.51
CA GLU B 387 -25.86 -27.88 -26.38
C GLU B 387 -26.29 -27.60 -27.82
N ALA B 388 -27.30 -28.31 -28.31
CA ALA B 388 -27.71 -28.14 -29.70
C ALA B 388 -28.13 -26.71 -29.99
N GLU B 389 -28.90 -26.10 -29.08
CA GLU B 389 -29.32 -24.73 -29.26
C GLU B 389 -28.12 -23.79 -29.31
N VAL B 390 -27.13 -24.02 -28.45
CA VAL B 390 -25.95 -23.17 -28.44
C VAL B 390 -25.18 -23.31 -29.74
N GLN B 391 -25.05 -24.54 -30.24
CA GLN B 391 -24.37 -24.72 -31.52
C GLN B 391 -25.11 -23.99 -32.64
N THR B 392 -26.43 -24.09 -32.67
CA THR B 392 -27.19 -23.39 -33.70
C THR B 392 -26.99 -21.88 -33.60
N TRP B 393 -27.05 -21.34 -32.39
CA TRP B 393 -26.85 -19.91 -32.22
C TRP B 393 -25.45 -19.49 -32.65
N LEU B 394 -24.43 -20.28 -32.29
CA LEU B 394 -23.08 -19.96 -32.70
C LEU B 394 -22.96 -19.95 -34.22
N GLN B 395 -23.57 -20.93 -34.89
CA GLN B 395 -23.52 -20.94 -36.34
C GLN B 395 -24.27 -19.76 -36.94
N GLN B 396 -25.32 -19.27 -36.26
CA GLN B 396 -26.08 -18.13 -36.77
C GLN B 396 -25.24 -16.85 -36.72
N ILE B 397 -24.61 -16.57 -35.57
CA ILE B 397 -23.93 -15.29 -35.39
C ILE B 397 -22.59 -15.23 -36.11
N GLY B 398 -22.13 -16.33 -36.70
CA GLY B 398 -20.89 -16.33 -37.45
C GLY B 398 -19.66 -16.78 -36.68
N PHE B 399 -19.83 -17.47 -35.56
CA PHE B 399 -18.71 -17.99 -34.77
C PHE B 399 -18.63 -19.50 -34.89
N SER B 400 -18.86 -20.02 -36.09
CA SER B 400 -18.82 -21.47 -36.31
C SER B 400 -17.43 -22.05 -36.17
N LYS B 401 -16.39 -21.21 -36.11
CA LYS B 401 -15.05 -21.71 -35.88
C LYS B 401 -14.85 -22.19 -34.46
N TYR B 402 -15.69 -21.74 -33.52
CA TYR B 402 -15.56 -22.10 -32.11
C TYR B 402 -16.63 -23.09 -31.68
N CYS B 403 -17.30 -23.74 -32.62
CA CYS B 403 -18.31 -24.73 -32.26
C CYS B 403 -17.68 -25.91 -31.53
N GLU B 404 -16.53 -26.38 -32.01
CA GLU B 404 -15.89 -27.54 -31.40
C GLU B 404 -15.49 -27.25 -29.95
N SER B 405 -14.90 -26.08 -29.71
CA SER B 405 -14.48 -25.74 -28.35
C SER B 405 -15.67 -25.63 -27.42
N PHE B 406 -16.76 -25.00 -27.88
CA PHE B 406 -17.94 -24.88 -27.03
C PHE B 406 -18.56 -26.25 -26.75
N ARG B 407 -18.60 -27.12 -27.76
CA ARG B 407 -19.19 -28.45 -27.57
C ARG B 407 -18.34 -29.30 -26.61
N GLU B 408 -17.01 -29.20 -26.73
CA GLU B 408 -16.14 -29.98 -25.86
C GLU B 408 -16.35 -29.61 -24.40
N GLN B 409 -16.46 -28.31 -24.10
CA GLN B 409 -16.66 -27.84 -22.74
C GLN B 409 -18.11 -27.93 -22.28
N GLN B 410 -19.03 -28.33 -23.17
CA GLN B 410 -20.43 -28.51 -22.83
C GLN B 410 -21.05 -27.23 -22.29
N VAL B 411 -20.87 -26.15 -23.05
CA VAL B 411 -21.49 -24.87 -22.70
C VAL B 411 -22.95 -24.92 -23.11
N ASP B 412 -23.84 -24.62 -22.16
CA ASP B 412 -25.27 -24.54 -22.42
C ASP B 412 -25.80 -23.18 -21.98
N GLY B 413 -27.11 -23.01 -21.99
CA GLY B 413 -27.67 -21.70 -21.72
C GLY B 413 -27.25 -21.14 -20.37
N ASP B 414 -27.24 -21.98 -19.34
CA ASP B 414 -26.85 -21.52 -18.01
C ASP B 414 -25.39 -21.07 -18.00
N LEU B 415 -24.51 -21.84 -18.64
CA LEU B 415 -23.10 -21.47 -18.71
C LEU B 415 -22.84 -20.39 -19.74
N LEU B 416 -23.72 -20.25 -20.74
CA LEU B 416 -23.55 -19.22 -21.75
C LEU B 416 -23.90 -17.84 -21.18
N LEU B 417 -24.98 -17.75 -20.42
CA LEU B 417 -25.40 -16.47 -19.86
C LEU B 417 -24.50 -15.99 -18.74
N ARG B 418 -23.49 -16.77 -18.34
CA ARG B 418 -22.59 -16.38 -17.26
C ARG B 418 -21.13 -16.41 -17.71
N LEU B 419 -20.88 -16.36 -19.02
CA LEU B 419 -19.53 -16.46 -19.54
C LEU B 419 -18.78 -15.15 -19.32
N THR B 420 -17.46 -15.27 -19.13
CA THR B 420 -16.60 -14.14 -18.79
C THR B 420 -15.44 -14.00 -19.78
N GLU B 421 -14.60 -12.99 -19.54
CA GLU B 421 -13.43 -12.76 -20.43
C GLU B 421 -12.39 -13.87 -20.25
N GLU B 422 -12.09 -14.22 -18.99
CA GLU B 422 -11.04 -15.24 -18.71
C GLU B 422 -11.46 -16.60 -19.29
N GLU B 423 -12.72 -16.99 -19.09
CA GLU B 423 -13.18 -18.28 -19.58
C GLU B 423 -13.18 -18.32 -21.10
N LEU B 424 -13.54 -17.21 -21.73
CA LEU B 424 -13.45 -17.12 -23.19
C LEU B 424 -12.01 -17.26 -23.66
N GLN B 425 -11.08 -16.64 -22.93
CA GLN B 425 -9.68 -16.60 -23.37
C GLN B 425 -8.99 -17.94 -23.12
N THR B 426 -8.98 -18.41 -21.88
CA THR B 426 -8.19 -19.57 -21.52
C THR B 426 -8.88 -20.88 -21.91
N ASP B 427 -10.16 -21.02 -21.56
CA ASP B 427 -10.83 -22.30 -21.68
C ASP B 427 -11.43 -22.53 -23.07
N LEU B 428 -12.02 -21.50 -23.68
CA LEU B 428 -12.62 -21.66 -25.00
C LEU B 428 -11.65 -21.30 -26.12
N GLY B 429 -10.75 -20.35 -25.90
CA GLY B 429 -9.68 -20.11 -26.85
C GLY B 429 -9.83 -18.91 -27.75
N MET B 430 -10.43 -17.83 -27.24
CA MET B 430 -10.54 -16.58 -28.00
C MET B 430 -9.40 -15.67 -27.58
N LYS B 431 -8.23 -15.88 -28.19
CA LYS B 431 -7.05 -15.13 -27.82
C LYS B 431 -7.09 -13.66 -28.20
N SER B 432 -7.65 -13.35 -29.38
CA SER B 432 -7.68 -11.94 -29.86
C SER B 432 -8.77 -11.17 -29.11
N GLY B 433 -8.40 -10.04 -28.48
CA GLY B 433 -9.37 -9.24 -27.75
C GLY B 433 -10.49 -8.66 -28.59
N ILE B 434 -10.22 -8.40 -29.86
CA ILE B 434 -11.25 -7.87 -30.75
C ILE B 434 -12.32 -8.93 -31.01
N THR B 435 -11.91 -10.18 -31.20
CA THR B 435 -12.88 -11.25 -31.38
C THR B 435 -13.74 -11.44 -30.14
N ARG B 436 -13.14 -11.34 -28.95
CA ARG B 436 -13.93 -11.43 -27.74
C ARG B 436 -14.92 -10.28 -27.58
N LYS B 437 -14.52 -9.07 -27.99
CA LYS B 437 -15.45 -7.92 -27.97
C LYS B 437 -16.63 -8.18 -28.91
N ARG B 438 -16.34 -8.74 -30.09
CA ARG B 438 -17.41 -9.08 -31.04
C ARG B 438 -18.34 -10.11 -30.41
N PHE B 439 -17.78 -11.13 -29.78
CA PHE B 439 -18.61 -12.16 -29.18
C PHE B 439 -19.49 -11.58 -28.08
N PHE B 440 -18.92 -10.71 -27.24
CA PHE B 440 -19.72 -10.09 -26.20
C PHE B 440 -20.75 -9.13 -26.79
N ARG B 441 -20.44 -8.52 -27.93
CA ARG B 441 -21.43 -7.70 -28.62
C ARG B 441 -22.63 -8.54 -29.04
N GLU B 442 -22.38 -9.74 -29.53
CA GLU B 442 -23.48 -10.65 -29.88
C GLU B 442 -24.24 -11.12 -28.64
N LEU B 443 -23.50 -11.49 -27.60
CA LEU B 443 -24.13 -12.05 -26.41
C LEU B 443 -24.97 -11.02 -25.68
N THR B 444 -24.56 -9.74 -25.69
CA THR B 444 -25.37 -8.71 -25.06
C THR B 444 -26.72 -8.56 -25.75
N GLU B 445 -26.75 -8.68 -27.07
CA GLU B 445 -28.03 -8.60 -27.84
C GLU B 445 -28.89 -9.81 -27.54
N LEU B 446 -28.28 -10.98 -27.45
CA LEU B 446 -29.03 -12.17 -27.05
C LEU B 446 -29.60 -12.00 -25.65
N LYS B 447 -28.81 -11.44 -24.74
CA LYS B 447 -29.25 -11.24 -23.36
C LYS B 447 -30.42 -10.27 -23.29
N THR B 448 -30.34 -9.16 -24.01
CA THR B 448 -31.41 -8.17 -23.97
C THR B 448 -32.70 -8.75 -24.53
N PHE B 449 -32.61 -9.56 -25.58
CA PHE B 449 -33.79 -10.08 -26.25
C PHE B 449 -34.13 -11.51 -25.86
N ALA B 450 -33.74 -11.93 -24.66
CA ALA B 450 -34.05 -13.28 -24.17
C ALA B 450 -35.31 -13.26 -23.32
N ASN B 451 -35.80 -14.45 -23.00
CA ASN B 451 -37.02 -14.65 -22.21
C ASN B 451 -36.65 -15.37 -20.91
N TYR B 452 -36.68 -14.65 -19.80
CA TYR B 452 -36.27 -15.18 -18.50
C TYR B 452 -37.45 -15.63 -17.65
N SER B 453 -38.53 -16.07 -18.29
CA SER B 453 -39.74 -16.43 -17.54
C SER B 453 -39.49 -17.62 -16.62
N THR B 454 -38.62 -18.54 -17.04
CA THR B 454 -38.34 -19.72 -16.23
C THR B 454 -37.49 -19.40 -15.00
N CYS B 455 -36.92 -18.20 -14.93
CA CYS B 455 -36.00 -17.89 -13.81
C CYS B 455 -36.68 -16.92 -12.83
N ASP B 456 -37.06 -15.75 -13.33
CA ASP B 456 -37.54 -14.62 -12.48
C ASP B 456 -39.04 -14.75 -12.21
N ARG B 457 -39.40 -15.18 -11.00
CA ARG B 457 -40.83 -15.22 -10.60
C ARG B 457 -41.33 -13.86 -10.11
N SER B 458 -40.40 -12.95 -9.77
CA SER B 458 -40.74 -11.60 -9.26
C SER B 458 -40.79 -10.61 -10.43
N ASN B 459 -40.76 -11.15 -11.66
CA ASN B 459 -40.78 -10.34 -12.87
C ASN B 459 -39.82 -9.15 -12.83
N LEU B 460 -38.55 -9.46 -12.56
CA LEU B 460 -37.54 -8.42 -12.44
C LEU B 460 -37.05 -7.90 -13.78
N ALA B 461 -37.30 -8.64 -14.87
CA ALA B 461 -36.85 -8.18 -16.18
C ALA B 461 -37.56 -6.89 -16.60
N ASP B 462 -38.86 -6.79 -16.33
CA ASP B 462 -39.62 -5.62 -16.74
C ASP B 462 -39.17 -4.38 -15.97
N TRP B 463 -38.85 -4.53 -14.68
CA TRP B 463 -38.38 -3.39 -13.92
C TRP B 463 -37.08 -2.86 -14.50
N LEU B 464 -36.15 -3.75 -14.83
CA LEU B 464 -34.89 -3.32 -15.44
C LEU B 464 -35.14 -2.66 -16.79
N GLY B 465 -36.01 -3.24 -17.60
CA GLY B 465 -36.31 -2.66 -18.90
C GLY B 465 -37.02 -1.32 -18.83
N SER B 466 -37.72 -1.05 -17.72
CA SER B 466 -38.39 0.24 -17.58
C SER B 466 -37.39 1.39 -17.51
N LEU B 467 -36.32 1.23 -16.74
CA LEU B 467 -35.31 2.28 -16.64
C LEU B 467 -34.71 2.59 -18.00
N ASP B 468 -34.22 1.54 -18.68
CA ASP B 468 -33.59 1.65 -19.99
C ASP B 468 -33.61 0.26 -20.59
N PRO B 469 -34.19 -0.02 -21.78
CA PRO B 469 -34.26 -1.41 -22.26
C PRO B 469 -32.89 -2.09 -22.31
N ARG B 470 -31.83 -1.28 -22.38
CA ARG B 470 -30.46 -1.85 -22.49
C ARG B 470 -30.02 -2.41 -21.13
N PHE B 471 -30.93 -2.42 -20.15
CA PHE B 471 -30.61 -2.96 -18.80
C PHE B 471 -31.24 -4.34 -18.64
N ARG B 472 -32.06 -4.77 -19.61
CA ARG B 472 -32.76 -6.08 -19.49
C ARG B 472 -31.72 -7.20 -19.60
N GLN B 473 -30.52 -6.88 -20.05
CA GLN B 473 -29.43 -7.87 -20.20
C GLN B 473 -28.96 -8.32 -18.84
N TYR B 474 -29.20 -7.50 -17.82
CA TYR B 474 -28.68 -7.81 -16.49
C TYR B 474 -29.60 -8.72 -15.69
N THR B 475 -30.79 -9.07 -16.22
CA THR B 475 -31.75 -9.84 -15.45
C THR B 475 -31.11 -11.09 -14.85
N TYR B 476 -30.62 -11.98 -15.70
CA TYR B 476 -30.04 -13.23 -15.22
C TYR B 476 -28.89 -12.99 -14.27
N GLY B 477 -28.20 -11.86 -14.38
CA GLY B 477 -27.15 -11.55 -13.42
C GLY B 477 -27.70 -11.37 -12.03
N LEU B 478 -28.78 -10.60 -11.90
CA LEU B 478 -29.37 -10.36 -10.59
C LEU B 478 -30.09 -11.60 -10.08
N VAL B 479 -30.90 -12.23 -10.94
CA VAL B 479 -31.78 -13.31 -10.49
C VAL B 479 -30.98 -14.46 -9.93
N SER B 480 -29.88 -14.83 -10.59
CA SER B 480 -29.08 -15.95 -10.12
C SER B 480 -28.45 -15.68 -8.76
N CYS B 481 -28.42 -14.43 -8.31
CA CYS B 481 -27.94 -14.08 -6.99
C CYS B 481 -29.05 -14.01 -5.95
N GLY B 482 -30.29 -14.28 -6.33
CA GLY B 482 -31.40 -14.28 -5.40
C GLY B 482 -32.10 -12.95 -5.23
N LEU B 483 -31.62 -11.89 -5.89
CA LEU B 483 -32.24 -10.58 -5.74
C LEU B 483 -33.65 -10.57 -6.33
N ASP B 484 -34.51 -9.76 -5.73
CA ASP B 484 -35.89 -9.60 -6.17
C ASP B 484 -36.27 -8.13 -6.02
N ARG B 485 -37.49 -7.79 -6.45
CA ARG B 485 -37.95 -6.42 -6.30
C ARG B 485 -38.03 -6.00 -4.84
N SER B 486 -38.17 -6.96 -3.94
CA SER B 486 -38.30 -6.67 -2.51
C SER B 486 -36.97 -6.63 -1.78
N LEU B 487 -35.85 -6.92 -2.46
CA LEU B 487 -34.53 -6.92 -1.85
C LEU B 487 -33.57 -5.95 -2.51
N LEU B 488 -34.01 -5.22 -3.54
CA LEU B 488 -33.08 -4.39 -4.30
C LEU B 488 -32.65 -3.16 -3.51
N HIS B 489 -33.55 -2.59 -2.71
CA HIS B 489 -33.24 -1.33 -2.04
C HIS B 489 -32.09 -1.46 -1.04
N ARG B 490 -31.74 -2.67 -0.62
CA ARG B 490 -30.68 -2.88 0.34
C ARG B 490 -29.35 -3.29 -0.29
N VAL B 491 -29.26 -3.30 -1.62
CA VAL B 491 -28.05 -3.74 -2.30
C VAL B 491 -27.05 -2.59 -2.33
N SER B 492 -25.79 -2.90 -2.62
CA SER B 492 -24.71 -1.92 -2.65
C SER B 492 -23.94 -2.04 -3.96
N GLU B 493 -23.14 -1.01 -4.24
CA GLU B 493 -22.40 -0.98 -5.51
C GLU B 493 -21.39 -2.11 -5.60
N GLN B 494 -20.76 -2.46 -4.49
CA GLN B 494 -19.74 -3.54 -4.51
C GLN B 494 -20.43 -4.87 -4.80
N GLN B 495 -21.65 -5.08 -4.30
CA GLN B 495 -22.39 -6.30 -4.61
C GLN B 495 -22.79 -6.33 -6.08
N LEU B 496 -23.22 -5.20 -6.62
CA LEU B 496 -23.59 -5.16 -8.04
C LEU B 496 -22.37 -5.36 -8.95
N LEU B 497 -21.19 -4.97 -8.47
CA LEU B 497 -19.98 -5.13 -9.28
C LEU B 497 -19.46 -6.56 -9.23
N GLU B 498 -19.16 -7.05 -8.03
CA GLU B 498 -18.51 -8.35 -7.89
C GLU B 498 -19.48 -9.51 -8.15
N ASP B 499 -20.71 -9.42 -7.64
CA ASP B 499 -21.62 -10.55 -7.68
C ASP B 499 -22.51 -10.53 -8.92
N CYS B 500 -23.21 -9.42 -9.16
CA CYS B 500 -24.12 -9.33 -10.30
C CYS B 500 -23.39 -9.04 -11.61
N GLY B 501 -22.10 -8.73 -11.56
CA GLY B 501 -21.33 -8.54 -12.77
C GLY B 501 -21.78 -7.38 -13.64
N ILE B 502 -21.94 -6.21 -13.05
CA ILE B 502 -22.27 -4.99 -13.78
C ILE B 502 -21.00 -4.17 -13.88
N HIS B 503 -20.35 -4.20 -15.05
CA HIS B 503 -19.02 -3.63 -15.18
C HIS B 503 -19.05 -2.11 -15.30
N LEU B 504 -19.95 -1.56 -16.10
CA LEU B 504 -19.98 -0.12 -16.33
C LEU B 504 -20.49 0.61 -15.09
N GLY B 505 -19.75 1.64 -14.68
CA GLY B 505 -20.15 2.40 -13.51
C GLY B 505 -21.44 3.19 -13.72
N VAL B 506 -21.68 3.66 -14.94
CA VAL B 506 -22.88 4.44 -15.20
C VAL B 506 -24.12 3.59 -14.93
N HIS B 507 -24.13 2.36 -15.43
CA HIS B 507 -25.28 1.48 -15.23
C HIS B 507 -25.45 1.13 -13.77
N ARG B 508 -24.34 0.87 -13.07
CA ARG B 508 -24.42 0.58 -11.64
C ARG B 508 -25.05 1.75 -10.89
N ALA B 509 -24.59 2.97 -11.18
CA ALA B 509 -25.12 4.14 -10.49
C ALA B 509 -26.60 4.33 -10.80
N ARG B 510 -26.99 4.16 -12.07
CA ARG B 510 -28.39 4.33 -12.43
C ARG B 510 -29.27 3.30 -11.73
N ILE B 511 -28.82 2.04 -11.71
CA ILE B 511 -29.61 0.99 -11.07
C ILE B 511 -29.73 1.25 -9.57
N LEU B 512 -28.63 1.64 -8.92
CA LEU B 512 -28.69 1.92 -7.50
C LEU B 512 -29.61 3.10 -7.19
N THR B 513 -29.53 4.15 -8.00
CA THR B 513 -30.39 5.31 -7.78
C THR B 513 -31.86 4.95 -7.96
N ALA B 514 -32.16 4.13 -8.97
CA ALA B 514 -33.55 3.72 -9.19
C ALA B 514 -34.05 2.80 -8.08
N ALA B 515 -33.19 1.92 -7.57
CA ALA B 515 -33.62 0.98 -6.55
C ALA B 515 -33.78 1.65 -5.19
N ARG B 516 -32.90 2.60 -4.86
CA ARG B 516 -32.95 3.25 -3.56
C ARG B 516 -34.15 4.18 -3.41
N GLU B 517 -34.89 4.44 -4.49
CA GLU B 517 -36.17 5.14 -4.42
C GLU B 517 -37.32 4.18 -4.17
N MET B 518 -37.05 3.00 -3.60
CA MET B 518 -38.06 1.99 -3.31
C MET B 518 -38.80 1.59 -4.58
N LEU B 519 -38.03 1.13 -5.56
CA LEU B 519 -38.57 0.60 -6.80
C LEU B 519 -39.53 1.59 -7.45
N VAL C 34 18.61 36.77 -56.78
CA VAL C 34 19.73 37.56 -57.37
C VAL C 34 19.78 38.95 -56.75
N GLN C 35 20.95 39.33 -56.24
CA GLN C 35 21.14 40.62 -55.62
C GLN C 35 21.68 41.67 -56.58
N ASP C 36 21.82 41.33 -57.87
CA ASP C 36 22.36 42.29 -58.83
C ASP C 36 21.50 43.54 -58.89
N ALA C 37 20.19 43.38 -58.93
CA ALA C 37 19.30 44.53 -58.89
C ALA C 37 19.47 45.31 -57.59
N LEU C 38 19.60 44.59 -56.47
CA LEU C 38 19.82 45.25 -55.18
C LEU C 38 21.13 46.03 -55.19
N GLU C 39 22.20 45.42 -55.69
CA GLU C 39 23.49 46.11 -55.73
C GLU C 39 23.42 47.33 -56.62
N ARG C 40 22.75 47.24 -57.76
CA ARG C 40 22.60 48.40 -58.64
C ARG C 40 21.78 49.50 -57.97
N ALA C 41 20.71 49.11 -57.27
CA ALA C 41 19.70 50.08 -56.81
C ALA C 41 20.21 50.86 -55.58
N LEU C 42 21.04 50.23 -54.75
CA LEU C 42 21.39 50.82 -53.42
C LEU C 42 22.25 52.09 -53.59
N PRO C 43 23.37 52.11 -54.34
CA PRO C 43 24.04 53.36 -54.71
C PRO C 43 23.08 54.52 -55.02
N GLU C 44 22.13 54.30 -55.94
CA GLU C 44 21.18 55.33 -56.31
C GLU C 44 20.33 55.75 -55.11
N LEU C 45 19.91 54.77 -54.30
CA LEU C 45 19.13 55.09 -53.11
C LEU C 45 19.94 55.93 -52.14
N GLN C 46 21.22 55.59 -51.95
CA GLN C 46 22.08 56.37 -51.06
C GLN C 46 22.25 57.79 -51.57
N GLN C 47 22.46 57.95 -52.89
CA GLN C 47 22.60 59.28 -53.46
C GLN C 47 21.33 60.09 -53.26
N ALA C 48 20.17 59.46 -53.49
CA ALA C 48 18.90 60.16 -53.30
C ALA C 48 18.70 60.56 -51.85
N LEU C 49 19.04 59.66 -50.91
CA LEU C 49 18.90 59.99 -49.50
C LEU C 49 19.82 61.15 -49.11
N SER C 50 21.05 61.14 -49.62
CA SER C 50 21.96 62.25 -49.32
C SER C 50 21.43 63.56 -49.90
N ALA C 51 20.90 63.52 -51.12
CA ALA C 51 20.34 64.73 -51.71
C ALA C 51 19.16 65.24 -50.89
N LEU C 52 18.29 64.33 -50.45
CA LEU C 52 17.16 64.73 -49.61
C LEU C 52 17.64 65.35 -48.31
N LYS C 53 18.65 64.75 -47.68
CA LYS C 53 19.24 65.33 -46.49
C LYS C 53 19.83 66.71 -46.78
N GLN C 54 20.35 66.91 -47.99
CA GLN C 54 20.87 68.21 -48.41
C GLN C 54 19.78 69.14 -48.90
N ALA C 55 18.53 68.68 -48.98
CA ALA C 55 17.44 69.53 -49.45
C ALA C 55 17.04 70.51 -48.35
N GLY C 56 17.23 71.79 -48.62
CA GLY C 56 16.88 72.85 -47.69
C GLY C 56 15.58 73.56 -47.99
N GLY C 57 14.90 73.21 -49.08
CA GLY C 57 13.67 73.86 -49.46
C GLY C 57 12.64 72.87 -49.92
N ALA C 58 11.43 73.36 -50.18
CA ALA C 58 10.35 72.48 -50.60
C ALA C 58 10.64 71.83 -51.94
N ARG C 59 11.22 72.58 -52.88
CA ARG C 59 11.47 72.04 -54.21
C ARG C 59 12.44 70.86 -54.16
N ALA C 60 13.56 71.03 -53.47
CA ALA C 60 14.54 69.95 -53.37
C ALA C 60 13.97 68.77 -52.60
N VAL C 61 13.21 69.04 -51.54
CA VAL C 61 12.57 67.96 -50.78
C VAL C 61 11.68 67.14 -51.69
N GLY C 62 10.84 67.81 -52.47
CA GLY C 62 9.95 67.11 -53.37
C GLY C 62 10.70 66.32 -54.44
N ALA C 63 11.77 66.92 -54.98
CA ALA C 63 12.55 66.22 -55.99
C ALA C 63 13.16 64.95 -55.42
N GLY C 64 13.75 65.02 -54.23
CA GLY C 64 14.33 63.85 -53.61
C GLY C 64 13.29 62.80 -53.28
N LEU C 65 12.13 63.24 -52.77
CA LEU C 65 11.06 62.29 -52.45
C LEU C 65 10.59 61.58 -53.71
N ALA C 66 10.43 62.31 -54.81
CA ALA C 66 10.01 61.69 -56.06
C ALA C 66 11.07 60.70 -56.56
N GLU C 67 12.35 61.08 -56.43
CA GLU C 67 13.41 60.17 -56.86
C GLU C 67 13.38 58.87 -56.07
N VAL C 68 13.28 58.96 -54.74
CA VAL C 68 13.28 57.74 -53.92
C VAL C 68 12.02 56.93 -54.18
N PHE C 69 10.88 57.59 -54.38
CA PHE C 69 9.65 56.88 -54.70
C PHE C 69 9.78 56.11 -56.00
N GLN C 70 10.34 56.75 -57.03
CA GLN C 70 10.54 56.06 -58.30
C GLN C 70 11.48 54.87 -58.11
N LEU C 71 12.56 55.06 -57.36
CA LEU C 71 13.52 53.98 -57.18
C LEU C 71 12.88 52.79 -56.48
N VAL C 72 12.11 53.04 -55.41
CA VAL C 72 11.52 51.91 -54.63
C VAL C 72 10.42 51.24 -55.45
N GLU C 73 9.64 52.02 -56.21
CA GLU C 73 8.53 51.46 -57.02
C GLU C 73 9.06 50.51 -58.10
N GLU C 74 10.19 50.87 -58.72
CA GLU C 74 10.74 50.04 -59.81
C GLU C 74 11.07 48.66 -59.23
N ALA C 75 11.65 48.62 -58.03
CA ALA C 75 11.96 47.33 -57.35
C ALA C 75 10.66 46.60 -56.99
N TRP C 76 9.64 47.33 -56.52
CA TRP C 76 8.39 46.67 -56.06
C TRP C 76 7.66 46.01 -57.25
N LEU C 77 7.99 46.42 -58.48
CA LEU C 77 7.29 45.87 -59.67
C LEU C 77 8.26 44.99 -60.44
N LEU C 78 9.14 44.29 -59.74
CA LEU C 78 10.17 43.52 -60.46
C LEU C 78 9.77 42.05 -60.49
N PRO C 79 9.69 41.37 -61.67
CA PRO C 79 9.20 39.99 -61.67
C PRO C 79 10.03 39.01 -60.84
N ALA C 80 9.37 38.14 -60.06
CA ALA C 80 10.06 37.09 -59.27
C ALA C 80 10.92 37.61 -58.11
N VAL C 81 11.77 38.63 -58.33
CA VAL C 81 12.71 39.03 -57.22
C VAL C 81 12.28 40.34 -56.57
N GLY C 82 11.19 40.97 -57.04
CA GLY C 82 10.77 42.28 -56.52
C GLY C 82 10.71 42.40 -55.01
N ARG C 83 10.12 41.43 -54.31
CA ARG C 83 9.92 41.54 -52.87
C ARG C 83 11.23 41.62 -52.09
N GLU C 84 12.20 40.77 -52.41
CA GLU C 84 13.49 40.80 -51.72
C GLU C 84 14.26 42.07 -52.04
N VAL C 85 14.32 42.43 -53.33
CA VAL C 85 15.06 43.60 -53.76
C VAL C 85 14.32 44.90 -53.48
N ALA C 86 13.14 44.83 -52.87
CA ALA C 86 12.49 46.00 -52.31
C ALA C 86 12.60 46.06 -50.81
N GLN C 87 12.54 44.90 -50.14
CA GLN C 87 12.82 44.85 -48.72
C GLN C 87 14.25 45.28 -48.43
N GLY C 88 15.16 45.06 -49.39
CA GLY C 88 16.52 45.55 -49.22
C GLY C 88 16.60 47.05 -49.16
N LEU C 89 15.93 47.74 -50.08
CA LEU C 89 15.91 49.20 -50.05
C LEU C 89 15.16 49.71 -48.83
N CYS C 90 14.12 48.98 -48.42
CA CYS C 90 13.37 49.37 -47.20
C CYS C 90 14.31 49.32 -45.99
N ASP C 91 15.21 48.32 -45.96
CA ASP C 91 16.27 48.21 -44.93
C ASP C 91 17.21 49.43 -45.03
N ALA C 92 17.69 49.70 -46.24
CA ALA C 92 18.67 50.80 -46.45
C ALA C 92 18.05 52.15 -46.06
N ILE C 93 16.72 52.25 -46.13
CA ILE C 93 16.05 53.47 -45.68
C ILE C 93 15.86 53.45 -44.17
N ARG C 94 15.61 52.25 -43.62
CA ARG C 94 15.45 52.08 -42.15
C ARG C 94 16.69 52.61 -41.44
N LEU C 95 17.88 52.17 -41.88
CA LEU C 95 19.14 52.78 -41.50
C LEU C 95 19.31 54.09 -42.25
N ASP C 96 20.42 54.77 -41.99
CA ASP C 96 20.75 56.07 -42.59
C ASP C 96 19.78 57.16 -42.17
N GLY C 97 18.90 56.89 -41.20
CA GLY C 97 17.97 57.90 -40.73
C GLY C 97 16.86 58.24 -41.70
N GLY C 98 16.60 57.40 -42.70
CA GLY C 98 15.59 57.72 -43.69
C GLY C 98 14.19 57.84 -43.10
N LEU C 99 13.81 56.88 -42.24
CA LEU C 99 12.46 56.88 -41.70
C LEU C 99 12.22 58.12 -40.84
N ASP C 100 13.20 58.49 -40.00
CA ASP C 100 13.05 59.68 -39.17
C ASP C 100 12.95 60.93 -40.03
N LEU C 101 13.76 61.01 -41.09
CA LEU C 101 13.69 62.16 -41.98
C LEU C 101 12.32 62.26 -42.64
N LEU C 102 11.78 61.14 -43.12
CA LEU C 102 10.46 61.15 -43.73
C LEU C 102 9.39 61.56 -42.73
N LEU C 103 9.49 61.08 -41.49
CA LEU C 103 8.53 61.46 -40.47
C LEU C 103 8.61 62.98 -40.19
N ARG C 104 9.83 63.50 -40.08
CA ARG C 104 9.98 64.93 -39.82
C ARG C 104 9.42 65.75 -40.98
N LEU C 105 9.64 65.30 -42.21
CA LEU C 105 9.02 65.98 -43.35
C LEU C 105 7.50 65.90 -43.27
N LEU C 106 6.97 64.74 -42.88
CA LEU C 106 5.54 64.61 -42.65
C LEU C 106 5.04 65.59 -41.60
N GLN C 107 5.91 66.00 -40.68
CA GLN C 107 5.57 67.06 -39.73
C GLN C 107 5.78 68.45 -40.31
N ALA C 108 6.19 68.57 -41.57
CA ALA C 108 6.50 69.87 -42.13
C ALA C 108 5.24 70.74 -42.23
N PRO C 109 5.37 72.06 -42.06
CA PRO C 109 4.20 72.93 -42.19
C PRO C 109 3.54 72.86 -43.55
N GLU C 110 4.31 72.66 -44.62
CA GLU C 110 3.76 72.69 -45.97
C GLU C 110 3.11 71.36 -46.29
N LEU C 111 1.81 71.40 -46.65
CA LEU C 111 1.09 70.18 -46.97
C LEU C 111 1.57 69.54 -48.27
N GLU C 112 2.12 70.34 -49.19
CA GLU C 112 2.60 69.77 -50.45
C GLU C 112 3.71 68.78 -50.21
N THR C 113 4.59 69.06 -49.24
CA THR C 113 5.61 68.08 -48.87
C THR C 113 5.03 66.96 -48.01
N ARG C 114 4.03 67.29 -47.18
CA ARG C 114 3.38 66.28 -46.30
C ARG C 114 2.80 65.15 -47.15
N VAL C 115 2.11 65.50 -48.24
CA VAL C 115 1.43 64.50 -49.06
C VAL C 115 2.45 63.54 -49.67
N GLN C 116 3.57 64.07 -50.18
CA GLN C 116 4.59 63.20 -50.75
C GLN C 116 5.28 62.37 -49.68
N ALA C 117 5.48 62.95 -48.49
CA ALA C 117 6.07 62.18 -47.40
C ALA C 117 5.20 60.99 -47.04
N ALA C 118 3.88 61.22 -46.94
CA ALA C 118 2.96 60.12 -46.67
C ALA C 118 2.93 59.12 -47.82
N ARG C 119 3.02 59.62 -49.07
CA ARG C 119 3.05 58.72 -50.21
C ARG C 119 4.23 57.77 -50.13
N LEU C 120 5.41 58.27 -49.77
CA LEU C 120 6.58 57.41 -49.61
C LEU C 120 6.50 56.54 -48.36
N LEU C 121 5.90 57.04 -47.28
CA LEU C 121 5.78 56.26 -46.05
C LEU C 121 4.79 55.12 -46.19
N GLU C 122 3.84 55.22 -47.12
CA GLU C 122 2.87 54.16 -47.36
C GLU C 122 3.50 52.96 -48.05
N GLN C 123 4.51 53.18 -48.89
CA GLN C 123 5.08 52.12 -49.70
C GLN C 123 6.33 51.49 -49.09
N ILE C 124 6.63 51.76 -47.82
CA ILE C 124 7.83 51.22 -47.19
C ILE C 124 7.54 50.46 -45.91
N LEU C 125 6.31 50.47 -45.40
CA LEU C 125 6.04 49.93 -44.06
C LEU C 125 6.06 48.41 -44.03
N VAL C 126 7.24 47.81 -44.24
CA VAL C 126 7.44 46.40 -43.94
C VAL C 126 7.57 46.27 -42.43
N ALA C 127 7.53 45.05 -41.92
CA ALA C 127 7.59 44.79 -40.49
C ALA C 127 8.76 45.50 -39.82
N GLU C 128 9.94 45.46 -40.45
CA GLU C 128 11.15 46.03 -39.83
C GLU C 128 11.16 47.57 -39.94
N ASN C 129 10.39 48.13 -40.88
CA ASN C 129 10.09 49.55 -40.94
C ASN C 129 8.78 49.90 -40.23
N ARG C 130 8.02 48.90 -39.80
CA ARG C 130 6.76 49.13 -39.11
C ARG C 130 6.90 49.20 -37.60
N ASP C 131 7.73 48.33 -37.02
CA ASP C 131 7.92 48.37 -35.57
C ASP C 131 8.55 49.69 -35.12
N ARG C 132 9.50 50.22 -35.88
CA ARG C 132 10.09 51.51 -35.55
C ARG C 132 9.04 52.61 -35.55
N VAL C 133 8.19 52.64 -36.57
CA VAL C 133 7.14 53.67 -36.63
C VAL C 133 6.18 53.50 -35.46
N ALA C 134 5.85 52.26 -35.11
CA ALA C 134 4.97 52.02 -33.97
C ALA C 134 5.59 52.55 -32.69
N ARG C 135 6.90 52.35 -32.51
CA ARG C 135 7.57 52.84 -31.31
C ARG C 135 7.66 54.36 -31.30
N ILE C 136 7.90 54.97 -32.46
CA ILE C 136 8.19 56.39 -32.57
C ILE C 136 7.09 57.14 -33.29
N GLY C 137 6.72 56.69 -34.49
CA GLY C 137 5.83 57.43 -35.35
C GLY C 137 4.36 57.35 -35.03
N LEU C 138 3.98 56.58 -34.01
CA LEU C 138 2.58 56.55 -33.59
C LEU C 138 2.24 57.82 -32.82
N GLY C 139 0.99 58.24 -32.93
CA GLY C 139 0.55 59.48 -32.33
C GLY C 139 0.57 60.65 -33.30
N VAL C 140 1.74 60.95 -33.87
CA VAL C 140 1.82 62.02 -34.85
C VAL C 140 0.97 61.68 -36.07
N ILE C 141 1.03 60.42 -36.53
CA ILE C 141 0.17 59.99 -37.63
C ILE C 141 -1.29 60.01 -37.20
N LEU C 142 -1.56 59.66 -35.94
CA LEU C 142 -2.93 59.71 -35.44
C LEU C 142 -3.49 61.13 -35.54
N ASN C 143 -2.71 62.10 -35.08
CA ASN C 143 -3.17 63.51 -35.16
C ASN C 143 -3.31 63.90 -36.62
N LEU C 144 -2.34 63.55 -37.47
CA LEU C 144 -2.40 63.90 -38.88
C LEU C 144 -3.66 63.36 -39.54
N ALA C 145 -4.09 62.17 -39.13
CA ALA C 145 -5.29 61.57 -39.71
C ALA C 145 -6.53 62.42 -39.45
N LYS C 146 -6.46 63.33 -38.48
CA LYS C 146 -7.64 64.15 -38.09
C LYS C 146 -8.04 65.13 -39.20
N GLU C 147 -7.18 65.33 -40.20
CA GLU C 147 -7.58 66.17 -41.36
C GLU C 147 -8.41 65.26 -42.27
N ARG C 148 -9.73 65.28 -42.12
CA ARG C 148 -10.57 64.32 -42.89
C ARG C 148 -10.97 64.93 -44.24
N GLU C 149 -10.57 66.18 -44.48
CA GLU C 149 -11.03 66.89 -45.70
C GLU C 149 -10.15 66.57 -46.92
N PRO C 150 -8.82 66.73 -46.90
CA PRO C 150 -8.01 66.53 -48.10
C PRO C 150 -8.13 65.11 -48.63
N VAL C 151 -8.05 64.98 -49.96
CA VAL C 151 -8.23 63.68 -50.61
C VAL C 151 -6.91 62.91 -50.69
N GLU C 152 -5.84 63.55 -51.18
CA GLU C 152 -4.56 62.86 -51.29
C GLU C 152 -4.03 62.49 -49.92
N LEU C 153 -4.09 63.42 -48.96
CA LEU C 153 -3.65 63.12 -47.60
C LEU C 153 -4.49 62.02 -47.00
N ALA C 154 -5.80 62.05 -47.22
CA ALA C 154 -6.67 61.00 -46.70
C ALA C 154 -6.29 59.64 -47.28
N ARG C 155 -6.03 59.58 -48.59
CA ARG C 155 -5.66 58.32 -49.21
C ARG C 155 -4.35 57.78 -48.64
N SER C 156 -3.33 58.65 -48.55
CA SER C 156 -2.05 58.22 -48.01
C SER C 156 -2.19 57.75 -46.57
N VAL C 157 -2.94 58.50 -45.75
CA VAL C 157 -3.10 58.14 -44.35
C VAL C 157 -3.89 56.84 -44.22
N ALA C 158 -4.86 56.60 -45.10
CA ALA C 158 -5.55 55.32 -45.09
C ALA C 158 -4.58 54.19 -45.39
N GLY C 159 -3.67 54.41 -46.33
CA GLY C 159 -2.63 53.42 -46.56
C GLY C 159 -1.79 53.18 -45.31
N ILE C 160 -1.41 54.25 -44.62
CA ILE C 160 -0.59 54.10 -43.42
C ILE C 160 -1.33 53.27 -42.38
N LEU C 161 -2.60 53.59 -42.13
CA LEU C 161 -3.35 52.86 -41.12
C LEU C 161 -3.60 51.41 -41.51
N GLU C 162 -3.90 51.14 -42.78
CA GLU C 162 -4.11 49.76 -43.19
C GLU C 162 -2.84 48.95 -42.99
N HIS C 163 -1.69 49.52 -43.33
CA HIS C 163 -0.45 48.77 -43.23
C HIS C 163 0.09 48.75 -41.80
N MET C 164 -0.49 49.57 -40.91
CA MET C 164 0.01 49.64 -39.51
C MET C 164 -0.82 48.72 -38.63
N PHE C 165 -2.11 48.55 -38.94
CA PHE C 165 -3.01 47.70 -38.10
C PHE C 165 -2.45 46.28 -37.99
N LYS C 166 -1.48 45.92 -38.85
CA LYS C 166 -0.94 44.56 -38.84
C LYS C 166 0.17 44.39 -37.81
N HIS C 167 0.19 45.23 -36.78
CA HIS C 167 1.15 45.14 -35.69
C HIS C 167 0.47 44.45 -34.51
N SER C 168 1.25 44.16 -33.47
CA SER C 168 0.75 43.39 -32.33
C SER C 168 -0.56 43.96 -31.80
N GLU C 169 -1.34 43.13 -31.11
CA GLU C 169 -2.70 43.50 -30.75
C GLU C 169 -2.75 44.71 -29.83
N GLU C 170 -1.68 44.96 -29.06
CA GLU C 170 -1.64 46.16 -28.23
C GLU C 170 -1.60 47.39 -29.14
N THR C 171 -0.92 47.29 -30.29
CA THR C 171 -0.93 48.45 -31.22
C THR C 171 -2.36 48.65 -31.72
N CYS C 172 -3.09 47.57 -31.99
CA CYS C 172 -4.49 47.75 -32.37
C CYS C 172 -5.32 48.39 -31.25
N GLN C 173 -5.09 47.97 -30.01
CA GLN C 173 -5.78 48.59 -28.88
C GLN C 173 -5.57 50.10 -28.86
N ARG C 174 -4.31 50.52 -28.94
CA ARG C 174 -4.03 51.96 -28.84
C ARG C 174 -4.55 52.72 -30.06
N LEU C 175 -4.46 52.12 -31.25
CA LEU C 175 -5.00 52.77 -32.43
C LEU C 175 -6.51 52.95 -32.34
N VAL C 176 -7.23 51.92 -31.87
CA VAL C 176 -8.68 52.05 -31.74
C VAL C 176 -9.02 53.05 -30.64
N ALA C 177 -8.23 53.09 -29.57
CA ALA C 177 -8.48 54.07 -28.51
C ALA C 177 -8.43 55.49 -29.05
N ALA C 178 -7.52 55.75 -29.98
CA ALA C 178 -7.45 57.03 -30.67
C ALA C 178 -8.54 57.07 -31.74
N GLY C 179 -8.47 58.07 -32.62
CA GLY C 179 -9.48 58.27 -33.64
C GLY C 179 -9.27 57.48 -34.92
N GLY C 180 -8.28 56.59 -34.96
CA GLY C 180 -7.99 55.89 -36.21
C GLY C 180 -9.17 55.08 -36.71
N LEU C 181 -9.77 54.28 -35.82
CA LEU C 181 -10.92 53.48 -36.22
C LEU C 181 -12.08 54.37 -36.64
N ASP C 182 -12.41 55.36 -35.81
CA ASP C 182 -13.46 56.30 -36.17
C ASP C 182 -13.12 57.06 -37.43
N ALA C 183 -11.85 57.43 -37.61
CA ALA C 183 -11.45 58.17 -38.80
C ALA C 183 -11.68 57.34 -40.06
N VAL C 184 -11.26 56.07 -40.04
CA VAL C 184 -11.45 55.24 -41.23
C VAL C 184 -12.94 54.98 -41.47
N LEU C 185 -13.71 54.77 -40.40
CA LEU C 185 -15.14 54.58 -40.55
C LEU C 185 -15.77 55.82 -41.19
N TYR C 186 -15.30 57.01 -40.80
CA TYR C 186 -15.83 58.24 -41.37
C TYR C 186 -15.44 58.37 -42.83
N TRP C 187 -14.19 58.01 -43.17
CA TRP C 187 -13.79 58.08 -44.58
C TRP C 187 -14.57 57.08 -45.43
N CYS C 188 -15.08 56.01 -44.84
CA CYS C 188 -15.80 55.00 -45.61
C CYS C 188 -16.92 55.59 -46.47
N ARG C 189 -17.34 56.83 -46.16
CA ARG C 189 -18.52 57.41 -46.87
C ARG C 189 -18.11 58.25 -48.09
N ARG C 190 -16.83 58.24 -48.49
CA ARG C 190 -16.43 58.95 -49.70
C ARG C 190 -16.68 58.10 -50.93
N THR C 191 -16.22 58.59 -52.09
CA THR C 191 -16.51 57.88 -53.36
C THR C 191 -15.24 57.48 -54.14
N ASP C 192 -14.11 58.16 -53.94
CA ASP C 192 -12.94 57.86 -54.78
C ASP C 192 -12.50 56.42 -54.52
N PRO C 193 -12.31 55.54 -55.55
CA PRO C 193 -12.06 54.12 -55.30
C PRO C 193 -10.88 53.76 -54.39
N ALA C 194 -9.75 54.44 -54.54
CA ALA C 194 -8.55 54.06 -53.80
C ALA C 194 -8.76 54.20 -52.30
N LEU C 195 -9.41 55.29 -51.87
CA LEU C 195 -9.66 55.49 -50.45
C LEU C 195 -10.57 54.40 -49.89
N LEU C 196 -11.63 54.06 -50.62
CA LEU C 196 -12.53 53.01 -50.16
C LEU C 196 -11.83 51.67 -50.08
N ARG C 197 -11.01 51.35 -51.09
CA ARG C 197 -10.28 50.09 -51.06
C ARG C 197 -9.31 50.04 -49.89
N HIS C 198 -8.60 51.15 -49.64
CA HIS C 198 -7.68 51.19 -48.51
C HIS C 198 -8.43 51.04 -47.18
N CYS C 199 -9.60 51.68 -47.06
CA CYS C 199 -10.38 51.54 -45.83
C CYS C 199 -10.83 50.10 -45.63
N ALA C 200 -11.27 49.44 -46.70
CA ALA C 200 -11.68 48.04 -46.59
C ALA C 200 -10.51 47.16 -46.20
N LEU C 201 -9.34 47.39 -46.79
CA LEU C 201 -8.16 46.61 -46.44
C LEU C 201 -7.77 46.83 -44.99
N ALA C 202 -7.84 48.08 -44.51
CA ALA C 202 -7.56 48.35 -43.11
C ALA C 202 -8.54 47.63 -42.20
N LEU C 203 -9.82 47.66 -42.55
CA LEU C 203 -10.83 46.99 -41.74
C LEU C 203 -10.56 45.49 -41.66
N GLY C 204 -10.22 44.88 -42.80
CA GLY C 204 -9.88 43.46 -42.78
C GLY C 204 -8.64 43.16 -41.97
N ASN C 205 -7.61 43.99 -42.11
CA ASN C 205 -6.36 43.76 -41.39
C ASN C 205 -6.57 43.85 -39.89
N CYS C 206 -7.35 44.85 -39.44
CA CYS C 206 -7.60 44.99 -38.01
C CYS C 206 -8.59 43.95 -37.50
N ALA C 207 -9.46 43.42 -38.36
CA ALA C 207 -10.31 42.31 -37.95
C ALA C 207 -9.50 41.03 -37.75
N LEU C 208 -8.50 40.83 -38.60
CA LEU C 208 -7.67 39.63 -38.48
C LEU C 208 -6.68 39.75 -37.34
N HIS C 209 -5.77 40.73 -37.41
CA HIS C 209 -4.70 40.83 -36.43
C HIS C 209 -5.21 41.25 -35.06
N GLY C 210 -6.25 42.08 -35.02
CA GLY C 210 -6.78 42.53 -33.75
C GLY C 210 -7.37 41.40 -32.94
N GLY C 211 -7.38 41.58 -31.63
CA GLY C 211 -7.89 40.58 -30.72
C GLY C 211 -9.41 40.53 -30.69
N GLN C 212 -9.90 39.61 -29.89
CA GLN C 212 -11.36 39.45 -29.77
C GLN C 212 -11.96 40.76 -29.25
N ALA C 213 -11.31 41.40 -28.29
CA ALA C 213 -11.83 42.66 -27.76
C ALA C 213 -11.97 43.71 -28.86
N VAL C 214 -11.01 43.78 -29.77
CA VAL C 214 -11.08 44.74 -30.87
C VAL C 214 -12.30 44.46 -31.73
N GLN C 215 -12.55 43.19 -32.05
CA GLN C 215 -13.69 42.84 -32.88
C GLN C 215 -15.00 43.17 -32.18
N ARG C 216 -15.10 42.85 -30.89
CA ARG C 216 -16.30 43.20 -30.13
C ARG C 216 -16.46 44.71 -30.10
N ARG C 217 -15.36 45.43 -29.92
CA ARG C 217 -15.42 46.88 -29.90
C ARG C 217 -15.96 47.42 -31.22
N MET C 218 -15.44 46.90 -32.33
CA MET C 218 -15.94 47.29 -33.65
C MET C 218 -17.42 47.01 -33.85
N VAL C 219 -17.87 45.83 -33.42
CA VAL C 219 -19.29 45.51 -33.55
C VAL C 219 -20.13 46.50 -32.75
N GLU C 220 -19.71 46.77 -31.51
CA GLU C 220 -20.38 47.79 -30.71
C GLU C 220 -20.21 49.17 -31.34
N LYS C 221 -19.12 49.40 -32.06
CA LYS C 221 -18.98 50.60 -32.89
C LYS C 221 -19.95 50.60 -34.05
N ARG C 222 -20.61 49.47 -34.34
CA ARG C 222 -21.50 49.33 -35.49
C ARG C 222 -20.72 49.23 -36.79
N ALA C 223 -19.44 48.87 -36.72
CA ALA C 223 -18.58 48.82 -37.91
C ALA C 223 -19.08 47.82 -38.94
N ALA C 224 -19.84 46.80 -38.52
CA ALA C 224 -20.34 45.82 -39.48
C ALA C 224 -21.28 46.46 -40.50
N GLU C 225 -22.13 47.38 -40.03
CA GLU C 225 -23.21 47.94 -40.89
C GLU C 225 -22.62 48.91 -41.92
N TRP C 226 -21.53 49.60 -41.55
CA TRP C 226 -20.85 50.55 -42.48
C TRP C 226 -20.35 49.84 -43.73
N LEU C 227 -20.05 48.54 -43.63
CA LEU C 227 -19.47 47.76 -44.76
C LEU C 227 -20.55 47.34 -45.78
N PHE C 228 -21.83 47.27 -45.39
CA PHE C 228 -22.85 46.78 -46.30
C PHE C 228 -22.85 47.52 -47.64
N PRO C 229 -22.85 48.85 -47.68
CA PRO C 229 -22.80 49.52 -49.00
C PRO C 229 -21.57 49.16 -49.80
N LEU C 230 -20.43 48.91 -49.15
CA LEU C 230 -19.22 48.53 -49.87
C LEU C 230 -19.38 47.16 -50.52
N ALA C 231 -19.86 46.18 -49.76
CA ALA C 231 -20.05 44.85 -50.30
C ALA C 231 -21.10 44.85 -51.40
N PHE C 232 -22.19 45.58 -51.21
CA PHE C 232 -23.27 45.63 -52.20
C PHE C 232 -22.93 46.51 -53.39
N SER C 233 -21.86 47.30 -53.33
CA SER C 233 -21.47 48.11 -54.46
C SER C 233 -21.13 47.24 -55.66
N LYS C 234 -20.95 47.89 -56.81
CA LYS C 234 -20.67 47.16 -58.04
C LYS C 234 -19.59 47.84 -58.90
N GLU C 235 -18.96 48.91 -58.41
CA GLU C 235 -17.93 49.58 -59.21
C GLU C 235 -16.71 48.69 -59.40
N ASP C 236 -16.19 48.12 -58.32
CA ASP C 236 -15.03 47.25 -58.37
C ASP C 236 -15.30 45.98 -57.58
N GLU C 237 -14.85 44.85 -58.10
CA GLU C 237 -15.00 43.57 -57.40
C GLU C 237 -14.01 43.44 -56.25
N LEU C 238 -12.85 44.09 -56.35
CA LEU C 238 -11.85 44.00 -55.29
C LEU C 238 -12.38 44.59 -53.98
N LEU C 239 -13.06 45.73 -54.07
CA LEU C 239 -13.62 46.34 -52.87
C LEU C 239 -14.67 45.43 -52.23
N ARG C 240 -15.52 44.82 -53.06
CA ARG C 240 -16.51 43.89 -52.53
C ARG C 240 -15.84 42.69 -51.86
N LEU C 241 -14.78 42.16 -52.48
CA LEU C 241 -14.07 41.04 -51.89
C LEU C 241 -13.47 41.42 -50.53
N HIS C 242 -12.85 42.60 -50.46
CA HIS C 242 -12.26 43.03 -49.19
C HIS C 242 -13.33 43.21 -48.12
N ALA C 243 -14.46 43.81 -48.48
CA ALA C 243 -15.53 43.99 -47.50
C ALA C 243 -16.08 42.65 -47.03
N CYS C 244 -16.24 41.70 -47.95
CA CYS C 244 -16.71 40.38 -47.56
C CYS C 244 -15.71 39.69 -46.65
N LEU C 245 -14.42 39.83 -46.93
CA LEU C 245 -13.40 39.26 -46.05
C LEU C 245 -13.52 39.85 -44.66
N ALA C 246 -13.61 41.17 -44.56
CA ALA C 246 -13.68 41.81 -43.26
C ALA C 246 -14.91 41.34 -42.48
N VAL C 247 -16.07 41.34 -43.14
CA VAL C 247 -17.29 40.99 -42.44
C VAL C 247 -17.28 39.52 -42.03
N ALA C 248 -16.74 38.64 -42.87
CA ALA C 248 -16.66 37.23 -42.52
C ALA C 248 -15.74 37.01 -41.32
N VAL C 249 -14.55 37.64 -41.35
CA VAL C 249 -13.63 37.49 -40.24
C VAL C 249 -14.25 38.02 -38.95
N LEU C 250 -15.01 39.11 -39.05
CA LEU C 250 -15.73 39.60 -37.88
C LEU C 250 -16.77 38.60 -37.41
N ALA C 251 -17.50 38.00 -38.35
CA ALA C 251 -18.58 37.08 -38.01
C ALA C 251 -18.08 35.78 -37.41
N THR C 252 -16.81 35.42 -37.67
CA THR C 252 -16.29 34.15 -37.08
C THR C 252 -16.47 34.17 -35.57
N ASN C 253 -16.38 35.36 -34.96
CA ASN C 253 -16.46 35.49 -33.52
C ASN C 253 -17.90 35.27 -33.08
N LYS C 254 -18.14 34.22 -32.30
CA LYS C 254 -19.50 33.84 -31.94
C LYS C 254 -20.17 34.90 -31.07
N GLU C 255 -19.38 35.64 -30.28
CA GLU C 255 -20.00 36.58 -29.32
C GLU C 255 -20.90 37.59 -30.08
N VAL C 256 -20.53 37.92 -31.32
CA VAL C 256 -21.22 38.97 -32.05
C VAL C 256 -21.70 38.45 -33.39
N GLU C 257 -21.77 37.12 -33.54
CA GLU C 257 -22.15 36.54 -34.82
C GLU C 257 -23.57 36.93 -35.21
N ARG C 258 -24.49 36.92 -34.25
CA ARG C 258 -25.89 37.15 -34.56
C ARG C 258 -26.12 38.56 -35.07
N GLU C 259 -25.64 39.56 -34.33
CA GLU C 259 -25.83 40.95 -34.75
C GLU C 259 -25.10 41.24 -36.05
N VAL C 260 -23.93 40.65 -36.24
CA VAL C 260 -23.21 40.80 -37.50
C VAL C 260 -24.04 40.25 -38.65
N GLU C 261 -24.64 39.07 -38.45
CA GLU C 261 -25.48 38.48 -39.49
C GLU C 261 -26.70 39.35 -39.78
N ARG C 262 -27.29 39.94 -38.74
CA ARG C 262 -28.45 40.80 -38.93
C ARG C 262 -28.16 41.99 -39.82
N SER C 263 -26.88 42.36 -39.98
CA SER C 263 -26.54 43.45 -40.88
C SER C 263 -26.96 43.16 -42.30
N GLY C 264 -26.97 41.88 -42.70
CA GLY C 264 -27.40 41.48 -44.02
C GLY C 264 -26.28 41.33 -45.03
N THR C 265 -25.11 41.92 -44.76
CA THR C 265 -24.00 41.81 -45.71
C THR C 265 -23.37 40.41 -45.69
N LEU C 266 -23.42 39.73 -44.55
CA LEU C 266 -22.80 38.42 -44.45
C LEU C 266 -23.40 37.45 -45.45
N ALA C 267 -24.74 37.44 -45.57
CA ALA C 267 -25.39 36.55 -46.52
C ALA C 267 -24.96 36.81 -47.96
N LEU C 268 -24.39 37.99 -48.23
CA LEU C 268 -23.92 38.32 -49.56
C LEU C 268 -22.56 37.73 -49.88
N VAL C 269 -21.91 37.05 -48.93
CA VAL C 269 -20.56 36.55 -49.15
C VAL C 269 -20.59 35.35 -50.10
N GLU C 270 -21.31 34.30 -49.72
CA GLU C 270 -21.27 33.05 -50.50
C GLU C 270 -21.66 33.23 -51.96
N PRO C 271 -22.72 33.97 -52.30
CA PRO C 271 -23.02 34.16 -53.74
C PRO C 271 -21.90 34.82 -54.51
N LEU C 272 -21.13 35.70 -53.86
CA LEU C 272 -20.09 36.44 -54.57
C LEU C 272 -18.97 35.52 -55.03
N VAL C 273 -18.49 34.66 -54.13
CA VAL C 273 -17.32 33.84 -54.45
C VAL C 273 -17.65 32.83 -55.54
N ALA C 274 -18.87 32.28 -55.53
CA ALA C 274 -19.22 31.23 -56.49
C ALA C 274 -19.23 31.74 -57.92
N SER C 275 -19.28 33.05 -58.13
CA SER C 275 -19.33 33.61 -59.47
C SER C 275 -17.98 34.08 -59.98
N LEU C 276 -17.13 34.65 -59.11
CA LEU C 276 -15.85 35.15 -59.55
C LEU C 276 -14.87 34.01 -59.81
N ASP C 277 -13.93 34.28 -60.71
CA ASP C 277 -12.91 33.30 -61.08
C ASP C 277 -11.60 33.64 -60.38
N PRO C 278 -11.04 32.74 -59.56
CA PRO C 278 -9.77 33.08 -58.90
C PRO C 278 -8.66 33.48 -59.87
N GLY C 279 -8.61 32.84 -61.03
CA GLY C 279 -7.57 33.20 -62.00
C GLY C 279 -7.67 34.65 -62.44
N ARG C 280 -8.87 35.10 -62.79
CA ARG C 280 -9.04 36.51 -63.15
C ARG C 280 -8.76 37.41 -61.95
N PHE C 281 -9.23 37.02 -60.77
CA PHE C 281 -8.90 37.78 -59.56
C PHE C 281 -7.40 37.73 -59.29
N ALA C 282 -6.75 36.62 -59.61
CA ALA C 282 -5.30 36.52 -59.46
C ALA C 282 -4.57 37.26 -60.58
N ARG C 283 -5.19 37.34 -61.77
CA ARG C 283 -4.61 38.11 -62.91
C ARG C 283 -4.54 39.59 -62.52
N CYS C 284 -5.60 40.08 -61.88
CA CYS C 284 -5.55 41.37 -61.20
C CYS C 284 -4.68 41.20 -59.97
N LEU C 285 -4.36 42.31 -59.29
CA LEU C 285 -3.45 42.31 -58.15
C LEU C 285 -2.00 42.12 -58.62
N VAL C 286 -1.81 41.87 -59.91
CA VAL C 286 -0.48 41.80 -60.48
C VAL C 286 -0.25 42.88 -61.54
N ASP C 287 -1.30 43.31 -62.25
CA ASP C 287 -1.21 44.51 -63.07
C ASP C 287 -1.10 45.76 -62.22
N ALA C 288 -1.66 45.75 -61.01
CA ALA C 288 -1.53 46.86 -60.09
C ALA C 288 -0.16 46.83 -59.42
N SER C 289 0.20 47.96 -58.79
CA SER C 289 1.49 48.11 -58.14
C SER C 289 1.41 47.91 -56.63
N ASP C 290 0.27 48.24 -56.02
CA ASP C 290 0.13 48.13 -54.58
C ASP C 290 0.17 46.67 -54.12
N THR C 291 -0.02 45.74 -55.05
CA THR C 291 0.01 44.32 -54.72
C THR C 291 0.75 43.48 -55.75
N SER C 292 1.60 44.06 -56.59
CA SER C 292 2.23 43.35 -57.69
C SER C 292 2.92 42.07 -57.24
N GLN C 293 3.51 42.09 -56.05
CA GLN C 293 4.27 40.96 -55.56
C GLN C 293 3.44 39.97 -54.75
N GLY C 294 2.16 40.24 -54.54
CA GLY C 294 1.28 39.30 -53.88
C GLY C 294 1.13 39.56 -52.40
N ARG C 295 1.03 38.47 -51.65
CA ARG C 295 0.81 38.50 -50.21
C ARG C 295 1.92 37.73 -49.52
N GLY C 296 2.40 38.28 -48.40
CA GLY C 296 3.56 37.74 -47.73
C GLY C 296 3.29 36.47 -46.96
N PRO C 297 4.35 35.89 -46.39
CA PRO C 297 4.20 34.62 -45.65
C PRO C 297 3.43 34.73 -44.34
N ASP C 298 3.37 35.90 -43.72
CA ASP C 298 2.67 36.08 -42.44
C ASP C 298 1.23 36.56 -42.65
N ASP C 299 0.94 37.07 -43.85
CA ASP C 299 -0.44 37.52 -44.15
C ASP C 299 -1.22 36.35 -44.74
N LEU C 300 -0.52 35.28 -45.10
CA LEU C 300 -1.19 34.02 -45.52
C LEU C 300 -1.44 33.16 -44.28
N GLN C 301 -0.49 33.15 -43.33
CA GLN C 301 -0.67 32.41 -42.07
C GLN C 301 -1.96 32.89 -41.43
N ARG C 302 -2.30 34.16 -41.56
CA ARG C 302 -3.51 34.70 -40.88
C ARG C 302 -4.78 34.20 -41.56
N LEU C 303 -4.75 33.97 -42.87
CA LEU C 303 -5.94 33.52 -43.58
C LEU C 303 -6.20 32.04 -43.36
N VAL C 304 -5.14 31.25 -43.13
CA VAL C 304 -5.32 29.80 -43.06
C VAL C 304 -6.38 29.39 -42.04
N PRO C 305 -6.45 29.99 -40.84
CA PRO C 305 -7.49 29.57 -39.89
C PRO C 305 -8.91 29.76 -40.40
N LEU C 306 -9.13 30.60 -41.39
CA LEU C 306 -10.48 30.77 -41.92
C LEU C 306 -11.03 29.46 -42.48
N LEU C 307 -10.16 28.58 -42.96
CA LEU C 307 -10.60 27.26 -43.40
C LEU C 307 -11.07 26.40 -42.24
N ASP C 308 -10.80 26.82 -41.00
CA ASP C 308 -11.20 26.09 -39.80
C ASP C 308 -12.17 26.88 -38.94
N SER C 309 -12.91 27.82 -39.56
CA SER C 309 -13.68 28.78 -38.78
C SER C 309 -15.04 28.25 -38.35
N ASN C 310 -15.47 27.09 -38.86
CA ASN C 310 -16.78 26.51 -38.62
C ASN C 310 -17.92 27.34 -39.23
N ARG C 311 -17.60 28.43 -39.91
CA ARG C 311 -18.59 29.28 -40.56
C ARG C 311 -18.43 29.12 -42.07
N LEU C 312 -19.54 28.85 -42.76
CA LEU C 312 -19.46 28.52 -44.18
C LEU C 312 -18.88 29.67 -44.99
N GLU C 313 -19.34 30.90 -44.73
CA GLU C 313 -18.84 32.04 -45.48
C GLU C 313 -17.35 32.25 -45.24
N ALA C 314 -16.90 32.11 -44.00
CA ALA C 314 -15.50 32.29 -43.69
C ALA C 314 -14.64 31.29 -44.46
N GLN C 315 -15.05 30.02 -44.46
CA GLN C 315 -14.29 29.00 -45.18
C GLN C 315 -14.29 29.27 -46.68
N CYS C 316 -15.44 29.68 -47.23
CA CYS C 316 -15.52 29.95 -48.65
C CYS C 316 -14.57 31.08 -49.04
N ILE C 317 -14.61 32.19 -48.31
CA ILE C 317 -13.79 33.34 -48.67
C ILE C 317 -12.31 33.02 -48.44
N GLY C 318 -11.99 32.31 -47.37
CA GLY C 318 -10.61 31.92 -47.15
C GLY C 318 -10.07 31.03 -48.26
N ALA C 319 -10.87 30.06 -48.70
CA ALA C 319 -10.45 29.21 -49.79
C ALA C 319 -10.27 30.01 -51.08
N PHE C 320 -11.16 30.97 -51.33
CA PHE C 320 -11.02 31.80 -52.52
C PHE C 320 -9.71 32.58 -52.49
N TYR C 321 -9.42 33.23 -51.36
CA TYR C 321 -8.19 34.00 -51.26
C TYR C 321 -6.96 33.10 -51.36
N LEU C 322 -6.99 31.94 -50.72
CA LEU C 322 -5.85 31.04 -50.82
C LEU C 322 -5.65 30.53 -52.24
N CYS C 323 -6.75 30.29 -52.97
CA CYS C 323 -6.63 29.89 -54.36
C CYS C 323 -6.00 31.00 -55.20
N ALA C 324 -6.43 32.25 -54.99
CA ALA C 324 -5.84 33.35 -55.76
C ALA C 324 -4.36 33.51 -55.44
N GLU C 325 -4.00 33.45 -54.15
CA GLU C 325 -2.61 33.58 -53.77
C GLU C 325 -1.77 32.42 -54.29
N ALA C 326 -2.34 31.21 -54.33
CA ALA C 326 -1.63 30.09 -54.93
C ALA C 326 -1.40 30.32 -56.42
N ALA C 327 -2.41 30.87 -57.11
CA ALA C 327 -2.24 31.18 -58.52
C ALA C 327 -1.10 32.17 -58.72
N ILE C 328 -1.01 33.18 -57.85
CA ILE C 328 0.08 34.15 -57.96
C ILE C 328 1.43 33.49 -57.68
N LYS C 329 1.52 32.74 -56.58
CA LYS C 329 2.81 32.24 -56.12
C LYS C 329 3.34 31.14 -57.03
N SER C 330 2.46 30.33 -57.61
CA SER C 330 2.91 29.30 -58.54
C SER C 330 3.60 29.94 -59.74
N LEU C 331 3.04 31.05 -60.24
CA LEU C 331 3.73 31.81 -61.27
C LEU C 331 5.04 32.36 -60.74
N GLN C 332 5.04 32.87 -59.50
CA GLN C 332 6.28 33.31 -58.88
C GLN C 332 7.21 32.15 -58.52
N GLY C 333 6.73 30.92 -58.56
CA GLY C 333 7.55 29.76 -58.22
C GLY C 333 8.02 29.76 -56.78
N LYS C 334 7.10 30.01 -55.84
CA LYS C 334 7.42 30.01 -54.42
C LYS C 334 6.34 29.25 -53.63
N THR C 335 5.84 28.15 -54.19
CA THR C 335 4.72 27.44 -53.56
C THR C 335 5.18 26.82 -52.24
N LYS C 336 6.48 26.71 -51.97
CA LYS C 336 6.87 26.05 -50.70
C LYS C 336 6.24 26.76 -49.51
N VAL C 337 5.93 28.05 -49.64
CA VAL C 337 5.44 28.82 -48.47
C VAL C 337 4.16 28.14 -47.98
N PHE C 338 3.35 27.61 -48.88
CA PHE C 338 2.07 27.03 -48.49
C PHE C 338 2.25 25.80 -47.61
N SER C 339 3.37 25.09 -47.75
CA SER C 339 3.64 23.96 -46.88
C SER C 339 4.05 24.41 -45.49
N ASP C 340 4.88 25.45 -45.39
CA ASP C 340 5.36 25.92 -44.11
C ASP C 340 4.24 26.56 -43.28
N ILE C 341 3.12 26.88 -43.91
CA ILE C 341 2.02 27.57 -43.21
C ILE C 341 0.96 26.60 -42.71
N GLY C 342 0.91 25.39 -43.24
CA GLY C 342 -0.16 24.47 -42.91
C GLY C 342 -1.40 24.62 -43.77
N ALA C 343 -1.28 25.26 -44.93
CA ALA C 343 -2.44 25.46 -45.79
C ALA C 343 -2.81 24.19 -46.54
N ILE C 344 -1.83 23.39 -46.95
CA ILE C 344 -2.11 22.18 -47.71
C ILE C 344 -2.88 21.17 -46.86
N GLN C 345 -2.47 21.00 -45.60
CA GLN C 345 -3.17 20.08 -44.72
C GLN C 345 -4.64 20.50 -44.56
N SER C 346 -4.86 21.79 -44.30
CA SER C 346 -6.23 22.27 -44.12
C SER C 346 -7.04 22.13 -45.39
N LEU C 347 -6.43 22.39 -46.55
CA LEU C 347 -7.16 22.24 -47.81
C LEU C 347 -7.55 20.79 -48.05
N LYS C 348 -6.64 19.86 -47.79
CA LYS C 348 -6.96 18.45 -47.96
C LYS C 348 -8.06 18.01 -47.01
N ARG C 349 -7.99 18.45 -45.75
CA ARG C 349 -9.03 18.11 -44.79
C ARG C 349 -10.38 18.70 -45.21
N LEU C 350 -10.36 19.92 -45.73
CA LEU C 350 -11.60 20.54 -46.20
C LEU C 350 -12.18 19.76 -47.37
N VAL C 351 -11.33 19.29 -48.28
CA VAL C 351 -11.82 18.51 -49.42
C VAL C 351 -12.41 17.19 -48.93
N SER C 352 -11.77 16.56 -47.94
CA SER C 352 -12.23 15.24 -47.51
C SER C 352 -13.55 15.34 -46.74
N TYR C 353 -13.66 16.27 -45.81
CA TYR C 353 -14.76 16.31 -44.83
C TYR C 353 -15.70 17.48 -45.07
N SER C 354 -16.02 17.78 -46.33
CA SER C 354 -16.95 18.86 -46.66
C SER C 354 -18.07 18.33 -47.54
N THR C 355 -19.24 18.97 -47.42
CA THR C 355 -20.40 18.65 -48.22
C THR C 355 -20.82 19.78 -49.15
N ASN C 356 -20.38 21.00 -48.91
CA ASN C 356 -20.72 22.12 -49.78
C ASN C 356 -20.00 21.99 -51.12
N GLY C 357 -20.50 22.73 -52.11
CA GLY C 357 -19.97 22.64 -53.45
C GLY C 357 -18.94 23.69 -53.80
N THR C 358 -19.23 24.96 -53.50
CA THR C 358 -18.34 26.04 -53.91
C THR C 358 -16.99 25.95 -53.20
N LYS C 359 -17.01 25.72 -51.88
CA LYS C 359 -15.75 25.68 -51.16
C LYS C 359 -14.96 24.42 -51.51
N SER C 360 -15.64 23.31 -51.73
CA SER C 360 -14.96 22.10 -52.17
C SER C 360 -14.29 22.31 -53.53
N ALA C 361 -15.00 22.95 -54.47
CA ALA C 361 -14.41 23.22 -55.78
C ALA C 361 -13.20 24.14 -55.66
N LEU C 362 -13.33 25.19 -54.84
CA LEU C 362 -12.21 26.12 -54.67
C LEU C 362 -11.01 25.41 -54.07
N ALA C 363 -11.24 24.57 -53.05
CA ALA C 363 -10.12 23.86 -52.41
C ALA C 363 -9.48 22.90 -53.39
N LYS C 364 -10.28 22.19 -54.18
CA LYS C 364 -9.71 21.25 -55.14
C LYS C 364 -8.88 21.97 -56.19
N ARG C 365 -9.38 23.10 -56.70
CA ARG C 365 -8.61 23.85 -57.67
C ARG C 365 -7.32 24.38 -57.06
N ALA C 366 -7.38 24.86 -55.82
CA ALA C 366 -6.18 25.34 -55.16
C ALA C 366 -5.16 24.21 -55.00
N LEU C 367 -5.61 23.03 -54.58
CA LEU C 367 -4.70 21.91 -54.42
C LEU C 367 -4.07 21.52 -55.75
N ARG C 368 -4.87 21.51 -56.83
CA ARG C 368 -4.30 21.20 -58.14
C ARG C 368 -3.30 22.26 -58.58
N LEU C 369 -3.53 23.52 -58.24
CA LEU C 369 -2.58 24.57 -58.60
C LEU C 369 -1.23 24.33 -57.95
N LEU C 370 -1.21 23.92 -56.68
CA LEU C 370 0.02 23.60 -56.00
C LEU C 370 0.64 22.29 -56.48
N GLY C 371 -0.02 21.57 -57.38
CA GLY C 371 0.49 20.29 -57.84
C GLY C 371 0.37 19.26 -56.74
N GLU C 372 -0.66 19.33 -55.91
CA GLU C 372 -0.81 18.36 -54.79
C GLU C 372 -1.99 17.44 -55.12
N GLU C 373 -2.14 16.33 -54.41
CA GLU C 373 -3.22 15.37 -54.75
C GLU C 373 -4.56 15.89 -54.24
N VAL C 374 -5.66 15.30 -54.66
CA VAL C 374 -6.97 15.71 -54.15
C VAL C 374 -7.62 14.50 -53.48
N PRO C 375 -7.73 14.48 -52.14
CA PRO C 375 -8.32 13.31 -51.50
C PRO C 375 -9.75 13.06 -51.96
N ARG C 376 -10.10 11.78 -52.09
CA ARG C 376 -11.48 11.44 -52.36
C ARG C 376 -12.33 11.64 -51.11
N PRO C 377 -13.60 12.03 -51.26
CA PRO C 377 -14.42 12.30 -50.07
C PRO C 377 -14.58 11.05 -49.22
N ILE C 378 -14.56 11.24 -47.91
CA ILE C 378 -14.77 10.17 -46.95
C ILE C 378 -16.20 10.25 -46.47
N LEU C 379 -16.99 9.22 -46.72
CA LEU C 379 -18.38 9.23 -46.30
C LEU C 379 -18.44 9.26 -44.78
N PRO C 380 -19.29 10.11 -44.18
CA PRO C 380 -19.11 10.44 -42.76
C PRO C 380 -19.75 9.45 -41.79
N SER C 381 -20.66 8.58 -42.24
CA SER C 381 -21.35 7.69 -41.32
C SER C 381 -20.41 6.58 -40.85
N VAL C 382 -19.46 6.93 -39.98
CA VAL C 382 -18.50 5.93 -39.51
C VAL C 382 -19.19 4.79 -38.77
N PRO C 383 -20.13 5.02 -37.86
CA PRO C 383 -20.69 3.91 -37.07
C PRO C 383 -21.29 2.81 -37.92
N SER C 384 -21.68 3.13 -39.15
CA SER C 384 -22.31 2.18 -40.06
C SER C 384 -21.33 1.64 -41.09
N TRP C 385 -20.05 1.57 -40.76
CA TRP C 385 -19.02 1.14 -41.70
C TRP C 385 -18.84 -0.37 -41.66
N LYS C 386 -18.70 -0.96 -42.83
CA LYS C 386 -18.34 -2.37 -42.97
C LYS C 386 -16.85 -2.48 -43.20
N GLU C 387 -16.36 -3.70 -43.47
CA GLU C 387 -14.93 -3.90 -43.64
C GLU C 387 -14.39 -3.10 -44.82
N ALA C 388 -15.14 -3.06 -45.92
CA ALA C 388 -14.63 -2.39 -47.12
C ALA C 388 -14.33 -0.92 -46.86
N GLU C 389 -15.23 -0.24 -46.13
CA GLU C 389 -14.99 1.16 -45.81
C GLU C 389 -13.74 1.33 -44.97
N VAL C 390 -13.52 0.44 -44.00
CA VAL C 390 -12.32 0.52 -43.17
C VAL C 390 -11.08 0.32 -44.01
N GLN C 391 -11.11 -0.64 -44.93
CA GLN C 391 -9.95 -0.85 -45.80
C GLN C 391 -9.67 0.38 -46.65
N THR C 392 -10.72 0.98 -47.21
CA THR C 392 -10.51 2.18 -48.02
C THR C 392 -9.91 3.31 -47.18
N TRP C 393 -10.44 3.53 -45.98
CA TRP C 393 -9.91 4.59 -45.13
C TRP C 393 -8.46 4.30 -44.75
N LEU C 394 -8.14 3.06 -44.44
CA LEU C 394 -6.76 2.70 -44.13
C LEU C 394 -5.84 3.00 -45.30
N GLN C 395 -6.27 2.68 -46.51
CA GLN C 395 -5.46 2.99 -47.68
C GLN C 395 -5.34 4.49 -47.90
N GLN C 396 -6.35 5.26 -47.48
CA GLN C 396 -6.28 6.71 -47.66
C GLN C 396 -5.22 7.34 -46.76
N ILE C 397 -5.21 6.97 -45.48
CA ILE C 397 -4.34 7.62 -44.50
C ILE C 397 -2.91 7.11 -44.53
N GLY C 398 -2.59 6.19 -45.44
CA GLY C 398 -1.24 5.71 -45.57
C GLY C 398 -0.85 4.57 -44.65
N PHE C 399 -1.82 3.87 -44.08
CA PHE C 399 -1.56 2.70 -43.25
C PHE C 399 -1.90 1.42 -44.00
N SER C 400 -1.62 1.38 -45.30
CA SER C 400 -1.95 0.21 -46.11
C SER C 400 -1.15 -1.03 -45.75
N LYS C 401 -0.10 -0.88 -44.95
CA LYS C 401 0.65 -2.04 -44.49
C LYS C 401 -0.15 -2.89 -43.51
N TYR C 402 -1.19 -2.31 -42.89
CA TYR C 402 -1.97 -3.00 -41.87
C TYR C 402 -3.37 -3.37 -42.36
N CYS C 403 -3.60 -3.33 -43.68
CA CYS C 403 -4.89 -3.74 -44.20
C CYS C 403 -5.16 -5.21 -43.92
N GLU C 404 -4.15 -6.06 -44.09
CA GLU C 404 -4.35 -7.49 -43.89
C GLU C 404 -4.72 -7.79 -42.45
N SER C 405 -4.02 -7.18 -41.49
CA SER C 405 -4.31 -7.45 -40.09
C SER C 405 -5.71 -6.95 -39.71
N PHE C 406 -6.09 -5.76 -40.20
CA PHE C 406 -7.42 -5.24 -39.90
C PHE C 406 -8.50 -6.11 -40.50
N ARG C 407 -8.28 -6.60 -41.73
CA ARG C 407 -9.27 -7.45 -42.38
C ARG C 407 -9.39 -8.80 -41.69
N GLU C 408 -8.26 -9.36 -41.24
CA GLU C 408 -8.30 -10.65 -40.57
C GLU C 408 -9.12 -10.59 -39.29
N GLN C 409 -8.97 -9.51 -38.51
CA GLN C 409 -9.70 -9.36 -37.27
C GLN C 409 -11.09 -8.78 -37.47
N GLN C 410 -11.47 -8.47 -38.71
CA GLN C 410 -12.82 -7.98 -39.01
C GLN C 410 -13.15 -6.72 -38.23
N VAL C 411 -12.24 -5.77 -38.25
CA VAL C 411 -12.48 -4.47 -37.63
C VAL C 411 -13.40 -3.67 -38.52
N ASP C 412 -14.53 -3.22 -37.96
CA ASP C 412 -15.52 -2.42 -38.66
C ASP C 412 -15.69 -1.10 -37.92
N GLY C 413 -16.67 -0.31 -38.35
CA GLY C 413 -16.83 1.02 -37.78
C GLY C 413 -17.04 1.00 -36.28
N ASP C 414 -17.90 0.10 -35.79
CA ASP C 414 -18.13 0.02 -34.35
C ASP C 414 -16.88 -0.37 -33.61
N LEU C 415 -16.13 -1.36 -34.13
CA LEU C 415 -14.89 -1.77 -33.49
C LEU C 415 -13.77 -0.78 -33.73
N LEU C 416 -13.84 0.00 -34.81
CA LEU C 416 -12.80 0.99 -35.07
C LEU C 416 -12.93 2.19 -34.15
N LEU C 417 -14.16 2.67 -33.93
CA LEU C 417 -14.37 3.83 -33.07
C LEU C 417 -14.07 3.55 -31.60
N ARG C 418 -13.89 2.28 -31.23
CA ARG C 418 -13.61 1.91 -29.84
C ARG C 418 -12.24 1.27 -29.67
N LEU C 419 -11.37 1.40 -30.67
CA LEU C 419 -10.07 0.76 -30.62
C LEU C 419 -9.19 1.40 -29.56
N THR C 420 -8.31 0.59 -28.97
CA THR C 420 -7.48 1.01 -27.84
C THR C 420 -6.01 0.76 -28.16
N GLU C 421 -5.15 1.17 -27.23
CA GLU C 421 -3.68 1.01 -27.44
C GLU C 421 -3.30 -0.47 -27.39
N GLU C 422 -3.83 -1.20 -26.41
CA GLU C 422 -3.47 -2.64 -26.23
C GLU C 422 -3.96 -3.45 -27.43
N GLU C 423 -5.18 -3.18 -27.91
CA GLU C 423 -5.69 -3.90 -29.07
C GLU C 423 -4.88 -3.59 -30.31
N LEU C 424 -4.41 -2.34 -30.44
CA LEU C 424 -3.53 -1.99 -31.55
C LEU C 424 -2.21 -2.73 -31.45
N GLN C 425 -1.66 -2.85 -30.24
CA GLN C 425 -0.33 -3.40 -30.06
C GLN C 425 -0.33 -4.93 -30.17
N THR C 426 -1.17 -5.60 -29.39
CA THR C 426 -1.10 -7.05 -29.30
C THR C 426 -1.86 -7.75 -30.43
N ASP C 427 -3.05 -7.26 -30.77
CA ASP C 427 -3.94 -7.95 -31.70
C ASP C 427 -3.73 -7.53 -33.14
N LEU C 428 -3.53 -6.24 -33.41
CA LEU C 428 -3.37 -5.76 -34.77
C LEU C 428 -1.91 -5.64 -35.20
N GLY C 429 -0.97 -5.59 -34.26
CA GLY C 429 0.43 -5.69 -34.57
C GLY C 429 1.19 -4.39 -34.73
N MET C 430 0.73 -3.29 -34.12
CA MET C 430 1.44 -2.02 -34.18
C MET C 430 2.37 -1.95 -32.97
N LYS C 431 3.58 -2.48 -33.14
CA LYS C 431 4.52 -2.54 -32.02
C LYS C 431 5.13 -1.20 -31.66
N SER C 432 5.56 -0.44 -32.66
CA SER C 432 6.25 0.85 -32.42
C SER C 432 5.25 1.90 -31.90
N GLY C 433 5.56 2.54 -30.77
CA GLY C 433 4.67 3.52 -30.19
C GLY C 433 4.47 4.79 -31.00
N ILE C 434 5.44 5.14 -31.85
CA ILE C 434 5.29 6.30 -32.72
C ILE C 434 4.25 6.02 -33.80
N THR C 435 4.25 4.81 -34.35
CA THR C 435 3.25 4.44 -35.33
C THR C 435 1.85 4.45 -34.70
N ARG C 436 1.74 3.97 -33.46
CA ARG C 436 0.44 4.04 -32.79
C ARG C 436 -0.02 5.46 -32.52
N LYS C 437 0.90 6.36 -32.17
CA LYS C 437 0.53 7.76 -32.02
C LYS C 437 0.05 8.37 -33.34
N ARG C 438 0.70 8.00 -34.45
CA ARG C 438 0.26 8.49 -35.75
C ARG C 438 -1.13 7.96 -36.05
N PHE C 439 -1.36 6.67 -35.77
CA PHE C 439 -2.66 6.09 -36.06
C PHE C 439 -3.75 6.77 -35.25
N PHE C 440 -3.48 6.99 -33.96
CA PHE C 440 -4.48 7.68 -33.14
C PHE C 440 -4.64 9.13 -33.57
N ARG C 441 -3.58 9.75 -34.09
CA ARG C 441 -3.70 11.10 -34.63
C ARG C 441 -4.65 11.14 -35.82
N GLU C 442 -4.61 10.11 -36.67
CA GLU C 442 -5.57 10.02 -37.77
C GLU C 442 -6.98 9.73 -37.27
N LEU C 443 -7.09 8.78 -36.33
CA LEU C 443 -8.40 8.37 -35.85
C LEU C 443 -9.12 9.49 -35.11
N THR C 444 -8.37 10.36 -34.41
CA THR C 444 -9.01 11.48 -33.74
C THR C 444 -9.61 12.46 -34.73
N GLU C 445 -8.98 12.69 -35.87
CA GLU C 445 -9.55 13.57 -36.92
C GLU C 445 -10.76 12.92 -37.52
N LEU C 446 -10.69 11.62 -37.74
CA LEU C 446 -11.88 10.92 -38.23
C LEU C 446 -13.04 11.04 -37.24
N LYS C 447 -12.75 10.86 -35.95
CA LYS C 447 -13.78 10.95 -34.93
C LYS C 447 -14.39 12.34 -34.88
N THR C 448 -13.57 13.39 -34.93
CA THR C 448 -14.10 14.74 -34.86
C THR C 448 -14.98 15.05 -36.06
N PHE C 449 -14.58 14.62 -37.25
CA PHE C 449 -15.30 14.94 -38.47
C PHE C 449 -16.23 13.82 -38.93
N ALA C 450 -16.80 13.05 -38.00
CA ALA C 450 -17.71 11.98 -38.33
C ALA C 450 -19.16 12.40 -38.08
N ASN C 451 -20.09 11.55 -38.51
CA ASN C 451 -21.53 11.79 -38.40
C ASN C 451 -22.13 10.70 -37.52
N TYR C 452 -22.71 11.11 -36.39
CA TYR C 452 -23.26 10.17 -35.41
C TYR C 452 -24.78 10.20 -35.37
N SER C 453 -25.41 10.56 -36.50
CA SER C 453 -26.89 10.68 -36.54
C SER C 453 -27.54 9.34 -36.22
N THR C 454 -26.90 8.22 -36.63
CA THR C 454 -27.46 6.86 -36.41
C THR C 454 -27.38 6.50 -34.91
N CYS C 455 -26.62 7.26 -34.12
CA CYS C 455 -26.33 6.80 -32.74
C CYS C 455 -27.07 7.68 -31.71
N ASP C 456 -26.94 9.00 -31.84
CA ASP C 456 -27.42 9.91 -30.75
C ASP C 456 -28.83 10.43 -31.08
N ARG C 457 -29.83 9.99 -30.31
CA ARG C 457 -31.20 10.53 -30.42
C ARG C 457 -31.29 11.82 -29.58
N SER C 458 -30.27 12.08 -28.76
CA SER C 458 -30.26 13.30 -27.91
C SER C 458 -29.34 14.36 -28.52
N ASN C 459 -28.93 14.21 -29.80
CA ASN C 459 -28.02 15.18 -30.38
C ASN C 459 -26.95 15.67 -29.41
N LEU C 460 -26.18 14.71 -28.88
CA LEU C 460 -25.14 15.01 -27.91
C LEU C 460 -23.85 15.49 -28.56
N ALA C 461 -23.69 15.29 -29.87
CA ALA C 461 -22.47 15.73 -30.54
C ALA C 461 -22.38 17.25 -30.59
N ASP C 462 -23.49 17.92 -30.86
CA ASP C 462 -23.47 19.38 -30.94
C ASP C 462 -23.17 20.00 -29.59
N TRP C 463 -23.69 19.42 -28.50
CA TRP C 463 -23.38 19.96 -27.18
C TRP C 463 -21.89 19.89 -26.91
N LEU C 464 -21.25 18.76 -27.22
CA LEU C 464 -19.81 18.64 -27.03
C LEU C 464 -19.05 19.61 -27.91
N GLY C 465 -19.47 19.74 -29.17
CA GLY C 465 -18.82 20.69 -30.06
C GLY C 465 -18.97 22.13 -29.63
N SER C 466 -20.04 22.46 -28.90
CA SER C 466 -20.22 23.82 -28.42
C SER C 466 -19.11 24.24 -27.47
N LEU C 467 -18.76 23.37 -26.51
CA LEU C 467 -17.68 23.70 -25.59
C LEU C 467 -16.38 23.96 -26.34
N ASP C 468 -15.98 23.02 -27.18
CA ASP C 468 -14.76 23.10 -27.96
C ASP C 468 -14.89 22.08 -29.08
N PRO C 469 -14.68 22.44 -30.35
CA PRO C 469 -14.88 21.46 -31.43
C PRO C 469 -14.09 20.18 -31.22
N ARG C 470 -12.90 20.28 -30.65
CA ARG C 470 -12.02 19.09 -30.46
C ARG C 470 -12.59 18.17 -29.37
N PHE C 471 -13.78 18.47 -28.84
CA PHE C 471 -14.42 17.57 -27.83
C PHE C 471 -15.45 16.70 -28.54
N ARG C 472 -15.66 16.92 -29.84
CA ARG C 472 -16.71 16.17 -30.58
C ARG C 472 -16.24 14.74 -30.81
N GLN C 473 -14.95 14.48 -30.62
CA GLN C 473 -14.36 13.14 -30.81
C GLN C 473 -14.88 12.21 -29.72
N TYR C 474 -15.44 12.79 -28.67
CA TYR C 474 -15.85 11.95 -27.55
C TYR C 474 -17.29 11.49 -27.65
N THR C 475 -18.04 11.93 -28.66
CA THR C 475 -19.45 11.58 -28.76
C THR C 475 -19.67 10.08 -28.58
N TYR C 476 -19.10 9.28 -29.49
CA TYR C 476 -19.32 7.84 -29.43
C TYR C 476 -18.88 7.24 -28.11
N GLY C 477 -17.93 7.85 -27.42
CA GLY C 477 -17.55 7.35 -26.11
C GLY C 477 -18.69 7.45 -25.11
N LEU C 478 -19.34 8.60 -25.08
CA LEU C 478 -20.46 8.79 -24.15
C LEU C 478 -21.68 8.02 -24.58
N VAL C 479 -22.03 8.10 -25.88
CA VAL C 479 -23.30 7.58 -26.36
C VAL C 479 -23.39 6.08 -26.12
N SER C 480 -22.31 5.36 -26.39
CA SER C 480 -22.33 3.91 -26.22
C SER C 480 -22.49 3.50 -24.76
N CYS C 481 -22.31 4.43 -23.82
CA CYS C 481 -22.54 4.16 -22.41
C CYS C 481 -23.94 4.56 -21.94
N GLY C 482 -24.80 5.03 -22.85
CA GLY C 482 -26.15 5.40 -22.51
C GLY C 482 -26.32 6.82 -22.02
N LEU C 483 -25.26 7.60 -21.94
CA LEU C 483 -25.36 8.97 -21.46
C LEU C 483 -26.10 9.85 -22.47
N ASP C 484 -26.89 10.79 -21.95
CA ASP C 484 -27.63 11.74 -22.77
C ASP C 484 -27.51 13.12 -22.12
N ARG C 485 -28.12 14.11 -22.76
CA ARG C 485 -28.11 15.46 -22.20
C ARG C 485 -28.83 15.50 -20.85
N SER C 486 -29.77 14.59 -20.62
CA SER C 486 -30.55 14.57 -19.39
C SER C 486 -29.91 13.73 -18.29
N LEU C 487 -28.75 13.13 -18.53
CA LEU C 487 -28.07 12.31 -17.55
C LEU C 487 -26.65 12.77 -17.26
N LEU C 488 -26.17 13.82 -17.92
CA LEU C 488 -24.78 14.21 -17.78
C LEU C 488 -24.48 14.81 -16.43
N HIS C 489 -25.42 15.56 -15.85
CA HIS C 489 -25.14 16.29 -14.63
C HIS C 489 -24.82 15.38 -13.45
N ARG C 490 -25.17 14.09 -13.54
CA ARG C 490 -24.91 13.15 -12.45
C ARG C 490 -23.67 12.30 -12.67
N VAL C 491 -22.91 12.55 -13.74
CA VAL C 491 -21.73 11.75 -14.02
C VAL C 491 -20.56 12.23 -13.15
N SER C 492 -19.55 11.38 -13.04
CA SER C 492 -18.38 11.66 -12.22
C SER C 492 -17.11 11.49 -13.05
N GLU C 493 -16.00 12.04 -12.54
CA GLU C 493 -14.74 11.99 -13.26
C GLU C 493 -14.25 10.57 -13.44
N GLN C 494 -14.46 9.72 -12.43
CA GLN C 494 -13.96 8.31 -12.51
C GLN C 494 -14.70 7.59 -13.63
N GLN C 495 -16.01 7.83 -13.76
CA GLN C 495 -16.78 7.20 -14.83
C GLN C 495 -16.31 7.67 -16.20
N LEU C 496 -16.06 8.97 -16.35
CA LEU C 496 -15.55 9.48 -17.62
C LEU C 496 -14.19 8.88 -17.95
N LEU C 497 -13.33 8.72 -16.96
CA LEU C 497 -12.01 8.14 -17.20
C LEU C 497 -12.12 6.69 -17.63
N GLU C 498 -12.92 5.90 -16.91
CA GLU C 498 -12.95 4.45 -17.15
C GLU C 498 -13.94 4.05 -18.24
N ASP C 499 -15.17 4.56 -18.18
CA ASP C 499 -16.20 4.07 -19.08
C ASP C 499 -16.18 4.79 -20.42
N CYS C 500 -16.19 6.13 -20.40
CA CYS C 500 -16.21 6.90 -21.63
C CYS C 500 -14.84 7.06 -22.26
N GLY C 501 -13.77 6.67 -21.57
CA GLY C 501 -12.44 6.69 -22.14
C GLY C 501 -11.92 8.06 -22.50
N ILE C 502 -12.06 9.02 -21.59
CA ILE C 502 -11.49 10.36 -21.74
C ILE C 502 -10.19 10.37 -20.96
N HIS C 503 -9.06 10.40 -21.68
CA HIS C 503 -7.77 10.22 -21.03
C HIS C 503 -7.22 11.51 -20.45
N LEU C 504 -7.27 12.60 -21.21
CA LEU C 504 -6.69 13.86 -20.74
C LEU C 504 -7.53 14.45 -19.62
N GLY C 505 -6.87 14.80 -18.51
CA GLY C 505 -7.57 15.35 -17.37
C GLY C 505 -8.20 16.70 -17.65
N VAL C 506 -7.57 17.50 -18.50
CA VAL C 506 -8.11 18.82 -18.81
C VAL C 506 -9.49 18.69 -19.43
N HIS C 507 -9.64 17.78 -20.40
CA HIS C 507 -10.93 17.61 -21.06
C HIS C 507 -11.96 17.03 -20.09
N ARG C 508 -11.55 16.10 -19.23
CA ARG C 508 -12.47 15.58 -18.23
C ARG C 508 -12.99 16.69 -17.33
N ALA C 509 -12.09 17.53 -16.83
CA ALA C 509 -12.50 18.61 -15.95
C ALA C 509 -13.41 19.60 -16.67
N ARG C 510 -13.07 19.95 -17.92
CA ARG C 510 -13.92 20.89 -18.66
C ARG C 510 -15.30 20.32 -18.88
N ILE C 511 -15.39 19.05 -19.27
CA ILE C 511 -16.69 18.43 -19.53
C ILE C 511 -17.51 18.37 -18.25
N LEU C 512 -16.88 17.99 -17.13
CA LEU C 512 -17.61 17.93 -15.87
C LEU C 512 -18.09 19.31 -15.44
N THR C 513 -17.24 20.33 -15.59
CA THR C 513 -17.66 21.67 -15.22
C THR C 513 -18.82 22.16 -16.07
N ALA C 514 -18.79 21.86 -17.37
CA ALA C 514 -19.89 22.26 -18.24
C ALA C 514 -21.16 21.49 -17.94
N ALA C 515 -21.04 20.21 -17.57
CA ALA C 515 -22.23 19.40 -17.31
C ALA C 515 -22.87 19.76 -15.97
N ARG C 516 -22.05 20.03 -14.95
CA ARG C 516 -22.58 20.31 -13.62
C ARG C 516 -23.28 21.66 -13.55
N GLU C 517 -23.19 22.49 -14.59
CA GLU C 517 -23.98 23.70 -14.70
C GLU C 517 -25.33 23.43 -15.36
N MET C 518 -25.81 22.18 -15.31
CA MET C 518 -27.08 21.79 -15.92
C MET C 518 -27.11 22.13 -17.41
N LEU C 519 -26.12 21.59 -18.12
CA LEU C 519 -26.03 21.74 -19.57
C LEU C 519 -26.09 23.20 -19.98
N VAL D 34 57.13 34.04 -22.39
CA VAL D 34 58.57 34.24 -22.08
C VAL D 34 58.72 35.23 -20.94
N GLN D 35 59.47 34.83 -19.92
CA GLN D 35 59.72 35.66 -18.74
C GLN D 35 61.01 36.48 -18.86
N ASP D 36 61.70 36.40 -19.98
CA ASP D 36 62.97 37.13 -20.12
C ASP D 36 62.75 38.63 -19.96
N ALA D 37 61.70 39.18 -20.58
CA ALA D 37 61.37 40.58 -20.37
C ALA D 37 61.04 40.84 -18.90
N LEU D 38 60.28 39.93 -18.28
CA LEU D 38 59.97 40.06 -16.86
C LEU D 38 61.24 40.05 -16.01
N GLU D 39 62.14 39.11 -16.28
CA GLU D 39 63.38 39.04 -15.49
C GLU D 39 64.22 40.29 -15.68
N ARG D 40 64.26 40.82 -16.90
CA ARG D 40 64.98 42.07 -17.13
C ARG D 40 64.34 43.23 -16.39
N ALA D 41 63.00 43.27 -16.39
CA ALA D 41 62.26 44.48 -15.95
C ALA D 41 62.29 44.58 -14.41
N LEU D 42 62.23 43.45 -13.72
CA LEU D 42 62.07 43.43 -12.24
C LEU D 42 63.24 44.15 -11.55
N PRO D 43 64.53 43.85 -11.83
CA PRO D 43 65.65 44.54 -11.15
C PRO D 43 65.52 46.05 -11.26
N GLU D 44 65.14 46.56 -12.44
CA GLU D 44 64.96 48.00 -12.60
C GLU D 44 63.79 48.49 -11.75
N LEU D 45 62.70 47.73 -11.70
CA LEU D 45 61.56 48.11 -10.88
C LEU D 45 61.93 48.16 -9.41
N GLN D 46 62.71 47.18 -8.94
CA GLN D 46 63.13 47.18 -7.54
C GLN D 46 64.03 48.37 -7.24
N GLN D 47 64.96 48.68 -8.15
CA GLN D 47 65.81 49.85 -7.94
C GLN D 47 64.98 51.12 -7.89
N ALA D 48 64.00 51.25 -8.79
CA ALA D 48 63.17 52.44 -8.81
C ALA D 48 62.34 52.55 -7.52
N LEU D 49 61.80 51.42 -7.05
CA LEU D 49 61.03 51.44 -5.81
C LEU D 49 61.90 51.84 -4.64
N SER D 50 63.12 51.30 -4.57
CA SER D 50 64.03 51.68 -3.49
C SER D 50 64.36 53.17 -3.55
N ALA D 51 64.62 53.69 -4.76
CA ALA D 51 64.91 55.11 -4.90
C ALA D 51 63.72 55.96 -4.45
N LEU D 52 62.50 55.56 -4.84
CA LEU D 52 61.32 56.29 -4.40
C LEU D 52 61.18 56.25 -2.89
N LYS D 53 61.44 55.09 -2.28
CA LYS D 53 61.44 55.01 -0.82
C LYS D 53 62.51 55.91 -0.22
N GLN D 54 63.62 56.11 -0.94
CA GLN D 54 64.67 57.02 -0.51
C GLN D 54 64.39 58.48 -0.88
N ALA D 55 63.31 58.73 -1.61
CA ALA D 55 62.99 60.10 -2.01
C ALA D 55 62.45 60.88 -0.81
N GLY D 56 63.17 61.91 -0.41
CA GLY D 56 62.79 62.76 0.70
C GLY D 56 62.16 64.07 0.31
N GLY D 57 62.05 64.37 -0.97
CA GLY D 57 61.48 65.63 -1.43
C GLY D 57 60.62 65.41 -2.65
N ALA D 58 59.98 66.51 -3.09
CA ALA D 58 59.07 66.43 -4.22
C ALA D 58 59.81 66.03 -5.50
N ARG D 59 61.02 66.57 -5.70
CA ARG D 59 61.75 66.31 -6.94
C ARG D 59 62.09 64.83 -7.07
N ALA D 60 62.66 64.24 -6.02
CA ALA D 60 63.01 62.82 -6.06
C ALA D 60 61.77 61.96 -6.19
N VAL D 61 60.69 62.33 -5.49
CA VAL D 61 59.44 61.60 -5.59
C VAL D 61 58.97 61.58 -7.05
N GLY D 62 58.96 62.74 -7.69
CA GLY D 62 58.53 62.82 -9.07
C GLY D 62 59.42 62.02 -10.00
N ALA D 63 60.74 62.09 -9.79
CA ALA D 63 61.67 61.34 -10.62
C ALA D 63 61.41 59.84 -10.52
N GLY D 64 61.27 59.33 -9.29
CA GLY D 64 61.01 57.92 -9.11
C GLY D 64 59.67 57.50 -9.69
N LEU D 65 58.64 58.33 -9.49
CA LEU D 65 57.32 58.01 -10.05
C LEU D 65 57.39 57.95 -11.57
N ALA D 66 58.09 58.90 -12.19
CA ALA D 66 58.23 58.89 -13.64
C ALA D 66 59.00 57.65 -14.11
N GLU D 67 60.04 57.26 -13.37
CA GLU D 67 60.80 56.08 -13.74
C GLU D 67 59.92 54.83 -13.71
N VAL D 68 59.16 54.64 -12.61
CA VAL D 68 58.32 53.45 -12.50
C VAL D 68 57.22 53.49 -13.55
N PHE D 69 56.67 54.67 -13.81
CA PHE D 69 55.63 54.78 -14.83
C PHE D 69 56.17 54.41 -16.21
N GLN D 70 57.37 54.89 -16.54
CA GLN D 70 57.96 54.54 -17.82
C GLN D 70 58.20 53.04 -17.92
N LEU D 71 58.64 52.43 -16.81
CA LEU D 71 58.91 50.96 -16.80
C LEU D 71 57.62 50.17 -17.04
N VAL D 72 56.56 50.46 -16.28
CA VAL D 72 55.30 49.68 -16.39
C VAL D 72 54.72 49.89 -17.80
N GLU D 73 54.78 51.11 -18.34
CA GLU D 73 54.23 51.41 -19.69
C GLU D 73 55.00 50.62 -20.76
N GLU D 74 56.31 50.53 -20.61
CA GLU D 74 57.13 49.80 -21.61
C GLU D 74 56.67 48.34 -21.64
N ALA D 75 56.46 47.74 -20.47
CA ALA D 75 55.95 46.35 -20.40
C ALA D 75 54.53 46.27 -20.97
N TRP D 76 53.67 47.25 -20.65
CA TRP D 76 52.26 47.19 -21.09
C TRP D 76 52.14 47.28 -22.61
N LEU D 77 53.16 47.81 -23.30
CA LEU D 77 52.99 48.01 -24.76
C LEU D 77 53.84 46.96 -25.46
N LEU D 78 53.93 45.78 -24.88
CA LEU D 78 54.86 44.80 -25.47
C LEU D 78 54.08 43.80 -26.32
N PRO D 79 54.43 43.55 -27.60
CA PRO D 79 53.64 42.70 -28.46
C PRO D 79 53.51 41.27 -27.91
N ALA D 80 52.28 40.74 -27.85
CA ALA D 80 52.00 39.35 -27.42
C ALA D 80 52.16 39.10 -25.92
N VAL D 81 53.26 39.54 -25.30
CA VAL D 81 53.55 39.13 -23.90
C VAL D 81 53.25 40.26 -22.90
N GLY D 82 52.92 41.46 -23.39
CA GLY D 82 52.69 42.58 -22.50
C GLY D 82 51.85 42.38 -21.27
N ARG D 83 50.73 41.67 -21.39
CA ARG D 83 49.83 41.49 -20.24
C ARG D 83 50.48 40.72 -19.11
N GLU D 84 51.15 39.60 -19.41
CA GLU D 84 51.78 38.80 -18.35
C GLU D 84 52.95 39.55 -17.72
N VAL D 85 53.81 40.15 -18.56
CA VAL D 85 54.99 40.83 -18.05
C VAL D 85 54.66 42.17 -17.40
N ALA D 86 53.43 42.66 -17.56
CA ALA D 86 52.98 43.82 -16.81
C ALA D 86 52.25 43.42 -15.53
N GLN D 87 51.52 42.30 -15.57
CA GLN D 87 50.92 41.78 -14.35
C GLN D 87 51.98 41.37 -13.36
N GLY D 88 53.11 40.85 -13.85
CA GLY D 88 54.22 40.54 -12.96
C GLY D 88 54.78 41.77 -12.27
N LEU D 89 54.96 42.85 -13.02
CA LEU D 89 55.45 44.09 -12.42
C LEU D 89 54.44 44.65 -11.41
N CYS D 90 53.15 44.57 -11.74
CA CYS D 90 52.13 45.00 -10.80
C CYS D 90 52.15 44.13 -9.55
N ASP D 91 52.38 42.83 -9.74
CA ASP D 91 52.59 41.89 -8.60
C ASP D 91 53.71 42.40 -7.71
N ALA D 92 54.86 42.69 -8.33
CA ALA D 92 56.01 43.15 -7.58
C ALA D 92 55.70 44.44 -6.81
N ILE D 93 55.02 45.38 -7.47
CA ILE D 93 54.66 46.63 -6.79
C ILE D 93 53.71 46.37 -5.64
N ARG D 94 52.85 45.37 -5.80
CA ARG D 94 51.87 44.99 -4.75
C ARG D 94 52.62 44.61 -3.46
N LEU D 95 53.63 43.76 -3.58
CA LEU D 95 54.62 43.53 -2.53
C LEU D 95 55.59 44.69 -2.48
N ASP D 96 56.53 44.64 -1.54
CA ASP D 96 57.53 45.69 -1.33
C ASP D 96 56.89 46.99 -0.83
N GLY D 97 55.61 46.98 -0.50
CA GLY D 97 54.95 48.17 -0.01
C GLY D 97 54.70 49.24 -1.04
N GLY D 98 54.73 48.90 -2.33
CA GLY D 98 54.57 49.91 -3.35
C GLY D 98 53.21 50.58 -3.33
N LEU D 99 52.14 49.78 -3.21
CA LEU D 99 50.79 50.34 -3.26
C LEU D 99 50.55 51.29 -2.10
N ASP D 100 50.95 50.88 -0.89
CA ASP D 100 50.78 51.75 0.27
C ASP D 100 51.57 53.05 0.11
N LEU D 101 52.78 52.94 -0.42
CA LEU D 101 53.60 54.13 -0.67
C LEU D 101 52.90 55.08 -1.64
N LEU D 102 52.39 54.54 -2.75
CA LEU D 102 51.71 55.38 -3.73
C LEU D 102 50.48 56.02 -3.14
N LEU D 103 49.73 55.27 -2.31
CA LEU D 103 48.57 55.86 -1.65
C LEU D 103 48.99 57.01 -0.73
N ARG D 104 50.06 56.81 0.03
CA ARG D 104 50.51 57.86 0.95
C ARG D 104 50.94 59.10 0.18
N LEU D 105 51.65 58.92 -0.94
CA LEU D 105 51.96 60.06 -1.80
C LEU D 105 50.68 60.71 -2.32
N LEU D 106 49.70 59.91 -2.72
CA LEU D 106 48.41 60.47 -3.14
C LEU D 106 47.78 61.30 -2.03
N GLN D 107 48.10 61.02 -0.78
CA GLN D 107 47.68 61.87 0.33
C GLN D 107 48.61 63.05 0.56
N ALA D 108 49.65 63.21 -0.25
CA ALA D 108 50.63 64.27 -0.02
C ALA D 108 49.97 65.63 -0.17
N PRO D 109 50.40 66.63 0.62
CA PRO D 109 49.83 67.98 0.45
C PRO D 109 50.04 68.58 -0.92
N GLU D 110 51.16 68.28 -1.57
CA GLU D 110 51.49 68.88 -2.86
C GLU D 110 50.71 68.20 -3.98
N LEU D 111 49.94 68.97 -4.73
CA LEU D 111 49.14 68.41 -5.81
C LEU D 111 50.01 67.94 -6.97
N GLU D 112 51.20 68.53 -7.16
CA GLU D 112 52.06 68.12 -8.26
C GLU D 112 52.47 66.66 -8.12
N THR D 113 52.73 66.22 -6.88
CA THR D 113 53.01 64.81 -6.64
C THR D 113 51.74 63.96 -6.67
N ARG D 114 50.63 64.54 -6.20
CA ARG D 114 49.31 63.84 -6.18
C ARG D 114 48.94 63.40 -7.60
N VAL D 115 49.09 64.30 -8.58
CA VAL D 115 48.66 64.01 -9.94
C VAL D 115 49.46 62.83 -10.51
N GLN D 116 50.77 62.82 -10.26
CA GLN D 116 51.59 61.72 -10.76
C GLN D 116 51.28 60.42 -10.00
N ALA D 117 51.01 60.51 -8.70
CA ALA D 117 50.64 59.32 -7.94
C ALA D 117 49.36 58.71 -8.50
N ALA D 118 48.36 59.54 -8.79
CA ALA D 118 47.14 59.04 -9.39
C ALA D 118 47.40 58.50 -10.80
N ARG D 119 48.28 59.15 -11.55
CA ARG D 119 48.61 58.68 -12.89
C ARG D 119 49.17 57.27 -12.85
N LEU D 120 50.07 56.99 -11.90
CA LEU D 120 50.61 55.64 -11.76
C LEU D 120 49.62 54.66 -11.14
N LEU D 121 48.76 55.12 -10.23
CA LEU D 121 47.74 54.25 -9.65
C LEU D 121 46.66 53.86 -10.65
N GLU D 122 46.45 54.65 -11.70
CA GLU D 122 45.48 54.33 -12.73
C GLU D 122 45.94 53.14 -13.57
N GLN D 123 47.23 53.07 -13.88
CA GLN D 123 47.78 52.06 -14.78
C GLN D 123 48.19 50.77 -14.08
N ILE D 124 47.96 50.60 -12.78
CA ILE D 124 48.38 49.38 -12.09
C ILE D 124 47.22 48.62 -11.46
N LEU D 125 46.00 49.14 -11.50
CA LEU D 125 44.89 48.55 -10.75
C LEU D 125 44.37 47.27 -11.39
N VAL D 126 45.18 46.22 -11.41
CA VAL D 126 44.71 44.89 -11.74
C VAL D 126 43.96 44.34 -10.53
N ALA D 127 43.21 43.26 -10.71
CA ALA D 127 42.38 42.71 -9.65
C ALA D 127 43.16 42.48 -8.36
N GLU D 128 44.37 41.93 -8.46
CA GLU D 128 45.20 41.73 -7.27
C GLU D 128 45.52 43.05 -6.60
N ASN D 129 45.85 44.08 -7.40
CA ASN D 129 46.07 45.42 -6.89
C ASN D 129 44.77 46.18 -6.65
N ARG D 130 43.64 45.59 -7.03
CA ARG D 130 42.33 46.27 -6.90
C ARG D 130 41.73 45.92 -5.54
N ASP D 131 41.68 44.63 -5.20
CA ASP D 131 41.07 44.26 -3.93
C ASP D 131 41.76 44.92 -2.74
N ARG D 132 43.10 45.03 -2.78
CA ARG D 132 43.81 45.69 -1.70
C ARG D 132 43.38 47.15 -1.58
N VAL D 133 43.28 47.86 -2.70
CA VAL D 133 42.87 49.25 -2.66
C VAL D 133 41.43 49.37 -2.18
N ALA D 134 40.58 48.41 -2.57
CA ALA D 134 39.21 48.41 -2.08
C ALA D 134 39.17 48.25 -0.57
N ARG D 135 40.02 47.39 -0.03
CA ARG D 135 40.05 47.17 1.42
C ARG D 135 40.62 48.38 2.15
N ILE D 136 41.66 49.01 1.58
CA ILE D 136 42.42 50.05 2.26
C ILE D 136 42.19 51.41 1.61
N GLY D 137 42.41 51.52 0.31
CA GLY D 137 42.43 52.79 -0.37
C GLY D 137 41.09 53.38 -0.72
N LEU D 138 40.00 52.72 -0.39
CA LEU D 138 38.68 53.28 -0.61
C LEU D 138 38.39 54.32 0.47
N GLY D 139 37.61 55.34 0.10
CA GLY D 139 37.32 56.45 0.98
C GLY D 139 38.24 57.64 0.74
N VAL D 140 39.56 57.43 0.84
CA VAL D 140 40.49 58.51 0.56
C VAL D 140 40.36 58.94 -0.90
N ILE D 141 40.26 57.98 -1.81
CA ILE D 141 40.06 58.31 -3.22
C ILE D 141 38.68 58.95 -3.41
N LEU D 142 37.68 58.51 -2.65
CA LEU D 142 36.36 59.13 -2.73
C LEU D 142 36.44 60.62 -2.39
N ASN D 143 37.11 60.96 -1.29
CA ASN D 143 37.26 62.36 -0.92
C ASN D 143 38.09 63.11 -1.95
N LEU D 144 39.17 62.50 -2.43
CA LEU D 144 40.02 63.16 -3.42
C LEU D 144 39.24 63.46 -4.69
N ALA D 145 38.26 62.62 -5.03
CA ALA D 145 37.45 62.86 -6.21
C ALA D 145 36.65 64.15 -6.11
N LYS D 146 36.48 64.67 -4.88
CA LYS D 146 35.67 65.90 -4.67
C LYS D 146 36.36 67.11 -5.33
N GLU D 147 37.62 66.95 -5.73
CA GLU D 147 38.30 68.06 -6.47
C GLU D 147 37.82 68.01 -7.91
N ARG D 148 36.66 68.60 -8.19
CA ARG D 148 36.08 68.47 -9.55
C ARG D 148 36.74 69.44 -10.52
N GLU D 149 37.41 70.45 -9.99
CA GLU D 149 37.96 71.52 -10.87
C GLU D 149 39.19 71.05 -11.65
N PRO D 150 40.28 70.58 -11.02
CA PRO D 150 41.50 70.26 -11.77
C PRO D 150 41.23 69.25 -12.87
N VAL D 151 41.95 69.40 -13.98
CA VAL D 151 41.74 68.55 -15.15
C VAL D 151 42.54 67.26 -15.06
N GLU D 152 43.84 67.35 -14.75
CA GLU D 152 44.67 66.16 -14.66
C GLU D 152 44.21 65.27 -13.51
N LEU D 153 43.95 65.87 -12.35
CA LEU D 153 43.47 65.09 -11.21
C LEU D 153 42.12 64.45 -11.51
N ALA D 154 41.23 65.19 -12.16
CA ALA D 154 39.94 64.63 -12.53
C ALA D 154 40.08 63.46 -13.48
N ARG D 155 40.98 63.59 -14.46
CA ARG D 155 41.21 62.51 -15.41
C ARG D 155 41.74 61.26 -14.72
N SER D 156 42.74 61.43 -13.85
CA SER D 156 43.30 60.29 -13.15
C SER D 156 42.27 59.65 -12.23
N VAL D 157 41.46 60.47 -11.55
CA VAL D 157 40.43 59.92 -10.68
C VAL D 157 39.37 59.19 -11.48
N ALA D 158 39.04 59.69 -12.67
CA ALA D 158 38.10 58.97 -13.53
C ALA D 158 38.67 57.61 -13.92
N GLY D 159 39.96 57.56 -14.24
CA GLY D 159 40.58 56.27 -14.51
C GLY D 159 40.51 55.33 -13.32
N ILE D 160 40.81 55.85 -12.12
CA ILE D 160 40.75 55.01 -10.93
C ILE D 160 39.33 54.50 -10.71
N LEU D 161 38.33 55.37 -10.87
CA LEU D 161 36.96 54.95 -10.63
C LEU D 161 36.48 53.95 -11.66
N GLU D 162 36.83 54.13 -12.93
CA GLU D 162 36.41 53.17 -13.94
C GLU D 162 37.05 51.82 -13.68
N HIS D 163 38.32 51.82 -13.26
CA HIS D 163 39.02 50.55 -13.07
C HIS D 163 38.67 49.91 -11.72
N MET D 164 37.95 50.65 -10.86
CA MET D 164 37.57 50.12 -9.52
C MET D 164 36.13 49.62 -9.55
N PHE D 165 35.28 50.24 -10.37
CA PHE D 165 33.84 49.84 -10.42
C PHE D 165 33.71 48.37 -10.81
N LYS D 166 34.81 47.71 -11.17
CA LYS D 166 34.77 46.32 -11.60
C LYS D 166 35.03 45.37 -10.43
N HIS D 167 34.74 45.82 -9.22
CA HIS D 167 34.88 45.02 -8.01
C HIS D 167 33.49 44.53 -7.60
N SER D 168 33.45 43.65 -6.59
CA SER D 168 32.20 43.04 -6.16
C SER D 168 31.10 44.06 -6.00
N GLU D 169 29.85 43.64 -6.17
CA GLU D 169 28.74 44.58 -6.25
C GLU D 169 28.58 45.39 -4.97
N GLU D 170 29.05 44.87 -3.84
CA GLU D 170 29.04 45.66 -2.61
C GLU D 170 29.98 46.85 -2.75
N THR D 171 31.09 46.67 -3.46
CA THR D 171 31.98 47.85 -3.68
C THR D 171 31.24 48.87 -4.55
N CYS D 172 30.51 48.41 -5.56
CA CYS D 172 29.71 49.36 -6.33
C CYS D 172 28.67 50.08 -5.48
N GLN D 173 28.02 49.35 -4.58
CA GLN D 173 27.03 49.96 -3.71
C GLN D 173 27.65 51.07 -2.87
N ARG D 174 28.80 50.79 -2.25
CA ARG D 174 29.42 51.80 -1.41
C ARG D 174 29.96 52.97 -2.22
N LEU D 175 30.47 52.70 -3.43
CA LEU D 175 30.91 53.79 -4.29
C LEU D 175 29.75 54.70 -4.67
N VAL D 176 28.61 54.13 -5.05
CA VAL D 176 27.47 54.95 -5.43
C VAL D 176 26.93 55.70 -4.21
N ALA D 177 26.99 55.07 -3.03
CA ALA D 177 26.54 55.76 -1.82
C ALA D 177 27.36 57.03 -1.59
N ALA D 178 28.66 56.97 -1.88
CA ALA D 178 29.51 58.15 -1.81
C ALA D 178 29.29 58.99 -3.07
N GLY D 179 30.16 59.98 -3.29
CA GLY D 179 30.02 60.90 -4.39
C GLY D 179 30.64 60.45 -5.69
N GLY D 180 31.12 59.21 -5.78
CA GLY D 180 31.78 58.76 -7.00
C GLY D 180 30.86 58.81 -8.21
N LEU D 181 29.65 58.26 -8.07
CA LEU D 181 28.70 58.28 -9.17
C LEU D 181 28.33 59.72 -9.54
N ASP D 182 28.00 60.53 -8.52
CA ASP D 182 27.71 61.93 -8.77
C ASP D 182 28.91 62.65 -9.37
N ALA D 183 30.11 62.33 -8.91
CA ALA D 183 31.30 62.98 -9.44
C ALA D 183 31.49 62.66 -10.93
N VAL D 184 31.31 61.40 -11.32
CA VAL D 184 31.48 61.05 -12.73
C VAL D 184 30.38 61.67 -13.57
N LEU D 185 29.14 61.68 -13.07
CA LEU D 185 28.07 62.34 -13.80
C LEU D 185 28.35 63.82 -13.99
N TYR D 186 28.90 64.45 -12.94
CA TYR D 186 29.28 65.87 -13.03
C TYR D 186 30.35 66.03 -14.12
N TRP D 187 31.41 65.22 -14.07
CA TRP D 187 32.49 65.36 -15.04
C TRP D 187 32.01 65.09 -16.46
N CYS D 188 30.90 64.36 -16.62
CA CYS D 188 30.41 64.08 -17.98
C CYS D 188 30.11 65.35 -18.75
N ARG D 189 29.96 66.48 -18.06
CA ARG D 189 29.59 67.75 -18.73
C ARG D 189 30.84 68.52 -19.18
N ARG D 190 32.04 67.95 -19.00
CA ARG D 190 33.25 68.61 -19.47
C ARG D 190 33.48 68.33 -20.96
N THR D 191 34.65 68.75 -21.45
CA THR D 191 34.91 68.62 -22.91
C THR D 191 36.19 67.85 -23.26
N ASP D 192 37.19 67.78 -22.36
CA ASP D 192 38.45 67.14 -22.77
C ASP D 192 38.20 65.67 -23.06
N PRO D 193 38.59 65.12 -24.23
CA PRO D 193 38.19 63.74 -24.61
C PRO D 193 38.51 62.63 -23.62
N ALA D 194 39.69 62.66 -23.00
CA ALA D 194 40.10 61.56 -22.13
C ALA D 194 39.16 61.43 -20.95
N LEU D 195 38.77 62.55 -20.35
CA LEU D 195 37.86 62.50 -19.20
C LEU D 195 36.51 61.93 -19.61
N LEU D 196 35.97 62.37 -20.75
CA LEU D 196 34.69 61.86 -21.21
C LEU D 196 34.76 60.36 -21.48
N ARG D 197 35.83 59.92 -22.15
CA ARG D 197 35.97 58.49 -22.42
C ARG D 197 36.07 57.68 -21.14
N HIS D 198 36.84 58.18 -20.16
CA HIS D 198 36.95 57.48 -18.88
C HIS D 198 35.61 57.43 -18.16
N CYS D 199 34.85 58.52 -18.20
CA CYS D 199 33.54 58.53 -17.56
C CYS D 199 32.61 57.52 -18.23
N ALA D 200 32.62 57.45 -19.56
CA ALA D 200 31.80 56.48 -20.26
C ALA D 200 32.20 55.05 -19.90
N LEU D 201 33.50 54.79 -19.84
CA LEU D 201 33.96 53.45 -19.46
C LEU D 201 33.55 53.11 -18.04
N ALA D 202 33.65 54.08 -17.12
CA ALA D 202 33.23 53.83 -15.75
C ALA D 202 31.73 53.53 -15.67
N LEU D 203 30.92 54.28 -16.42
CA LEU D 203 29.48 54.04 -16.41
C LEU D 203 29.16 52.67 -16.97
N GLY D 204 29.82 52.27 -18.05
CA GLY D 204 29.61 50.92 -18.56
C GLY D 204 30.02 49.85 -17.57
N ASN D 205 31.17 50.05 -16.91
CA ASN D 205 31.64 49.06 -15.94
C ASN D 205 30.68 48.93 -14.77
N CYS D 206 30.14 50.04 -14.28
CA CYS D 206 29.20 49.97 -13.17
C CYS D 206 27.87 49.38 -13.61
N ALA D 207 27.45 49.63 -14.86
CA ALA D 207 26.24 48.99 -15.37
C ALA D 207 26.41 47.48 -15.44
N LEU D 208 27.59 47.02 -15.88
CA LEU D 208 27.81 45.58 -16.03
C LEU D 208 28.02 44.91 -14.68
N HIS D 209 29.08 45.29 -13.96
CA HIS D 209 29.41 44.62 -12.71
C HIS D 209 28.41 44.91 -11.60
N GLY D 210 27.89 46.14 -11.55
CA GLY D 210 26.95 46.48 -10.50
C GLY D 210 25.69 45.67 -10.59
N GLY D 211 25.05 45.48 -9.44
CA GLY D 211 23.82 44.71 -9.38
C GLY D 211 22.63 45.45 -9.93
N GLN D 212 21.48 44.76 -9.93
CA GLN D 212 20.26 45.38 -10.43
C GLN D 212 19.89 46.61 -9.61
N ALA D 213 20.15 46.60 -8.31
CA ALA D 213 19.87 47.76 -7.49
C ALA D 213 20.65 48.98 -7.95
N VAL D 214 21.93 48.79 -8.28
CA VAL D 214 22.75 49.91 -8.74
C VAL D 214 22.20 50.45 -10.06
N GLN D 215 21.79 49.57 -10.96
CA GLN D 215 21.24 50.02 -12.24
C GLN D 215 19.96 50.82 -12.03
N ARG D 216 19.07 50.32 -11.17
CA ARG D 216 17.84 51.06 -10.88
C ARG D 216 18.19 52.40 -10.24
N ARG D 217 19.16 52.39 -9.33
CA ARG D 217 19.55 53.63 -8.67
C ARG D 217 20.06 54.65 -9.69
N MET D 218 20.92 54.21 -10.60
CA MET D 218 21.40 55.09 -11.66
C MET D 218 20.29 55.64 -12.54
N VAL D 219 19.32 54.79 -12.91
CA VAL D 219 18.20 55.28 -13.71
C VAL D 219 17.46 56.36 -12.95
N GLU D 220 17.18 56.12 -11.67
CA GLU D 220 16.56 57.15 -10.85
C GLU D 220 17.48 58.36 -10.67
N LYS D 221 18.79 58.14 -10.73
CA LYS D 221 19.75 59.24 -10.74
C LYS D 221 19.69 60.05 -12.03
N ARG D 222 18.98 59.56 -13.05
CA ARG D 222 18.92 60.18 -14.37
C ARG D 222 20.19 59.94 -15.18
N ALA D 223 20.95 58.90 -14.83
CA ALA D 223 22.21 58.62 -15.51
C ALA D 223 22.02 58.29 -16.98
N ALA D 224 20.86 57.74 -17.36
CA ALA D 224 20.63 57.38 -18.76
C ALA D 224 20.64 58.62 -19.64
N GLU D 225 20.05 59.72 -19.16
CA GLU D 225 19.80 60.92 -20.01
C GLU D 225 21.11 61.65 -20.34
N TRP D 226 22.02 61.75 -19.36
CA TRP D 226 23.31 62.47 -19.52
C TRP D 226 24.20 61.79 -20.56
N LEU D 227 23.92 60.52 -20.88
CA LEU D 227 24.71 59.77 -21.85
C LEU D 227 24.29 60.16 -23.27
N PHE D 228 23.08 60.71 -23.43
CA PHE D 228 22.60 61.04 -24.76
C PHE D 228 23.54 61.98 -25.51
N PRO D 229 24.01 63.09 -24.94
CA PRO D 229 24.97 63.92 -25.68
C PRO D 229 26.24 63.20 -26.07
N LEU D 230 26.71 62.26 -25.24
CA LEU D 230 27.92 61.52 -25.56
C LEU D 230 27.68 60.60 -26.76
N ALA D 231 26.58 59.86 -26.76
CA ALA D 231 26.28 58.97 -27.87
C ALA D 231 26.05 59.75 -29.15
N PHE D 232 25.34 60.87 -29.07
CA PHE D 232 25.04 61.69 -30.24
C PHE D 232 26.23 62.51 -30.70
N SER D 233 27.28 62.62 -29.89
CA SER D 233 28.46 63.36 -30.30
C SER D 233 29.08 62.72 -31.54
N LYS D 234 30.05 63.42 -32.12
CA LYS D 234 30.71 62.94 -33.33
C LYS D 234 32.23 63.15 -33.31
N GLU D 235 32.79 63.60 -32.19
CA GLU D 235 34.24 63.83 -32.16
C GLU D 235 35.01 62.53 -32.27
N ASP D 236 34.66 61.54 -31.46
CA ASP D 236 35.31 60.24 -31.46
C ASP D 236 34.26 59.14 -31.49
N GLU D 237 34.52 58.10 -32.29
CA GLU D 237 33.60 56.97 -32.34
C GLU D 237 33.72 56.07 -31.11
N LEU D 238 34.89 56.04 -30.47
CA LEU D 238 35.06 55.22 -29.28
C LEU D 238 34.15 55.68 -28.14
N LEU D 239 34.05 57.00 -27.95
CA LEU D 239 33.16 57.52 -26.91
C LEU D 239 31.71 57.15 -27.18
N ARG D 240 31.29 57.27 -28.45
CA ARG D 240 29.93 56.88 -28.81
C ARG D 240 29.69 55.39 -28.56
N LEU D 241 30.67 54.55 -28.91
CA LEU D 241 30.52 53.12 -28.68
C LEU D 241 30.41 52.81 -27.20
N HIS D 242 31.23 53.46 -26.36
CA HIS D 242 31.16 53.22 -24.93
C HIS D 242 29.80 53.67 -24.37
N ALA D 243 29.31 54.83 -24.80
CA ALA D 243 28.02 55.30 -24.33
C ALA D 243 26.90 54.34 -24.75
N CYS D 244 26.96 53.86 -25.99
CA CYS D 244 25.95 52.91 -26.46
C CYS D 244 26.01 51.62 -25.66
N LEU D 245 27.21 51.12 -25.38
CA LEU D 245 27.34 49.92 -24.55
C LEU D 245 26.71 50.14 -23.19
N ALA D 246 27.03 51.26 -22.55
CA ALA D 246 26.50 51.52 -21.21
C ALA D 246 24.97 51.59 -21.24
N VAL D 247 24.41 52.33 -22.19
CA VAL D 247 22.97 52.50 -22.23
C VAL D 247 22.27 51.19 -22.54
N ALA D 248 22.86 50.39 -23.44
CA ALA D 248 22.26 49.08 -23.75
C ALA D 248 22.27 48.17 -22.54
N VAL D 249 23.41 48.11 -21.84
CA VAL D 249 23.49 47.25 -20.65
C VAL D 249 22.50 47.73 -19.60
N LEU D 250 22.30 49.04 -19.49
CA LEU D 250 21.27 49.54 -18.58
C LEU D 250 19.88 49.12 -19.04
N ALA D 251 19.63 49.19 -20.34
CA ALA D 251 18.30 48.91 -20.88
C ALA D 251 17.94 47.43 -20.80
N THR D 252 18.94 46.53 -20.71
CA THR D 252 18.62 45.08 -20.64
C THR D 252 17.67 44.84 -19.46
N ASN D 253 17.80 45.64 -18.40
CA ASN D 253 17.02 45.44 -17.18
C ASN D 253 15.59 45.93 -17.45
N LYS D 254 14.63 45.01 -17.41
CA LYS D 254 13.27 45.35 -17.81
C LYS D 254 12.64 46.38 -16.88
N GLU D 255 13.05 46.40 -15.61
CA GLU D 255 12.33 47.28 -14.65
C GLU D 255 12.40 48.74 -15.12
N VAL D 256 13.47 49.12 -15.84
CA VAL D 256 13.66 50.52 -16.22
C VAL D 256 13.80 50.64 -17.72
N GLU D 257 13.40 49.60 -18.46
CA GLU D 257 13.59 49.60 -19.90
C GLU D 257 12.80 50.73 -20.56
N ARG D 258 11.57 50.98 -20.11
CA ARG D 258 10.72 51.95 -20.78
C ARG D 258 11.28 53.36 -20.64
N GLU D 259 11.61 53.76 -19.41
CA GLU D 259 12.15 55.11 -19.18
C GLU D 259 13.50 55.27 -19.86
N VAL D 260 14.32 54.21 -19.85
CA VAL D 260 15.60 54.27 -20.55
C VAL D 260 15.39 54.51 -22.03
N GLU D 261 14.44 53.79 -22.63
CA GLU D 261 14.15 53.97 -24.05
C GLU D 261 13.64 55.37 -24.33
N ARG D 262 12.82 55.92 -23.44
CA ARG D 262 12.29 57.26 -23.65
C ARG D 262 13.39 58.31 -23.70
N SER D 263 14.58 58.00 -23.19
CA SER D 263 15.68 58.94 -23.28
C SER D 263 16.04 59.25 -24.73
N GLY D 264 15.85 58.28 -25.63
CA GLY D 264 16.11 58.46 -27.03
C GLY D 264 17.47 57.99 -27.49
N THR D 265 18.43 57.82 -26.57
CA THR D 265 19.76 57.36 -26.98
C THR D 265 19.76 55.89 -27.36
N LEU D 266 18.89 55.08 -26.75
CA LEU D 266 18.86 53.66 -27.03
C LEU D 266 18.62 53.40 -28.51
N ALA D 267 17.66 54.11 -29.10
CA ALA D 267 17.34 53.91 -30.52
C ALA D 267 18.54 54.23 -31.41
N LEU D 268 19.53 54.96 -30.89
CA LEU D 268 20.71 55.30 -31.67
C LEU D 268 21.75 54.18 -31.67
N VAL D 269 21.51 53.08 -30.96
CA VAL D 269 22.51 52.02 -30.86
C VAL D 269 22.60 51.26 -32.18
N GLU D 270 21.50 50.66 -32.62
CA GLU D 270 21.55 49.79 -33.78
C GLU D 270 22.08 50.49 -35.03
N PRO D 271 21.66 51.71 -35.37
CA PRO D 271 22.23 52.35 -36.57
C PRO D 271 23.73 52.53 -36.50
N LEU D 272 24.29 52.72 -35.30
CA LEU D 272 25.71 52.99 -35.19
C LEU D 272 26.55 51.77 -35.57
N VAL D 273 26.20 50.60 -35.03
CA VAL D 273 27.03 49.42 -35.22
C VAL D 273 27.04 48.99 -36.68
N ALA D 274 25.91 49.15 -37.37
CA ALA D 274 25.80 48.67 -38.75
C ALA D 274 26.73 49.43 -39.70
N SER D 275 27.25 50.58 -39.28
CA SER D 275 28.12 51.38 -40.13
C SER D 275 29.60 51.21 -39.82
N LEU D 276 29.96 51.03 -38.54
CA LEU D 276 31.36 50.90 -38.18
C LEU D 276 31.89 49.52 -38.56
N ASP D 277 33.21 49.46 -38.77
CA ASP D 277 33.87 48.22 -39.15
C ASP D 277 34.63 47.68 -37.95
N PRO D 278 34.35 46.45 -37.50
CA PRO D 278 35.09 45.92 -36.33
C PRO D 278 36.59 45.91 -36.54
N GLY D 279 37.05 45.67 -37.76
CA GLY D 279 38.49 45.65 -38.01
C GLY D 279 39.14 46.99 -37.73
N ARG D 280 38.54 48.08 -38.23
CA ARG D 280 39.07 49.40 -37.94
C ARG D 280 38.95 49.73 -36.47
N PHE D 281 37.82 49.39 -35.84
CA PHE D 281 37.69 49.56 -34.40
C PHE D 281 38.68 48.65 -33.68
N ALA D 282 38.87 47.43 -34.16
CA ALA D 282 39.88 46.55 -33.60
C ALA D 282 41.28 47.06 -33.89
N ARG D 283 41.48 47.71 -35.04
CA ARG D 283 42.80 48.29 -35.40
C ARG D 283 43.13 49.40 -34.39
N CYS D 284 42.14 50.22 -34.05
CA CYS D 284 42.24 51.07 -32.89
C CYS D 284 42.20 50.23 -31.63
N LEU D 285 42.44 50.87 -30.49
CA LEU D 285 42.56 50.21 -29.19
C LEU D 285 43.86 49.43 -29.10
N VAL D 286 44.62 49.38 -30.20
CA VAL D 286 45.94 48.78 -30.20
C VAL D 286 47.03 49.82 -30.38
N ASP D 287 46.80 50.85 -31.19
CA ASP D 287 47.70 51.99 -31.23
C ASP D 287 47.64 52.81 -29.95
N ALA D 288 46.60 52.64 -29.14
CA ALA D 288 46.47 53.33 -27.87
C ALA D 288 47.09 52.51 -26.75
N SER D 289 47.77 53.20 -25.83
CA SER D 289 48.45 52.53 -24.74
C SER D 289 47.47 52.01 -23.70
N ASP D 290 46.39 52.76 -23.45
CA ASP D 290 45.46 52.42 -22.38
C ASP D 290 44.73 51.11 -22.66
N THR D 291 44.75 50.65 -23.91
CA THR D 291 44.10 49.39 -24.25
C THR D 291 44.94 48.54 -25.20
N SER D 292 46.25 48.77 -25.29
CA SER D 292 47.09 48.09 -26.27
C SER D 292 46.93 46.58 -26.22
N GLN D 293 46.64 46.04 -25.04
CA GLN D 293 46.55 44.60 -24.86
C GLN D 293 45.15 44.04 -25.01
N GLY D 294 44.12 44.89 -25.03
CA GLY D 294 42.76 44.44 -25.25
C GLY D 294 41.98 44.29 -23.97
N ARG D 295 41.11 43.28 -23.96
CA ARG D 295 40.20 43.02 -22.86
C ARG D 295 40.50 41.65 -22.26
N GLY D 296 40.40 41.56 -20.94
CA GLY D 296 40.83 40.38 -20.22
C GLY D 296 39.81 39.25 -20.23
N PRO D 297 40.19 38.10 -19.69
CA PRO D 297 39.29 36.94 -19.69
C PRO D 297 38.02 37.13 -18.86
N ASP D 298 38.03 38.00 -17.86
CA ASP D 298 36.86 38.23 -17.02
C ASP D 298 36.05 39.42 -17.47
N ASP D 299 36.64 40.29 -18.29
CA ASP D 299 35.88 41.45 -18.82
C ASP D 299 35.12 41.01 -20.07
N LEU D 300 35.52 39.89 -20.66
CA LEU D 300 34.79 39.33 -21.84
C LEU D 300 33.64 38.47 -21.31
N GLN D 301 33.88 37.73 -20.21
CA GLN D 301 32.82 36.92 -19.60
C GLN D 301 31.62 37.81 -19.33
N ARG D 302 31.80 39.09 -19.08
CA ARG D 302 30.67 39.96 -18.71
C ARG D 302 29.93 40.40 -19.97
N LEU D 303 30.63 40.51 -21.10
CA LEU D 303 29.97 40.86 -22.35
C LEU D 303 29.17 39.70 -22.92
N VAL D 304 29.65 38.47 -22.76
CA VAL D 304 28.98 37.32 -23.37
C VAL D 304 27.50 37.24 -23.01
N PRO D 305 27.07 37.46 -21.77
CA PRO D 305 25.62 37.40 -21.49
C PRO D 305 24.78 38.39 -22.28
N LEU D 306 25.40 39.39 -22.94
CA LEU D 306 24.61 40.33 -23.72
C LEU D 306 24.02 39.67 -24.97
N LEU D 307 24.68 38.63 -25.50
CA LEU D 307 24.14 37.92 -26.65
C LEU D 307 22.84 37.19 -26.31
N ASP D 308 22.53 37.03 -25.02
CA ASP D 308 21.30 36.38 -24.57
C ASP D 308 20.35 37.36 -23.90
N SER D 309 20.42 38.64 -24.28
CA SER D 309 19.75 39.69 -23.51
C SER D 309 18.27 39.86 -23.90
N ASN D 310 17.83 39.24 -24.98
CA ASN D 310 16.48 39.38 -25.53
C ASN D 310 16.20 40.77 -26.07
N ARG D 311 17.17 41.68 -26.01
CA ARG D 311 17.03 43.03 -26.53
C ARG D 311 17.91 43.16 -27.76
N LEU D 312 17.33 43.67 -28.86
CA LEU D 312 18.05 43.69 -30.13
C LEU D 312 19.32 44.54 -30.04
N GLU D 313 19.21 45.73 -29.44
CA GLU D 313 20.38 46.60 -29.35
C GLU D 313 21.47 45.96 -28.51
N ALA D 314 21.10 45.33 -27.40
CA ALA D 314 22.08 44.67 -26.54
C ALA D 314 22.83 43.60 -27.31
N GLN D 315 22.11 42.74 -28.03
CA GLN D 315 22.76 41.69 -28.80
C GLN D 315 23.66 42.27 -29.88
N CYS D 316 23.20 43.32 -30.58
CA CYS D 316 24.00 43.92 -31.62
C CYS D 316 25.31 44.46 -31.08
N ILE D 317 25.24 45.23 -29.98
CA ILE D 317 26.46 45.83 -29.44
C ILE D 317 27.37 44.76 -28.86
N GLY D 318 26.80 43.74 -28.21
CA GLY D 318 27.62 42.65 -27.71
C GLY D 318 28.35 41.92 -28.82
N ALA D 319 27.65 41.65 -29.92
CA ALA D 319 28.28 40.98 -31.04
C ALA D 319 29.39 41.85 -31.64
N PHE D 320 29.15 43.16 -31.74
CA PHE D 320 30.18 44.05 -32.26
C PHE D 320 31.43 44.03 -31.39
N TYR D 321 31.25 44.15 -30.07
CA TYR D 321 32.38 44.15 -29.16
C TYR D 321 33.12 42.82 -29.20
N LEU D 322 32.38 41.71 -29.22
CA LEU D 322 33.02 40.41 -29.28
C LEU D 322 33.79 40.23 -30.58
N CYS D 323 33.26 40.75 -31.69
CA CYS D 323 33.98 40.68 -32.95
C CYS D 323 35.28 41.46 -32.89
N ALA D 324 35.23 42.67 -32.31
CA ALA D 324 36.46 43.46 -32.20
C ALA D 324 37.49 42.75 -31.31
N GLU D 325 37.04 42.22 -30.17
CA GLU D 325 37.96 41.54 -29.27
C GLU D 325 38.52 40.27 -29.91
N ALA D 326 37.71 39.57 -30.70
CA ALA D 326 38.21 38.41 -31.44
C ALA D 326 39.27 38.83 -32.44
N ALA D 327 39.05 39.95 -33.13
CA ALA D 327 40.05 40.45 -34.07
C ALA D 327 41.36 40.74 -33.36
N ILE D 328 41.28 41.32 -32.16
CA ILE D 328 42.50 41.60 -31.40
C ILE D 328 43.18 40.30 -30.97
N LYS D 329 42.41 39.37 -30.39
CA LYS D 329 43.02 38.21 -29.76
C LYS D 329 43.54 37.22 -30.79
N SER D 330 42.88 37.10 -31.95
CA SER D 330 43.40 36.24 -33.00
C SER D 330 44.77 36.70 -33.45
N LEU D 331 44.96 38.02 -33.57
CA LEU D 331 46.30 38.54 -33.83
C LEU D 331 47.23 38.21 -32.67
N GLN D 332 46.75 38.35 -31.43
CA GLN D 332 47.55 37.94 -30.27
C GLN D 332 47.72 36.43 -30.17
N GLY D 333 46.96 35.65 -30.94
CA GLY D 333 47.07 34.20 -30.88
C GLY D 333 46.64 33.63 -29.53
N LYS D 334 45.49 34.08 -29.03
CA LYS D 334 44.99 33.65 -27.73
C LYS D 334 43.49 33.36 -27.79
N THR D 335 43.01 32.85 -28.93
CA THR D 335 41.57 32.69 -29.15
C THR D 335 41.03 31.64 -28.18
N LYS D 336 41.86 30.83 -27.53
CA LYS D 336 41.29 29.77 -26.65
C LYS D 336 40.35 30.40 -25.62
N VAL D 337 40.62 31.61 -25.19
CA VAL D 337 39.81 32.25 -24.12
C VAL D 337 38.33 32.21 -24.52
N PHE D 338 38.01 32.42 -25.80
CA PHE D 338 36.62 32.48 -26.22
C PHE D 338 35.90 31.17 -26.00
N SER D 339 36.62 30.04 -26.01
CA SER D 339 35.98 28.76 -25.71
C SER D 339 35.73 28.60 -24.22
N ASP D 340 36.66 29.09 -23.39
CA ASP D 340 36.49 28.97 -21.94
C ASP D 340 35.38 29.86 -21.42
N ILE D 341 34.91 30.82 -22.21
CA ILE D 341 33.90 31.77 -21.76
C ILE D 341 32.49 31.37 -22.16
N GLY D 342 32.35 30.49 -23.14
CA GLY D 342 31.03 30.19 -23.70
C GLY D 342 30.59 31.14 -24.78
N ALA D 343 31.51 31.89 -25.39
CA ALA D 343 31.14 32.84 -26.42
C ALA D 343 30.86 32.16 -27.75
N ILE D 344 31.57 31.08 -28.07
CA ILE D 344 31.36 30.41 -29.36
C ILE D 344 29.98 29.77 -29.41
N GLN D 345 29.56 29.12 -28.32
CA GLN D 345 28.23 28.53 -28.28
C GLN D 345 27.16 29.59 -28.49
N SER D 346 27.29 30.73 -27.80
CA SER D 346 26.31 31.80 -27.93
C SER D 346 26.30 32.37 -29.35
N LEU D 347 27.49 32.54 -29.94
CA LEU D 347 27.54 33.07 -31.30
C LEU D 347 26.88 32.13 -32.29
N LYS D 348 27.14 30.83 -32.16
CA LYS D 348 26.51 29.87 -33.06
C LYS D 348 25.00 29.84 -32.88
N ARG D 349 24.53 29.87 -31.63
CA ARG D 349 23.09 29.91 -31.38
C ARG D 349 22.47 31.18 -31.97
N LEU D 350 23.16 32.31 -31.82
CA LEU D 350 22.67 33.56 -32.38
C LEU D 350 22.60 33.51 -33.90
N VAL D 351 23.57 32.85 -34.54
CA VAL D 351 23.55 32.74 -35.99
C VAL D 351 22.41 31.83 -36.43
N SER D 352 22.16 30.75 -35.68
CA SER D 352 21.14 29.79 -36.09
C SER D 352 19.73 30.36 -35.95
N TYR D 353 19.42 30.97 -34.81
CA TYR D 353 18.06 31.34 -34.44
C TYR D 353 17.83 32.84 -34.46
N SER D 354 18.36 33.54 -35.45
CA SER D 354 18.18 34.98 -35.57
C SER D 354 17.66 35.34 -36.95
N THR D 355 16.89 36.43 -37.01
CA THR D 355 16.34 36.95 -38.25
C THR D 355 16.90 38.31 -38.64
N ASN D 356 17.51 39.04 -37.72
CA ASN D 356 18.08 40.34 -38.04
C ASN D 356 19.32 40.17 -38.91
N GLY D 357 19.72 41.27 -39.56
CA GLY D 357 20.84 41.23 -40.49
C GLY D 357 22.16 41.66 -39.90
N THR D 358 22.17 42.79 -39.18
CA THR D 358 23.43 43.33 -38.68
C THR D 358 24.06 42.40 -37.64
N LYS D 359 23.27 41.93 -36.69
CA LYS D 359 23.83 41.08 -35.64
C LYS D 359 24.22 39.72 -36.21
N SER D 360 23.45 39.19 -37.16
CA SER D 360 23.82 37.93 -37.80
C SER D 360 25.14 38.09 -38.54
N ALA D 361 25.32 39.19 -39.28
CA ALA D 361 26.56 39.40 -39.99
C ALA D 361 27.74 39.53 -39.03
N LEU D 362 27.54 40.28 -37.94
CA LEU D 362 28.62 40.44 -36.95
C LEU D 362 28.99 39.09 -36.34
N ALA D 363 27.98 38.29 -35.99
CA ALA D 363 28.26 36.98 -35.40
C ALA D 363 28.99 36.07 -36.38
N LYS D 364 28.56 36.08 -37.65
CA LYS D 364 29.22 35.23 -38.64
C LYS D 364 30.67 35.65 -38.84
N ARG D 365 30.93 36.96 -38.92
CA ARG D 365 32.30 37.42 -39.08
C ARG D 365 33.14 37.05 -37.85
N ALA D 366 32.57 37.21 -36.66
CA ALA D 366 33.30 36.85 -35.45
C ALA D 366 33.63 35.36 -35.43
N LEU D 367 32.68 34.52 -35.83
CA LEU D 367 32.94 33.08 -35.88
C LEU D 367 34.03 32.76 -36.89
N ARG D 368 34.00 33.42 -38.05
CA ARG D 368 35.03 33.16 -39.05
C ARG D 368 36.41 33.62 -38.58
N LEU D 369 36.47 34.70 -37.81
CA LEU D 369 37.76 35.13 -37.26
C LEU D 369 38.35 34.06 -36.35
N LEU D 370 37.51 33.43 -35.54
CA LEU D 370 37.96 32.36 -34.66
C LEU D 370 38.28 31.07 -35.41
N GLY D 371 38.03 31.01 -36.72
CA GLY D 371 38.23 29.79 -37.47
C GLY D 371 37.20 28.75 -37.08
N GLU D 372 35.98 29.17 -36.77
CA GLU D 372 34.93 28.20 -36.33
C GLU D 372 33.89 28.11 -37.45
N GLU D 373 32.99 27.14 -37.40
CA GLU D 373 32.03 26.97 -38.52
C GLU D 373 30.87 27.95 -38.36
N VAL D 374 30.11 28.20 -39.42
CA VAL D 374 28.94 29.06 -39.34
C VAL D 374 27.70 28.21 -39.61
N PRO D 375 26.86 27.95 -38.60
CA PRO D 375 25.70 27.08 -38.82
C PRO D 375 24.76 27.73 -39.83
N ARG D 376 24.12 26.88 -40.64
CA ARG D 376 23.09 27.37 -41.53
C ARG D 376 21.83 27.69 -40.70
N PRO D 377 21.06 28.69 -41.11
CA PRO D 377 19.86 29.04 -40.34
C PRO D 377 18.85 27.90 -40.30
N ILE D 378 18.19 27.77 -39.15
CA ILE D 378 17.17 26.75 -38.93
C ILE D 378 15.81 27.42 -39.02
N LEU D 379 15.02 27.04 -40.01
CA LEU D 379 13.71 27.67 -40.18
C LEU D 379 12.84 27.36 -38.95
N PRO D 380 12.22 28.36 -38.33
CA PRO D 380 11.69 28.18 -36.97
C PRO D 380 10.35 27.48 -36.89
N SER D 381 9.61 27.34 -37.99
CA SER D 381 8.28 26.75 -37.92
C SER D 381 8.37 25.25 -37.69
N VAL D 382 8.75 24.85 -36.48
CA VAL D 382 8.92 23.41 -36.20
C VAL D 382 7.62 22.65 -36.38
N PRO D 383 6.47 23.12 -35.87
CA PRO D 383 5.24 22.30 -35.95
C PRO D 383 4.89 21.87 -37.35
N SER D 384 5.32 22.64 -38.36
CA SER D 384 5.01 22.36 -39.75
C SER D 384 6.13 21.64 -40.48
N TRP D 385 7.00 20.94 -39.75
CA TRP D 385 8.12 20.26 -40.35
C TRP D 385 7.72 18.91 -40.92
N LYS D 386 8.31 18.56 -42.05
CA LYS D 386 8.18 17.24 -42.64
C LYS D 386 9.46 16.44 -42.35
N GLU D 387 9.58 15.26 -42.96
CA GLU D 387 10.72 14.41 -42.66
C GLU D 387 12.03 15.06 -43.07
N ALA D 388 12.06 15.74 -44.22
CA ALA D 388 13.32 16.30 -44.71
C ALA D 388 13.88 17.32 -43.72
N GLU D 389 13.03 18.16 -43.16
CA GLU D 389 13.49 19.14 -42.18
C GLU D 389 14.07 18.46 -40.95
N VAL D 390 13.44 17.38 -40.50
CA VAL D 390 13.94 16.67 -39.33
C VAL D 390 15.29 16.04 -39.63
N GLN D 391 15.46 15.47 -40.82
CA GLN D 391 16.75 14.90 -41.19
C GLN D 391 17.82 15.98 -41.21
N THR D 392 17.51 17.14 -41.78
CA THR D 392 18.49 18.23 -41.81
C THR D 392 18.87 18.66 -40.40
N TRP D 393 17.88 18.82 -39.52
CA TRP D 393 18.17 19.22 -38.15
C TRP D 393 19.01 18.17 -37.44
N LEU D 394 18.69 16.90 -37.63
CA LEU D 394 19.48 15.84 -37.01
C LEU D 394 20.92 15.89 -37.49
N GLN D 395 21.13 16.10 -38.79
CA GLN D 395 22.50 16.21 -39.30
C GLN D 395 23.20 17.45 -38.76
N GLN D 396 22.46 18.51 -38.48
CA GLN D 396 23.08 19.73 -37.94
C GLN D 396 23.59 19.51 -36.52
N ILE D 397 22.74 18.93 -35.65
CA ILE D 397 23.10 18.82 -34.23
C ILE D 397 24.10 17.71 -33.95
N GLY D 398 24.45 16.90 -34.94
CA GLY D 398 25.43 15.86 -34.77
C GLY D 398 24.87 14.49 -34.42
N PHE D 399 23.60 14.23 -34.70
CA PHE D 399 22.97 12.93 -34.47
C PHE D 399 22.68 12.23 -35.78
N SER D 400 23.60 12.35 -36.76
CA SER D 400 23.40 11.74 -38.06
C SER D 400 23.44 10.22 -38.01
N LYS D 401 23.86 9.62 -36.88
CA LYS D 401 23.83 8.18 -36.76
C LYS D 401 22.40 7.65 -36.60
N TYR D 402 21.46 8.50 -36.18
CA TYR D 402 20.08 8.10 -35.95
C TYR D 402 19.15 8.60 -37.04
N CYS D 403 19.69 9.04 -38.19
CA CYS D 403 18.84 9.50 -39.27
C CYS D 403 17.98 8.36 -39.82
N GLU D 404 18.56 7.18 -39.98
CA GLU D 404 17.82 6.06 -40.53
C GLU D 404 16.65 5.67 -39.64
N SER D 405 16.88 5.60 -38.32
CA SER D 405 15.82 5.22 -37.41
C SER D 405 14.70 6.25 -37.40
N PHE D 406 15.04 7.54 -37.41
CA PHE D 406 14.01 8.58 -37.44
C PHE D 406 13.23 8.53 -38.75
N ARG D 407 13.91 8.31 -39.87
CA ARG D 407 13.22 8.26 -41.16
C ARG D 407 12.31 7.04 -41.25
N GLU D 408 12.74 5.90 -40.73
CA GLU D 408 11.92 4.70 -40.78
C GLU D 408 10.61 4.90 -40.03
N GLN D 409 10.67 5.51 -38.85
CA GLN D 409 9.48 5.74 -38.04
C GLN D 409 8.70 6.98 -38.48
N GLN D 410 9.20 7.73 -39.46
CA GLN D 410 8.50 8.89 -40.01
C GLN D 410 8.22 9.93 -38.93
N VAL D 411 9.27 10.29 -38.20
CA VAL D 411 9.16 11.34 -37.20
C VAL D 411 9.18 12.69 -37.90
N ASP D 412 8.18 13.52 -37.62
CA ASP D 412 8.11 14.87 -38.17
C ASP D 412 7.96 15.87 -37.04
N GLY D 413 7.71 17.14 -37.35
CA GLY D 413 7.69 18.16 -36.32
C GLY D 413 6.69 17.87 -35.22
N ASP D 414 5.50 17.41 -35.58
CA ASP D 414 4.48 17.11 -34.57
C ASP D 414 4.94 15.98 -33.66
N LEU D 415 5.52 14.93 -34.23
CA LEU D 415 6.02 13.82 -33.43
C LEU D 415 7.35 14.14 -32.76
N LEU D 416 8.11 15.09 -33.31
CA LEU D 416 9.38 15.47 -32.70
C LEU D 416 9.16 16.30 -31.45
N LEU D 417 8.22 17.23 -31.49
CA LEU D 417 7.96 18.09 -30.34
C LEU D 417 7.26 17.37 -29.20
N ARG D 418 6.90 16.09 -29.37
CA ARG D 418 6.22 15.33 -28.34
C ARG D 418 6.97 14.05 -28.00
N LEU D 419 8.26 13.97 -28.32
CA LEU D 419 9.02 12.76 -28.10
C LEU D 419 9.36 12.60 -26.62
N THR D 420 9.43 11.35 -26.16
CA THR D 420 9.62 11.08 -24.72
C THR D 420 10.83 10.17 -24.45
N GLU D 421 11.03 9.77 -23.19
CA GLU D 421 12.18 8.90 -22.80
C GLU D 421 12.00 7.51 -23.43
N GLU D 422 10.84 6.88 -23.23
CA GLU D 422 10.64 5.49 -23.71
C GLU D 422 10.69 5.42 -25.25
N GLU D 423 10.06 6.35 -25.95
CA GLU D 423 10.03 6.27 -27.41
C GLU D 423 11.44 6.41 -27.99
N LEU D 424 12.26 7.26 -27.36
CA LEU D 424 13.66 7.36 -27.77
C LEU D 424 14.39 6.05 -27.53
N GLN D 425 14.11 5.39 -26.40
CA GLN D 425 14.84 4.19 -26.03
C GLN D 425 14.41 2.99 -26.85
N THR D 426 13.12 2.66 -26.81
CA THR D 426 12.65 1.42 -27.40
C THR D 426 12.47 1.53 -28.92
N ASP D 427 11.83 2.60 -29.38
CA ASP D 427 11.42 2.69 -30.77
C ASP D 427 12.51 3.28 -31.68
N LEU D 428 13.24 4.29 -31.20
CA LEU D 428 14.28 4.90 -32.01
C LEU D 428 15.66 4.30 -31.75
N GLY D 429 15.92 3.82 -30.55
CA GLY D 429 17.11 3.07 -30.26
C GLY D 429 18.24 3.80 -29.56
N MET D 430 17.94 4.76 -28.70
CA MET D 430 18.97 5.47 -27.93
C MET D 430 19.10 4.78 -26.58
N LYS D 431 19.84 3.68 -26.58
CA LYS D 431 20.01 2.90 -25.36
C LYS D 431 20.74 3.63 -24.24
N SER D 432 21.84 4.29 -24.58
CA SER D 432 22.67 4.97 -23.56
C SER D 432 21.93 6.21 -23.01
N GLY D 433 21.75 6.28 -21.69
CA GLY D 433 21.06 7.40 -21.09
C GLY D 433 21.74 8.75 -21.28
N ILE D 434 23.07 8.75 -21.40
CA ILE D 434 23.80 9.99 -21.62
C ILE D 434 23.50 10.55 -23.01
N THR D 435 23.42 9.67 -24.01
CA THR D 435 23.07 10.12 -25.35
C THR D 435 21.66 10.70 -25.39
N ARG D 436 20.72 10.07 -24.68
CA ARG D 436 19.38 10.63 -24.61
C ARG D 436 19.32 11.99 -23.92
N LYS D 437 20.13 12.17 -22.87
CA LYS D 437 20.20 13.48 -22.22
C LYS D 437 20.78 14.54 -23.16
N ARG D 438 21.76 14.16 -23.98
CA ARG D 438 22.30 15.08 -24.98
C ARG D 438 21.21 15.43 -25.98
N PHE D 439 20.47 14.43 -26.45
CA PHE D 439 19.42 14.69 -27.43
C PHE D 439 18.35 15.61 -26.86
N PHE D 440 17.95 15.38 -25.61
CA PHE D 440 16.97 16.26 -24.99
C PHE D 440 17.55 17.64 -24.74
N ARG D 441 18.85 17.74 -24.50
CA ARG D 441 19.49 19.04 -24.38
C ARG D 441 19.37 19.83 -25.69
N GLU D 442 19.54 19.14 -26.82
CA GLU D 442 19.37 19.79 -28.12
C GLU D 442 17.90 20.15 -28.36
N LEU D 443 17.00 19.22 -28.05
CA LEU D 443 15.58 19.44 -28.34
C LEU D 443 14.99 20.56 -27.49
N THR D 444 15.45 20.73 -26.25
CA THR D 444 14.96 21.82 -25.43
C THR D 444 15.33 23.18 -26.02
N GLU D 445 16.52 23.30 -26.59
CA GLU D 445 16.96 24.56 -27.24
C GLU D 445 16.14 24.80 -28.51
N LEU D 446 15.88 23.76 -29.27
CA LEU D 446 15.01 23.89 -30.43
C LEU D 446 13.62 24.34 -30.00
N LYS D 447 13.11 23.76 -28.92
CA LYS D 447 11.78 24.11 -28.42
C LYS D 447 11.71 25.56 -27.97
N THR D 448 12.72 26.02 -27.22
CA THR D 448 12.70 27.40 -26.75
C THR D 448 12.76 28.37 -27.92
N PHE D 449 13.54 28.06 -28.95
CA PHE D 449 13.74 28.98 -30.06
C PHE D 449 12.89 28.65 -31.28
N ALA D 450 11.75 28.00 -31.09
CA ALA D 450 10.85 27.67 -32.18
C ALA D 450 9.76 28.74 -32.33
N ASN D 451 9.02 28.65 -33.43
CA ASN D 451 7.94 29.58 -33.75
C ASN D 451 6.63 28.81 -33.80
N TYR D 452 5.78 29.03 -32.79
CA TYR D 452 4.52 28.31 -32.65
C TYR D 452 3.33 29.11 -33.17
N SER D 453 3.54 29.97 -34.17
CA SER D 453 2.47 30.84 -34.64
C SER D 453 1.34 30.02 -35.26
N THR D 454 1.67 28.90 -35.90
CA THR D 454 0.66 28.07 -36.54
C THR D 454 -0.20 27.31 -35.53
N CYS D 455 0.21 27.28 -34.26
CA CYS D 455 -0.52 26.47 -33.26
C CYS D 455 -1.32 27.38 -32.32
N ASP D 456 -0.63 28.31 -31.67
CA ASP D 456 -1.25 29.15 -30.61
C ASP D 456 -1.87 30.42 -31.18
N ARG D 457 -3.20 30.43 -31.17
CA ARG D 457 -4.01 31.62 -31.51
C ARG D 457 -4.17 32.56 -30.30
N SER D 458 -4.00 32.05 -29.08
CA SER D 458 -4.12 32.88 -27.84
C SER D 458 -2.75 33.46 -27.48
N ASN D 459 -1.76 33.34 -28.37
CA ASN D 459 -0.41 33.84 -28.12
C ASN D 459 0.10 33.47 -26.73
N LEU D 460 0.05 32.17 -26.44
CA LEU D 460 0.46 31.67 -25.13
C LEU D 460 1.98 31.58 -24.99
N ALA D 461 2.72 31.61 -26.09
CA ALA D 461 4.18 31.53 -26.00
C ALA D 461 4.76 32.74 -25.28
N ASP D 462 4.24 33.93 -25.57
CA ASP D 462 4.79 35.14 -24.96
C ASP D 462 4.51 35.18 -23.47
N TRP D 463 3.34 34.70 -23.03
CA TRP D 463 3.06 34.67 -21.60
C TRP D 463 4.05 33.78 -20.88
N LEU D 464 4.34 32.60 -21.44
CA LEU D 464 5.31 31.71 -20.82
C LEU D 464 6.70 32.33 -20.82
N GLY D 465 7.08 32.97 -21.93
CA GLY D 465 8.39 33.61 -21.98
C GLY D 465 8.53 34.80 -21.05
N SER D 466 7.42 35.43 -20.68
CA SER D 466 7.49 36.56 -19.75
C SER D 466 7.98 36.13 -18.38
N LEU D 467 7.46 35.02 -17.86
CA LEU D 467 7.90 34.54 -16.55
C LEU D 467 9.39 34.26 -16.55
N ASP D 468 9.84 33.45 -17.51
CA ASP D 468 11.24 33.06 -17.64
C ASP D 468 11.41 32.55 -19.07
N PRO D 469 12.31 33.11 -19.93
CA PRO D 469 12.40 32.66 -21.33
C PRO D 469 12.59 31.15 -21.48
N ARG D 470 13.14 30.49 -20.45
CA ARG D 470 13.40 29.03 -20.54
C ARG D 470 12.09 28.27 -20.35
N PHE D 471 10.96 28.99 -20.27
CA PHE D 471 9.63 28.35 -20.12
C PHE D 471 8.93 28.31 -21.47
N ARG D 472 9.51 28.95 -22.49
CA ARG D 472 8.83 29.01 -23.81
C ARG D 472 8.81 27.63 -24.42
N GLN D 473 9.66 26.72 -23.93
CA GLN D 473 9.75 25.34 -24.44
C GLN D 473 8.46 24.59 -24.19
N TYR D 474 7.68 25.05 -23.23
CA TYR D 474 6.47 24.33 -22.84
C TYR D 474 5.26 24.70 -23.69
N THR D 475 5.38 25.68 -24.59
CA THR D 475 4.22 26.15 -25.34
C THR D 475 3.46 24.99 -25.98
N TYR D 476 4.13 24.26 -26.88
CA TYR D 476 3.46 23.17 -27.58
C TYR D 476 2.91 22.13 -26.62
N GLY D 477 3.50 21.99 -25.43
CA GLY D 477 2.93 21.07 -24.45
C GLY D 477 1.55 21.50 -24.01
N LEU D 478 1.40 22.79 -23.68
CA LEU D 478 0.11 23.29 -23.23
C LEU D 478 -0.88 23.37 -24.39
N VAL D 479 -0.44 23.92 -25.52
CA VAL D 479 -1.37 24.23 -26.60
C VAL D 479 -2.03 22.97 -27.13
N SER D 480 -1.26 21.89 -27.28
CA SER D 480 -1.83 20.65 -27.80
C SER D 480 -2.87 20.05 -26.86
N CYS D 481 -2.94 20.51 -25.61
CA CYS D 481 -3.96 20.08 -24.67
C CYS D 481 -5.16 21.01 -24.64
N GLY D 482 -5.18 22.06 -25.46
CA GLY D 482 -6.29 22.97 -25.52
C GLY D 482 -6.24 24.14 -24.57
N LEU D 483 -5.22 24.21 -23.72
CA LEU D 483 -5.13 25.30 -22.76
C LEU D 483 -4.91 26.64 -23.46
N ASP D 484 -5.45 27.70 -22.86
CA ASP D 484 -5.30 29.05 -23.37
C ASP D 484 -5.12 29.99 -22.18
N ARG D 485 -4.92 31.28 -22.48
CA ARG D 485 -4.78 32.25 -21.40
C ARG D 485 -6.04 32.35 -20.56
N SER D 486 -7.19 31.98 -21.12
CA SER D 486 -8.46 32.08 -20.42
C SER D 486 -8.82 30.81 -19.64
N LEU D 487 -8.01 29.76 -19.74
CA LEU D 487 -8.27 28.51 -19.05
C LEU D 487 -7.16 28.10 -18.10
N LEU D 488 -6.10 28.90 -17.98
CA LEU D 488 -4.94 28.49 -17.19
C LEU D 488 -5.23 28.53 -15.69
N HIS D 489 -6.03 29.50 -15.24
CA HIS D 489 -6.23 29.68 -13.82
C HIS D 489 -6.92 28.49 -13.16
N ARG D 490 -7.58 27.63 -13.94
CA ARG D 490 -8.29 26.48 -13.40
C ARG D 490 -7.50 25.18 -13.50
N VAL D 491 -6.25 25.23 -13.95
CA VAL D 491 -5.45 24.01 -14.13
C VAL D 491 -4.86 23.59 -12.78
N SER D 492 -4.38 22.36 -12.71
CA SER D 492 -3.84 21.80 -11.48
C SER D 492 -2.47 21.18 -11.77
N GLU D 493 -1.73 20.91 -10.68
CA GLU D 493 -0.37 20.39 -10.83
C GLU D 493 -0.33 19.02 -11.50
N GLN D 494 -1.31 18.17 -11.19
CA GLN D 494 -1.33 16.80 -11.77
C GLN D 494 -1.62 16.91 -13.27
N GLN D 495 -2.42 17.87 -13.69
CA GLN D 495 -2.69 18.07 -15.11
C GLN D 495 -1.43 18.56 -15.80
N LEU D 496 -0.69 19.48 -15.17
CA LEU D 496 0.54 19.97 -15.77
C LEU D 496 1.61 18.89 -15.82
N LEU D 497 1.56 17.93 -14.90
CA LEU D 497 2.54 16.85 -14.88
C LEU D 497 2.21 15.78 -15.91
N GLU D 498 1.03 15.19 -15.80
CA GLU D 498 0.69 14.04 -16.65
C GLU D 498 0.38 14.46 -18.09
N ASP D 499 -0.35 15.55 -18.28
CA ASP D 499 -0.84 15.91 -19.60
C ASP D 499 0.11 16.85 -20.33
N CYS D 500 0.48 17.97 -19.71
CA CYS D 500 1.36 18.93 -20.35
C CYS D 500 2.82 18.54 -20.30
N GLY D 501 3.17 17.50 -19.54
CA GLY D 501 4.53 17.00 -19.52
C GLY D 501 5.56 17.97 -18.99
N ILE D 502 5.29 18.56 -17.83
CA ILE D 502 6.24 19.44 -17.15
C ILE D 502 6.85 18.63 -16.02
N HIS D 503 8.09 18.16 -16.23
CA HIS D 503 8.68 17.20 -15.29
C HIS D 503 9.21 17.87 -14.04
N LEU D 504 9.90 19.01 -14.16
CA LEU D 504 10.51 19.65 -13.01
C LEU D 504 9.44 20.29 -12.13
N GLY D 505 9.51 20.02 -10.82
CA GLY D 505 8.55 20.58 -9.89
C GLY D 505 8.66 22.08 -9.75
N VAL D 506 9.88 22.62 -9.86
CA VAL D 506 10.07 24.06 -9.71
C VAL D 506 9.29 24.80 -10.80
N HIS D 507 9.41 24.35 -12.04
CA HIS D 507 8.71 25.00 -13.14
C HIS D 507 7.21 24.85 -13.00
N ARG D 508 6.74 23.67 -12.58
CA ARG D 508 5.30 23.48 -12.36
C ARG D 508 4.78 24.46 -11.32
N ALA D 509 5.50 24.58 -10.19
CA ALA D 509 5.06 25.48 -9.13
C ALA D 509 5.07 26.93 -9.60
N ARG D 510 6.11 27.34 -10.32
CA ARG D 510 6.17 28.71 -10.82
C ARG D 510 5.02 29.00 -11.78
N ILE D 511 4.75 28.08 -12.70
CA ILE D 511 3.68 28.28 -13.67
C ILE D 511 2.32 28.35 -12.97
N LEU D 512 2.08 27.46 -12.00
CA LEU D 512 0.82 27.48 -11.28
C LEU D 512 0.66 28.77 -10.49
N THR D 513 1.72 29.22 -9.83
CA THR D 513 1.64 30.45 -9.06
C THR D 513 1.37 31.65 -9.96
N ALA D 514 2.00 31.68 -11.14
CA ALA D 514 1.77 32.79 -12.06
C ALA D 514 0.37 32.75 -12.65
N ALA D 515 -0.16 31.55 -12.92
CA ALA D 515 -1.48 31.44 -13.53
C ALA D 515 -2.58 31.74 -12.54
N ARG D 516 -2.42 31.30 -11.29
CA ARG D 516 -3.46 31.49 -10.28
C ARG D 516 -3.61 32.94 -9.86
N GLU D 517 -2.71 33.83 -10.27
CA GLU D 517 -2.88 35.26 -10.10
C GLU D 517 -3.65 35.89 -11.26
N MET D 518 -4.44 35.09 -11.98
CA MET D 518 -5.23 35.55 -13.11
C MET D 518 -4.33 36.19 -14.18
N LEU D 519 -3.36 35.39 -14.64
CA LEU D 519 -2.48 35.78 -15.74
C LEU D 519 -1.82 37.13 -15.45
N VAL E 34 67.52 4.25 18.61
CA VAL E 34 68.55 3.62 19.48
C VAL E 34 68.36 4.09 20.92
N GLN E 35 68.28 3.13 21.85
CA GLN E 35 68.11 3.43 23.26
C GLN E 35 69.42 3.48 24.02
N ASP E 36 70.56 3.34 23.33
CA ASP E 36 71.85 3.34 24.02
C ASP E 36 72.06 4.64 24.77
N ALA E 37 71.75 5.78 24.14
CA ALA E 37 71.82 7.06 24.84
C ALA E 37 70.86 7.09 26.02
N LEU E 38 69.65 6.57 25.83
CA LEU E 38 68.69 6.51 26.93
C LEU E 38 69.22 5.65 28.08
N GLU E 39 69.77 4.48 27.76
CA GLU E 39 70.30 3.61 28.80
C GLU E 39 71.45 4.28 29.54
N ARG E 40 72.33 4.96 28.81
CA ARG E 40 73.44 5.66 29.46
C ARG E 40 72.93 6.79 30.34
N ALA E 41 71.93 7.52 29.87
CA ALA E 41 71.53 8.80 30.51
C ALA E 41 70.72 8.53 31.78
N LEU E 42 69.96 7.43 31.80
CA LEU E 42 69.00 7.17 32.90
C LEU E 42 69.74 7.00 34.25
N PRO E 43 70.79 6.16 34.40
CA PRO E 43 71.51 6.04 35.68
C PRO E 43 71.95 7.41 36.20
N GLU E 44 72.46 8.28 35.33
CA GLU E 44 72.87 9.60 35.76
C GLU E 44 71.67 10.41 36.24
N LEU E 45 70.55 10.32 35.52
CA LEU E 45 69.34 11.02 35.93
C LEU E 45 68.86 10.54 37.29
N GLN E 46 68.89 9.23 37.52
CA GLN E 46 68.48 8.69 38.81
C GLN E 46 69.41 9.17 39.92
N GLN E 47 70.72 9.17 39.67
CA GLN E 47 71.64 9.66 40.69
C GLN E 47 71.39 11.13 40.99
N ALA E 48 71.16 11.94 39.95
CA ALA E 48 70.90 13.36 40.17
C ALA E 48 69.60 13.57 40.95
N LEU E 49 68.56 12.80 40.62
CA LEU E 49 67.30 12.91 41.35
C LEU E 49 67.47 12.53 42.81
N SER E 50 68.23 11.46 43.08
CA SER E 50 68.48 11.07 44.46
C SER E 50 69.25 12.16 45.20
N ALA E 51 70.26 12.74 44.55
CA ALA E 51 71.01 13.81 45.18
C ALA E 51 70.12 15.01 45.49
N LEU E 52 69.25 15.38 44.55
CA LEU E 52 68.33 16.48 44.78
C LEU E 52 67.40 16.17 45.94
N LYS E 53 66.88 14.94 46.00
CA LYS E 53 66.07 14.53 47.14
C LYS E 53 66.86 14.60 48.44
N GLN E 54 68.17 14.34 48.37
CA GLN E 54 69.04 14.45 49.52
C GLN E 54 69.52 15.87 49.77
N ALA E 55 69.17 16.81 48.90
CA ALA E 55 69.59 18.20 49.07
C ALA E 55 68.76 18.86 50.17
N GLY E 56 69.43 19.25 51.25
CA GLY E 56 68.77 19.91 52.37
C GLY E 56 68.95 21.40 52.42
N GLY E 57 69.70 21.99 51.48
CA GLY E 57 69.94 23.41 51.48
C GLY E 57 69.86 23.96 50.07
N ALA E 58 69.96 25.29 49.98
CA ALA E 58 69.85 25.95 48.68
C ALA E 58 70.98 25.54 47.75
N ARG E 59 72.20 25.43 48.27
CA ARG E 59 73.34 25.12 47.42
C ARG E 59 73.19 23.74 46.77
N ALA E 60 72.86 22.73 47.58
CA ALA E 60 72.69 21.39 47.04
C ALA E 60 71.51 21.33 46.07
N VAL E 61 70.43 22.03 46.40
CA VAL E 61 69.26 22.07 45.51
C VAL E 61 69.67 22.63 44.15
N GLY E 62 70.39 23.75 44.16
CA GLY E 62 70.82 24.34 42.90
C GLY E 62 71.76 23.44 42.14
N ALA E 63 72.69 22.78 42.84
CA ALA E 63 73.62 21.89 42.15
C ALA E 63 72.88 20.74 41.48
N GLY E 64 71.95 20.13 42.20
CA GLY E 64 71.17 19.04 41.60
C GLY E 64 70.33 19.50 40.44
N LEU E 65 69.69 20.67 40.57
CA LEU E 65 68.89 21.21 39.49
C LEU E 65 69.75 21.45 38.25
N ALA E 66 70.93 22.03 38.43
CA ALA E 66 71.81 22.26 37.30
C ALA E 66 72.26 20.95 36.66
N GLU E 67 72.56 19.95 37.49
CA GLU E 67 72.96 18.64 36.95
C GLU E 67 71.86 18.04 36.09
N VAL E 68 70.63 18.03 36.60
CA VAL E 68 69.53 17.44 35.84
C VAL E 68 69.24 18.25 34.58
N PHE E 69 69.32 19.59 34.68
CA PHE E 69 69.10 20.42 33.49
C PHE E 69 70.13 20.12 32.43
N GLN E 70 71.40 20.00 32.82
CA GLN E 70 72.43 19.67 31.84
C GLN E 70 72.17 18.30 31.23
N LEU E 71 71.78 17.32 32.05
CA LEU E 71 71.54 15.99 31.53
C LEU E 71 70.41 15.98 30.51
N VAL E 72 69.30 16.67 30.82
CA VAL E 72 68.12 16.65 29.91
C VAL E 72 68.43 17.45 28.64
N GLU E 73 69.17 18.57 28.77
CA GLU E 73 69.48 19.43 27.61
C GLU E 73 70.36 18.67 26.61
N GLU E 74 71.30 17.87 27.10
CA GLU E 74 72.22 17.15 26.18
C GLU E 74 71.37 16.23 25.28
N ALA E 75 70.39 15.54 25.87
CA ALA E 75 69.48 14.68 25.08
C ALA E 75 68.63 15.53 24.11
N TRP E 76 68.13 16.68 24.58
CA TRP E 76 67.23 17.51 23.73
C TRP E 76 67.99 18.05 22.52
N LEU E 77 69.32 18.05 22.59
CA LEU E 77 70.14 18.62 21.48
C LEU E 77 70.91 17.51 20.77
N LEU E 78 70.32 16.33 20.64
CA LEU E 78 71.08 15.19 20.08
C LEU E 78 70.56 14.94 18.67
N PRO E 79 71.37 14.91 17.58
CA PRO E 79 70.83 14.61 16.24
C PRO E 79 69.89 13.39 16.17
N ALA E 80 68.74 13.55 15.51
CA ALA E 80 67.85 12.46 15.03
C ALA E 80 67.07 11.84 16.17
N VAL E 81 67.76 11.22 17.13
CA VAL E 81 67.08 10.44 18.21
C VAL E 81 66.77 11.37 19.39
N GLY E 82 67.29 12.61 19.36
CA GLY E 82 67.04 13.55 20.48
C GLY E 82 65.68 13.40 21.15
N ARG E 83 64.58 13.42 20.39
CA ARG E 83 63.21 13.56 20.96
C ARG E 83 62.90 12.37 21.85
N GLU E 84 63.02 11.16 21.31
CA GLU E 84 62.71 9.95 22.07
C GLU E 84 63.56 9.85 23.32
N VAL E 85 64.88 10.08 23.18
CA VAL E 85 65.79 9.96 24.30
C VAL E 85 65.73 11.15 25.23
N ALA E 86 64.84 12.12 24.96
CA ALA E 86 64.52 13.15 25.93
C ALA E 86 63.16 12.92 26.56
N GLN E 87 62.19 12.41 25.79
CA GLN E 87 60.91 12.01 26.35
C GLN E 87 61.11 10.87 27.36
N GLY E 88 62.12 10.04 27.15
CA GLY E 88 62.40 8.99 28.13
C GLY E 88 62.80 9.56 29.48
N LEU E 89 63.72 10.53 29.49
CA LEU E 89 64.10 11.16 30.76
C LEU E 89 62.95 11.95 31.35
N CYS E 90 62.14 12.56 30.49
CA CYS E 90 60.91 13.27 30.96
C CYS E 90 59.98 12.29 31.67
N ASP E 91 59.77 11.11 31.08
CA ASP E 91 58.91 10.06 31.69
C ASP E 91 59.52 9.60 33.01
N ALA E 92 60.84 9.44 33.04
CA ALA E 92 61.50 9.02 34.28
C ALA E 92 61.30 10.06 35.38
N ILE E 93 61.44 11.34 35.04
CA ILE E 93 61.21 12.40 36.02
C ILE E 93 59.74 12.42 36.44
N ARG E 94 58.85 12.08 35.51
CA ARG E 94 57.39 12.00 35.79
C ARG E 94 57.16 11.00 36.93
N LEU E 95 57.77 9.81 36.83
CA LEU E 95 57.88 8.89 37.95
C LEU E 95 58.99 9.36 38.89
N ASP E 96 59.19 8.61 39.97
CA ASP E 96 60.19 8.92 40.99
C ASP E 96 59.88 10.21 41.74
N GLY E 97 58.69 10.78 41.55
CA GLY E 97 58.32 11.99 42.25
C GLY E 97 59.07 13.23 41.83
N GLY E 98 59.70 13.22 40.65
CA GLY E 98 60.49 14.38 40.24
C GLY E 98 59.64 15.62 40.04
N LEU E 99 58.50 15.49 39.37
CA LEU E 99 57.67 16.65 39.09
C LEU E 99 57.16 17.30 40.36
N ASP E 100 56.71 16.48 41.32
CA ASP E 100 56.23 17.03 42.59
C ASP E 100 57.36 17.72 43.35
N LEU E 101 58.56 17.13 43.33
CA LEU E 101 59.69 17.76 43.98
C LEU E 101 60.01 19.10 43.36
N LEU E 102 60.01 19.18 42.02
CA LEU E 102 60.27 20.45 41.35
C LEU E 102 59.20 21.48 41.66
N LEU E 103 57.93 21.06 41.72
CA LEU E 103 56.86 21.98 42.08
C LEU E 103 57.06 22.51 43.49
N ARG E 104 57.39 21.63 44.44
CA ARG E 104 57.60 22.06 45.81
C ARG E 104 58.77 23.02 45.91
N LEU E 105 59.84 22.76 45.17
CA LEU E 105 60.95 23.72 45.12
C LEU E 105 60.50 25.04 44.53
N LEU E 106 59.69 25.00 43.47
CA LEU E 106 59.11 26.22 42.92
C LEU E 106 58.30 26.97 43.96
N GLN E 107 57.77 26.27 44.97
CA GLN E 107 57.12 26.92 46.09
C GLN E 107 58.10 27.37 47.17
N ALA E 108 59.40 27.17 46.96
CA ALA E 108 60.37 27.49 48.00
C ALA E 108 60.43 29.00 48.23
N PRO E 109 60.68 29.43 49.47
CA PRO E 109 60.77 30.88 49.72
C PRO E 109 61.86 31.58 48.94
N GLU E 110 62.99 30.91 48.70
CA GLU E 110 64.15 31.56 48.08
C GLU E 110 63.95 31.65 46.57
N LEU E 111 64.02 32.87 46.03
CA LEU E 111 63.84 33.08 44.61
C LEU E 111 64.95 32.44 43.78
N GLU E 112 66.17 32.39 44.30
CA GLU E 112 67.27 31.78 43.57
C GLU E 112 66.97 30.33 43.25
N THR E 113 66.15 29.68 44.08
CA THR E 113 65.75 28.31 43.80
C THR E 113 64.52 28.23 42.90
N ARG E 114 63.56 29.14 43.07
CA ARG E 114 62.38 29.11 42.21
C ARG E 114 62.75 29.36 40.76
N VAL E 115 63.71 30.25 40.52
CA VAL E 115 64.10 30.55 39.14
C VAL E 115 64.62 29.29 38.45
N GLN E 116 65.48 28.54 39.14
CA GLN E 116 66.02 27.31 38.55
C GLN E 116 64.94 26.24 38.45
N ALA E 117 64.03 26.18 39.43
CA ALA E 117 62.95 25.21 39.37
C ALA E 117 62.09 25.44 38.13
N ALA E 118 61.73 26.70 37.86
CA ALA E 118 60.96 27.01 36.66
C ALA E 118 61.79 26.79 35.40
N ARG E 119 63.09 27.11 35.48
CA ARG E 119 63.99 26.88 34.33
C ARG E 119 63.91 25.42 33.93
N LEU E 120 64.00 24.51 34.90
CA LEU E 120 63.87 23.09 34.61
C LEU E 120 62.45 22.67 34.22
N LEU E 121 61.43 23.25 34.86
CA LEU E 121 60.05 22.89 34.58
C LEU E 121 59.61 23.31 33.19
N GLU E 122 60.27 24.29 32.59
CA GLU E 122 59.96 24.74 31.25
C GLU E 122 60.40 23.74 30.19
N GLN E 123 61.47 23.00 30.45
CA GLN E 123 62.07 22.12 29.45
C GLN E 123 61.61 20.67 29.57
N ILE E 124 60.58 20.39 30.37
CA ILE E 124 60.12 19.02 30.58
C ILE E 124 58.64 18.83 30.29
N LEU E 125 57.88 19.89 30.02
CA LEU E 125 56.43 19.77 29.93
C LEU E 125 55.98 19.11 28.64
N VAL E 126 56.29 17.83 28.47
CA VAL E 126 55.67 17.00 27.44
C VAL E 126 54.26 16.66 27.91
N ALA E 127 53.44 16.12 27.01
CA ALA E 127 52.05 15.81 27.32
C ALA E 127 51.89 15.00 28.60
N GLU E 128 52.68 13.93 28.75
CA GLU E 128 52.60 13.11 29.95
C GLU E 128 52.99 13.92 31.19
N ASN E 129 54.01 14.77 31.06
CA ASN E 129 54.41 15.66 32.14
C ASN E 129 53.55 16.91 32.21
N ARG E 130 52.66 17.13 31.25
CA ARG E 130 51.79 18.30 31.23
C ARG E 130 50.43 18.04 31.87
N ASP E 131 49.83 16.87 31.62
CA ASP E 131 48.55 16.57 32.23
C ASP E 131 48.65 16.52 33.76
N ARG E 132 49.73 15.96 34.29
CA ARG E 132 49.91 15.93 35.74
C ARG E 132 49.98 17.34 36.31
N VAL E 133 50.74 18.22 35.67
CA VAL E 133 50.83 19.60 36.15
C VAL E 133 49.46 20.28 36.07
N ALA E 134 48.72 20.02 34.99
CA ALA E 134 47.39 20.59 34.86
C ALA E 134 46.48 20.13 35.99
N ARG E 135 46.58 18.85 36.37
CA ARG E 135 45.74 18.34 37.45
C ARG E 135 46.18 18.88 38.80
N ILE E 136 47.49 19.04 39.00
CA ILE E 136 48.06 19.38 40.30
C ILE E 136 48.68 20.77 40.30
N GLY E 137 49.58 21.04 39.36
CA GLY E 137 50.38 22.24 39.38
C GLY E 137 49.70 23.50 38.89
N LEU E 138 48.45 23.42 38.46
CA LEU E 138 47.73 24.62 38.08
C LEU E 138 47.27 25.38 39.32
N GLY E 139 47.22 26.70 39.20
CA GLY E 139 46.90 27.55 40.33
C GLY E 139 48.13 28.11 41.01
N VAL E 140 49.02 27.24 41.48
CA VAL E 140 50.26 27.71 42.09
C VAL E 140 51.10 28.46 41.06
N ILE E 141 51.19 27.92 39.84
CA ILE E 141 51.89 28.63 38.77
C ILE E 141 51.15 29.91 38.40
N LEU E 142 49.82 29.88 38.45
CA LEU E 142 49.04 31.08 38.17
C LEU E 142 49.40 32.19 39.15
N ASN E 143 49.42 31.87 40.45
CA ASN E 143 49.79 32.87 41.45
C ASN E 143 51.23 33.31 41.28
N LEU E 144 52.14 32.37 40.99
CA LEU E 144 53.55 32.73 40.82
C LEU E 144 53.71 33.69 39.65
N ALA E 145 52.91 33.53 38.59
CA ALA E 145 53.01 34.42 37.45
C ALA E 145 52.71 35.87 37.81
N LYS E 146 52.05 36.09 38.96
CA LYS E 146 51.70 37.47 39.40
C LYS E 146 52.99 38.26 39.70
N GLU E 147 54.15 37.58 39.73
CA GLU E 147 55.43 38.31 39.92
C GLU E 147 55.82 38.88 38.55
N ARG E 148 55.25 40.03 38.19
CA ARG E 148 55.50 40.57 36.83
C ARG E 148 56.83 41.32 36.76
N GLU E 149 57.47 41.52 37.90
CA GLU E 149 58.70 42.36 37.91
C GLU E 149 59.95 41.59 37.48
N PRO E 150 60.32 40.47 38.12
CA PRO E 150 61.59 39.78 37.82
C PRO E 150 61.66 39.37 36.36
N VAL E 151 62.87 39.39 35.82
CA VAL E 151 63.06 39.08 34.40
C VAL E 151 63.22 37.59 34.18
N GLU E 152 64.09 36.94 34.96
CA GLU E 152 64.30 35.50 34.79
C GLU E 152 63.05 34.72 35.14
N LEU E 153 62.40 35.08 36.25
CA LEU E 153 61.14 34.42 36.62
C LEU E 153 60.08 34.67 35.56
N ALA E 154 60.01 35.89 35.04
CA ALA E 154 59.04 36.19 33.99
C ALA E 154 59.27 35.32 32.76
N ARG E 155 60.53 35.19 32.34
CA ARG E 155 60.86 34.38 31.17
C ARG E 155 60.48 32.92 31.39
N SER E 156 60.89 32.36 32.54
CA SER E 156 60.58 30.96 32.81
C SER E 156 59.07 30.74 32.87
N VAL E 157 58.35 31.64 33.53
CA VAL E 157 56.91 31.50 33.64
C VAL E 157 56.23 31.64 32.28
N ALA E 158 56.75 32.51 31.42
CA ALA E 158 56.23 32.60 30.06
C ALA E 158 56.41 31.28 29.34
N GLY E 159 57.56 30.64 29.53
CA GLY E 159 57.75 29.30 28.98
C GLY E 159 56.72 28.31 29.51
N ILE E 160 56.48 28.34 30.81
CA ILE E 160 55.53 27.39 31.40
C ILE E 160 54.15 27.61 30.79
N LEU E 161 53.69 28.86 30.73
CA LEU E 161 52.37 29.12 30.18
C LEU E 161 52.28 28.79 28.70
N GLU E 162 53.30 29.11 27.91
CA GLU E 162 53.22 28.83 26.49
C GLU E 162 53.10 27.33 26.27
N HIS E 163 53.85 26.55 27.04
CA HIS E 163 53.83 25.11 26.85
C HIS E 163 52.59 24.50 27.51
N MET E 164 51.85 25.29 28.30
CA MET E 164 50.69 24.73 29.04
C MET E 164 49.40 25.00 28.26
N PHE E 165 49.34 26.10 27.52
CA PHE E 165 48.11 26.45 26.75
C PHE E 165 47.76 25.34 25.77
N LYS E 166 48.64 24.35 25.59
CA LYS E 166 48.41 23.29 24.61
C LYS E 166 47.69 22.10 25.23
N HIS E 167 46.91 22.34 26.28
CA HIS E 167 46.11 21.33 26.94
C HIS E 167 44.65 21.54 26.54
N SER E 168 43.78 20.60 26.93
CA SER E 168 42.38 20.63 26.52
C SER E 168 41.76 22.01 26.72
N GLU E 169 40.74 22.32 25.91
CA GLU E 169 40.20 23.68 25.88
C GLU E 169 39.68 24.13 27.24
N GLU E 170 39.25 23.20 28.09
CA GLU E 170 38.84 23.58 29.43
C GLU E 170 40.05 24.13 30.19
N THR E 171 41.24 23.58 29.94
CA THR E 171 42.43 24.15 30.63
C THR E 171 42.64 25.58 30.11
N CYS E 172 42.46 25.82 28.82
CA CYS E 172 42.54 27.21 28.35
C CYS E 172 41.50 28.11 28.99
N GLN E 173 40.27 27.63 29.14
CA GLN E 173 39.22 28.41 29.78
C GLN E 173 39.64 28.83 31.18
N ARG E 174 40.10 27.87 31.98
CA ARG E 174 40.46 28.20 33.36
C ARG E 174 41.69 29.10 33.42
N LEU E 175 42.67 28.89 32.52
CA LEU E 175 43.83 29.77 32.49
C LEU E 175 43.44 31.21 32.15
N VAL E 176 42.57 31.39 31.16
CA VAL E 176 42.14 32.73 30.79
C VAL E 176 41.32 33.35 31.91
N ALA E 177 40.52 32.53 32.62
CA ALA E 177 39.74 33.04 33.74
C ALA E 177 40.66 33.64 34.80
N ALA E 178 41.82 33.03 35.03
CA ALA E 178 42.81 33.57 35.94
C ALA E 178 43.59 34.67 35.22
N GLY E 179 44.68 35.12 35.82
CA GLY E 179 45.46 36.22 35.29
C GLY E 179 46.50 35.84 34.25
N GLY E 180 46.55 34.59 33.82
CA GLY E 180 47.58 34.18 32.88
C GLY E 180 47.53 34.96 31.58
N LEU E 181 46.34 35.06 30.98
CA LEU E 181 46.20 35.79 29.73
C LEU E 181 46.57 37.26 29.91
N ASP E 182 45.97 37.91 30.91
CA ASP E 182 46.31 39.29 31.18
C ASP E 182 47.79 39.43 31.51
N ALA E 183 48.36 38.47 32.22
CA ALA E 183 49.78 38.54 32.56
C ALA E 183 50.65 38.51 31.30
N VAL E 184 50.36 37.58 30.39
CA VAL E 184 51.13 37.54 29.11
C VAL E 184 50.84 38.83 28.34
N LEU E 185 49.57 39.26 28.30
CA LEU E 185 49.29 40.57 27.71
C LEU E 185 50.21 41.66 28.27
N TYR E 186 50.36 41.66 29.59
CA TYR E 186 51.20 42.68 30.26
C TYR E 186 52.67 42.52 29.84
N TRP E 187 53.24 41.31 29.95
CA TRP E 187 54.65 41.18 29.63
C TRP E 187 54.96 41.54 28.19
N CYS E 188 53.96 41.49 27.29
CA CYS E 188 54.22 41.80 25.90
C CYS E 188 54.90 43.16 25.78
N ARG E 189 54.85 43.98 26.84
CA ARG E 189 55.38 45.38 26.73
C ARG E 189 56.88 45.48 27.04
N ARG E 190 57.57 44.39 27.41
CA ARG E 190 59.01 44.44 27.63
C ARG E 190 59.86 44.43 26.37
N THR E 191 61.19 44.34 26.57
CA THR E 191 62.11 44.42 25.41
C THR E 191 63.00 43.18 25.26
N ASP E 192 63.29 42.43 26.33
CA ASP E 192 64.26 41.33 26.20
C ASP E 192 63.69 40.30 25.22
N PRO E 193 64.42 39.87 24.16
CA PRO E 193 63.83 39.01 23.11
C PRO E 193 63.17 37.72 23.56
N ALA E 194 63.76 37.00 24.51
CA ALA E 194 63.24 35.69 24.88
C ALA E 194 61.83 35.79 25.44
N LEU E 195 61.59 36.78 26.30
CA LEU E 195 60.26 36.94 26.88
C LEU E 195 59.22 37.25 25.80
N LEU E 196 59.57 38.14 24.86
CA LEU E 196 58.63 38.48 23.79
C LEU E 196 58.36 37.27 22.91
N ARG E 197 59.39 36.50 22.56
CA ARG E 197 59.19 35.31 21.75
C ARG E 197 58.31 34.30 22.47
N HIS E 198 58.54 34.11 23.77
CA HIS E 198 57.71 33.18 24.53
C HIS E 198 56.26 33.65 24.59
N CYS E 199 56.06 34.95 24.76
CA CYS E 199 54.69 35.48 24.77
C CYS E 199 54.01 35.27 23.43
N ALA E 200 54.72 35.50 22.33
CA ALA E 200 54.13 35.27 21.02
C ALA E 200 53.79 33.81 20.81
N LEU E 201 54.68 32.90 21.22
CA LEU E 201 54.41 31.48 21.09
C LEU E 201 53.21 31.07 21.94
N ALA E 202 53.11 31.62 23.15
CA ALA E 202 51.95 31.34 23.99
C ALA E 202 50.67 31.82 23.34
N LEU E 203 50.69 33.02 22.78
CA LEU E 203 49.51 33.56 22.13
C LEU E 203 49.08 32.68 20.96
N GLY E 204 50.04 32.24 20.15
CA GLY E 204 49.71 31.34 19.05
C GLY E 204 49.16 30.01 19.53
N ASN E 205 49.77 29.43 20.56
CA ASN E 205 49.33 28.14 21.06
C ASN E 205 47.91 28.22 21.61
N CYS E 206 47.59 29.27 22.36
CA CYS E 206 46.24 29.40 22.89
C CYS E 206 45.24 29.82 21.83
N ALA E 207 45.69 30.49 20.76
CA ALA E 207 44.78 30.77 19.64
C ALA E 207 44.44 29.49 18.90
N LEU E 208 45.40 28.58 18.75
CA LEU E 208 45.13 27.34 18.05
C LEU E 208 44.34 26.35 18.91
N HIS E 209 44.90 25.95 20.05
CA HIS E 209 44.26 24.93 20.87
C HIS E 209 42.99 25.44 21.53
N GLY E 210 42.94 26.71 21.89
CA GLY E 210 41.76 27.25 22.53
C GLY E 210 40.55 27.23 21.62
N GLY E 211 39.38 27.20 22.24
CA GLY E 211 38.13 27.16 21.50
C GLY E 211 37.74 28.50 20.94
N GLN E 212 36.61 28.50 20.22
CA GLN E 212 36.11 29.73 19.61
C GLN E 212 35.80 30.77 20.68
N ALA E 213 35.26 30.35 21.82
CA ALA E 213 34.98 31.30 22.90
C ALA E 213 36.25 31.97 23.39
N VAL E 214 37.34 31.22 23.50
CA VAL E 214 38.61 31.79 23.95
C VAL E 214 39.10 32.84 22.97
N GLN E 215 38.99 32.55 21.67
CA GLN E 215 39.44 33.51 20.66
C GLN E 215 38.59 34.78 20.70
N ARG E 216 37.27 34.63 20.83
CA ARG E 216 36.40 35.79 20.95
C ARG E 216 36.76 36.58 22.19
N ARG E 217 37.03 35.87 23.30
CA ARG E 217 37.38 36.55 24.54
C ARG E 217 38.66 37.35 24.36
N MET E 218 39.67 36.76 23.71
CA MET E 218 40.91 37.48 23.43
C MET E 218 40.69 38.71 22.57
N VAL E 219 39.85 38.58 21.54
CA VAL E 219 39.57 39.74 20.70
C VAL E 219 38.94 40.85 21.52
N GLU E 220 37.96 40.49 22.37
CA GLU E 220 37.39 41.48 23.28
C GLU E 220 38.41 41.97 24.29
N LYS E 221 39.40 41.13 24.63
CA LYS E 221 40.51 41.57 25.47
C LYS E 221 41.41 42.57 24.76
N ARG E 222 41.24 42.75 23.45
CA ARG E 222 42.09 43.61 22.64
C ARG E 222 43.45 42.99 22.35
N ALA E 223 43.58 41.68 22.54
CA ALA E 223 44.86 41.01 22.33
C ALA E 223 45.33 41.09 20.89
N ALA E 224 44.41 41.24 19.94
CA ALA E 224 44.82 41.35 18.54
C ALA E 224 45.68 42.59 18.30
N GLU E 225 45.28 43.71 18.92
CA GLU E 225 45.98 45.01 18.70
C GLU E 225 47.36 44.98 19.36
N TRP E 226 47.47 44.29 20.51
CA TRP E 226 48.76 44.22 21.27
C TRP E 226 49.86 43.57 20.44
N LEU E 227 49.52 42.65 19.54
CA LEU E 227 50.49 42.01 18.67
C LEU E 227 51.06 42.86 17.53
N PHE E 228 50.41 43.97 17.19
CA PHE E 228 50.88 44.78 16.06
C PHE E 228 52.32 45.24 16.23
N PRO E 229 52.74 45.80 17.37
CA PRO E 229 54.16 46.17 17.50
C PRO E 229 55.09 44.99 17.33
N LEU E 230 54.68 43.79 17.74
CA LEU E 230 55.53 42.62 17.59
C LEU E 230 55.71 42.25 16.12
N ALA E 231 54.60 42.20 15.37
CA ALA E 231 54.71 41.87 13.95
C ALA E 231 55.49 42.93 13.19
N PHE E 232 55.26 44.20 13.50
CA PHE E 232 55.95 45.29 12.82
C PHE E 232 57.39 45.47 13.27
N SER E 233 57.80 44.82 14.36
CA SER E 233 59.17 44.92 14.83
C SER E 233 60.12 44.37 13.76
N LYS E 234 61.41 44.59 13.98
CA LYS E 234 62.43 44.17 13.03
C LYS E 234 63.66 43.56 13.69
N GLU E 235 63.66 43.40 15.01
CA GLU E 235 64.83 42.84 15.68
C GLU E 235 65.05 41.38 15.29
N ASP E 236 64.00 40.56 15.38
CA ASP E 236 64.07 39.15 15.03
C ASP E 236 62.92 38.79 14.12
N GLU E 237 63.20 37.97 13.11
CA GLU E 237 62.15 37.52 12.20
C GLU E 237 61.28 36.44 12.84
N LEU E 238 61.82 35.67 13.78
CA LEU E 238 61.04 34.63 14.42
C LEU E 238 59.87 35.21 15.20
N LEU E 239 60.11 36.31 15.92
CA LEU E 239 59.03 36.95 16.66
C LEU E 239 57.94 37.45 15.73
N ARG E 240 58.34 38.06 14.60
CA ARG E 240 57.36 38.50 13.62
C ARG E 240 56.56 37.33 13.08
N LEU E 241 57.23 36.22 12.77
CA LEU E 241 56.53 35.05 12.27
C LEU E 241 55.52 34.52 13.28
N HIS E 242 55.92 34.46 14.56
CA HIS E 242 55.00 33.97 15.58
C HIS E 242 53.80 34.90 15.73
N ALA E 243 54.04 36.22 15.72
CA ALA E 243 52.93 37.17 15.82
C ALA E 243 51.99 37.04 14.64
N CYS E 244 52.54 36.89 13.43
CA CYS E 244 51.70 36.72 12.25
C CYS E 244 50.89 35.44 12.34
N LEU E 245 51.50 34.35 12.81
CA LEU E 245 50.76 33.11 13.00
C LEU E 245 49.60 33.32 13.95
N ALA E 246 49.85 33.94 15.09
CA ALA E 246 48.80 34.12 16.09
C ALA E 246 47.66 34.96 15.51
N VAL E 247 48.00 36.08 14.86
CA VAL E 247 46.96 36.98 14.36
C VAL E 247 46.18 36.31 13.24
N ALA E 248 46.85 35.54 12.38
CA ALA E 248 46.14 34.85 11.31
C ALA E 248 45.18 33.80 11.87
N VAL E 249 45.65 33.01 12.83
CA VAL E 249 44.79 31.99 13.43
C VAL E 249 43.60 32.64 14.11
N LEU E 250 43.81 33.79 14.75
CA LEU E 250 42.69 34.52 15.32
C LEU E 250 41.73 35.01 14.24
N ALA E 251 42.28 35.52 13.13
CA ALA E 251 41.45 36.07 12.07
C ALA E 251 40.64 35.01 11.34
N THR E 252 41.07 33.74 11.38
CA THR E 252 40.29 32.68 10.68
C THR E 252 38.84 32.70 11.17
N ASN E 253 38.64 33.06 12.44
CA ASN E 253 37.30 33.03 13.03
C ASN E 253 36.50 34.20 12.49
N LYS E 254 35.43 33.90 11.73
CA LYS E 254 34.68 34.94 11.06
C LYS E 254 34.02 35.90 12.04
N GLU E 255 33.67 35.43 13.24
CA GLU E 255 32.89 36.29 14.15
C GLU E 255 33.67 37.58 14.44
N VAL E 256 35.00 37.50 14.44
CA VAL E 256 35.82 38.64 14.85
C VAL E 256 36.81 39.00 13.75
N GLU E 257 36.56 38.51 12.54
CA GLU E 257 37.51 38.75 11.45
C GLU E 257 37.64 40.24 11.13
N ARG E 258 36.52 40.97 11.13
CA ARG E 258 36.55 42.36 10.71
C ARG E 258 37.37 43.21 11.67
N GLU E 259 37.08 43.10 12.97
CA GLU E 259 37.81 43.89 13.96
C GLU E 259 39.28 43.48 14.01
N VAL E 260 39.57 42.19 13.85
CA VAL E 260 40.95 41.74 13.80
C VAL E 260 41.67 42.38 12.62
N GLU E 261 41.01 42.42 11.45
CA GLU E 261 41.62 43.04 10.28
C GLU E 261 41.84 44.53 10.50
N ARG E 262 40.90 45.20 11.16
CA ARG E 262 41.05 46.63 11.41
C ARG E 262 42.27 46.95 12.24
N SER E 263 42.82 45.97 12.97
CA SER E 263 44.05 46.20 13.72
C SER E 263 45.20 46.61 12.82
N GLY E 264 45.20 46.13 11.57
CA GLY E 264 46.22 46.47 10.61
C GLY E 264 47.38 45.50 10.53
N THR E 265 47.57 44.66 11.55
CA THR E 265 48.67 43.70 11.52
C THR E 265 48.41 42.57 10.55
N LEU E 266 47.14 42.20 10.34
CA LEU E 266 46.83 41.08 9.46
C LEU E 266 47.36 41.33 8.05
N ALA E 267 47.16 42.54 7.53
CA ALA E 267 47.63 42.85 6.19
C ALA E 267 49.14 42.73 6.07
N LEU E 268 49.86 42.73 7.18
CA LEU E 268 51.31 42.58 7.18
C LEU E 268 51.76 41.13 7.05
N VAL E 269 50.82 40.18 7.04
CA VAL E 269 51.21 38.76 7.00
C VAL E 269 51.75 38.39 5.62
N GLU E 270 50.93 38.56 4.58
CA GLU E 270 51.31 38.07 3.26
C GLU E 270 52.63 38.66 2.75
N PRO E 271 52.91 39.95 2.89
CA PRO E 271 54.23 40.45 2.44
C PRO E 271 55.40 39.79 3.15
N LEU E 272 55.23 39.40 4.42
CA LEU E 272 56.33 38.84 5.18
C LEU E 272 56.76 37.48 4.63
N VAL E 273 55.79 36.60 4.36
CA VAL E 273 56.14 35.23 3.97
C VAL E 273 56.81 35.23 2.60
N ALA E 274 56.34 36.08 1.69
CA ALA E 274 56.86 36.07 0.32
C ALA E 274 58.34 36.44 0.25
N SER E 275 58.89 37.06 1.29
CA SER E 275 60.29 37.47 1.28
C SER E 275 61.21 36.49 1.99
N LEU E 276 60.76 35.88 3.08
CA LEU E 276 61.60 34.97 3.85
C LEU E 276 61.76 33.64 3.11
N ASP E 277 62.88 32.99 3.38
CA ASP E 277 63.20 31.70 2.77
C ASP E 277 62.93 30.58 3.77
N PRO E 278 62.05 29.62 3.48
CA PRO E 278 61.82 28.54 4.47
C PRO E 278 63.09 27.82 4.86
N GLY E 279 64.03 27.62 3.93
CA GLY E 279 65.26 26.94 4.27
C GLY E 279 66.05 27.66 5.33
N ARG E 280 66.22 28.98 5.17
CA ARG E 280 66.92 29.76 6.19
C ARG E 280 66.13 29.77 7.50
N PHE E 281 64.81 29.90 7.41
CA PHE E 281 63.98 29.79 8.61
C PHE E 281 64.05 28.39 9.19
N ALA E 282 64.19 27.37 8.34
CA ALA E 282 64.39 26.00 8.82
C ALA E 282 65.81 25.78 9.33
N ARG E 283 66.77 26.50 8.77
CA ARG E 283 68.19 26.42 9.24
C ARG E 283 68.24 26.91 10.69
N CYS E 284 67.56 28.02 10.97
CA CYS E 284 67.27 28.41 12.33
C CYS E 284 66.26 27.42 12.93
N LEU E 285 66.04 27.54 14.23
CA LEU E 285 65.19 26.62 14.99
C LEU E 285 65.91 25.28 15.19
N VAL E 286 67.08 25.13 14.58
CA VAL E 286 67.90 23.95 14.79
C VAL E 286 69.24 24.30 15.45
N ASP E 287 69.78 25.50 15.19
CA ASP E 287 70.90 26.00 15.96
C ASP E 287 70.49 26.34 17.39
N ALA E 288 69.25 26.75 17.60
CA ALA E 288 68.73 27.00 18.93
C ALA E 288 68.41 25.69 19.63
N SER E 289 68.24 25.76 20.95
CA SER E 289 67.98 24.59 21.78
C SER E 289 66.50 24.42 22.11
N ASP E 290 65.76 25.52 22.23
CA ASP E 290 64.35 25.46 22.59
C ASP E 290 63.54 24.78 21.50
N THR E 291 64.10 24.70 20.29
CA THR E 291 63.42 24.03 19.19
C THR E 291 64.35 23.14 18.37
N SER E 292 65.52 22.78 18.89
CA SER E 292 66.52 22.04 18.13
C SER E 292 65.89 20.84 17.43
N GLN E 293 64.92 20.20 18.08
CA GLN E 293 64.34 18.92 17.59
C GLN E 293 63.17 19.11 16.62
N GLY E 294 62.56 20.29 16.61
CA GLY E 294 61.50 20.56 15.64
C GLY E 294 60.16 20.67 16.33
N ARG E 295 59.13 20.26 15.59
CA ARG E 295 57.75 20.35 16.02
C ARG E 295 57.13 18.95 16.00
N GLY E 296 56.36 18.63 17.04
CA GLY E 296 55.85 17.30 17.23
C GLY E 296 54.70 16.94 16.33
N PRO E 297 54.28 15.67 16.34
CA PRO E 297 53.20 15.22 15.47
C PRO E 297 51.83 15.82 15.77
N ASP E 298 51.58 16.27 16.99
CA ASP E 298 50.29 16.82 17.36
C ASP E 298 50.25 18.34 17.18
N ASP E 299 51.42 18.97 17.07
CA ASP E 299 51.48 20.44 16.85
C ASP E 299 51.41 20.71 15.34
N LEU E 300 51.62 19.68 14.52
CA LEU E 300 51.51 19.84 13.04
C LEU E 300 50.06 19.59 12.64
N GLN E 301 49.39 18.63 13.28
CA GLN E 301 47.96 18.36 13.00
C GLN E 301 47.21 19.67 13.18
N ARG E 302 47.66 20.54 14.07
CA ARG E 302 46.92 21.80 14.36
C ARG E 302 47.15 22.81 13.25
N LEU E 303 48.33 22.81 12.63
CA LEU E 303 48.60 23.76 11.55
C LEU E 303 47.91 23.34 10.24
N VAL E 304 47.75 22.04 10.03
CA VAL E 304 47.21 21.56 8.74
C VAL E 304 45.88 22.21 8.41
N PRO E 305 44.93 22.37 9.34
CA PRO E 305 43.66 23.02 8.98
C PRO E 305 43.82 24.44 8.47
N LEU E 306 44.96 25.11 8.73
CA LEU E 306 45.16 26.45 8.21
C LEU E 306 45.16 26.47 6.68
N LEU E 307 45.61 25.39 6.05
CA LEU E 307 45.57 25.31 4.60
C LEU E 307 44.13 25.27 4.07
N ASP E 308 43.15 25.02 4.95
CA ASP E 308 41.75 24.98 4.58
C ASP E 308 40.96 26.11 5.22
N SER E 309 41.62 27.22 5.57
CA SER E 309 41.01 28.25 6.39
C SER E 309 40.13 29.20 5.59
N ASN E 310 40.19 29.17 4.26
CA ASN E 310 39.49 30.09 3.36
C ASN E 310 40.03 31.51 3.45
N ARG E 311 41.03 31.77 4.29
CA ARG E 311 41.65 33.08 4.43
C ARG E 311 43.04 33.03 3.82
N LEU E 312 43.34 33.98 2.95
CA LEU E 312 44.58 33.92 2.19
C LEU E 312 45.80 33.95 3.12
N GLU E 313 45.79 34.85 4.10
CA GLU E 313 46.93 34.97 5.00
C GLU E 313 47.12 33.69 5.80
N ALA E 314 46.02 33.10 6.28
CA ALA E 314 46.12 31.86 7.05
C ALA E 314 46.75 30.75 6.21
N GLN E 315 46.29 30.59 4.97
CA GLN E 315 46.86 29.55 4.11
C GLN E 315 48.32 29.81 3.83
N CYS E 316 48.68 31.08 3.56
CA CYS E 316 50.08 31.40 3.28
C CYS E 316 50.98 31.06 4.47
N ILE E 317 50.59 31.48 5.66
CA ILE E 317 51.44 31.25 6.83
C ILE E 317 51.49 29.77 7.17
N GLY E 318 50.36 29.06 7.04
CA GLY E 318 50.37 27.64 7.28
C GLY E 318 51.27 26.90 6.31
N ALA E 319 51.23 27.26 5.03
CA ALA E 319 52.11 26.64 4.05
C ALA E 319 53.57 26.93 4.35
N PHE E 320 53.87 28.16 4.78
CA PHE E 320 55.25 28.51 5.14
C PHE E 320 55.74 27.64 6.30
N TYR E 321 54.93 27.53 7.35
CA TYR E 321 55.33 26.74 8.51
C TYR E 321 55.48 25.27 8.15
N LEU E 322 54.54 24.73 7.35
CA LEU E 322 54.65 23.34 6.94
C LEU E 322 55.88 23.11 6.08
N CYS E 323 56.24 24.07 5.23
CA CYS E 323 57.46 23.93 4.43
C CYS E 323 58.69 23.91 5.32
N ALA E 324 58.74 24.80 6.32
CA ALA E 324 59.89 24.81 7.23
C ALA E 324 59.98 23.49 8.00
N GLU E 325 58.85 23.02 8.53
CA GLU E 325 58.86 21.77 9.27
C GLU E 325 59.21 20.58 8.38
N ALA E 326 58.78 20.59 7.12
CA ALA E 326 59.19 19.56 6.19
C ALA E 326 60.70 19.60 5.97
N ALA E 327 61.26 20.81 5.83
CA ALA E 327 62.71 20.93 5.67
C ALA E 327 63.44 20.34 6.86
N ILE E 328 62.93 20.58 8.07
CA ILE E 328 63.56 20.01 9.26
C ILE E 328 63.42 18.49 9.27
N LYS E 329 62.21 17.99 9.04
CA LYS E 329 61.94 16.57 9.24
C LYS E 329 62.60 15.71 8.16
N SER E 330 62.69 16.22 6.94
CA SER E 330 63.39 15.48 5.88
C SER E 330 64.84 15.25 6.27
N LEU E 331 65.49 16.27 6.83
CA LEU E 331 66.81 16.07 7.39
C LEU E 331 66.79 15.06 8.53
N GLN E 332 65.78 15.15 9.39
CA GLN E 332 65.61 14.14 10.45
C GLN E 332 65.18 12.79 9.91
N GLY E 333 64.76 12.71 8.65
CA GLY E 333 64.32 11.45 8.08
C GLY E 333 63.07 10.89 8.74
N LYS E 334 62.07 11.74 8.95
CA LYS E 334 60.82 11.33 9.56
C LYS E 334 59.63 11.91 8.80
N THR E 335 59.71 11.94 7.47
CA THR E 335 58.68 12.59 6.67
C THR E 335 57.39 11.79 6.77
N LYS E 336 57.42 10.53 7.23
CA LYS E 336 56.14 9.77 7.24
C LYS E 336 55.08 10.51 8.05
N VAL E 337 55.47 11.35 9.00
CA VAL E 337 54.48 12.00 9.89
C VAL E 337 53.52 12.82 9.02
N PHE E 338 54.02 13.42 7.95
CA PHE E 338 53.20 14.31 7.13
C PHE E 338 52.07 13.54 6.45
N SER E 339 52.28 12.25 6.18
CA SER E 339 51.21 11.45 5.60
C SER E 339 50.13 11.12 6.63
N ASP E 340 50.54 10.78 7.86
CA ASP E 340 49.58 10.41 8.89
C ASP E 340 48.73 11.61 9.33
N ILE E 341 49.15 12.83 9.00
CA ILE E 341 48.44 14.02 9.44
C ILE E 341 47.45 14.53 8.39
N GLY E 342 47.58 14.12 7.14
CA GLY E 342 46.78 14.67 6.08
C GLY E 342 47.33 15.94 5.46
N ALA E 343 48.62 16.22 5.65
CA ALA E 343 49.21 17.43 5.11
C ALA E 343 49.45 17.32 3.61
N ILE E 344 49.85 16.13 3.13
CA ILE E 344 50.15 15.97 1.71
C ILE E 344 48.90 16.16 0.87
N GLN E 345 47.78 15.58 1.31
CA GLN E 345 46.53 15.74 0.57
C GLN E 345 46.15 17.22 0.46
N SER E 346 46.22 17.94 1.59
CA SER E 346 45.87 19.36 1.58
C SER E 346 46.82 20.16 0.71
N LEU E 347 48.12 19.85 0.76
CA LEU E 347 49.08 20.56 -0.07
C LEU E 347 48.81 20.33 -1.56
N LYS E 348 48.52 19.09 -1.94
CA LYS E 348 48.22 18.81 -3.34
C LYS E 348 46.95 19.53 -3.78
N ARG E 349 45.91 19.51 -2.94
CA ARG E 349 44.68 20.21 -3.27
C ARG E 349 44.93 21.71 -3.41
N LEU E 350 45.75 22.28 -2.51
CA LEU E 350 46.07 23.69 -2.59
C LEU E 350 46.81 24.02 -3.88
N VAL E 351 47.73 23.14 -4.30
CA VAL E 351 48.45 23.37 -5.54
C VAL E 351 47.50 23.30 -6.72
N SER E 352 46.55 22.36 -6.70
CA SER E 352 45.65 22.19 -7.85
C SER E 352 44.66 23.33 -7.98
N TYR E 353 44.03 23.74 -6.87
CA TYR E 353 42.88 24.64 -6.90
C TYR E 353 43.22 26.02 -6.31
N SER E 354 44.40 26.56 -6.61
CA SER E 354 44.79 27.87 -6.13
C SER E 354 45.19 28.76 -7.29
N THR E 355 44.99 30.06 -7.11
CA THR E 355 45.37 31.07 -8.09
C THR E 355 46.45 32.01 -7.60
N ASN E 356 46.68 32.09 -6.29
CA ASN E 356 47.72 32.96 -5.76
C ASN E 356 49.11 32.40 -6.08
N GLY E 357 50.12 33.25 -5.96
CA GLY E 357 51.47 32.88 -6.32
C GLY E 357 52.32 32.42 -5.16
N THR E 358 52.32 33.18 -4.07
CA THR E 358 53.21 32.86 -2.95
C THR E 358 52.84 31.54 -2.29
N LYS E 359 51.55 31.32 -2.03
CA LYS E 359 51.16 30.09 -1.36
C LYS E 359 51.32 28.90 -2.29
N SER E 360 51.06 29.08 -3.58
CA SER E 360 51.29 27.99 -4.54
C SER E 360 52.77 27.62 -4.58
N ALA E 361 53.65 28.61 -4.61
CA ALA E 361 55.08 28.33 -4.63
C ALA E 361 55.51 27.62 -3.36
N LEU E 362 55.02 28.08 -2.21
CA LEU E 362 55.38 27.44 -0.94
C LEU E 362 54.91 25.99 -0.91
N ALA E 363 53.67 25.75 -1.35
CA ALA E 363 53.14 24.39 -1.35
C ALA E 363 53.91 23.50 -2.30
N LYS E 364 54.27 24.01 -3.48
CA LYS E 364 55.03 23.21 -4.43
C LYS E 364 56.41 22.86 -3.87
N ARG E 365 57.08 23.82 -3.26
CA ARG E 365 58.38 23.54 -2.67
C ARG E 365 58.26 22.53 -1.54
N ALA E 366 57.22 22.65 -0.71
CA ALA E 366 57.01 21.70 0.37
C ALA E 366 56.78 20.30 -0.18
N LEU E 367 55.96 20.17 -1.23
CA LEU E 367 55.71 18.87 -1.82
C LEU E 367 56.99 18.27 -2.40
N ARG E 368 57.80 19.09 -3.06
CA ARG E 368 59.06 18.59 -3.59
C ARG E 368 60.00 18.15 -2.47
N LEU E 369 60.00 18.86 -1.33
CA LEU E 369 60.84 18.46 -0.21
C LEU E 369 60.48 17.07 0.28
N LEU E 370 59.19 16.78 0.40
CA LEU E 370 58.75 15.44 0.82
C LEU E 370 58.98 14.40 -0.26
N GLY E 371 59.36 14.79 -1.47
CA GLY E 371 59.55 13.83 -2.53
C GLY E 371 58.23 13.38 -3.12
N GLU E 372 57.20 14.22 -3.04
CA GLU E 372 55.87 13.84 -3.57
C GLU E 372 55.67 14.57 -4.91
N GLU E 373 54.65 14.22 -5.68
CA GLU E 373 54.49 14.82 -7.03
C GLU E 373 53.88 16.21 -6.86
N VAL E 374 53.83 16.98 -7.93
CA VAL E 374 53.23 18.31 -7.90
C VAL E 374 52.12 18.33 -8.94
N PRO E 375 50.85 18.27 -8.56
CA PRO E 375 49.79 18.24 -9.56
C PRO E 375 49.78 19.48 -10.43
N ARG E 376 49.45 19.30 -11.70
CA ARG E 376 49.29 20.43 -12.60
C ARG E 376 47.98 21.15 -12.28
N PRO E 377 47.93 22.47 -12.44
CA PRO E 377 46.71 23.20 -12.09
C PRO E 377 45.53 22.75 -12.94
N ILE E 378 44.37 22.67 -12.29
CA ILE E 378 43.12 22.31 -12.96
C ILE E 378 42.36 23.60 -13.24
N LEU E 379 42.13 23.90 -14.52
CA LEU E 379 41.41 25.12 -14.86
C LEU E 379 39.99 25.04 -14.31
N PRO E 380 39.48 26.10 -13.67
CA PRO E 380 38.28 25.94 -12.83
C PRO E 380 36.96 26.00 -13.57
N SER E 381 36.92 26.50 -14.80
CA SER E 381 35.64 26.66 -15.50
C SER E 381 35.12 25.32 -15.95
N VAL E 382 34.62 24.51 -15.01
CA VAL E 382 34.14 23.17 -15.36
C VAL E 382 32.96 23.24 -16.34
N PRO E 383 31.97 24.10 -16.16
CA PRO E 383 30.80 24.05 -17.05
C PRO E 383 31.15 24.22 -18.52
N SER E 384 32.28 24.86 -18.81
CA SER E 384 32.71 25.12 -20.17
C SER E 384 33.75 24.12 -20.65
N TRP E 385 33.72 22.89 -20.13
CA TRP E 385 34.71 21.89 -20.47
C TRP E 385 34.29 21.08 -21.68
N LYS E 386 35.25 20.82 -22.57
CA LYS E 386 35.06 19.93 -23.69
C LYS E 386 35.61 18.55 -23.33
N GLU E 387 35.63 17.65 -24.30
CA GLU E 387 36.06 16.28 -24.02
C GLU E 387 37.51 16.23 -23.56
N ALA E 388 38.38 17.04 -24.17
CA ALA E 388 39.80 16.98 -23.83
C ALA E 388 40.03 17.30 -22.36
N GLU E 389 39.34 18.32 -21.84
CA GLU E 389 39.49 18.66 -20.43
C GLU E 389 39.04 17.51 -19.54
N VAL E 390 37.95 16.84 -19.90
CA VAL E 390 37.47 15.72 -19.09
C VAL E 390 38.48 14.58 -19.12
N GLN E 391 39.07 14.31 -20.28
CA GLN E 391 40.09 13.26 -20.36
C GLN E 391 41.29 13.60 -19.49
N THR E 392 41.74 14.85 -19.53
CA THR E 392 42.87 15.26 -18.71
C THR E 392 42.57 15.10 -17.23
N TRP E 393 41.37 15.54 -16.82
CA TRP E 393 41.00 15.41 -15.41
C TRP E 393 40.90 13.95 -14.99
N LEU E 394 40.33 13.11 -15.86
CA LEU E 394 40.27 11.69 -15.56
C LEU E 394 41.66 11.10 -15.37
N GLN E 395 42.60 11.47 -16.23
CA GLN E 395 43.96 10.99 -16.08
C GLN E 395 44.61 11.53 -14.82
N GLN E 396 44.22 12.71 -14.37
CA GLN E 396 44.79 13.28 -13.15
C GLN E 396 44.39 12.49 -11.92
N ILE E 397 43.08 12.20 -11.78
CA ILE E 397 42.56 11.59 -10.56
C ILE E 397 42.78 10.09 -10.50
N GLY E 398 43.44 9.50 -11.50
CA GLY E 398 43.75 8.09 -11.46
C GLY E 398 42.66 7.18 -11.99
N PHE E 399 41.71 7.71 -12.75
CA PHE E 399 40.67 6.90 -13.38
C PHE E 399 40.93 6.75 -14.87
N SER E 400 42.19 6.61 -15.26
CA SER E 400 42.55 6.51 -16.67
C SER E 400 42.04 5.23 -17.32
N LYS E 401 41.59 4.26 -16.54
CA LYS E 401 41.01 3.06 -17.12
C LYS E 401 39.66 3.33 -17.79
N TYR E 402 39.02 4.44 -17.45
CA TYR E 402 37.69 4.76 -17.97
C TYR E 402 37.72 5.91 -18.96
N CYS E 403 38.90 6.28 -19.47
CA CYS E 403 38.97 7.33 -20.48
C CYS E 403 38.23 6.92 -21.74
N GLU E 404 38.40 5.67 -22.17
CA GLU E 404 37.76 5.24 -23.41
C GLU E 404 36.25 5.30 -23.31
N SER E 405 35.69 4.83 -22.20
CA SER E 405 34.24 4.84 -22.03
C SER E 405 33.71 6.28 -21.97
N PHE E 406 34.40 7.16 -21.26
CA PHE E 406 33.96 8.54 -21.17
C PHE E 406 34.02 9.22 -22.53
N ARG E 407 35.08 8.94 -23.30
CA ARG E 407 35.23 9.55 -24.63
C ARG E 407 34.17 9.03 -25.59
N GLU E 408 33.85 7.74 -25.51
CA GLU E 408 32.85 7.16 -26.40
C GLU E 408 31.49 7.80 -26.20
N GLN E 409 31.11 8.03 -24.94
CA GLN E 409 29.81 8.63 -24.63
C GLN E 409 29.84 10.15 -24.70
N GLN E 410 30.99 10.75 -25.01
CA GLN E 410 31.11 12.20 -25.18
C GLN E 410 30.66 12.95 -23.94
N VAL E 411 31.14 12.50 -22.78
CA VAL E 411 30.86 13.20 -21.53
C VAL E 411 31.71 14.47 -21.48
N ASP E 412 31.05 15.61 -21.33
CA ASP E 412 31.70 16.91 -21.23
C ASP E 412 31.34 17.54 -19.88
N GLY E 413 31.73 18.80 -19.70
CA GLY E 413 31.54 19.44 -18.41
C GLY E 413 30.09 19.47 -17.97
N ASP E 414 29.18 19.82 -18.89
CA ASP E 414 27.78 19.86 -18.53
C ASP E 414 27.26 18.48 -18.17
N LEU E 415 27.64 17.46 -18.93
CA LEU E 415 27.22 16.10 -18.61
C LEU E 415 27.98 15.52 -17.43
N LEU E 416 29.19 16.01 -17.16
CA LEU E 416 29.95 15.52 -16.02
C LEU E 416 29.38 16.04 -14.71
N LEU E 417 29.04 17.33 -14.67
CA LEU E 417 28.52 17.92 -13.44
C LEU E 417 27.14 17.38 -13.06
N ARG E 418 26.48 16.65 -13.96
CA ARG E 418 25.14 16.12 -13.70
C ARG E 418 25.13 14.59 -13.70
N LEU E 419 26.30 13.96 -13.62
CA LEU E 419 26.37 12.51 -13.70
C LEU E 419 25.77 11.88 -12.46
N THR E 420 25.21 10.68 -12.62
CA THR E 420 24.46 10.00 -11.58
C THR E 420 24.96 8.58 -11.29
N GLU E 421 24.37 7.93 -10.30
CA GLU E 421 24.80 6.54 -9.95
C GLU E 421 24.51 5.60 -11.11
N GLU E 422 23.28 5.62 -11.64
CA GLU E 422 22.86 4.68 -12.73
C GLU E 422 23.69 4.91 -13.99
N GLU E 423 23.89 6.16 -14.40
CA GLU E 423 24.65 6.45 -15.61
C GLU E 423 26.09 5.97 -15.47
N LEU E 424 26.66 6.08 -14.28
CA LEU E 424 28.00 5.54 -14.05
C LEU E 424 28.00 4.02 -14.17
N GLN E 425 26.97 3.36 -13.65
CA GLN E 425 26.96 1.91 -13.59
C GLN E 425 26.64 1.29 -14.95
N THR E 426 25.54 1.70 -15.57
CA THR E 426 25.07 1.03 -16.77
C THR E 426 25.74 1.55 -18.04
N ASP E 427 25.91 2.86 -18.15
CA ASP E 427 26.36 3.45 -19.40
C ASP E 427 27.88 3.58 -19.49
N LEU E 428 28.53 3.96 -18.39
CA LEU E 428 29.98 4.15 -18.39
C LEU E 428 30.75 2.93 -17.91
N GLY E 429 30.11 2.02 -17.17
CA GLY E 429 30.69 0.74 -16.86
C GLY E 429 31.39 0.62 -15.53
N MET E 430 31.02 1.41 -14.52
CA MET E 430 31.59 1.30 -13.19
C MET E 430 30.71 0.37 -12.37
N LYS E 431 30.99 -0.93 -12.46
CA LYS E 431 30.16 -1.92 -11.79
C LYS E 431 30.34 -1.95 -10.28
N SER E 432 31.59 -1.92 -9.82
CA SER E 432 31.88 -2.02 -8.36
C SER E 432 31.46 -0.74 -7.64
N GLY E 433 30.67 -0.87 -6.58
CA GLY E 433 30.19 0.30 -5.85
C GLY E 433 31.25 1.08 -5.11
N ILE E 434 32.36 0.44 -4.76
CA ILE E 434 33.46 1.15 -4.11
C ILE E 434 34.15 2.08 -5.11
N THR E 435 34.32 1.62 -6.35
CA THR E 435 34.89 2.48 -7.38
C THR E 435 33.99 3.68 -7.64
N ARG E 436 32.67 3.47 -7.67
CA ARG E 436 31.76 4.59 -7.84
C ARG E 436 31.81 5.58 -6.67
N LYS E 437 31.95 5.08 -5.44
CA LYS E 437 32.12 5.98 -4.31
C LYS E 437 33.39 6.80 -4.41
N ARG E 438 34.48 6.17 -4.88
CA ARG E 438 35.73 6.91 -5.07
C ARG E 438 35.52 7.97 -6.15
N PHE E 439 34.86 7.62 -7.25
CA PHE E 439 34.66 8.58 -8.32
C PHE E 439 33.83 9.77 -7.84
N PHE E 440 32.76 9.50 -7.09
CA PHE E 440 31.97 10.60 -6.56
C PHE E 440 32.72 11.39 -5.51
N ARG E 441 33.63 10.74 -4.78
CA ARG E 441 34.48 11.46 -3.85
C ARG E 441 35.39 12.45 -4.57
N GLU E 442 35.90 12.07 -5.75
CA GLU E 442 36.69 13.01 -6.55
C GLU E 442 35.80 14.11 -7.13
N LEU E 443 34.63 13.73 -7.65
CA LEU E 443 33.77 14.69 -8.32
C LEU E 443 33.23 15.73 -7.36
N THR E 444 32.98 15.36 -6.10
CA THR E 444 32.50 16.35 -5.13
C THR E 444 33.58 17.38 -4.85
N GLU E 445 34.84 16.99 -4.82
CA GLU E 445 35.95 17.97 -4.61
C GLU E 445 36.06 18.88 -5.83
N LEU E 446 35.92 18.29 -7.01
CA LEU E 446 35.92 19.13 -8.20
C LEU E 446 34.77 20.13 -8.18
N LYS E 447 33.57 19.68 -7.79
CA LYS E 447 32.41 20.55 -7.75
C LYS E 447 32.60 21.68 -6.74
N THR E 448 33.11 21.36 -5.55
CA THR E 448 33.32 22.39 -4.54
C THR E 448 34.30 23.45 -5.02
N PHE E 449 35.40 23.02 -5.65
CA PHE E 449 36.45 23.95 -6.06
C PHE E 449 36.34 24.36 -7.52
N ALA E 450 35.12 24.45 -8.06
CA ALA E 450 34.91 24.86 -9.44
C ALA E 450 34.47 26.32 -9.50
N ASN E 451 34.41 26.85 -10.72
CA ASN E 451 34.04 28.24 -10.99
C ASN E 451 32.78 28.25 -11.84
N TYR E 452 31.69 28.79 -11.31
CA TYR E 452 30.40 28.81 -11.97
C TYR E 452 30.02 30.19 -12.47
N SER E 453 31.00 31.03 -12.80
CA SER E 453 30.70 32.40 -13.22
C SER E 453 29.87 32.42 -14.49
N THR E 454 30.14 31.49 -15.42
CA THR E 454 29.39 31.44 -16.67
C THR E 454 27.96 30.98 -16.49
N CYS E 455 27.63 30.44 -15.32
CA CYS E 455 26.27 29.87 -15.11
C CYS E 455 25.43 30.83 -14.26
N ASP E 456 25.82 31.01 -12.99
CA ASP E 456 24.94 31.78 -12.05
C ASP E 456 25.21 33.27 -12.21
N ARG E 457 24.24 34.03 -12.67
CA ARG E 457 24.33 35.52 -12.73
C ARG E 457 23.87 36.13 -11.40
N SER E 458 23.22 35.33 -10.55
CA SER E 458 22.72 35.80 -9.23
C SER E 458 23.76 35.49 -8.15
N ASN E 459 24.95 35.02 -8.54
CA ASN E 459 26.00 34.72 -7.58
C ASN E 459 25.49 33.84 -6.44
N LEU E 460 24.89 32.71 -6.81
CA LEU E 460 24.33 31.79 -5.83
C LEU E 460 25.37 30.91 -5.18
N ALA E 461 26.57 30.79 -5.76
CA ALA E 461 27.59 29.94 -5.18
C ALA E 461 28.08 30.49 -3.85
N ASP E 462 28.27 31.81 -3.76
CA ASP E 462 28.76 32.40 -2.53
C ASP E 462 27.75 32.26 -1.40
N TRP E 463 26.46 32.37 -1.71
CA TRP E 463 25.45 32.18 -0.68
C TRP E 463 25.51 30.77 -0.10
N LEU E 464 25.64 29.76 -0.95
CA LEU E 464 25.76 28.39 -0.48
C LEU E 464 27.04 28.20 0.34
N GLY E 465 28.16 28.76 -0.14
CA GLY E 465 29.40 28.66 0.59
C GLY E 465 29.37 29.35 1.94
N SER E 466 28.52 30.37 2.09
CA SER E 466 28.42 31.07 3.37
C SER E 466 27.90 30.14 4.46
N LEU E 467 26.86 29.36 4.17
CA LEU E 467 26.33 28.44 5.17
C LEU E 467 27.40 27.45 5.60
N ASP E 468 28.02 26.78 4.64
CA ASP E 468 29.06 25.79 4.88
C ASP E 468 29.77 25.57 3.55
N PRO E 469 31.10 25.66 3.49
CA PRO E 469 31.76 25.50 2.19
C PRO E 469 31.41 24.21 1.48
N ARG E 470 31.16 23.14 2.24
CA ARG E 470 30.85 21.82 1.62
C ARG E 470 29.48 21.86 0.92
N PHE E 471 28.84 23.04 0.86
CA PHE E 471 27.53 23.17 0.18
C PHE E 471 27.71 23.78 -1.21
N ARG E 472 28.92 24.27 -1.51
CA ARG E 472 29.16 24.94 -2.81
C ARG E 472 29.01 23.94 -3.96
N GLN E 473 29.07 22.64 -3.66
CA GLN E 473 28.96 21.58 -4.69
C GLN E 473 27.56 21.59 -5.31
N TYR E 474 26.57 22.09 -4.58
CA TYR E 474 25.17 22.02 -5.07
C TYR E 474 24.86 23.19 -6.00
N THR E 475 25.78 24.13 -6.21
CA THR E 475 25.45 25.29 -7.05
C THR E 475 24.83 24.84 -8.37
N TYR E 476 25.58 24.09 -9.17
CA TYR E 476 25.09 23.68 -10.48
C TYR E 476 23.79 22.90 -10.38
N GLY E 477 23.54 22.23 -9.26
CA GLY E 477 22.27 21.55 -9.10
C GLY E 477 21.10 22.52 -9.08
N LEU E 478 21.24 23.59 -8.30
CA LEU E 478 20.17 24.58 -8.21
C LEU E 478 20.08 25.41 -9.47
N VAL E 479 21.23 25.89 -9.96
CA VAL E 479 21.23 26.87 -11.05
C VAL E 479 20.58 26.30 -12.30
N SER E 480 20.88 25.05 -12.63
CA SER E 480 20.30 24.45 -13.83
C SER E 480 18.79 24.28 -13.73
N CYS E 481 18.22 24.41 -12.54
CA CYS E 481 16.77 24.36 -12.36
C CYS E 481 16.13 25.74 -12.36
N GLY E 482 16.90 26.79 -12.56
CA GLY E 482 16.36 28.14 -12.61
C GLY E 482 16.28 28.85 -11.28
N LEU E 483 16.66 28.20 -10.18
CA LEU E 483 16.57 28.82 -8.87
C LEU E 483 17.60 29.95 -8.74
N ASP E 484 17.19 31.01 -8.02
CA ASP E 484 18.05 32.15 -7.75
C ASP E 484 17.86 32.55 -6.29
N ARG E 485 18.59 33.58 -5.87
CA ARG E 485 18.44 34.08 -4.51
C ARG E 485 17.03 34.61 -4.26
N SER E 486 16.35 35.05 -5.31
CA SER E 486 15.01 35.62 -5.19
C SER E 486 13.90 34.59 -5.27
N LEU E 487 14.24 33.31 -5.48
CA LEU E 487 13.25 32.26 -5.60
C LEU E 487 13.43 31.14 -4.59
N LEU E 488 14.46 31.21 -3.74
CA LEU E 488 14.76 30.10 -2.85
C LEU E 488 13.73 29.95 -1.74
N HIS E 489 13.19 31.05 -1.23
CA HIS E 489 12.32 30.99 -0.07
C HIS E 489 11.05 30.19 -0.34
N ARG E 490 10.68 29.98 -1.60
CA ARG E 490 9.47 29.25 -1.95
C ARG E 490 9.73 27.79 -2.30
N VAL E 491 10.96 27.32 -2.19
CA VAL E 491 11.28 25.94 -2.56
C VAL E 491 10.88 25.00 -1.42
N SER E 492 10.77 23.72 -1.75
CA SER E 492 10.36 22.70 -0.80
C SER E 492 11.38 21.57 -0.78
N GLU E 493 11.31 20.75 0.26
CA GLU E 493 12.27 19.65 0.42
C GLU E 493 12.16 18.64 -0.70
N GLN E 494 10.94 18.34 -1.16
CA GLN E 494 10.76 17.32 -2.21
C GLN E 494 11.41 17.81 -3.51
N GLN E 495 11.29 19.10 -3.81
CA GLN E 495 11.91 19.66 -5.01
C GLN E 495 13.43 19.57 -4.91
N LEU E 496 13.99 19.90 -3.74
CA LEU E 496 15.44 19.78 -3.57
C LEU E 496 15.90 18.34 -3.72
N LEU E 497 15.12 17.39 -3.20
CA LEU E 497 15.49 15.98 -3.30
C LEU E 497 15.46 15.52 -4.75
N GLU E 498 14.40 15.84 -5.48
CA GLU E 498 14.20 15.29 -6.81
C GLU E 498 14.87 16.12 -7.90
N ASP E 499 14.67 17.43 -7.89
CA ASP E 499 15.14 18.27 -8.99
C ASP E 499 16.59 18.67 -8.82
N CYS E 500 16.94 19.23 -7.67
CA CYS E 500 18.30 19.70 -7.44
C CYS E 500 19.26 18.58 -7.02
N GLY E 501 18.74 17.39 -6.73
CA GLY E 501 19.60 16.25 -6.44
C GLY E 501 20.43 16.38 -5.18
N ILE E 502 19.81 16.82 -4.09
CA ILE E 502 20.47 16.88 -2.79
C ILE E 502 20.05 15.64 -2.02
N HIS E 503 20.98 14.69 -1.86
CA HIS E 503 20.63 13.38 -1.33
C HIS E 503 20.58 13.36 0.20
N LEU E 504 21.58 13.97 0.85
CA LEU E 504 21.63 13.91 2.31
C LEU E 504 20.55 14.80 2.91
N GLY E 505 19.78 14.24 3.83
CA GLY E 505 18.71 15.00 4.47
C GLY E 505 19.20 16.14 5.31
N VAL E 506 20.36 16.00 5.93
CA VAL E 506 20.90 17.07 6.77
C VAL E 506 21.12 18.33 5.95
N HIS E 507 21.73 18.18 4.77
CA HIS E 507 21.99 19.33 3.92
C HIS E 507 20.69 19.93 3.39
N ARG E 508 19.72 19.09 3.03
CA ARG E 508 18.43 19.60 2.60
C ARG E 508 17.79 20.44 3.69
N ALA E 509 17.76 19.93 4.92
CA ALA E 509 17.16 20.66 6.02
C ALA E 509 17.89 21.96 6.29
N ARG E 510 19.22 21.93 6.28
CA ARG E 510 19.98 23.16 6.53
C ARG E 510 19.71 24.20 5.46
N ILE E 511 19.69 23.79 4.19
CA ILE E 511 19.46 24.73 3.11
C ILE E 511 18.05 25.31 3.20
N LEU E 512 17.05 24.48 3.49
CA LEU E 512 15.70 24.98 3.62
C LEU E 512 15.57 25.95 4.78
N THR E 513 16.19 25.62 5.92
CA THR E 513 16.12 26.52 7.07
C THR E 513 16.78 27.85 6.77
N ALA E 514 17.91 27.83 6.06
CA ALA E 514 18.58 29.08 5.72
C ALA E 514 17.78 29.88 4.70
N ALA E 515 17.11 29.21 3.77
CA ALA E 515 16.37 29.92 2.73
C ALA E 515 15.07 30.51 3.27
N ARG E 516 14.39 29.78 4.16
CA ARG E 516 13.11 30.24 4.69
C ARG E 516 13.25 31.43 5.62
N GLU E 517 14.47 31.79 6.00
CA GLU E 517 14.73 33.03 6.72
C GLU E 517 14.96 34.20 5.78
N MET E 518 14.45 34.11 4.54
CA MET E 518 14.62 35.15 3.54
C MET E 518 16.09 35.46 3.30
N LEU E 519 16.83 34.42 2.93
CA LEU E 519 18.23 34.55 2.56
C LEU E 519 19.03 35.25 3.67
N VAL F 34 43.69 -35.18 42.13
CA VAL F 34 43.81 -36.43 42.94
C VAL F 34 43.05 -36.27 44.25
N GLN F 35 42.17 -37.23 44.53
CA GLN F 35 41.37 -37.22 45.76
C GLN F 35 42.00 -38.02 46.88
N ASP F 36 43.21 -38.57 46.68
CA ASP F 36 43.83 -39.39 47.71
C ASP F 36 44.04 -38.59 48.99
N ALA F 37 44.53 -37.35 48.86
CA ALA F 37 44.65 -36.49 50.04
C ALA F 37 43.28 -36.22 50.65
N LEU F 38 42.27 -35.98 49.82
CA LEU F 38 40.91 -35.79 50.33
C LEU F 38 40.42 -37.03 51.07
N GLU F 39 40.61 -38.21 50.47
CA GLU F 39 40.15 -39.44 51.11
C GLU F 39 40.86 -39.65 52.44
N ARG F 40 42.16 -39.35 52.49
CA ARG F 40 42.89 -39.47 53.74
C ARG F 40 42.37 -38.47 54.78
N ALA F 41 42.08 -37.25 54.34
CA ALA F 41 41.85 -36.13 55.28
C ALA F 41 40.46 -36.25 55.91
N LEU F 42 39.47 -36.75 55.15
CA LEU F 42 38.05 -36.75 55.59
C LEU F 42 37.87 -37.58 56.88
N PRO F 43 38.35 -38.84 56.99
CA PRO F 43 38.17 -39.64 58.22
C PRO F 43 38.66 -38.88 59.44
N GLU F 44 39.82 -38.21 59.34
CA GLU F 44 40.33 -37.42 60.45
C GLU F 44 39.40 -36.25 60.76
N LEU F 45 38.89 -35.59 59.73
CA LEU F 45 37.97 -34.48 59.93
C LEU F 45 36.69 -34.95 60.64
N GLN F 46 36.16 -36.10 60.23
CA GLN F 46 34.96 -36.63 60.87
C GLN F 46 35.23 -36.97 62.32
N GLN F 47 36.38 -37.60 62.61
CA GLN F 47 36.72 -37.90 63.99
C GLN F 47 36.84 -36.62 64.82
N ALA F 48 37.48 -35.60 64.26
CA ALA F 48 37.62 -34.34 64.99
C ALA F 48 36.27 -33.68 65.23
N LEU F 49 35.39 -33.70 64.23
CA LEU F 49 34.06 -33.13 64.40
C LEU F 49 33.27 -33.87 65.47
N SER F 50 33.35 -35.19 65.47
CA SER F 50 32.66 -35.97 66.50
C SER F 50 33.22 -35.65 67.88
N ALA F 51 34.54 -35.54 68.01
CA ALA F 51 35.14 -35.19 69.29
C ALA F 51 34.69 -33.81 69.75
N LEU F 52 34.66 -32.84 68.84
CA LEU F 52 34.17 -31.51 69.19
C LEU F 52 32.72 -31.55 69.64
N LYS F 53 31.88 -32.32 68.94
CA LYS F 53 30.51 -32.50 69.39
C LYS F 53 30.45 -33.15 70.76
N GLN F 54 31.43 -33.99 71.08
CA GLN F 54 31.52 -34.61 72.39
C GLN F 54 32.21 -33.72 73.41
N ALA F 55 32.70 -32.55 73.00
CA ALA F 55 33.38 -31.65 73.93
C ALA F 55 32.36 -30.99 74.85
N GLY F 56 32.47 -31.24 76.15
CA GLY F 56 31.60 -30.67 77.14
C GLY F 56 32.17 -29.50 77.90
N GLY F 57 33.42 -29.13 77.65
CA GLY F 57 34.06 -28.05 78.37
C GLY F 57 34.93 -27.23 77.44
N ALA F 58 35.50 -26.15 78.00
CA ALA F 58 36.34 -25.26 77.22
C ALA F 58 37.57 -25.97 76.69
N ARG F 59 38.20 -26.81 77.51
CA ARG F 59 39.44 -27.46 77.12
C ARG F 59 39.22 -28.38 75.91
N ALA F 60 38.20 -29.24 75.98
CA ALA F 60 37.93 -30.14 74.87
C ALA F 60 37.52 -29.36 73.63
N VAL F 61 36.73 -28.30 73.80
CA VAL F 61 36.34 -27.46 72.67
C VAL F 61 37.57 -26.90 71.99
N GLY F 62 38.49 -26.35 72.77
CA GLY F 62 39.71 -25.80 72.19
C GLY F 62 40.55 -26.85 71.49
N ALA F 63 40.68 -28.03 72.11
CA ALA F 63 41.46 -29.10 71.50
C ALA F 63 40.87 -29.50 70.15
N GLY F 64 39.56 -29.70 70.09
CA GLY F 64 38.93 -30.07 68.83
C GLY F 64 39.05 -28.98 67.79
N LEU F 65 38.85 -27.72 68.20
CA LEU F 65 38.99 -26.61 67.27
C LEU F 65 40.40 -26.53 66.70
N ALA F 66 41.41 -26.72 67.56
CA ALA F 66 42.79 -26.71 67.08
C ALA F 66 43.05 -27.87 66.13
N GLU F 67 42.50 -29.05 66.42
CA GLU F 67 42.69 -30.19 65.54
C GLU F 67 42.10 -29.91 64.16
N VAL F 68 40.86 -29.43 64.11
CA VAL F 68 40.22 -29.17 62.82
C VAL F 68 40.95 -28.05 62.08
N PHE F 69 41.39 -27.03 62.82
CA PHE F 69 42.14 -25.95 62.18
C PHE F 69 43.44 -26.46 61.57
N GLN F 70 44.16 -27.31 62.30
CA GLN F 70 45.40 -27.86 61.77
C GLN F 70 45.12 -28.69 60.52
N LEU F 71 44.05 -29.50 60.55
CA LEU F 71 43.73 -30.32 59.38
C LEU F 71 43.41 -29.46 58.17
N VAL F 72 42.54 -28.45 58.36
CA VAL F 72 42.14 -27.62 57.22
C VAL F 72 43.31 -26.82 56.69
N GLU F 73 44.22 -26.42 57.58
CA GLU F 73 45.40 -25.62 57.14
C GLU F 73 46.40 -26.51 56.40
N GLU F 74 46.53 -27.77 56.81
CA GLU F 74 47.42 -28.72 56.09
C GLU F 74 46.91 -28.89 54.66
N ALA F 75 45.59 -29.05 54.50
CA ALA F 75 44.99 -29.19 53.15
C ALA F 75 45.16 -27.90 52.35
N TRP F 76 44.98 -26.75 52.99
CA TRP F 76 45.04 -25.44 52.26
C TRP F 76 46.47 -25.16 51.79
N LEU F 77 47.48 -25.89 52.31
CA LEU F 77 48.87 -25.52 51.92
C LEU F 77 49.43 -26.63 51.06
N LEU F 78 48.55 -27.20 50.25
CA LEU F 78 48.99 -28.37 49.47
C LEU F 78 49.31 -27.95 48.04
N PRO F 79 50.48 -28.30 47.47
CA PRO F 79 50.80 -27.82 46.14
C PRO F 79 49.87 -28.33 45.04
N ALA F 80 49.39 -27.44 44.15
CA ALA F 80 48.55 -27.81 42.99
C ALA F 80 47.11 -28.22 43.35
N VAL F 81 46.93 -29.06 44.37
CA VAL F 81 45.55 -29.59 44.65
C VAL F 81 44.95 -28.97 45.91
N GLY F 82 45.69 -28.12 46.64
CA GLY F 82 45.18 -27.59 47.88
C GLY F 82 43.78 -27.03 47.83
N ARG F 83 43.43 -26.31 46.77
CA ARG F 83 42.11 -25.69 46.70
C ARG F 83 40.94 -26.67 46.69
N GLU F 84 41.01 -27.68 45.84
CA GLU F 84 39.91 -28.67 45.77
C GLU F 84 39.85 -29.47 47.06
N VAL F 85 40.99 -29.97 47.56
CA VAL F 85 40.99 -30.84 48.73
C VAL F 85 40.56 -30.04 49.95
N ALA F 86 40.81 -28.73 49.98
CA ALA F 86 40.29 -27.90 51.05
C ALA F 86 38.81 -27.57 50.87
N GLN F 87 38.37 -27.40 49.63
CA GLN F 87 36.95 -27.21 49.37
C GLN F 87 36.16 -28.44 49.78
N GLY F 88 36.73 -29.63 49.56
CA GLY F 88 36.07 -30.84 50.01
C GLY F 88 35.91 -30.90 51.51
N LEU F 89 36.95 -30.52 52.25
CA LEU F 89 36.85 -30.51 53.71
C LEU F 89 35.85 -29.46 54.19
N CYS F 90 35.82 -28.31 53.52
CA CYS F 90 34.80 -27.30 53.85
C CYS F 90 33.36 -27.75 53.58
N ASP F 91 33.17 -28.53 52.51
CA ASP F 91 31.86 -29.19 52.24
C ASP F 91 31.48 -30.12 53.40
N ALA F 92 32.39 -31.03 53.74
CA ALA F 92 32.27 -31.92 54.89
C ALA F 92 31.83 -31.16 56.13
N ILE F 93 32.53 -30.07 56.44
CA ILE F 93 32.17 -29.27 57.62
C ILE F 93 30.79 -28.67 57.45
N ARG F 94 30.46 -28.28 56.22
CA ARG F 94 29.14 -27.64 55.92
C ARG F 94 28.01 -28.62 56.30
N LEU F 95 28.12 -29.88 55.86
CA LEU F 95 27.30 -30.97 56.38
C LEU F 95 27.81 -31.36 57.77
N ASP F 96 27.14 -32.32 58.38
CA ASP F 96 27.46 -32.80 59.73
C ASP F 96 27.21 -31.74 60.80
N GLY F 97 26.60 -30.61 60.44
CA GLY F 97 26.32 -29.56 61.40
C GLY F 97 27.53 -28.80 61.89
N GLY F 98 28.64 -28.84 61.15
CA GLY F 98 29.85 -28.16 61.62
C GLY F 98 29.69 -26.66 61.71
N LEU F 99 29.10 -26.05 60.67
CA LEU F 99 29.00 -24.59 60.65
C LEU F 99 28.10 -24.09 61.79
N ASP F 100 26.97 -24.75 62.01
CA ASP F 100 26.09 -24.35 63.10
C ASP F 100 26.78 -24.51 64.45
N LEU F 101 27.54 -25.60 64.61
CA LEU F 101 28.28 -25.80 65.85
C LEU F 101 29.29 -24.69 66.08
N LEU F 102 30.05 -24.34 65.04
CA LEU F 102 31.04 -23.27 65.19
C LEU F 102 30.37 -21.94 65.49
N LEU F 103 29.23 -21.67 64.87
CA LEU F 103 28.50 -20.45 65.19
C LEU F 103 28.06 -20.43 66.65
N ARG F 104 27.55 -21.57 67.13
CA ARG F 104 27.09 -21.63 68.52
C ARG F 104 28.25 -21.42 69.49
N LEU F 105 29.41 -22.01 69.19
CA LEU F 105 30.60 -21.71 69.99
C LEU F 105 30.96 -20.24 69.91
N LEU F 106 30.86 -19.64 68.72
CA LEU F 106 31.10 -18.21 68.60
C LEU F 106 30.13 -17.40 69.45
N GLN F 107 28.98 -17.96 69.78
CA GLN F 107 28.07 -17.35 70.74
C GLN F 107 28.40 -17.71 72.18
N ALA F 108 29.47 -18.48 72.42
CA ALA F 108 29.77 -18.94 73.77
C ALA F 108 30.14 -17.75 74.66
N PRO F 109 29.78 -17.80 75.95
CA PRO F 109 30.18 -16.70 76.86
C PRO F 109 31.68 -16.51 76.96
N GLU F 110 32.46 -17.58 76.85
CA GLU F 110 33.91 -17.49 77.02
C GLU F 110 34.54 -16.98 75.73
N LEU F 111 35.30 -15.89 75.83
CA LEU F 111 35.98 -15.33 74.67
C LEU F 111 37.19 -16.16 74.24
N GLU F 112 37.75 -16.96 75.15
CA GLU F 112 38.88 -17.79 74.79
C GLU F 112 38.50 -18.81 73.72
N THR F 113 37.31 -19.40 73.84
CA THR F 113 36.80 -20.27 72.78
C THR F 113 36.27 -19.46 71.60
N ARG F 114 35.72 -18.29 71.88
CA ARG F 114 35.20 -17.44 70.78
C ARG F 114 36.32 -17.16 69.79
N VAL F 115 37.48 -16.72 70.26
CA VAL F 115 38.56 -16.32 69.35
C VAL F 115 38.94 -17.47 68.43
N GLN F 116 39.03 -18.69 68.98
CA GLN F 116 39.35 -19.84 68.14
C GLN F 116 38.23 -20.17 67.18
N ALA F 117 36.98 -20.02 67.63
CA ALA F 117 35.84 -20.26 66.74
C ALA F 117 35.88 -19.31 65.56
N ALA F 118 36.15 -18.03 65.82
CA ALA F 118 36.28 -17.06 64.74
C ALA F 118 37.50 -17.36 63.86
N ARG F 119 38.59 -17.82 64.48
CA ARG F 119 39.77 -18.19 63.71
C ARG F 119 39.47 -19.28 62.70
N LEU F 120 38.71 -20.31 63.11
CA LEU F 120 38.33 -21.38 62.19
C LEU F 120 37.25 -20.95 61.21
N LEU F 121 36.33 -20.07 61.62
CA LEU F 121 35.31 -19.56 60.71
C LEU F 121 35.88 -18.66 59.63
N GLU F 122 37.02 -18.02 59.88
CA GLU F 122 37.67 -17.18 58.88
C GLU F 122 38.23 -18.01 57.72
N GLN F 123 38.79 -19.17 58.03
CA GLN F 123 39.47 -20.00 57.04
C GLN F 123 38.55 -20.98 56.32
N ILE F 124 37.24 -20.95 56.51
CA ILE F 124 36.35 -21.90 55.86
C ILE F 124 35.27 -21.24 55.01
N LEU F 125 35.21 -19.91 54.97
CA LEU F 125 34.08 -19.23 54.35
C LEU F 125 34.16 -19.21 52.83
N VAL F 126 34.14 -20.40 52.22
CA VAL F 126 33.97 -20.49 50.77
C VAL F 126 32.51 -20.18 50.46
N ALA F 127 32.20 -19.93 49.19
CA ALA F 127 30.86 -19.51 48.79
C ALA F 127 29.77 -20.43 49.33
N GLU F 128 29.98 -21.74 49.25
CA GLU F 128 29.00 -22.68 49.79
C GLU F 128 28.82 -22.49 51.29
N ASN F 129 29.93 -22.31 52.01
CA ASN F 129 29.89 -22.00 53.43
C ASN F 129 29.58 -20.53 53.70
N ARG F 130 29.50 -19.72 52.65
CA ARG F 130 29.27 -18.26 52.82
C ARG F 130 27.76 -18.01 52.78
N ASP F 131 27.07 -18.54 51.77
CA ASP F 131 25.64 -18.28 51.67
C ASP F 131 24.88 -18.74 52.90
N ARG F 132 25.26 -19.90 53.46
CA ARG F 132 24.61 -20.37 54.68
C ARG F 132 24.79 -19.39 55.83
N VAL F 133 26.02 -18.89 56.01
CA VAL F 133 26.28 -17.94 57.09
C VAL F 133 25.52 -16.64 56.83
N ALA F 134 25.41 -16.24 55.56
CA ALA F 134 24.65 -15.04 55.24
C ALA F 134 23.18 -15.22 55.61
N ARG F 135 22.63 -16.41 55.35
CA ARG F 135 21.24 -16.67 55.69
C ARG F 135 21.03 -16.76 57.20
N ILE F 136 21.97 -17.37 57.91
CA ILE F 136 21.82 -17.70 59.33
C ILE F 136 22.74 -16.85 60.20
N GLY F 137 24.04 -16.89 59.92
CA GLY F 137 25.03 -16.30 60.79
C GLY F 137 25.21 -14.81 60.69
N LEU F 138 24.46 -14.14 59.83
CA LEU F 138 24.51 -12.69 59.77
C LEU F 138 23.73 -12.10 60.95
N GLY F 139 24.18 -10.94 61.41
CA GLY F 139 23.60 -10.31 62.59
C GLY F 139 24.36 -10.61 63.86
N VAL F 140 24.51 -11.90 64.19
CA VAL F 140 25.30 -12.26 65.36
C VAL F 140 26.75 -11.82 65.18
N ILE F 141 27.30 -12.04 63.99
CA ILE F 141 28.66 -11.56 63.73
C ILE F 141 28.71 -10.05 63.73
N LEU F 142 27.64 -9.40 63.26
CA LEU F 142 27.58 -7.95 63.29
C LEU F 142 27.69 -7.44 64.72
N ASN F 143 26.91 -8.01 65.64
CA ASN F 143 26.97 -7.61 67.02
C ASN F 143 28.33 -7.94 67.63
N LEU F 144 28.88 -9.11 67.31
CA LEU F 144 30.18 -9.50 67.85
C LEU F 144 31.27 -8.53 67.41
N ALA F 145 31.14 -7.99 66.19
CA ALA F 145 32.13 -7.04 65.70
C ALA F 145 32.21 -5.79 66.55
N LYS F 146 31.17 -5.52 67.34
CA LYS F 146 31.14 -4.29 68.19
C LYS F 146 32.25 -4.35 69.25
N GLU F 147 32.89 -5.52 69.42
CA GLU F 147 34.04 -5.60 70.35
C GLU F 147 35.25 -5.01 69.63
N ARG F 148 35.40 -3.69 69.65
CA ARG F 148 36.50 -3.07 68.85
C ARG F 148 37.84 -3.21 69.59
N GLU F 149 37.78 -3.42 70.90
CA GLU F 149 39.03 -3.40 71.71
C GLU F 149 39.91 -4.62 71.46
N PRO F 150 39.44 -5.87 71.67
CA PRO F 150 40.33 -7.04 71.57
C PRO F 150 41.01 -7.11 70.21
N VAL F 151 42.26 -7.59 70.21
CA VAL F 151 43.06 -7.64 68.99
C VAL F 151 42.79 -8.91 68.20
N GLU F 152 42.83 -10.07 68.87
CA GLU F 152 42.61 -11.33 68.16
C GLU F 152 41.18 -11.40 67.62
N LEU F 153 40.20 -11.03 68.45
CA LEU F 153 38.82 -11.05 68.01
C LEU F 153 38.60 -10.07 66.86
N ALA F 154 39.21 -8.88 66.95
CA ALA F 154 39.08 -7.90 65.87
C ALA F 154 39.69 -8.44 64.58
N ARG F 155 40.84 -9.08 64.67
CA ARG F 155 41.49 -9.64 63.48
C ARG F 155 40.61 -10.71 62.84
N SER F 156 40.09 -11.63 63.66
CA SER F 156 39.23 -12.69 63.12
C SER F 156 37.97 -12.11 62.51
N VAL F 157 37.37 -11.12 63.16
CA VAL F 157 36.14 -10.51 62.63
C VAL F 157 36.44 -9.77 61.34
N ALA F 158 37.60 -9.13 61.23
CA ALA F 158 37.98 -8.50 59.97
C ALA F 158 38.10 -9.53 58.87
N GLY F 159 38.70 -10.68 59.17
CA GLY F 159 38.74 -11.76 58.19
C GLY F 159 37.35 -12.20 57.77
N ILE F 160 36.45 -12.39 58.74
CA ILE F 160 35.09 -12.80 58.42
C ILE F 160 34.42 -11.77 57.53
N LEU F 161 34.57 -10.48 57.85
CA LEU F 161 33.89 -9.45 57.09
C LEU F 161 34.47 -9.32 55.68
N GLU F 162 35.79 -9.43 55.54
CA GLU F 162 36.39 -9.35 54.21
C GLU F 162 35.91 -10.51 53.35
N HIS F 163 35.80 -11.70 53.95
CA HIS F 163 35.43 -12.88 53.17
C HIS F 163 33.92 -12.97 52.97
N MET F 164 33.16 -12.09 53.64
CA MET F 164 31.68 -12.10 53.52
C MET F 164 31.22 -11.00 52.56
N PHE F 165 31.96 -9.88 52.50
CA PHE F 165 31.57 -8.75 51.63
C PHE F 165 31.48 -9.21 50.16
N LYS F 166 31.89 -10.45 49.87
CA LYS F 166 31.88 -10.94 48.51
C LYS F 166 30.59 -11.71 48.19
N HIS F 167 29.51 -11.36 48.88
CA HIS F 167 28.20 -11.96 48.65
C HIS F 167 27.35 -10.94 47.89
N SER F 168 26.16 -11.38 47.46
CA SER F 168 25.30 -10.55 46.63
C SER F 168 25.17 -9.13 47.19
N GLU F 169 24.92 -8.17 46.30
CA GLU F 169 25.01 -6.76 46.70
C GLU F 169 23.99 -6.41 47.80
N GLU F 170 22.91 -7.17 47.91
CA GLU F 170 21.98 -6.96 49.01
C GLU F 170 22.68 -7.30 50.33
N THR F 171 23.54 -8.31 50.33
CA THR F 171 24.28 -8.61 51.60
C THR F 171 25.20 -7.42 51.91
N CYS F 172 25.85 -6.85 50.89
CA CYS F 172 26.65 -5.66 51.16
C CYS F 172 25.83 -4.50 51.70
N GLN F 173 24.63 -4.30 51.15
CA GLN F 173 23.76 -3.23 51.62
C GLN F 173 23.43 -3.42 53.10
N ARG F 174 23.04 -4.63 53.49
CA ARG F 174 22.68 -4.86 54.89
C ARG F 174 23.90 -4.78 55.80
N LEU F 175 25.06 -5.23 55.33
CA LEU F 175 26.27 -5.09 56.14
C LEU F 175 26.61 -3.62 56.37
N VAL F 176 26.54 -2.80 55.33
CA VAL F 176 26.86 -1.39 55.50
C VAL F 176 25.80 -0.70 56.38
N ALA F 177 24.55 -1.13 56.27
CA ALA F 177 23.51 -0.57 57.12
C ALA F 177 23.83 -0.80 58.58
N ALA F 178 24.40 -1.96 58.92
CA ALA F 178 24.85 -2.24 60.26
C ALA F 178 26.21 -1.58 60.47
N GLY F 179 26.88 -1.93 61.57
CA GLY F 179 28.15 -1.31 61.92
C GLY F 179 29.38 -1.92 61.30
N GLY F 180 29.21 -2.87 60.37
CA GLY F 180 30.38 -3.52 59.78
C GLY F 180 31.31 -2.55 59.08
N LEU F 181 30.74 -1.69 58.22
CA LEU F 181 31.56 -0.72 57.51
C LEU F 181 32.21 0.26 58.49
N ASP F 182 31.43 0.77 59.44
CA ASP F 182 31.98 1.66 60.45
C ASP F 182 33.01 0.94 61.30
N ALA F 183 32.78 -0.34 61.60
CA ALA F 183 33.73 -1.09 62.41
C ALA F 183 35.06 -1.23 61.69
N VAL F 184 35.03 -1.56 60.39
CA VAL F 184 36.29 -1.73 59.66
C VAL F 184 37.00 -0.38 59.50
N LEU F 185 36.23 0.69 59.25
CA LEU F 185 36.86 2.01 59.18
C LEU F 185 37.51 2.37 60.49
N TYR F 186 36.86 2.04 61.62
CA TYR F 186 37.44 2.30 62.92
C TYR F 186 38.72 1.48 63.13
N TRP F 187 38.70 0.20 62.77
CA TRP F 187 39.90 -0.62 62.93
C TRP F 187 41.03 -0.15 62.03
N CYS F 188 40.71 0.57 60.95
CA CYS F 188 41.78 1.03 60.05
C CYS F 188 42.80 1.91 60.77
N ARG F 189 42.43 2.45 61.94
CA ARG F 189 43.32 3.38 62.67
C ARG F 189 44.27 2.62 63.61
N ARG F 190 44.19 1.28 63.64
CA ARG F 190 45.09 0.49 64.48
C ARG F 190 46.45 0.32 63.79
N THR F 191 47.31 -0.50 64.41
CA THR F 191 48.70 -0.63 63.88
C THR F 191 49.10 -2.07 63.55
N ASP F 192 48.49 -3.10 64.17
CA ASP F 192 48.97 -4.47 63.93
C ASP F 192 48.78 -4.80 62.46
N PRO F 193 49.81 -5.28 61.71
CA PRO F 193 49.69 -5.46 60.24
C PRO F 193 48.52 -6.31 59.75
N ALA F 194 48.23 -7.43 60.42
CA ALA F 194 47.21 -8.33 59.92
C ALA F 194 45.84 -7.66 59.87
N LEU F 195 45.51 -6.91 60.92
CA LEU F 195 44.23 -6.22 60.95
C LEU F 195 44.12 -5.19 59.82
N LEU F 196 45.20 -4.43 59.60
CA LEU F 196 45.18 -3.43 58.53
C LEU F 196 45.03 -4.09 57.17
N ARG F 197 45.77 -5.18 56.93
CA ARG F 197 45.66 -5.87 55.66
C ARG F 197 44.26 -6.43 55.45
N HIS F 198 43.67 -7.01 56.51
CA HIS F 198 42.31 -7.54 56.40
C HIS F 198 41.31 -6.42 56.12
N CYS F 199 41.47 -5.27 56.77
CA CYS F 199 40.58 -4.15 56.53
C CYS F 199 40.69 -3.66 55.09
N ALA F 200 41.92 -3.57 54.57
CA ALA F 200 42.11 -3.15 53.19
C ALA F 200 41.46 -4.15 52.22
N LEU F 201 41.64 -5.44 52.48
CA LEU F 201 41.02 -6.46 51.63
C LEU F 201 39.50 -6.37 51.68
N ALA F 202 38.94 -6.15 52.87
CA ALA F 202 37.49 -6.01 52.99
C ALA F 202 36.99 -4.79 52.22
N LEU F 203 37.71 -3.67 52.31
CA LEU F 203 37.31 -2.47 51.60
C LEU F 203 37.35 -2.69 50.09
N GLY F 204 38.41 -3.35 49.61
CA GLY F 204 38.47 -3.67 48.18
C GLY F 204 37.34 -4.59 47.76
N ASN F 205 37.04 -5.61 48.58
CA ASN F 205 35.98 -6.54 48.24
C ASN F 205 34.63 -5.85 48.19
N CYS F 206 34.36 -4.95 49.13
CA CYS F 206 33.08 -4.24 49.10
C CYS F 206 33.02 -3.23 47.96
N ALA F 207 34.15 -2.63 47.58
CA ALA F 207 34.17 -1.75 46.42
C ALA F 207 33.85 -2.54 45.14
N LEU F 208 34.41 -3.74 45.02
CA LEU F 208 34.19 -4.53 43.81
C LEU F 208 32.79 -5.13 43.78
N HIS F 209 32.47 -6.00 44.75
CA HIS F 209 31.20 -6.71 44.73
C HIS F 209 30.03 -5.79 45.03
N GLY F 210 30.22 -4.82 45.92
CA GLY F 210 29.12 -3.93 46.26
C GLY F 210 28.66 -3.12 45.07
N GLY F 211 27.39 -2.75 45.10
CA GLY F 211 26.79 -1.99 44.02
C GLY F 211 27.25 -0.55 44.02
N GLN F 212 26.80 0.19 43.00
CA GLN F 212 27.17 1.59 42.89
C GLN F 212 26.66 2.40 44.08
N ALA F 213 25.49 2.04 44.61
CA ALA F 213 24.97 2.73 45.79
C ALA F 213 25.92 2.56 46.97
N VAL F 214 26.46 1.35 47.15
CA VAL F 214 27.40 1.13 48.25
C VAL F 214 28.65 1.98 48.07
N GLN F 215 29.16 2.06 46.84
CA GLN F 215 30.35 2.88 46.60
C GLN F 215 30.08 4.34 46.89
N ARG F 216 28.93 4.86 46.44
CA ARG F 216 28.58 6.25 46.74
C ARG F 216 28.45 6.43 48.24
N ARG F 217 27.83 5.45 48.92
CA ARG F 217 27.64 5.55 50.36
C ARG F 217 29.00 5.61 51.06
N MET F 218 29.93 4.74 50.66
CA MET F 218 31.27 4.78 51.23
C MET F 218 31.98 6.10 50.99
N VAL F 219 31.87 6.66 49.78
CA VAL F 219 32.49 7.95 49.52
C VAL F 219 31.91 9.00 50.45
N GLU F 220 30.59 9.02 50.61
CA GLU F 220 29.97 9.93 51.57
C GLU F 220 30.36 9.59 52.99
N LYS F 221 30.66 8.31 53.26
CA LYS F 221 31.20 7.92 54.55
C LYS F 221 32.60 8.44 54.79
N ARG F 222 33.26 8.98 53.76
CA ARG F 222 34.65 9.43 53.82
C ARG F 222 35.63 8.27 53.78
N ALA F 223 35.19 7.11 53.27
CA ALA F 223 36.05 5.93 53.25
C ALA F 223 37.28 6.11 52.38
N ALA F 224 37.20 6.96 51.35
CA ALA F 224 38.35 7.17 50.48
C ALA F 224 39.53 7.76 51.23
N GLU F 225 39.25 8.72 52.11
CA GLU F 225 40.32 9.51 52.79
C GLU F 225 41.04 8.62 53.82
N TRP F 226 40.30 7.70 54.46
CA TRP F 226 40.87 6.79 55.50
C TRP F 226 41.94 5.88 54.90
N LEU F 227 41.87 5.60 53.60
CA LEU F 227 42.86 4.78 52.92
C LEU F 227 44.18 5.47 52.60
N PHE F 228 44.20 6.80 52.60
CA PHE F 228 45.43 7.51 52.25
C PHE F 228 46.61 7.13 53.14
N PRO F 229 46.50 7.11 54.46
CA PRO F 229 47.64 6.67 55.27
C PRO F 229 48.10 5.25 54.96
N LEU F 230 47.16 4.36 54.61
CA LEU F 230 47.54 3.00 54.28
C LEU F 230 48.34 2.94 52.98
N ALA F 231 47.85 3.64 51.95
CA ALA F 231 48.58 3.65 50.67
C ALA F 231 49.94 4.31 50.82
N PHE F 232 50.01 5.41 51.57
CA PHE F 232 51.26 6.12 51.76
C PHE F 232 52.20 5.43 52.74
N SER F 233 51.72 4.44 53.48
CA SER F 233 52.57 3.71 54.40
C SER F 233 53.70 3.02 53.64
N LYS F 234 54.67 2.49 54.40
CA LYS F 234 55.82 1.84 53.78
C LYS F 234 56.23 0.55 54.51
N GLU F 235 55.47 0.11 55.51
CA GLU F 235 55.85 -1.10 56.24
C GLU F 235 55.76 -2.33 55.34
N ASP F 236 54.62 -2.51 54.67
CA ASP F 236 54.40 -3.64 53.78
C ASP F 236 53.88 -3.14 52.45
N GLU F 237 54.38 -3.73 51.36
CA GLU F 237 53.91 -3.36 50.03
C GLU F 237 52.54 -3.96 49.73
N LEU F 238 52.20 -5.10 50.34
CA LEU F 238 50.91 -5.71 50.10
C LEU F 238 49.77 -4.82 50.58
N LEU F 239 49.94 -4.20 51.75
CA LEU F 239 48.91 -3.29 52.25
C LEU F 239 48.72 -2.10 51.31
N ARG F 240 49.83 -1.54 50.81
CA ARG F 240 49.74 -0.44 49.87
C ARG F 240 49.04 -0.87 48.58
N LEU F 241 49.35 -2.07 48.09
CA LEU F 241 48.71 -2.56 46.87
C LEU F 241 47.21 -2.73 47.09
N HIS F 242 46.81 -3.29 48.23
CA HIS F 242 45.39 -3.47 48.50
C HIS F 242 44.68 -2.11 48.60
N ALA F 243 45.29 -1.14 49.27
CA ALA F 243 44.68 0.18 49.37
C ALA F 243 44.55 0.82 48.00
N CYS F 244 45.58 0.70 47.17
CA CYS F 244 45.51 1.27 45.82
C CYS F 244 44.42 0.59 45.01
N LEU F 245 44.29 -0.72 45.11
CA LEU F 245 43.22 -1.43 44.41
C LEU F 245 41.87 -0.91 44.85
N ALA F 246 41.66 -0.79 46.16
CA ALA F 246 40.36 -0.33 46.66
C ALA F 246 40.05 1.07 46.16
N VAL F 247 41.02 1.98 46.27
CA VAL F 247 40.76 3.36 45.88
C VAL F 247 40.54 3.47 44.38
N ALA F 248 41.28 2.70 43.58
CA ALA F 248 41.06 2.73 42.14
C ALA F 248 39.68 2.21 41.77
N VAL F 249 39.27 1.09 42.38
CA VAL F 249 37.94 0.55 42.09
C VAL F 249 36.86 1.54 42.49
N LEU F 250 37.08 2.25 43.60
CA LEU F 250 36.13 3.30 43.98
C LEU F 250 36.12 4.42 42.95
N ALA F 251 37.31 4.82 42.46
CA ALA F 251 37.42 5.94 41.56
C ALA F 251 36.85 5.65 40.18
N THR F 252 36.75 4.36 39.80
CA THR F 252 36.20 4.04 38.45
C THR F 252 34.81 4.67 38.31
N ASN F 253 34.09 4.79 39.42
CA ASN F 253 32.71 5.30 39.39
C ASN F 253 32.77 6.82 39.21
N LYS F 254 32.25 7.30 38.08
CA LYS F 254 32.40 8.71 37.74
C LYS F 254 31.67 9.61 38.73
N GLU F 255 30.59 9.12 39.35
CA GLU F 255 29.77 10.03 40.19
C GLU F 255 30.65 10.64 41.31
N VAL F 256 31.67 9.90 41.76
CA VAL F 256 32.44 10.34 42.91
C VAL F 256 33.92 10.40 42.54
N GLU F 257 34.22 10.42 41.25
CA GLU F 257 35.61 10.39 40.81
C GLU F 257 36.35 11.64 41.26
N ARG F 258 35.72 12.81 41.18
CA ARG F 258 36.41 14.06 41.50
C ARG F 258 36.80 14.12 42.97
N GLU F 259 35.85 13.87 43.86
CA GLU F 259 36.15 13.92 45.29
C GLU F 259 37.14 12.83 45.68
N VAL F 260 37.01 11.64 45.08
CA VAL F 260 37.97 10.58 45.35
C VAL F 260 39.38 11.02 44.96
N GLU F 261 39.51 11.64 43.78
CA GLU F 261 40.82 12.12 43.34
C GLU F 261 41.35 13.19 44.28
N ARG F 262 40.47 14.07 44.76
CA ARG F 262 40.92 15.13 45.66
C ARG F 262 41.52 14.57 46.95
N SER F 263 41.23 13.32 47.29
CA SER F 263 41.84 12.72 48.47
C SER F 263 43.36 12.67 48.35
N GLY F 264 43.88 12.53 47.13
CA GLY F 264 45.30 12.52 46.88
C GLY F 264 45.92 11.14 46.82
N THR F 265 45.24 10.11 47.32
CA THR F 265 45.80 8.76 47.27
C THR F 265 45.75 8.19 45.85
N LEU F 266 44.75 8.58 45.06
CA LEU F 266 44.61 8.03 43.71
C LEU F 266 45.86 8.30 42.88
N ALA F 267 46.39 9.53 42.95
CA ALA F 267 47.57 9.86 42.19
C ALA F 267 48.77 9.02 42.57
N LEU F 268 48.73 8.37 43.73
CA LEU F 268 49.82 7.51 44.19
C LEU F 268 49.75 6.11 43.58
N VAL F 269 48.72 5.80 42.80
CA VAL F 269 48.57 4.44 42.27
C VAL F 269 49.60 4.18 41.19
N GLU F 270 49.59 4.98 40.12
CA GLU F 270 50.44 4.68 38.98
C GLU F 270 51.92 4.61 39.33
N PRO F 271 52.49 5.54 40.11
CA PRO F 271 53.91 5.42 40.46
C PRO F 271 54.24 4.12 41.18
N LEU F 272 53.30 3.58 41.97
CA LEU F 272 53.60 2.39 42.75
C LEU F 272 53.80 1.17 41.87
N VAL F 273 52.90 0.95 40.92
CA VAL F 273 52.95 -0.28 40.13
C VAL F 273 54.18 -0.32 39.25
N ALA F 274 54.60 0.83 38.72
CA ALA F 274 55.73 0.87 37.80
C ALA F 274 57.04 0.44 38.46
N SER F 275 57.10 0.43 39.79
CA SER F 275 58.32 0.05 40.50
C SER F 275 58.32 -1.39 40.97
N LEU F 276 57.18 -1.92 41.41
CA LEU F 276 57.13 -3.27 41.92
C LEU F 276 57.22 -4.29 40.79
N ASP F 277 57.71 -5.48 41.14
CA ASP F 277 57.87 -6.56 40.18
C ASP F 277 56.78 -7.60 40.39
N PRO F 278 55.94 -7.90 39.39
CA PRO F 278 54.89 -8.90 39.61
C PRO F 278 55.43 -10.24 40.07
N GLY F 279 56.61 -10.64 39.59
CA GLY F 279 57.16 -11.91 40.01
C GLY F 279 57.44 -11.97 41.51
N ARG F 280 58.07 -10.93 42.05
CA ARG F 280 58.29 -10.88 43.49
C ARG F 280 56.98 -10.79 44.25
N PHE F 281 56.05 -9.98 43.75
CA PHE F 281 54.71 -9.93 44.36
C PHE F 281 54.01 -11.28 44.19
N ALA F 282 54.17 -11.91 43.03
CA ALA F 282 53.63 -13.25 42.84
C ALA F 282 54.36 -14.28 43.68
N ARG F 283 55.66 -14.08 43.91
CA ARG F 283 56.47 -14.99 44.77
C ARG F 283 55.91 -14.93 46.19
N CYS F 284 55.60 -13.72 46.66
CA CYS F 284 54.79 -13.57 47.85
C CYS F 284 53.36 -14.00 47.54
N LEU F 285 52.55 -14.08 48.59
CA LEU F 285 51.18 -14.58 48.50
C LEU F 285 51.17 -16.10 48.33
N VAL F 286 52.36 -16.70 48.16
CA VAL F 286 52.49 -18.14 48.12
C VAL F 286 53.21 -18.68 49.34
N ASP F 287 54.21 -17.96 49.87
CA ASP F 287 54.79 -18.31 51.16
C ASP F 287 53.81 -18.06 52.30
N ALA F 288 52.78 -17.25 52.06
CA ALA F 288 51.75 -16.97 53.05
C ALA F 288 50.63 -17.99 52.96
N SER F 289 50.11 -18.38 54.12
CA SER F 289 49.05 -19.39 54.16
C SER F 289 47.71 -18.82 53.74
N ASP F 290 47.43 -17.57 54.10
CA ASP F 290 46.13 -16.98 53.84
C ASP F 290 45.85 -16.82 52.35
N THR F 291 46.89 -16.92 51.53
CA THR F 291 46.70 -16.82 50.08
C THR F 291 47.54 -17.84 49.31
N SER F 292 48.00 -18.92 49.95
CA SER F 292 48.92 -19.86 49.33
C SER F 292 48.41 -20.35 47.98
N GLN F 293 47.09 -20.40 47.79
CA GLN F 293 46.52 -20.99 46.56
C GLN F 293 46.17 -19.92 45.52
N GLY F 294 46.17 -18.65 45.91
CA GLY F 294 45.93 -17.59 44.97
C GLY F 294 44.51 -17.06 45.00
N ARG F 295 44.02 -16.69 43.81
CA ARG F 295 42.71 -16.08 43.64
C ARG F 295 41.84 -16.99 42.78
N GLY F 296 40.56 -17.07 43.14
CA GLY F 296 39.66 -18.02 42.53
C GLY F 296 39.13 -17.57 41.18
N PRO F 297 38.38 -18.45 40.51
CA PRO F 297 37.84 -18.11 39.18
C PRO F 297 36.82 -16.97 39.18
N ASP F 298 36.15 -16.72 40.29
CA ASP F 298 35.15 -15.66 40.36
C ASP F 298 35.71 -14.37 40.94
N ASP F 299 36.85 -14.46 41.61
CA ASP F 299 37.49 -13.23 42.17
C ASP F 299 38.36 -12.61 41.06
N LEU F 300 38.68 -13.38 40.02
CA LEU F 300 39.45 -12.84 38.86
C LEU F 300 38.47 -12.22 37.88
N GLN F 301 37.29 -12.82 37.72
CA GLN F 301 36.24 -12.27 36.83
C GLN F 301 35.94 -10.85 37.29
N ARG F 302 36.14 -10.52 38.55
CA ARG F 302 35.76 -9.17 39.04
C ARG F 302 36.89 -8.20 38.72
N LEU F 303 38.13 -8.68 38.67
CA LEU F 303 39.24 -7.81 38.30
C LEU F 303 39.26 -7.50 36.80
N VAL F 304 38.87 -8.47 35.97
CA VAL F 304 38.96 -8.27 34.52
C VAL F 304 38.27 -7.00 34.04
N PRO F 305 37.09 -6.63 34.53
CA PRO F 305 36.46 -5.38 34.08
C PRO F 305 37.30 -4.14 34.32
N LEU F 306 38.34 -4.22 35.17
CA LEU F 306 39.16 -3.03 35.43
C LEU F 306 39.99 -2.65 34.20
N LEU F 307 40.34 -3.63 33.36
CA LEU F 307 41.07 -3.33 32.14
C LEU F 307 40.26 -2.49 31.16
N ASP F 308 38.94 -2.40 31.37
CA ASP F 308 38.05 -1.61 30.53
C ASP F 308 37.47 -0.42 31.27
N SER F 309 38.19 0.10 32.27
CA SER F 309 37.61 1.07 33.19
C SER F 309 37.68 2.51 32.68
N ASN F 310 38.41 2.76 31.59
CA ASN F 310 38.65 4.09 31.04
C ASN F 310 39.48 4.98 31.96
N ARG F 311 39.90 4.47 33.12
CA ARG F 311 40.73 5.22 34.05
C ARG F 311 42.12 4.60 34.05
N LEU F 312 43.15 5.45 33.90
CA LEU F 312 44.50 4.94 33.73
C LEU F 312 44.95 4.13 34.94
N GLU F 313 44.70 4.66 36.14
CA GLU F 313 45.14 3.95 37.35
C GLU F 313 44.42 2.62 37.48
N ALA F 314 43.13 2.58 37.19
CA ALA F 314 42.38 1.33 37.28
C ALA F 314 42.96 0.28 36.35
N GLN F 315 43.23 0.66 35.10
CA GLN F 315 43.80 -0.30 34.15
C GLN F 315 45.19 -0.75 34.60
N CYS F 316 46.00 0.17 35.10
CA CYS F 316 47.35 -0.20 35.54
C CYS F 316 47.29 -1.21 36.68
N ILE F 317 46.47 -0.94 37.70
CA ILE F 317 46.42 -1.84 38.85
C ILE F 317 45.80 -3.18 38.45
N GLY F 318 44.77 -3.15 37.60
CA GLY F 318 44.19 -4.39 37.13
C GLY F 318 45.18 -5.24 36.36
N ALA F 319 45.97 -4.61 35.48
CA ALA F 319 46.99 -5.35 34.74
C ALA F 319 48.04 -5.93 35.68
N PHE F 320 48.45 -5.16 36.69
CA PHE F 320 49.42 -5.67 37.65
C PHE F 320 48.89 -6.89 38.39
N TYR F 321 47.65 -6.80 38.88
CA TYR F 321 47.07 -7.92 39.62
C TYR F 321 46.91 -9.14 38.72
N LEU F 322 46.44 -8.93 37.48
CA LEU F 322 46.28 -10.05 36.55
C LEU F 322 47.62 -10.69 36.23
N CYS F 323 48.68 -9.88 36.10
CA CYS F 323 50.00 -10.43 35.86
C CYS F 323 50.47 -11.29 37.03
N ALA F 324 50.26 -10.80 38.26
CA ALA F 324 50.66 -11.59 39.42
C ALA F 324 49.88 -12.90 39.49
N GLU F 325 48.56 -12.83 39.27
CA GLU F 325 47.76 -14.05 39.32
C GLU F 325 48.12 -15.01 38.19
N ALA F 326 48.47 -14.49 37.01
CA ALA F 326 48.95 -15.35 35.94
C ALA F 326 50.25 -16.03 36.34
N ALA F 327 51.16 -15.29 36.99
CA ALA F 327 52.40 -15.89 37.45
C ALA F 327 52.12 -17.03 38.43
N ILE F 328 51.15 -16.84 39.31
CA ILE F 328 50.80 -17.90 40.26
C ILE F 328 50.20 -19.10 39.53
N LYS F 329 49.22 -18.85 38.66
CA LYS F 329 48.45 -19.95 38.09
C LYS F 329 49.25 -20.73 37.06
N SER F 330 50.15 -20.06 36.33
CA SER F 330 51.01 -20.78 35.39
C SER F 330 51.88 -21.78 36.13
N LEU F 331 52.40 -21.39 37.29
CA LEU F 331 53.09 -22.36 38.14
C LEU F 331 52.14 -23.46 38.59
N GLN F 332 50.92 -23.09 38.96
CA GLN F 332 49.91 -24.09 39.31
C GLN F 332 49.44 -24.89 38.09
N GLY F 333 49.75 -24.45 36.88
CA GLY F 333 49.30 -25.15 35.69
C GLY F 333 47.81 -25.15 35.51
N LYS F 334 47.19 -23.97 35.67
CA LYS F 334 45.74 -23.84 35.56
C LYS F 334 45.38 -22.59 34.76
N THR F 335 46.17 -22.26 33.74
CA THR F 335 45.99 -21.00 33.01
C THR F 335 44.68 -21.05 32.25
N LYS F 336 44.03 -22.20 32.07
CA LYS F 336 42.79 -22.22 31.26
C LYS F 336 41.79 -21.20 31.82
N VAL F 337 41.79 -21.00 33.13
CA VAL F 337 40.77 -20.09 33.77
C VAL F 337 40.80 -18.74 33.05
N PHE F 338 41.97 -18.23 32.67
CA PHE F 338 42.06 -16.91 32.08
C PHE F 338 41.32 -16.83 30.76
N SER F 339 41.18 -17.94 30.04
CA SER F 339 40.40 -17.93 28.81
C SER F 339 38.90 -17.92 29.10
N ASP F 340 38.48 -18.64 30.15
CA ASP F 340 37.06 -18.70 30.49
C ASP F 340 36.55 -17.37 31.04
N ILE F 341 37.45 -16.46 31.43
CA ILE F 341 37.06 -15.20 32.05
C ILE F 341 36.99 -14.05 31.04
N GLY F 342 37.64 -14.18 29.89
CA GLY F 342 37.77 -13.07 28.97
C GLY F 342 38.95 -12.16 29.25
N ALA F 343 39.94 -12.63 30.02
CA ALA F 343 41.08 -11.79 30.36
C ALA F 343 42.05 -11.67 29.19
N ILE F 344 42.22 -12.74 28.40
CA ILE F 344 43.17 -12.70 27.30
C ILE F 344 42.72 -11.72 26.23
N GLN F 345 41.42 -11.71 25.90
CA GLN F 345 40.91 -10.76 24.92
C GLN F 345 41.16 -9.33 25.39
N SER F 346 40.85 -9.04 26.66
CA SER F 346 41.05 -7.70 27.18
C SER F 346 42.52 -7.31 27.18
N LEU F 347 43.41 -8.24 27.55
CA LEU F 347 44.83 -7.95 27.54
C LEU F 347 45.34 -7.65 26.14
N LYS F 348 44.91 -8.43 25.16
CA LYS F 348 45.34 -8.16 23.78
C LYS F 348 44.81 -6.83 23.28
N ARG F 349 43.54 -6.53 23.57
CA ARG F 349 42.99 -5.23 23.18
C ARG F 349 43.74 -4.09 23.85
N LEU F 350 44.09 -4.25 25.12
CA LEU F 350 44.85 -3.22 25.83
C LEU F 350 46.23 -3.04 25.22
N VAL F 351 46.86 -4.13 24.79
CA VAL F 351 48.17 -4.00 24.17
C VAL F 351 48.06 -3.31 22.82
N SER F 352 47.01 -3.61 22.06
CA SER F 352 46.87 -3.05 20.72
C SER F 352 46.58 -1.55 20.76
N TYR F 353 45.62 -1.13 21.58
CA TYR F 353 45.06 0.21 21.53
C TYR F 353 45.44 1.05 22.74
N SER F 354 46.69 0.96 23.19
CA SER F 354 47.16 1.74 24.33
C SER F 354 48.42 2.49 23.97
N THR F 355 48.61 3.65 24.62
CA THR F 355 49.78 4.49 24.43
C THR F 355 50.65 4.59 25.68
N ASN F 356 50.14 4.25 26.85
CA ASN F 356 50.94 4.31 28.06
C ASN F 356 51.99 3.21 28.06
N GLY F 357 52.99 3.37 28.93
CA GLY F 357 54.11 2.44 28.97
C GLY F 357 53.99 1.36 30.03
N THR F 358 53.64 1.74 31.26
CA THR F 358 53.62 0.78 32.36
C THR F 358 52.54 -0.28 32.14
N LYS F 359 51.33 0.15 31.79
CA LYS F 359 50.26 -0.82 31.61
C LYS F 359 50.48 -1.68 30.37
N SER F 360 51.05 -1.11 29.31
CA SER F 360 51.38 -1.90 28.13
C SER F 360 52.42 -2.96 28.48
N ALA F 361 53.45 -2.58 29.23
CA ALA F 361 54.47 -3.55 29.62
C ALA F 361 53.90 -4.65 30.49
N LEU F 362 53.04 -4.28 31.45
CA LEU F 362 52.42 -5.27 32.31
C LEU F 362 51.56 -6.23 31.50
N ALA F 363 50.76 -5.70 30.57
CA ALA F 363 49.91 -6.56 29.75
C ALA F 363 50.74 -7.49 28.88
N LYS F 364 51.83 -6.98 28.29
CA LYS F 364 52.67 -7.82 27.45
C LYS F 364 53.31 -8.94 28.26
N ARG F 365 53.82 -8.62 29.45
CA ARG F 365 54.41 -9.66 30.29
C ARG F 365 53.36 -10.68 30.71
N ALA F 366 52.16 -10.23 31.05
CA ALA F 366 51.10 -11.16 31.43
C ALA F 366 50.74 -12.08 30.26
N LEU F 367 50.66 -11.53 29.05
CA LEU F 367 50.36 -12.36 27.89
C LEU F 367 51.46 -13.37 27.65
N ARG F 368 52.72 -12.96 27.80
CA ARG F 368 53.82 -13.90 27.60
C ARG F 368 53.84 -15.00 28.65
N LEU F 369 53.44 -14.68 29.89
CA LEU F 369 53.35 -15.72 30.91
C LEU F 369 52.35 -16.79 30.52
N LEU F 370 51.21 -16.38 29.96
CA LEU F 370 50.19 -17.32 29.50
C LEU F 370 50.61 -18.06 28.23
N GLY F 371 51.75 -17.73 27.64
CA GLY F 371 52.15 -18.34 26.39
C GLY F 371 51.25 -17.89 25.27
N GLU F 372 50.80 -16.64 25.29
CA GLU F 372 49.88 -16.15 24.23
C GLU F 372 50.64 -15.13 23.39
N GLU F 373 50.12 -14.72 22.23
CA GLU F 373 50.89 -13.81 21.34
C GLU F 373 50.76 -12.37 21.83
N VAL F 374 51.64 -11.48 21.39
CA VAL F 374 51.56 -10.07 21.74
C VAL F 374 51.26 -9.27 20.47
N PRO F 375 50.04 -8.74 20.30
CA PRO F 375 49.73 -8.02 19.07
C PRO F 375 50.63 -6.80 18.93
N ARG F 376 50.99 -6.50 17.69
CA ARG F 376 51.71 -5.27 17.43
C ARG F 376 50.75 -4.08 17.54
N PRO F 377 51.23 -2.93 17.99
CA PRO F 377 50.33 -1.77 18.13
C PRO F 377 49.74 -1.34 16.80
N ILE F 378 48.47 -0.93 16.84
CA ILE F 378 47.76 -0.44 15.66
C ILE F 378 47.71 1.07 15.73
N LEU F 379 48.34 1.74 14.77
CA LEU F 379 48.35 3.18 14.78
C LEU F 379 46.93 3.71 14.63
N PRO F 380 46.49 4.64 15.49
CA PRO F 380 45.05 4.90 15.62
C PRO F 380 44.46 5.82 14.56
N SER F 381 45.27 6.54 13.80
CA SER F 381 44.73 7.49 12.83
C SER F 381 44.12 6.77 11.64
N VAL F 382 42.97 6.13 11.86
CA VAL F 382 42.34 5.35 10.77
C VAL F 382 41.99 6.24 9.58
N PRO F 383 41.37 7.41 9.76
CA PRO F 383 40.93 8.18 8.59
C PRO F 383 42.04 8.48 7.60
N SER F 384 43.29 8.48 8.06
CA SER F 384 44.44 8.81 7.23
C SER F 384 45.18 7.56 6.76
N TRP F 385 44.50 6.41 6.69
CA TRP F 385 45.15 5.17 6.30
C TRP F 385 45.20 5.03 4.78
N LYS F 386 46.30 4.46 4.30
CA LYS F 386 46.45 4.09 2.91
C LYS F 386 46.25 2.58 2.79
N GLU F 387 46.51 2.03 1.60
CA GLU F 387 46.26 0.62 1.37
C GLU F 387 47.13 -0.26 2.27
N ALA F 388 48.40 0.12 2.46
CA ALA F 388 49.30 -0.72 3.23
C ALA F 388 48.80 -0.92 4.66
N GLU F 389 48.31 0.16 5.28
CA GLU F 389 47.79 0.04 6.64
C GLU F 389 46.59 -0.89 6.68
N VAL F 390 45.71 -0.81 5.68
CA VAL F 390 44.54 -1.68 5.65
C VAL F 390 44.97 -3.13 5.49
N GLN F 391 45.95 -3.40 4.64
CA GLN F 391 46.44 -4.77 4.48
C GLN F 391 47.00 -5.29 5.80
N THR F 392 47.79 -4.46 6.49
CA THR F 392 48.35 -4.89 7.76
C THR F 392 47.25 -5.20 8.77
N TRP F 393 46.24 -4.33 8.86
CA TRP F 393 45.15 -4.56 9.79
C TRP F 393 44.39 -5.83 9.44
N LEU F 394 44.14 -6.06 8.15
CA LEU F 394 43.45 -7.27 7.74
C LEU F 394 44.24 -8.50 8.13
N GLN F 395 45.56 -8.47 7.94
CA GLN F 395 46.38 -9.61 8.34
C GLN F 395 46.38 -9.79 9.86
N GLN F 396 46.25 -8.70 10.61
CA GLN F 396 46.23 -8.81 12.06
C GLN F 396 44.97 -9.50 12.56
N ILE F 397 43.80 -9.06 12.07
CA ILE F 397 42.53 -9.57 12.59
C ILE F 397 42.20 -10.96 12.10
N GLY F 398 42.97 -11.51 11.16
CA GLY F 398 42.73 -12.85 10.68
C GLY F 398 41.91 -12.96 9.41
N PHE F 399 41.80 -11.89 8.63
CA PHE F 399 41.07 -11.90 7.37
C PHE F 399 42.04 -11.78 6.19
N SER F 400 43.19 -12.47 6.29
CA SER F 400 44.18 -12.42 5.24
C SER F 400 43.72 -13.09 3.95
N LYS F 401 42.61 -13.83 3.98
CA LYS F 401 42.06 -14.41 2.76
C LYS F 401 41.45 -13.36 1.86
N TYR F 402 41.08 -12.19 2.40
CA TYR F 402 40.43 -11.14 1.63
C TYR F 402 41.37 -9.98 1.34
N CYS F 403 42.67 -10.17 1.52
CA CYS F 403 43.63 -9.10 1.24
C CYS F 403 43.61 -8.74 -0.24
N GLU F 404 43.57 -9.74 -1.12
CA GLU F 404 43.59 -9.47 -2.56
C GLU F 404 42.37 -8.67 -2.99
N SER F 405 41.19 -9.05 -2.51
CA SER F 405 39.98 -8.33 -2.90
C SER F 405 40.01 -6.90 -2.41
N PHE F 406 40.46 -6.67 -1.17
CA PHE F 406 40.54 -5.31 -0.66
C PHE F 406 41.56 -4.48 -1.44
N ARG F 407 42.70 -5.08 -1.78
CA ARG F 407 43.73 -4.35 -2.51
C ARG F 407 43.25 -4.01 -3.93
N GLU F 408 42.55 -4.94 -4.58
CA GLU F 408 42.08 -4.69 -5.93
C GLU F 408 41.12 -3.51 -5.97
N GLN F 409 40.20 -3.43 -5.00
CA GLN F 409 39.24 -2.34 -4.94
C GLN F 409 39.81 -1.07 -4.32
N GLN F 410 41.05 -1.12 -3.83
CA GLN F 410 41.72 0.06 -3.28
C GLN F 410 40.94 0.64 -2.09
N VAL F 411 40.62 -0.23 -1.15
CA VAL F 411 39.95 0.20 0.07
C VAL F 411 40.99 0.82 1.01
N ASP F 412 40.73 2.04 1.45
CA ASP F 412 41.60 2.72 2.40
C ASP F 412 40.79 3.16 3.62
N GLY F 413 41.38 3.95 4.50
CA GLY F 413 40.70 4.28 5.75
C GLY F 413 39.36 4.95 5.53
N ASP F 414 39.30 5.89 4.58
CA ASP F 414 38.03 6.57 4.30
C ASP F 414 36.97 5.59 3.81
N LEU F 415 37.34 4.69 2.90
CA LEU F 415 36.40 3.70 2.40
C LEU F 415 36.18 2.56 3.40
N LEU F 416 37.14 2.32 4.29
CA LEU F 416 36.98 1.27 5.29
C LEU F 416 35.99 1.69 6.37
N LEU F 417 36.08 2.93 6.83
CA LEU F 417 35.18 3.41 7.88
C LEU F 417 33.75 3.62 7.40
N ARG F 418 33.48 3.44 6.11
CA ARG F 418 32.13 3.63 5.57
C ARG F 418 31.64 2.37 4.84
N LEU F 419 32.21 1.22 5.14
CA LEU F 419 31.85 -0.01 4.44
C LEU F 419 30.51 -0.53 4.94
N THR F 420 29.74 -1.16 4.04
CA THR F 420 28.36 -1.60 4.40
C THR F 420 28.13 -3.09 4.12
N GLU F 421 26.90 -3.57 4.33
CA GLU F 421 26.54 -4.99 4.10
C GLU F 421 26.68 -5.34 2.61
N GLU F 422 26.07 -4.56 1.72
CA GLU F 422 26.07 -4.87 0.26
C GLU F 422 27.49 -4.83 -0.31
N GLU F 423 28.30 -3.82 0.01
CA GLU F 423 29.62 -3.69 -0.58
C GLU F 423 30.52 -4.85 -0.15
N LEU F 424 30.38 -5.30 1.10
CA LEU F 424 31.10 -6.49 1.55
C LEU F 424 30.68 -7.71 0.76
N GLN F 425 29.39 -7.84 0.49
CA GLN F 425 28.86 -9.04 -0.16
C GLN F 425 29.19 -9.07 -1.64
N THR F 426 28.77 -8.04 -2.38
CA THR F 426 28.87 -8.06 -3.82
C THR F 426 30.28 -7.71 -4.31
N ASP F 427 30.85 -6.63 -3.80
CA ASP F 427 32.07 -6.09 -4.35
C ASP F 427 33.33 -6.74 -3.76
N LEU F 428 33.35 -7.01 -2.47
CA LEU F 428 34.51 -7.62 -1.85
C LEU F 428 34.43 -9.13 -1.77
N GLY F 429 33.23 -9.69 -1.68
CA GLY F 429 33.04 -11.12 -1.81
C GLY F 429 32.88 -11.90 -0.53
N MET F 430 32.24 -11.34 0.50
CA MET F 430 31.97 -12.05 1.75
C MET F 430 30.55 -12.60 1.66
N LYS F 431 30.41 -13.75 1.02
CA LYS F 431 29.09 -14.33 0.80
C LYS F 431 28.41 -14.85 2.06
N SER F 432 29.19 -15.44 2.97
CA SER F 432 28.61 -16.03 4.21
C SER F 432 28.28 -14.91 5.20
N GLY F 433 27.02 -14.84 5.66
CA GLY F 433 26.62 -13.81 6.61
C GLY F 433 27.34 -13.85 7.94
N ILE F 434 27.76 -15.04 8.37
CA ILE F 434 28.49 -15.16 9.63
C ILE F 434 29.86 -14.51 9.51
N THR F 435 30.53 -14.71 8.37
CA THR F 435 31.82 -14.07 8.17
C THR F 435 31.69 -12.55 8.15
N ARG F 436 30.64 -12.04 7.51
CA ARG F 436 30.40 -10.60 7.54
C ARG F 436 30.13 -10.06 8.93
N LYS F 437 29.40 -10.81 9.75
CA LYS F 437 29.18 -10.40 11.14
C LYS F 437 30.49 -10.38 11.93
N ARG F 438 31.37 -11.34 11.67
CA ARG F 438 32.68 -11.34 12.31
C ARG F 438 33.47 -10.11 11.87
N PHE F 439 33.44 -9.81 10.58
CA PHE F 439 34.19 -8.66 10.08
C PHE F 439 33.66 -7.37 10.70
N PHE F 440 32.34 -7.23 10.79
CA PHE F 440 31.79 -6.03 11.41
C PHE F 440 32.07 -6.01 12.90
N ARG F 441 32.17 -7.18 13.53
CA ARG F 441 32.59 -7.22 14.93
C ARG F 441 33.98 -6.65 15.11
N GLU F 442 34.89 -6.98 14.18
CA GLU F 442 36.24 -6.41 14.24
C GLU F 442 36.22 -4.91 13.94
N LEU F 443 35.48 -4.51 12.91
CA LEU F 443 35.48 -3.12 12.49
C LEU F 443 34.86 -2.21 13.54
N THR F 444 33.86 -2.69 14.28
CA THR F 444 33.28 -1.87 15.34
C THR F 444 34.30 -1.59 16.44
N GLU F 445 35.14 -2.55 16.76
CA GLU F 445 36.21 -2.37 17.78
C GLU F 445 37.24 -1.39 17.27
N LEU F 446 37.61 -1.51 16.00
CA LEU F 446 38.52 -0.53 15.41
C LEU F 446 37.93 0.86 15.44
N LYS F 447 36.63 0.98 15.13
CA LYS F 447 35.97 2.27 15.13
C LYS F 447 35.93 2.89 16.52
N THR F 448 35.61 2.10 17.54
CA THR F 448 35.54 2.64 18.89
C THR F 448 36.91 3.11 19.36
N PHE F 449 37.96 2.39 18.99
CA PHE F 449 39.30 2.71 19.48
C PHE F 449 40.15 3.47 18.47
N ALA F 450 39.53 4.16 17.51
CA ALA F 450 40.25 4.96 16.54
C ALA F 450 40.43 6.39 17.03
N ASN F 451 41.26 7.14 16.30
CA ASN F 451 41.57 8.53 16.62
C ASN F 451 41.09 9.42 15.47
N TYR F 452 40.01 10.17 15.71
CA TYR F 452 39.39 11.01 14.69
C TYR F 452 39.82 12.46 14.78
N SER F 453 41.05 12.73 15.26
CA SER F 453 41.48 14.10 15.46
C SER F 453 41.56 14.87 14.14
N THR F 454 41.91 14.18 13.05
CA THR F 454 42.03 14.83 11.77
C THR F 454 40.68 15.19 11.15
N CYS F 455 39.59 14.67 11.71
CA CYS F 455 38.25 14.88 11.10
C CYS F 455 37.45 15.89 11.93
N ASP F 456 37.18 15.54 13.19
CA ASP F 456 36.22 16.33 14.01
C ASP F 456 36.93 17.53 14.63
N ARG F 457 36.63 18.74 14.18
CA ARG F 457 37.20 19.96 14.82
C ARG F 457 36.34 20.39 16.00
N SER F 458 35.09 19.89 16.07
CA SER F 458 34.17 20.24 17.19
C SER F 458 34.32 19.22 18.32
N ASN F 459 35.33 18.34 18.23
CA ASN F 459 35.56 17.32 19.25
C ASN F 459 34.28 16.56 19.59
N LEU F 460 33.64 16.02 18.57
CA LEU F 460 32.39 15.31 18.74
C LEU F 460 32.57 13.89 19.26
N ALA F 461 33.78 13.34 19.18
CA ALA F 461 34.01 11.99 19.66
C ALA F 461 33.82 11.89 21.17
N ASP F 462 34.31 12.89 21.91
CA ASP F 462 34.21 12.85 23.37
C ASP F 462 32.76 12.95 23.83
N TRP F 463 31.95 13.76 23.14
CA TRP F 463 30.54 13.86 23.51
C TRP F 463 29.85 12.52 23.36
N LEU F 464 30.10 11.83 22.24
CA LEU F 464 29.51 10.51 22.03
C LEU F 464 30.01 9.52 23.08
N GLY F 465 31.31 9.55 23.38
CA GLY F 465 31.84 8.64 24.38
C GLY F 465 31.34 8.91 25.79
N SER F 466 30.91 10.15 26.06
CA SER F 466 30.38 10.46 27.39
C SER F 466 29.10 9.70 27.68
N LEU F 467 28.18 9.64 26.71
CA LEU F 467 26.93 8.92 26.91
C LEU F 467 27.20 7.45 27.21
N ASP F 468 27.97 6.81 26.33
CA ASP F 468 28.32 5.39 26.45
C ASP F 468 29.54 5.18 25.57
N PRO F 469 30.64 4.61 26.08
CA PRO F 469 31.83 4.49 25.25
C PRO F 469 31.59 3.79 23.92
N ARG F 470 30.66 2.83 23.91
CA ARG F 470 30.38 2.05 22.67
C ARG F 470 29.68 2.93 21.63
N PHE F 471 29.53 4.23 21.90
CA PHE F 471 28.90 5.15 20.92
C PHE F 471 29.99 5.91 20.15
N ARG F 472 31.24 5.79 20.58
CA ARG F 472 32.35 6.54 19.94
C ARG F 472 32.53 6.04 18.50
N GLN F 473 31.99 4.86 18.19
CA GLN F 473 32.11 4.27 16.83
C GLN F 473 31.39 5.14 15.80
N TYR F 474 30.35 5.85 16.21
CA TYR F 474 29.53 6.64 15.25
C TYR F 474 30.19 7.98 14.95
N THR F 475 31.34 8.32 15.53
CA THR F 475 31.90 9.64 15.26
C THR F 475 32.00 9.90 13.76
N TYR F 476 32.78 9.09 13.05
CA TYR F 476 32.97 9.31 11.63
C TYR F 476 31.67 9.27 10.86
N GLY F 477 30.66 8.57 11.36
CA GLY F 477 29.36 8.59 10.70
C GLY F 477 28.74 9.98 10.75
N LEU F 478 28.76 10.61 11.91
CA LEU F 478 28.18 11.95 12.04
C LEU F 478 29.04 12.99 11.36
N VAL F 479 30.36 12.94 11.59
CA VAL F 479 31.24 14.01 11.14
C VAL F 479 31.21 14.14 9.63
N SER F 480 31.25 13.00 8.92
CA SER F 480 31.24 13.05 7.47
C SER F 480 29.96 13.65 6.91
N CYS F 481 28.91 13.78 7.71
CA CYS F 481 27.67 14.43 7.30
C CYS F 481 27.62 15.90 7.68
N GLY F 482 28.68 16.43 8.29
CA GLY F 482 28.74 17.83 8.65
C GLY F 482 28.19 18.16 10.02
N LEU F 483 27.65 17.20 10.75
CA LEU F 483 27.08 17.48 12.06
C LEU F 483 28.16 17.90 13.04
N ASP F 484 27.77 18.77 13.98
CA ASP F 484 28.66 19.26 15.02
C ASP F 484 27.86 19.36 16.32
N ARG F 485 28.55 19.73 17.40
CA ARG F 485 27.86 19.91 18.67
C ARG F 485 26.81 21.00 18.60
N SER F 486 26.95 21.95 17.68
CA SER F 486 26.03 23.07 17.55
C SER F 486 24.87 22.78 16.60
N LEU F 487 24.85 21.63 15.94
CA LEU F 487 23.79 21.27 15.01
C LEU F 487 23.06 20.00 15.39
N LEU F 488 23.41 19.36 16.51
CA LEU F 488 22.84 18.07 16.84
C LEU F 488 21.39 18.19 17.29
N HIS F 489 21.06 19.26 18.00
CA HIS F 489 19.72 19.38 18.58
C HIS F 489 18.62 19.44 17.54
N ARG F 490 18.96 19.75 16.29
CA ARG F 490 17.96 19.87 15.22
C ARG F 490 17.87 18.63 14.34
N VAL F 491 18.60 17.56 14.68
CA VAL F 491 18.61 16.35 13.86
C VAL F 491 17.38 15.51 14.18
N SER F 492 17.06 14.55 13.31
CA SER F 492 15.90 13.71 13.45
C SER F 492 16.31 12.24 13.31
N GLU F 493 15.40 11.35 13.72
CA GLU F 493 15.71 9.92 13.71
C GLU F 493 15.95 9.38 12.30
N GLN F 494 15.20 9.88 11.33
CA GLN F 494 15.35 9.40 9.93
C GLN F 494 16.71 9.85 9.38
N GLN F 495 17.19 11.02 9.79
CA GLN F 495 18.51 11.49 9.37
C GLN F 495 19.59 10.62 10.01
N LEU F 496 19.42 10.28 11.28
CA LEU F 496 20.40 9.42 11.94
C LEU F 496 20.40 8.01 11.37
N LEU F 497 19.25 7.57 10.85
CA LEU F 497 19.16 6.23 10.28
C LEU F 497 19.75 6.17 8.88
N GLU F 498 19.21 6.99 7.97
CA GLU F 498 19.60 6.91 6.56
C GLU F 498 20.98 7.51 6.31
N ASP F 499 21.29 8.65 6.92
CA ASP F 499 22.50 9.37 6.59
C ASP F 499 23.68 8.99 7.49
N CYS F 500 23.49 9.04 8.81
CA CYS F 500 24.57 8.71 9.73
C CYS F 500 24.74 7.22 9.93
N GLY F 501 23.83 6.39 9.43
CA GLY F 501 24.00 4.95 9.48
C GLY F 501 24.01 4.37 10.89
N ILE F 502 23.04 4.75 11.71
CA ILE F 502 22.87 4.19 13.05
C ILE F 502 21.74 3.19 12.96
N HIS F 503 22.08 1.89 12.93
CA HIS F 503 21.09 0.87 12.64
C HIS F 503 20.22 0.54 13.85
N LEU F 504 20.82 0.41 15.03
CA LEU F 504 20.07 0.00 16.22
C LEU F 504 19.18 1.15 16.69
N GLY F 505 17.90 0.84 16.94
CA GLY F 505 16.98 1.84 17.41
C GLY F 505 17.29 2.35 18.79
N VAL F 506 17.82 1.49 19.66
CA VAL F 506 18.13 1.91 21.03
C VAL F 506 19.17 3.02 21.01
N HIS F 507 20.23 2.86 20.22
CA HIS F 507 21.26 3.87 20.14
C HIS F 507 20.74 5.16 19.53
N ARG F 508 19.91 5.05 18.48
CA ARG F 508 19.32 6.24 17.89
C ARG F 508 18.51 7.01 18.91
N ALA F 509 17.65 6.30 19.66
CA ALA F 509 16.83 6.96 20.67
C ALA F 509 17.67 7.61 21.75
N ARG F 510 18.70 6.91 22.22
CA ARG F 510 19.56 7.48 23.26
C ARG F 510 20.27 8.73 22.76
N ILE F 511 20.80 8.69 21.54
CA ILE F 511 21.51 9.83 21.00
C ILE F 511 20.56 11.01 20.82
N LEU F 512 19.36 10.76 20.30
CA LEU F 512 18.40 11.84 20.11
C LEU F 512 17.98 12.45 21.44
N THR F 513 17.74 11.61 22.45
CA THR F 513 17.35 12.12 23.75
C THR F 513 18.46 12.95 24.37
N ALA F 514 19.71 12.51 24.23
CA ALA F 514 20.83 13.28 24.77
C ALA F 514 21.04 14.59 24.02
N ALA F 515 20.84 14.59 22.70
CA ALA F 515 21.07 15.80 21.92
C ALA F 515 19.96 16.82 22.13
N ARG F 516 18.71 16.36 22.25
CA ARG F 516 17.59 17.28 22.39
C ARG F 516 17.57 17.99 23.74
N GLU F 517 18.41 17.57 24.68
CA GLU F 517 18.61 18.31 25.92
C GLU F 517 19.69 19.39 25.78
N MET F 518 19.95 19.83 24.56
CA MET F 518 20.95 20.86 24.28
C MET F 518 22.33 20.42 24.76
N LEU F 519 22.76 19.26 24.27
CA LEU F 519 24.09 18.74 24.55
C LEU F 519 24.36 18.68 26.04
N VAL G 34 -0.41 -61.11 34.45
CA VAL G 34 -1.15 -62.40 34.60
C VAL G 34 -2.39 -62.19 35.46
N GLN G 35 -3.54 -62.60 34.94
CA GLN G 35 -4.81 -62.47 35.64
C GLN G 35 -5.19 -63.72 36.43
N ASP G 36 -4.32 -64.72 36.46
CA ASP G 36 -4.66 -65.96 37.16
C ASP G 36 -4.94 -65.69 38.63
N ALA G 37 -4.09 -64.89 39.28
CA ALA G 37 -4.37 -64.51 40.66
C ALA G 37 -5.68 -63.75 40.77
N LEU G 38 -5.92 -62.83 39.81
CA LEU G 38 -7.18 -62.10 39.81
C LEU G 38 -8.37 -63.03 39.65
N GLU G 39 -8.30 -63.97 38.71
CA GLU G 39 -9.40 -64.89 38.49
C GLU G 39 -9.64 -65.75 39.73
N ARG G 40 -8.57 -66.19 40.38
CA ARG G 40 -8.72 -66.95 41.61
C ARG G 40 -9.36 -66.11 42.71
N ALA G 41 -8.95 -64.84 42.81
CA ALA G 41 -9.28 -64.01 43.98
C ALA G 41 -10.74 -63.54 43.92
N LEU G 42 -11.24 -63.30 42.71
CA LEU G 42 -12.59 -62.68 42.53
C LEU G 42 -13.68 -63.58 43.13
N PRO G 43 -13.79 -64.90 42.85
CA PRO G 43 -14.83 -65.76 43.44
C PRO G 43 -14.85 -65.63 44.95
N GLU G 44 -13.67 -65.63 45.59
CA GLU G 44 -13.61 -65.47 47.04
C GLU G 44 -14.11 -64.10 47.47
N LEU G 45 -13.73 -63.06 46.72
CA LEU G 45 -14.20 -61.72 47.05
C LEU G 45 -15.71 -61.61 46.93
N GLN G 46 -16.29 -62.21 45.90
CA GLN G 46 -17.74 -62.19 45.74
C GLN G 46 -18.43 -62.94 46.87
N GLN G 47 -17.88 -64.11 47.26
CA GLN G 47 -18.46 -64.84 48.38
C GLN G 47 -18.40 -64.02 49.66
N ALA G 48 -17.26 -63.36 49.91
CA ALA G 48 -17.11 -62.54 51.11
C ALA G 48 -18.09 -61.37 51.10
N LEU G 49 -18.25 -60.72 49.94
CA LEU G 49 -19.18 -59.60 49.84
C LEU G 49 -20.61 -60.07 50.08
N SER G 50 -20.99 -61.23 49.53
CA SER G 50 -22.32 -61.75 49.77
C SER G 50 -22.53 -62.07 51.24
N ALA G 51 -21.52 -62.67 51.88
CA ALA G 51 -21.63 -62.97 53.30
C ALA G 51 -21.80 -61.70 54.12
N LEU G 52 -21.01 -60.66 53.80
CA LEU G 52 -21.14 -59.40 54.50
C LEU G 52 -22.52 -58.79 54.30
N LYS G 53 -23.04 -58.85 53.07
CA LYS G 53 -24.41 -58.39 52.83
C LYS G 53 -25.41 -59.22 53.63
N GLN G 54 -25.12 -60.50 53.84
CA GLN G 54 -25.96 -61.36 54.65
C GLN G 54 -25.68 -61.23 56.15
N ALA G 55 -24.69 -60.42 56.54
CA ALA G 55 -24.37 -60.24 57.94
C ALA G 55 -25.40 -59.34 58.60
N GLY G 56 -26.15 -59.88 59.56
CA GLY G 56 -27.15 -59.14 60.28
C GLY G 56 -26.74 -58.67 61.66
N GLY G 57 -25.53 -59.01 62.11
CA GLY G 57 -25.08 -58.64 63.43
C GLY G 57 -23.63 -58.19 63.39
N ALA G 58 -23.15 -57.72 64.54
CA ALA G 58 -21.78 -57.22 64.63
C ALA G 58 -20.77 -58.31 64.35
N ARG G 59 -21.01 -59.52 64.88
CA ARG G 59 -20.04 -60.60 64.72
C ARG G 59 -19.86 -60.97 63.24
N ALA G 60 -20.96 -61.16 62.52
CA ALA G 60 -20.87 -61.51 61.11
C ALA G 60 -20.27 -60.37 60.31
N VAL G 61 -20.63 -59.12 60.63
CA VAL G 61 -20.06 -57.97 59.94
C VAL G 61 -18.55 -57.97 60.10
N GLY G 62 -18.07 -58.15 61.33
CA GLY G 62 -16.64 -58.18 61.56
C GLY G 62 -15.95 -59.33 60.85
N ALA G 63 -16.58 -60.51 60.85
CA ALA G 63 -15.99 -61.66 60.18
C ALA G 63 -15.84 -61.39 58.68
N GLY G 64 -16.89 -60.85 58.05
CA GLY G 64 -16.81 -60.55 56.64
C GLY G 64 -15.79 -59.47 56.33
N LEU G 65 -15.73 -58.43 57.18
CA LEU G 65 -14.75 -57.37 56.98
C LEU G 65 -13.34 -57.91 57.07
N ALA G 66 -13.08 -58.78 58.06
CA ALA G 66 -11.76 -59.38 58.19
C ALA G 66 -11.44 -60.26 56.99
N GLU G 67 -12.42 -61.02 56.50
CA GLU G 67 -12.18 -61.86 55.33
C GLU G 67 -11.79 -61.02 54.12
N VAL G 68 -12.56 -59.96 53.84
CA VAL G 68 -12.26 -59.14 52.66
C VAL G 68 -10.92 -58.43 52.84
N PHE G 69 -10.63 -57.96 54.06
CA PHE G 69 -9.35 -57.32 54.30
C PHE G 69 -8.18 -58.27 54.04
N GLN G 70 -8.29 -59.51 54.53
CA GLN G 70 -7.25 -60.49 54.27
C GLN G 70 -7.11 -60.74 52.78
N LEU G 71 -8.23 -60.89 52.08
CA LEU G 71 -8.18 -61.18 50.65
C LEU G 71 -7.48 -60.07 49.88
N VAL G 72 -7.81 -58.80 50.20
CA VAL G 72 -7.24 -57.66 49.43
C VAL G 72 -5.76 -57.47 49.80
N GLU G 73 -5.40 -57.69 51.07
CA GLU G 73 -4.00 -57.50 51.52
C GLU G 73 -3.07 -58.51 50.82
N GLU G 74 -3.55 -59.73 50.62
CA GLU G 74 -2.70 -60.78 49.98
C GLU G 74 -2.34 -60.30 48.58
N ALA G 75 -3.30 -59.73 47.85
CA ALA G 75 -3.03 -59.19 46.50
C ALA G 75 -2.08 -58.00 46.58
N TRP G 76 -2.26 -57.13 47.58
CA TRP G 76 -1.41 -55.91 47.68
C TRP G 76 0.04 -56.28 47.99
N LEU G 77 0.28 -57.49 48.49
CA LEU G 77 1.66 -57.92 48.85
C LEU G 77 2.14 -58.97 47.86
N LEU G 78 1.80 -58.81 46.59
CA LEU G 78 2.16 -59.83 45.58
C LEU G 78 3.26 -59.32 44.68
N PRO G 79 4.42 -60.01 44.50
CA PRO G 79 5.51 -59.43 43.71
C PRO G 79 5.20 -59.17 42.23
N ALA G 80 5.57 -57.99 41.73
CA ALA G 80 5.42 -57.62 40.29
C ALA G 80 3.96 -57.36 39.87
N VAL G 81 3.03 -58.28 40.17
CA VAL G 81 1.65 -58.12 39.63
C VAL G 81 0.71 -57.47 40.66
N GLY G 82 1.13 -57.32 41.91
CA GLY G 82 0.30 -56.80 43.01
C GLY G 82 -0.68 -55.72 42.58
N ARG G 83 -0.18 -54.61 42.02
CA ARG G 83 -1.00 -53.43 41.75
C ARG G 83 -2.19 -53.73 40.86
N GLU G 84 -2.00 -54.45 39.77
CA GLU G 84 -3.10 -54.76 38.87
C GLU G 84 -4.11 -55.70 39.53
N VAL G 85 -3.61 -56.77 40.16
CA VAL G 85 -4.49 -57.76 40.79
C VAL G 85 -5.04 -57.29 42.12
N ALA G 86 -4.73 -56.06 42.54
CA ALA G 86 -5.42 -55.43 43.66
C ALA G 86 -6.38 -54.36 43.19
N GLN G 87 -6.01 -53.62 42.13
CA GLN G 87 -6.96 -52.71 41.51
C GLN G 87 -8.15 -53.47 40.95
N GLY G 88 -7.95 -54.73 40.55
CA GLY G 88 -9.07 -55.53 40.11
C GLY G 88 -10.08 -55.79 41.21
N LEU G 89 -9.61 -56.18 42.40
CA LEU G 89 -10.54 -56.40 43.51
C LEU G 89 -11.16 -55.09 43.97
N CYS G 90 -10.41 -53.99 43.91
CA CYS G 90 -11.02 -52.69 44.20
C CYS G 90 -12.12 -52.36 43.19
N ASP G 91 -11.89 -52.70 41.92
CA ASP G 91 -12.92 -52.54 40.86
C ASP G 91 -14.16 -53.34 41.24
N ALA G 92 -13.96 -54.61 41.60
CA ALA G 92 -15.09 -55.46 41.97
C ALA G 92 -15.85 -54.89 43.16
N ILE G 93 -15.13 -54.45 44.19
CA ILE G 93 -15.79 -53.89 45.38
C ILE G 93 -16.54 -52.63 45.01
N ARG G 94 -15.98 -51.84 44.07
CA ARG G 94 -16.59 -50.57 43.62
C ARG G 94 -18.00 -50.85 43.08
N LEU G 95 -18.11 -51.84 42.19
CA LEU G 95 -19.39 -52.43 41.81
C LEU G 95 -19.87 -53.33 42.93
N ASP G 96 -21.04 -53.95 42.73
CA ASP G 96 -21.66 -54.82 43.71
C ASP G 96 -22.07 -54.09 44.98
N GLY G 97 -22.00 -52.76 44.98
CA GLY G 97 -22.39 -51.99 46.14
C GLY G 97 -21.46 -52.08 47.33
N GLY G 98 -20.23 -52.55 47.14
CA GLY G 98 -19.33 -52.72 48.26
C GLY G 98 -19.00 -51.42 48.97
N LEU G 99 -18.68 -50.37 48.21
CA LEU G 99 -18.28 -49.12 48.82
C LEU G 99 -19.41 -48.52 49.64
N ASP G 100 -20.64 -48.55 49.12
CA ASP G 100 -21.78 -48.03 49.86
C ASP G 100 -22.02 -48.83 51.13
N LEU G 101 -21.89 -50.16 51.05
CA LEU G 101 -22.06 -50.98 52.23
C LEU G 101 -21.01 -50.64 53.29
N LEU G 102 -19.75 -50.49 52.88
CA LEU G 102 -18.71 -50.13 53.82
C LEU G 102 -18.97 -48.77 54.45
N LEU G 103 -19.42 -47.80 53.65
CA LEU G 103 -19.74 -46.49 54.20
C LEU G 103 -20.87 -46.58 55.21
N ARG G 104 -21.92 -47.34 54.89
CA ARG G 104 -23.04 -47.48 55.82
C ARG G 104 -22.59 -48.14 57.11
N LEU G 105 -21.72 -49.15 57.02
CA LEU G 105 -21.16 -49.75 58.22
C LEU G 105 -20.35 -48.73 59.01
N LEU G 106 -19.57 -47.91 58.31
CA LEU G 106 -18.85 -46.82 58.96
C LEU G 106 -19.79 -45.87 59.67
N GLN G 107 -21.04 -45.77 59.23
CA GLN G 107 -22.06 -45.01 59.95
C GLN G 107 -22.72 -45.82 61.06
N ALA G 108 -22.30 -47.06 61.27
CA ALA G 108 -22.96 -47.90 62.26
C ALA G 108 -22.76 -47.35 63.66
N PRO G 109 -23.74 -47.49 64.55
CA PRO G 109 -23.55 -47.00 65.93
C PRO G 109 -22.39 -47.65 66.66
N GLU G 110 -22.12 -48.92 66.39
CA GLU G 110 -21.08 -49.65 67.12
C GLU G 110 -19.70 -49.27 66.59
N LEU G 111 -18.84 -48.79 67.49
CA LEU G 111 -17.50 -48.37 67.08
C LEU G 111 -16.61 -49.54 66.71
N GLU G 112 -16.85 -50.72 67.30
CA GLU G 112 -16.03 -51.88 66.96
C GLU G 112 -16.15 -52.23 65.48
N THR G 113 -17.31 -51.95 64.89
CA THR G 113 -17.47 -52.15 63.46
C THR G 113 -16.98 -50.94 62.66
N ARG G 114 -17.14 -49.75 63.24
CA ARG G 114 -16.66 -48.50 62.58
C ARG G 114 -15.15 -48.61 62.31
N VAL G 115 -14.38 -49.06 63.31
CA VAL G 115 -12.93 -49.12 63.17
C VAL G 115 -12.54 -50.05 62.04
N GLN G 116 -13.18 -51.22 61.95
CA GLN G 116 -12.86 -52.15 60.87
C GLN G 116 -13.32 -51.62 59.52
N ALA G 117 -14.47 -50.94 59.49
CA ALA G 117 -14.92 -50.35 58.24
C ALA G 117 -13.92 -49.32 57.72
N ALA G 118 -13.41 -48.46 58.62
CA ALA G 118 -12.38 -47.51 58.22
C ALA G 118 -11.09 -48.21 57.83
N ARG G 119 -10.73 -49.29 58.53
CA ARG G 119 -9.54 -50.04 58.17
C ARG G 119 -9.63 -50.57 56.75
N LEU G 120 -10.77 -51.12 56.35
CA LEU G 120 -10.95 -51.58 54.98
C LEU G 120 -11.06 -50.43 53.98
N LEU G 121 -11.70 -49.33 54.37
CA LEU G 121 -11.85 -48.19 53.47
C LEU G 121 -10.54 -47.47 53.21
N GLU G 122 -9.56 -47.61 54.10
CA GLU G 122 -8.24 -47.01 53.91
C GLU G 122 -7.44 -47.72 52.83
N GLN G 123 -7.62 -49.03 52.69
CA GLN G 123 -6.78 -49.83 51.79
C GLN G 123 -7.39 -50.01 50.40
N ILE G 124 -8.47 -49.32 50.08
CA ILE G 124 -9.13 -49.50 48.79
C ILE G 124 -9.25 -48.20 47.99
N LEU G 125 -8.87 -47.05 48.53
CA LEU G 125 -9.16 -45.79 47.88
C LEU G 125 -8.24 -45.53 46.69
N VAL G 126 -8.39 -46.32 45.63
CA VAL G 126 -7.78 -45.99 44.34
C VAL G 126 -8.63 -44.89 43.72
N ALA G 127 -8.12 -44.26 42.66
CA ALA G 127 -8.81 -43.15 42.02
C ALA G 127 -10.26 -43.46 41.66
N GLU G 128 -10.49 -44.62 41.03
CA GLU G 128 -11.85 -45.00 40.67
C GLU G 128 -12.72 -45.18 41.92
N ASN G 129 -12.15 -45.75 42.97
CA ASN G 129 -12.85 -45.87 44.26
C ASN G 129 -12.82 -44.58 45.05
N ARG G 130 -12.02 -43.59 44.65
CA ARG G 130 -11.89 -42.33 45.37
C ARG G 130 -12.86 -41.27 44.89
N ASP G 131 -13.11 -41.19 43.58
CA ASP G 131 -14.05 -40.21 43.06
C ASP G 131 -15.46 -40.43 43.59
N ARG G 132 -15.90 -41.69 43.69
CA ARG G 132 -17.23 -41.96 44.24
C ARG G 132 -17.33 -41.52 45.68
N VAL G 133 -16.29 -41.79 46.48
CA VAL G 133 -16.31 -41.37 47.88
C VAL G 133 -16.35 -39.86 47.97
N ALA G 134 -15.61 -39.18 47.08
CA ALA G 134 -15.64 -37.72 47.06
C ALA G 134 -17.05 -37.22 46.74
N ARG G 135 -17.73 -37.88 45.80
CA ARG G 135 -19.07 -37.45 45.41
C ARG G 135 -20.08 -37.73 46.53
N ILE G 136 -19.92 -38.87 47.21
CA ILE G 136 -20.91 -39.39 48.16
C ILE G 136 -20.38 -39.37 49.59
N GLY G 137 -19.22 -39.99 49.81
CA GLY G 137 -18.71 -40.22 51.15
C GLY G 137 -18.04 -39.05 51.82
N LEU G 138 -17.95 -37.90 51.15
CA LEU G 138 -17.43 -36.71 51.79
C LEU G 138 -18.48 -36.11 52.72
N GLY G 139 -18.02 -35.49 53.80
CA GLY G 139 -18.90 -34.96 54.82
C GLY G 139 -19.09 -35.91 55.97
N VAL G 140 -19.57 -37.12 55.71
CA VAL G 140 -19.71 -38.11 56.77
C VAL G 140 -18.34 -38.45 57.36
N ILE G 141 -17.33 -38.63 56.51
CA ILE G 141 -15.98 -38.86 56.99
C ILE G 141 -15.46 -37.62 57.71
N LEU G 142 -15.82 -36.43 57.22
CA LEU G 142 -15.41 -35.21 57.89
C LEU G 142 -15.92 -35.17 59.32
N ASN G 143 -17.22 -35.46 59.51
CA ASN G 143 -17.77 -35.48 60.86
C ASN G 143 -17.15 -36.59 61.70
N LEU G 144 -16.94 -37.77 61.09
CA LEU G 144 -16.33 -38.86 61.82
C LEU G 144 -14.94 -38.50 62.32
N ALA G 145 -14.20 -37.71 61.54
CA ALA G 145 -12.86 -37.31 61.94
C ALA G 145 -12.86 -36.49 63.23
N LYS G 146 -14.03 -35.93 63.59
CA LYS G 146 -14.13 -35.10 64.81
C LYS G 146 -13.89 -35.97 66.06
N GLU G 147 -13.83 -37.29 65.89
CA GLU G 147 -13.50 -38.18 67.04
C GLU G 147 -11.98 -38.15 67.20
N ARG G 148 -11.45 -37.11 67.86
CA ARG G 148 -9.98 -36.96 67.95
C ARG G 148 -9.40 -37.85 69.05
N GLU G 149 -10.23 -38.44 69.90
CA GLU G 149 -9.71 -39.23 71.06
C GLU G 149 -9.27 -40.64 70.65
N PRO G 150 -10.11 -41.49 70.05
CA PRO G 150 -9.72 -42.89 69.79
C PRO G 150 -8.47 -42.97 68.95
N VAL G 151 -7.66 -44.01 69.20
CA VAL G 151 -6.39 -44.16 68.51
C VAL G 151 -6.57 -44.90 67.19
N GLU G 152 -7.28 -46.03 67.26
CA GLU G 152 -7.47 -46.84 66.03
C GLU G 152 -8.26 -45.98 65.03
N LEU G 153 -9.39 -45.42 65.44
CA LEU G 153 -10.21 -44.62 64.55
C LEU G 153 -9.41 -43.43 64.01
N ALA G 154 -8.60 -42.81 64.85
CA ALA G 154 -7.77 -41.69 64.40
C ALA G 154 -6.80 -42.14 63.31
N ARG G 155 -6.16 -43.29 63.51
CA ARG G 155 -5.21 -43.79 62.53
C ARG G 155 -5.90 -44.07 61.19
N SER G 156 -7.04 -44.78 61.25
CA SER G 156 -7.75 -45.11 60.02
C SER G 156 -8.22 -43.84 59.31
N VAL G 157 -8.75 -42.88 60.06
CA VAL G 157 -9.24 -41.64 59.46
C VAL G 157 -8.08 -40.84 58.87
N ALA G 158 -6.92 -40.86 59.53
CA ALA G 158 -5.75 -40.22 58.93
C ALA G 158 -5.40 -40.85 57.60
N GLY G 159 -5.48 -42.19 57.54
CA GLY G 159 -5.29 -42.85 56.24
C GLY G 159 -6.30 -42.37 55.21
N ILE G 160 -7.57 -42.27 55.61
CA ILE G 160 -8.60 -41.84 54.66
C ILE G 160 -8.28 -40.44 54.14
N LEU G 161 -7.94 -39.51 55.04
CA LEU G 161 -7.66 -38.14 54.60
C LEU G 161 -6.41 -38.06 53.75
N GLU G 162 -5.35 -38.79 54.11
CA GLU G 162 -4.14 -38.73 53.29
C GLU G 162 -4.42 -39.24 51.89
N HIS G 163 -5.19 -40.31 51.77
CA HIS G 163 -5.45 -40.88 50.46
C HIS G 163 -6.54 -40.13 49.70
N MET G 164 -7.25 -39.23 50.39
CA MET G 164 -8.35 -38.47 49.74
C MET G 164 -7.83 -37.11 49.26
N PHE G 165 -6.85 -36.55 49.95
CA PHE G 165 -6.31 -35.21 49.58
C PHE G 165 -5.78 -35.23 48.15
N LYS G 166 -5.61 -36.41 47.55
CA LYS G 166 -5.05 -36.50 46.21
C LYS G 166 -6.13 -36.36 45.13
N HIS G 167 -7.27 -35.77 45.46
CA HIS G 167 -8.34 -35.53 44.52
C HIS G 167 -8.23 -34.08 44.03
N SER G 168 -9.05 -33.72 43.05
CA SER G 168 -8.96 -32.41 42.41
C SER G 168 -8.91 -31.29 43.44
N GLU G 169 -8.38 -30.13 43.04
CA GLU G 169 -8.08 -29.07 44.00
C GLU G 169 -9.34 -28.55 44.68
N GLU G 170 -10.50 -28.65 44.02
CA GLU G 170 -11.74 -28.24 44.67
C GLU G 170 -12.02 -29.17 45.85
N THR G 171 -11.66 -30.46 45.73
CA THR G 171 -11.87 -31.36 46.89
C THR G 171 -10.93 -30.90 48.03
N CYS G 172 -9.71 -30.50 47.71
CA CYS G 172 -8.85 -29.97 48.76
C CYS G 172 -9.43 -28.71 49.40
N GLN G 173 -10.00 -27.81 48.58
CA GLN G 173 -10.60 -26.60 49.12
C GLN G 173 -11.71 -26.95 50.11
N ARG G 174 -12.61 -27.85 49.73
CA ARG G 174 -13.72 -28.17 50.63
C ARG G 174 -13.24 -28.91 51.87
N LEU G 175 -12.24 -29.78 51.73
CA LEU G 175 -11.70 -30.47 52.90
C LEU G 175 -11.07 -29.49 53.88
N VAL G 176 -10.30 -28.52 53.37
CA VAL G 176 -9.68 -27.54 54.26
C VAL G 176 -10.74 -26.64 54.88
N ALA G 177 -11.79 -26.32 54.13
CA ALA G 177 -12.88 -25.52 54.68
C ALA G 177 -13.48 -26.20 55.91
N ALA G 178 -13.59 -27.53 55.87
CA ALA G 178 -14.03 -28.30 57.02
C ALA G 178 -12.86 -28.46 57.99
N GLY G 179 -13.02 -29.32 58.98
CA GLY G 179 -12.02 -29.52 60.01
C GLY G 179 -10.92 -30.50 59.68
N GLY G 180 -10.86 -31.01 58.44
CA GLY G 180 -9.87 -32.02 58.12
C GLY G 180 -8.45 -31.53 58.32
N LEU G 181 -8.13 -30.35 57.79
CA LEU G 181 -6.79 -29.79 57.97
C LEU G 181 -6.49 -29.54 59.44
N ASP G 182 -7.44 -28.90 60.13
CA ASP G 182 -7.28 -28.66 61.56
C ASP G 182 -7.19 -29.97 62.32
N ALA G 183 -7.97 -30.97 61.92
CA ALA G 183 -7.95 -32.26 62.62
C ALA G 183 -6.59 -32.93 62.49
N VAL G 184 -6.02 -32.93 61.28
CA VAL G 184 -4.71 -33.57 61.09
C VAL G 184 -3.64 -32.78 61.83
N LEU G 185 -3.70 -31.45 61.77
CA LEU G 185 -2.75 -30.65 62.52
C LEU G 185 -2.83 -30.95 64.00
N TYR G 186 -4.03 -31.17 64.51
CA TYR G 186 -4.20 -31.49 65.92
C TYR G 186 -3.66 -32.88 66.24
N TRP G 187 -3.89 -33.85 65.35
CA TRP G 187 -3.34 -35.18 65.60
C TRP G 187 -1.81 -35.18 65.55
N CYS G 188 -1.22 -34.23 64.83
CA CYS G 188 0.24 -34.21 64.72
C CYS G 188 0.95 -34.26 66.07
N ARG G 189 0.23 -33.97 67.16
CA ARG G 189 0.90 -33.86 68.49
C ARG G 189 0.86 -35.18 69.28
N ARG G 190 0.43 -36.29 68.66
CA ARG G 190 0.46 -37.58 69.35
C ARG G 190 1.83 -38.23 69.21
N THR G 191 1.93 -39.48 69.67
CA THR G 191 3.26 -40.16 69.67
C THR G 191 3.27 -41.46 68.86
N ASP G 192 2.13 -42.15 68.68
CA ASP G 192 2.17 -43.45 68.01
C ASP G 192 2.68 -43.27 66.59
N PRO G 193 3.71 -44.03 66.11
CA PRO G 193 4.33 -43.74 64.80
C PRO G 193 3.40 -43.73 63.58
N ALA G 194 2.44 -44.65 63.52
CA ALA G 194 1.62 -44.78 62.31
C ALA G 194 0.79 -43.52 62.09
N LEU G 195 0.21 -42.97 63.17
CA LEU G 195 -0.60 -41.77 63.02
C LEU G 195 0.24 -40.59 62.54
N LEU G 196 1.44 -40.44 63.10
CA LEU G 196 2.32 -39.35 62.68
C LEU G 196 2.73 -39.51 61.23
N ARG G 197 3.07 -40.74 60.82
CA ARG G 197 3.45 -40.96 59.43
C ARG G 197 2.29 -40.66 58.49
N HIS G 198 1.08 -41.09 58.86
CA HIS G 198 -0.09 -40.80 58.03
C HIS G 198 -0.35 -39.31 57.94
N CYS G 199 -0.20 -38.59 59.05
CA CYS G 199 -0.38 -37.14 59.02
C CYS G 199 0.64 -36.48 58.12
N ALA G 200 1.89 -36.91 58.19
CA ALA G 200 2.92 -36.34 57.32
C ALA G 200 2.62 -36.62 55.86
N LEU G 201 2.19 -37.84 55.54
CA LEU G 201 1.85 -38.17 54.17
C LEU G 201 0.67 -37.34 53.68
N ALA G 202 -0.34 -37.14 54.54
CA ALA G 202 -1.47 -36.30 54.16
C ALA G 202 -1.02 -34.88 53.90
N LEU G 203 -0.15 -34.34 54.76
CA LEU G 203 0.34 -32.98 54.57
C LEU G 203 1.09 -32.85 53.25
N GLY G 204 1.94 -33.81 52.94
CA GLY G 204 2.64 -33.78 51.66
C GLY G 204 1.69 -33.88 50.48
N ASN G 205 0.71 -34.77 50.55
CA ASN G 205 -0.22 -34.96 49.45
C ASN G 205 -1.03 -33.69 49.19
N CYS G 206 -1.50 -33.03 50.26
CA CYS G 206 -2.26 -31.81 50.08
C CYS G 206 -1.39 -30.61 49.74
N ALA G 207 -0.10 -30.67 50.06
CA ALA G 207 0.81 -29.63 49.58
C ALA G 207 1.08 -29.77 48.09
N LEU G 208 1.16 -31.00 47.60
CA LEU G 208 1.40 -31.22 46.18
C LEU G 208 0.13 -30.98 45.35
N HIS G 209 -0.91 -31.78 45.61
CA HIS G 209 -2.11 -31.71 44.78
C HIS G 209 -2.87 -30.41 44.99
N GLY G 210 -2.88 -29.88 46.22
CA GLY G 210 -3.60 -28.65 46.49
C GLY G 210 -3.04 -27.48 45.72
N GLY G 211 -3.91 -26.50 45.48
CA GLY G 211 -3.53 -25.32 44.73
C GLY G 211 -2.71 -24.34 45.55
N GLN G 212 -2.32 -23.25 44.90
CA GLN G 212 -1.52 -22.23 45.57
C GLN G 212 -2.28 -21.62 46.74
N ALA G 213 -3.59 -21.42 46.57
CA ALA G 213 -4.39 -20.89 47.66
C ALA G 213 -4.37 -21.80 48.88
N VAL G 214 -4.44 -23.11 48.66
CA VAL G 214 -4.40 -24.05 49.77
C VAL G 214 -3.07 -23.96 50.51
N GLN G 215 -1.96 -23.86 49.76
CA GLN G 215 -0.66 -23.76 50.39
C GLN G 215 -0.54 -22.47 51.20
N ARG G 216 -1.01 -21.35 50.64
CA ARG G 216 -0.99 -20.10 51.39
C ARG G 216 -1.86 -20.24 52.62
N ARG G 217 -3.01 -20.89 52.48
CA ARG G 217 -3.91 -21.08 53.61
C ARG G 217 -3.20 -21.86 54.72
N MET G 218 -2.53 -22.96 54.35
CA MET G 218 -1.74 -23.71 55.32
C MET G 218 -0.68 -22.88 56.01
N VAL G 219 0.06 -22.08 55.25
CA VAL G 219 1.10 -21.25 55.86
C VAL G 219 0.48 -20.30 56.89
N GLU G 220 -0.63 -19.66 56.51
CA GLU G 220 -1.34 -18.83 57.47
C GLU G 220 -1.91 -19.65 58.61
N LYS G 221 -2.20 -20.94 58.37
CA LYS G 221 -2.60 -21.85 59.44
C LYS G 221 -1.43 -22.18 60.36
N ARG G 222 -0.21 -21.80 60.00
CA ARG G 222 0.98 -22.12 60.78
C ARG G 222 1.42 -23.58 60.61
N ALA G 223 0.89 -24.26 59.59
CA ALA G 223 1.20 -25.67 59.40
C ALA G 223 2.67 -25.93 59.15
N ALA G 224 3.40 -24.93 58.62
CA ALA G 224 4.83 -25.12 58.38
C ALA G 224 5.58 -25.35 59.69
N GLU G 225 5.22 -24.58 60.71
CA GLU G 225 5.93 -24.64 62.02
C GLU G 225 5.59 -25.96 62.73
N TRP G 226 4.37 -26.46 62.54
CA TRP G 226 3.91 -27.72 63.19
C TRP G 226 4.78 -28.91 62.77
N LEU G 227 5.36 -28.86 61.56
CA LEU G 227 6.16 -30.00 61.02
C LEU G 227 7.57 -30.05 61.61
N PHE G 228 8.07 -28.95 62.18
CA PHE G 228 9.45 -28.94 62.66
C PHE G 228 9.75 -30.09 63.63
N PRO G 229 8.94 -30.35 64.65
CA PRO G 229 9.25 -31.48 65.54
C PRO G 229 9.30 -32.81 64.79
N LEU G 230 8.47 -32.99 63.76
CA LEU G 230 8.49 -34.23 63.01
C LEU G 230 9.79 -34.39 62.25
N ALA G 231 10.22 -33.34 61.54
CA ALA G 231 11.47 -33.41 60.80
C ALA G 231 12.67 -33.60 61.72
N PHE G 232 12.68 -32.88 62.85
CA PHE G 232 13.79 -32.97 63.78
C PHE G 232 13.76 -34.25 64.62
N SER G 233 12.66 -34.99 64.61
CA SER G 233 12.59 -36.24 65.36
C SER G 233 13.65 -37.22 64.84
N LYS G 234 13.81 -38.31 65.57
CA LYS G 234 14.80 -39.32 65.21
C LYS G 234 14.28 -40.75 65.37
N GLU G 235 12.99 -40.94 65.67
CA GLU G 235 12.47 -42.29 65.84
C GLU G 235 12.50 -43.06 64.53
N ASP G 236 11.97 -42.48 63.46
CA ASP G 236 11.93 -43.10 62.14
C ASP G 236 12.42 -42.12 61.10
N GLU G 237 13.19 -42.62 60.13
CA GLU G 237 13.66 -41.78 59.04
C GLU G 237 12.56 -41.50 58.02
N LEU G 238 11.59 -42.40 57.89
CA LEU G 238 10.50 -42.19 56.93
C LEU G 238 9.67 -40.97 57.30
N LEU G 239 9.37 -40.80 58.59
CA LEU G 239 8.61 -39.64 59.02
C LEU G 239 9.36 -38.34 58.73
N ARG G 240 10.67 -38.34 59.00
CA ARG G 240 11.48 -37.17 58.70
C ARG G 240 11.47 -36.88 57.20
N LEU G 241 11.60 -37.91 56.37
CA LEU G 241 11.58 -37.72 54.93
C LEU G 241 10.25 -37.12 54.47
N HIS G 242 9.14 -37.64 55.00
CA HIS G 242 7.84 -37.12 54.61
C HIS G 242 7.68 -35.66 55.04
N ALA G 243 8.12 -35.33 56.25
CA ALA G 243 8.02 -33.95 56.71
C ALA G 243 8.86 -33.03 55.85
N CYS G 244 10.08 -33.46 55.50
CA CYS G 244 10.94 -32.65 54.64
C CYS G 244 10.31 -32.46 53.27
N LEU G 245 9.71 -33.51 52.72
CA LEU G 245 9.01 -33.39 51.45
C LEU G 245 7.91 -32.34 51.54
N ALA G 246 7.08 -32.43 52.57
CA ALA G 246 5.96 -31.50 52.69
C ALA G 246 6.47 -30.07 52.82
N VAL G 247 7.46 -29.84 53.67
CA VAL G 247 7.93 -28.48 53.90
C VAL G 247 8.60 -27.93 52.65
N ALA G 248 9.36 -28.77 51.92
CA ALA G 248 9.99 -28.31 50.70
C ALA G 248 8.95 -27.94 49.64
N VAL G 249 7.95 -28.79 49.46
CA VAL G 249 6.90 -28.50 48.47
C VAL G 249 6.18 -27.22 48.85
N LEU G 250 5.95 -27.00 50.15
CA LEU G 250 5.35 -25.74 50.57
C LEU G 250 6.27 -24.56 50.27
N ALA G 251 7.57 -24.73 50.51
CA ALA G 251 8.53 -23.64 50.32
C ALA G 251 8.72 -23.29 48.85
N THR G 252 8.42 -24.21 47.92
CA THR G 252 8.61 -23.88 46.48
C THR G 252 7.83 -22.60 46.15
N ASN G 253 6.70 -22.41 46.83
CA ASN G 253 5.83 -21.27 46.52
C ASN G 253 6.46 -20.00 47.06
N LYS G 254 6.83 -19.09 46.16
CA LYS G 254 7.59 -17.91 46.57
C LYS G 254 6.78 -17.01 47.51
N GLU G 255 5.46 -17.01 47.37
CA GLU G 255 4.66 -16.04 48.17
C GLU G 255 4.94 -16.24 49.67
N VAL G 256 5.22 -17.48 50.09
CA VAL G 256 5.35 -17.78 51.51
C VAL G 256 6.70 -18.40 51.80
N GLU G 257 7.65 -18.26 50.86
CA GLU G 257 8.95 -18.91 51.02
C GLU G 257 9.69 -18.38 52.23
N ARG G 258 9.63 -17.07 52.45
CA ARG G 258 10.41 -16.46 53.53
C ARG G 258 9.95 -16.95 54.90
N GLU G 259 8.64 -16.86 55.15
CA GLU G 259 8.11 -17.29 56.45
C GLU G 259 8.31 -18.79 56.64
N VAL G 260 8.16 -19.57 55.57
CA VAL G 260 8.40 -21.01 55.67
C VAL G 260 9.84 -21.27 56.07
N GLU G 261 10.79 -20.56 55.45
CA GLU G 261 12.20 -20.71 55.79
C GLU G 261 12.46 -20.33 57.24
N ARG G 262 11.81 -19.26 57.71
CA ARG G 262 12.01 -18.82 59.08
C ARG G 262 11.61 -19.88 60.09
N SER G 263 10.79 -20.85 59.69
CA SER G 263 10.42 -21.94 60.61
C SER G 263 11.65 -22.71 61.06
N GLY G 264 12.69 -22.79 60.21
CA GLY G 264 13.91 -23.47 60.55
C GLY G 264 13.99 -24.92 60.10
N THR G 265 12.85 -25.53 59.77
CA THR G 265 12.87 -26.93 59.34
C THR G 265 13.40 -27.06 57.92
N LEU G 266 13.19 -26.05 57.07
CA LEU G 266 13.62 -26.15 55.68
C LEU G 266 15.12 -26.38 55.58
N ALA G 267 15.91 -25.64 56.38
CA ALA G 267 17.35 -25.81 56.36
C ALA G 267 17.78 -27.21 56.75
N LEU G 268 16.90 -27.98 57.40
CA LEU G 268 17.21 -29.35 57.79
C LEU G 268 17.03 -30.34 56.65
N VAL G 269 16.56 -29.90 55.49
CA VAL G 269 16.28 -30.83 54.39
C VAL G 269 17.59 -31.33 53.79
N GLU G 270 18.41 -30.43 53.27
CA GLU G 270 19.60 -30.84 52.53
C GLU G 270 20.53 -31.73 53.32
N PRO G 271 20.84 -31.46 54.60
CA PRO G 271 21.71 -32.40 55.34
C PRO G 271 21.12 -33.80 55.43
N LEU G 272 19.80 -33.93 55.49
CA LEU G 272 19.19 -35.25 55.66
C LEU G 272 19.42 -36.14 54.45
N VAL G 273 19.19 -35.61 53.24
CA VAL G 273 19.26 -36.45 52.05
C VAL G 273 20.69 -36.92 51.80
N ALA G 274 21.68 -36.05 52.07
CA ALA G 274 23.06 -36.38 51.77
C ALA G 274 23.58 -37.56 52.58
N SER G 275 22.91 -37.90 53.68
CA SER G 275 23.36 -38.99 54.54
C SER G 275 22.64 -40.31 54.28
N LEU G 276 21.35 -40.26 53.96
CA LEU G 276 20.58 -41.47 53.74
C LEU G 276 20.93 -42.10 52.39
N ASP G 277 20.76 -43.43 52.32
CA ASP G 277 21.04 -44.18 51.11
C ASP G 277 19.73 -44.51 50.41
N PRO G 278 19.53 -44.09 49.16
CA PRO G 278 18.26 -44.43 48.48
C PRO G 278 17.98 -45.92 48.45
N GLY G 279 19.01 -46.74 48.28
CA GLY G 279 18.80 -48.18 48.26
C GLY G 279 18.19 -48.71 49.54
N ARG G 280 18.74 -48.29 50.69
CA ARG G 280 18.17 -48.70 51.97
C ARG G 280 16.78 -48.11 52.15
N PHE G 281 16.59 -46.85 51.75
CA PHE G 281 15.24 -46.28 51.77
C PHE G 281 14.33 -46.99 50.78
N ALA G 282 14.88 -47.46 49.67
CA ALA G 282 14.10 -48.25 48.73
C ALA G 282 13.88 -49.67 49.22
N ARG G 283 14.83 -50.21 49.99
CA ARG G 283 14.69 -51.56 50.59
C ARG G 283 13.49 -51.54 51.55
N CYS G 284 13.39 -50.49 52.36
CA CYS G 284 12.17 -50.20 53.06
C CYS G 284 11.11 -49.75 52.06
N LEU G 285 9.87 -49.63 52.55
CA LEU G 285 8.71 -49.33 51.72
C LEU G 285 8.32 -50.54 50.89
N VAL G 286 9.11 -51.62 50.95
CA VAL G 286 8.78 -52.87 50.31
C VAL G 286 8.58 -53.99 51.32
N ASP G 287 9.27 -53.94 52.46
CA ASP G 287 8.94 -54.83 53.57
C ASP G 287 7.62 -54.47 54.23
N ALA G 288 7.26 -53.17 54.21
CA ALA G 288 5.97 -52.74 54.71
C ALA G 288 4.87 -53.06 53.70
N SER G 289 3.64 -53.04 54.17
CA SER G 289 2.48 -53.37 53.35
C SER G 289 1.78 -52.13 52.78
N ASP G 290 1.80 -51.02 53.51
CA ASP G 290 1.12 -49.81 53.07
C ASP G 290 1.76 -49.25 51.80
N THR G 291 2.98 -49.68 51.51
CA THR G 291 3.66 -49.24 50.30
C THR G 291 4.38 -50.37 49.59
N SER G 292 4.08 -51.63 49.87
CA SER G 292 4.81 -52.78 49.33
C SER G 292 4.98 -52.65 47.83
N GLN G 293 3.98 -52.06 47.15
CA GLN G 293 3.96 -52.04 45.65
C GLN G 293 4.62 -50.79 45.06
N GLY G 294 4.80 -49.73 45.85
CA GLY G 294 5.52 -48.58 45.37
C GLY G 294 4.61 -47.39 45.21
N ARG G 295 4.97 -46.53 44.26
CA ARG G 295 4.26 -45.29 43.98
C ARG G 295 3.74 -45.32 42.55
N GLY G 296 2.51 -44.85 42.37
CA GLY G 296 1.82 -44.97 41.10
C GLY G 296 2.32 -43.99 40.05
N PRO G 297 1.84 -44.16 38.81
CA PRO G 297 2.28 -43.28 37.72
C PRO G 297 1.89 -41.82 37.87
N ASP G 298 0.80 -41.51 38.57
CA ASP G 298 0.35 -40.13 38.72
C ASP G 298 0.94 -39.48 39.97
N ASP G 299 1.45 -40.29 40.89
CA ASP G 299 2.09 -39.72 42.11
C ASP G 299 3.54 -39.38 41.78
N LEU G 300 4.10 -39.99 40.74
CA LEU G 300 5.49 -39.68 40.31
C LEU G 300 5.44 -38.41 39.44
N GLN G 301 4.43 -38.29 38.58
CA GLN G 301 4.27 -37.10 37.73
C GLN G 301 4.24 -35.88 38.62
N ARG G 302 3.74 -36.00 39.84
CA ARG G 302 3.62 -34.83 40.74
C ARG G 302 4.99 -34.47 41.32
N LEU G 303 5.86 -35.46 41.51
CA LEU G 303 7.18 -35.19 42.05
C LEU G 303 8.12 -34.61 41.01
N VAL G 304 7.92 -34.96 39.74
CA VAL G 304 8.88 -34.56 38.70
C VAL G 304 9.11 -33.04 38.69
N PRO G 305 8.10 -32.19 38.82
CA PRO G 305 8.37 -30.74 38.81
C PRO G 305 9.30 -30.28 39.92
N LEU G 306 9.46 -31.05 41.00
CA LEU G 306 10.38 -30.63 42.05
C LEU G 306 11.80 -30.49 41.53
N LEU G 307 12.16 -31.26 40.50
CA LEU G 307 13.47 -31.09 39.88
C LEU G 307 13.60 -29.77 39.15
N ASP G 308 12.48 -29.06 38.94
CA ASP G 308 12.46 -27.78 38.25
C ASP G 308 12.00 -26.65 39.15
N SER G 309 12.15 -26.82 40.48
CA SER G 309 11.52 -25.90 41.43
C SER G 309 12.34 -24.64 41.67
N ASN G 310 13.58 -24.56 41.18
CA ASN G 310 14.51 -23.47 41.41
C ASN G 310 14.95 -23.37 42.87
N ARG G 311 14.48 -24.26 43.75
CA ARG G 311 14.85 -24.29 45.14
C ARG G 311 15.73 -25.51 45.38
N LEU G 312 16.89 -25.30 46.02
CA LEU G 312 17.87 -26.38 46.15
C LEU G 312 17.29 -27.55 46.93
N GLU G 313 16.63 -27.27 48.05
CA GLU G 313 16.09 -28.34 48.87
C GLU G 313 15.03 -29.13 48.12
N ALA G 314 14.16 -28.43 47.37
CA ALA G 314 13.12 -29.12 46.62
C ALA G 314 13.73 -30.06 45.59
N GLN G 315 14.73 -29.59 44.85
CA GLN G 315 15.38 -30.44 43.85
C GLN G 315 16.06 -31.63 44.51
N CYS G 316 16.74 -31.40 45.63
CA CYS G 316 17.42 -32.50 46.31
C CYS G 316 16.43 -33.57 46.76
N ILE G 317 15.35 -33.17 47.41
CA ILE G 317 14.40 -34.15 47.92
C ILE G 317 13.68 -34.85 46.77
N GLY G 318 13.34 -34.11 45.72
CA GLY G 318 12.71 -34.73 44.57
C GLY G 318 13.62 -35.76 43.91
N ALA G 319 14.90 -35.44 43.76
CA ALA G 319 15.85 -36.40 43.19
C ALA G 319 15.98 -37.62 44.08
N PHE G 320 16.00 -37.42 45.40
CA PHE G 320 16.08 -38.56 46.31
C PHE G 320 14.88 -39.49 46.15
N TYR G 321 13.68 -38.91 46.14
CA TYR G 321 12.47 -39.72 46.00
C TYR G 321 12.43 -40.43 44.65
N LEU G 322 12.81 -39.72 43.58
CA LEU G 322 12.82 -40.36 42.27
C LEU G 322 13.84 -41.48 42.22
N CYS G 323 15.00 -41.31 42.86
CA CYS G 323 15.98 -42.39 42.90
C CYS G 323 15.43 -43.61 43.64
N ALA G 324 14.76 -43.39 44.78
CA ALA G 324 14.19 -44.51 45.51
C ALA G 324 13.12 -45.22 44.70
N GLU G 325 12.24 -44.45 44.06
CA GLU G 325 11.20 -45.06 43.25
C GLU G 325 11.77 -45.78 42.04
N ALA G 326 12.84 -45.24 41.45
CA ALA G 326 13.51 -45.97 40.37
C ALA G 326 14.08 -47.28 40.86
N ALA G 327 14.68 -47.27 42.05
CA ALA G 327 15.20 -48.50 42.62
C ALA G 327 14.10 -49.54 42.80
N ILE G 328 12.93 -49.10 43.24
CA ILE G 328 11.80 -50.03 43.40
C ILE G 328 11.33 -50.54 42.04
N LYS G 329 11.12 -49.62 41.08
CA LYS G 329 10.48 -50.00 39.83
C LYS G 329 11.41 -50.84 38.95
N SER G 330 12.71 -50.60 39.01
CA SER G 330 13.64 -51.42 38.25
C SER G 330 13.58 -52.87 38.71
N LEU G 331 13.47 -53.09 40.02
CA LEU G 331 13.21 -54.43 40.52
C LEU G 331 11.85 -54.93 40.03
N GLN G 332 10.84 -54.07 40.05
CA GLN G 332 9.54 -54.46 39.48
C GLN G 332 9.57 -54.57 37.96
N GLY G 333 10.62 -54.08 37.31
CA GLY G 333 10.71 -54.14 35.86
C GLY G 333 9.64 -53.33 35.15
N LYS G 334 9.45 -52.08 35.59
CA LYS G 334 8.46 -51.20 34.99
C LYS G 334 9.04 -49.80 34.79
N THR G 335 10.32 -49.72 34.39
CA THR G 335 10.98 -48.43 34.29
C THR G 335 10.42 -47.56 33.17
N LYS G 336 9.67 -48.14 32.23
CA LYS G 336 9.07 -47.33 31.14
C LYS G 336 8.27 -46.16 31.71
N VAL G 337 7.72 -46.31 32.90
CA VAL G 337 6.83 -45.24 33.45
C VAL G 337 7.65 -43.96 33.49
N PHE G 338 8.94 -44.05 33.80
CA PHE G 338 9.77 -42.86 33.98
C PHE G 338 9.92 -42.09 32.67
N SER G 339 9.85 -42.78 31.54
CA SER G 339 9.93 -42.09 30.25
C SER G 339 8.63 -41.34 29.96
N ASP G 340 7.48 -41.97 30.24
CA ASP G 340 6.19 -41.35 29.95
C ASP G 340 5.92 -40.13 30.82
N ILE G 341 6.67 -39.97 31.91
CA ILE G 341 6.44 -38.88 32.84
C ILE G 341 7.32 -37.66 32.56
N GLY G 342 8.41 -37.83 31.81
CA GLY G 342 9.36 -36.76 31.63
C GLY G 342 10.42 -36.67 32.70
N ALA G 343 10.62 -37.74 33.48
CA ALA G 343 11.60 -37.71 34.55
C ALA G 343 13.02 -37.83 34.02
N ILE G 344 13.22 -38.63 32.97
CA ILE G 344 14.57 -38.83 32.44
C ILE G 344 15.12 -37.54 31.86
N GLN G 345 14.29 -36.80 31.11
CA GLN G 345 14.74 -35.53 30.55
C GLN G 345 15.16 -34.57 31.65
N SER G 346 14.34 -34.44 32.70
CA SER G 346 14.65 -33.54 33.79
C SER G 346 15.91 -33.98 34.52
N LEU G 347 16.08 -35.28 34.73
CA LEU G 347 17.28 -35.77 35.40
C LEU G 347 18.53 -35.46 34.59
N LYS G 348 18.48 -35.68 33.27
CA LYS G 348 19.63 -35.38 32.45
C LYS G 348 19.94 -33.89 32.45
N ARG G 349 18.91 -33.05 32.36
CA ARG G 349 19.13 -31.61 32.41
C ARG G 349 19.73 -31.19 33.75
N LEU G 350 19.24 -31.79 34.84
CA LEU G 350 19.79 -31.49 36.16
C LEU G 350 21.25 -31.89 36.25
N VAL G 351 21.61 -33.04 35.67
CA VAL G 351 23.01 -33.47 35.70
C VAL G 351 23.87 -32.52 34.88
N SER G 352 23.36 -32.05 33.74
CA SER G 352 24.18 -31.21 32.86
C SER G 352 24.39 -29.82 33.46
N TYR G 353 23.33 -29.19 33.96
CA TYR G 353 23.33 -27.78 34.32
C TYR G 353 23.24 -27.57 35.83
N SER G 354 23.95 -28.38 36.61
CA SER G 354 23.96 -28.23 38.07
C SER G 354 25.39 -28.12 38.57
N THR G 355 25.55 -27.40 39.69
CA THR G 355 26.83 -27.23 40.35
C THR G 355 26.88 -27.87 41.73
N ASN G 356 25.74 -28.17 42.34
CA ASN G 356 25.73 -28.81 43.65
C ASN G 356 26.19 -30.25 43.54
N GLY G 357 26.55 -30.82 44.69
CA GLY G 357 27.10 -32.16 44.72
C GLY G 357 26.09 -33.25 45.03
N THR G 358 25.29 -33.05 46.08
CA THR G 358 24.37 -34.10 46.52
C THR G 358 23.31 -34.37 45.47
N LYS G 359 22.70 -33.33 44.91
CA LYS G 359 21.64 -33.54 43.93
C LYS G 359 22.20 -34.10 42.63
N SER G 360 23.40 -33.65 42.24
CA SER G 360 24.03 -34.22 41.05
C SER G 360 24.32 -35.71 41.24
N ALA G 361 24.83 -36.08 42.41
CA ALA G 361 25.10 -37.49 42.68
C ALA G 361 23.82 -38.31 42.66
N LEU G 362 22.75 -37.79 43.28
CA LEU G 362 21.48 -38.51 43.31
C LEU G 362 20.94 -38.68 41.90
N ALA G 363 21.00 -37.63 41.09
CA ALA G 363 20.49 -37.72 39.72
C ALA G 363 21.30 -38.70 38.90
N LYS G 364 22.63 -38.68 39.05
CA LYS G 364 23.46 -39.62 38.29
C LYS G 364 23.17 -41.06 38.69
N ARG G 365 23.02 -41.32 39.99
CA ARG G 365 22.69 -42.67 40.42
C ARG G 365 21.33 -43.09 39.90
N ALA G 366 20.35 -42.19 39.92
CA ALA G 366 19.03 -42.52 39.40
C ALA G 366 19.10 -42.84 37.92
N LEU G 367 19.84 -42.04 37.15
CA LEU G 367 19.96 -42.30 35.72
C LEU G 367 20.62 -43.65 35.46
N ARG G 368 21.66 -43.98 36.23
CA ARG G 368 22.31 -45.27 36.06
C ARG G 368 21.37 -46.41 36.43
N LEU G 369 20.51 -46.22 37.43
CA LEU G 369 19.56 -47.25 37.80
C LEU G 369 18.61 -47.56 36.64
N LEU G 370 18.14 -46.53 35.94
CA LEU G 370 17.29 -46.73 34.79
C LEU G 370 18.05 -47.26 33.57
N GLY G 371 19.36 -47.42 33.67
CA GLY G 371 20.14 -47.88 32.54
C GLY G 371 20.23 -46.79 31.49
N GLU G 372 20.25 -45.53 31.89
CA GLU G 372 20.30 -44.42 30.89
C GLU G 372 21.69 -43.78 30.97
N GLU G 373 22.06 -42.95 29.99
CA GLU G 373 23.43 -42.38 29.98
C GLU G 373 23.53 -41.24 30.99
N VAL G 374 24.74 -40.79 31.30
CA VAL G 374 24.91 -39.66 32.20
C VAL G 374 25.61 -38.53 31.45
N PRO G 375 24.92 -37.44 31.11
CA PRO G 375 25.59 -36.37 30.35
C PRO G 375 26.76 -35.79 31.12
N ARG G 376 27.82 -35.46 30.39
CA ARG G 376 28.92 -34.73 30.99
C ARG G 376 28.52 -33.28 31.24
N PRO G 377 29.03 -32.67 32.31
CA PRO G 377 28.62 -31.29 32.62
C PRO G 377 29.02 -30.33 31.51
N ILE G 378 28.13 -29.39 31.24
CA ILE G 378 28.37 -28.34 30.25
C ILE G 378 28.81 -27.09 31.00
N LEU G 379 30.03 -26.63 30.73
CA LEU G 379 30.53 -25.45 31.41
C LEU G 379 29.67 -24.25 31.02
N PRO G 380 29.25 -23.41 31.98
CA PRO G 380 28.14 -22.49 31.70
C PRO G 380 28.54 -21.19 31.02
N SER G 381 29.81 -20.82 31.01
CA SER G 381 30.21 -19.53 30.44
C SER G 381 30.13 -19.58 28.93
N VAL G 382 28.92 -19.56 28.38
CA VAL G 382 28.75 -19.64 26.94
C VAL G 382 29.41 -18.45 26.23
N PRO G 383 29.25 -17.21 26.69
CA PRO G 383 29.79 -16.08 25.91
C PRO G 383 31.29 -16.17 25.67
N SER G 384 32.00 -16.92 26.51
CA SER G 384 33.44 -17.05 26.42
C SER G 384 33.86 -18.36 25.75
N TRP G 385 33.02 -18.90 24.87
CA TRP G 385 33.29 -20.19 24.24
C TRP G 385 34.10 -20.01 22.97
N LYS G 386 35.07 -20.90 22.78
CA LYS G 386 35.83 -20.99 21.56
C LYS G 386 35.23 -22.09 20.68
N GLU G 387 35.88 -22.39 19.56
CA GLU G 387 35.34 -23.37 18.63
C GLU G 387 35.23 -24.75 19.28
N ALA G 388 36.24 -25.14 20.08
CA ALA G 388 36.23 -26.48 20.65
C ALA G 388 35.00 -26.71 21.52
N GLU G 389 34.64 -25.71 22.34
CA GLU G 389 33.46 -25.84 23.17
C GLU G 389 32.20 -26.01 22.34
N VAL G 390 32.10 -25.27 21.24
CA VAL G 390 30.92 -25.38 20.38
C VAL G 390 30.87 -26.76 19.75
N GLN G 391 32.02 -27.29 19.32
CA GLN G 391 32.02 -28.64 18.75
C GLN G 391 31.58 -29.67 19.79
N THR G 392 32.09 -29.55 21.01
CA THR G 392 31.70 -30.49 22.06
C THR G 392 30.21 -30.42 22.33
N TRP G 393 29.66 -29.21 22.44
CA TRP G 393 28.23 -29.06 22.69
C TRP G 393 27.41 -29.63 21.54
N LEU G 394 27.85 -29.38 20.30
CA LEU G 394 27.15 -29.95 19.15
C LEU G 394 27.14 -31.47 19.21
N GLN G 395 28.27 -32.07 19.58
CA GLN G 395 28.30 -33.52 19.69
C GLN G 395 27.43 -34.02 20.84
N GLN G 396 27.26 -33.22 21.89
CA GLN G 396 26.42 -33.64 23.01
C GLN G 396 24.95 -33.70 22.60
N ILE G 397 24.44 -32.65 21.95
CA ILE G 397 23.01 -32.54 21.65
C ILE G 397 22.59 -33.37 20.45
N GLY G 398 23.52 -34.10 19.83
CA GLY G 398 23.17 -34.99 18.74
C GLY G 398 23.14 -34.34 17.37
N PHE G 399 23.76 -33.18 17.21
CA PHE G 399 23.88 -32.51 15.91
C PHE G 399 25.28 -32.67 15.34
N SER G 400 25.90 -33.83 15.55
CA SER G 400 27.27 -34.04 15.09
C SER G 400 27.40 -34.06 13.57
N LYS G 401 26.29 -34.13 12.85
CA LYS G 401 26.36 -34.05 11.39
C LYS G 401 26.75 -32.65 10.91
N TYR G 402 26.59 -31.64 11.76
CA TYR G 402 26.85 -30.25 11.38
C TYR G 402 28.11 -29.70 12.03
N CYS G 403 28.95 -30.57 12.59
CA CYS G 403 30.21 -30.09 13.18
C CYS G 403 31.10 -29.46 12.12
N GLU G 404 31.20 -30.08 10.95
CA GLU G 404 32.08 -29.57 9.91
C GLU G 404 31.64 -28.19 9.45
N SER G 405 30.35 -28.00 9.23
CA SER G 405 29.86 -26.69 8.78
C SER G 405 30.08 -25.62 9.85
N PHE G 406 29.82 -25.95 11.12
CA PHE G 406 30.03 -24.99 12.18
C PHE G 406 31.50 -24.62 12.32
N ARG G 407 32.39 -25.61 12.18
CA ARG G 407 33.82 -25.36 12.30
C ARG G 407 34.33 -24.52 11.13
N GLU G 408 33.82 -24.79 9.92
CA GLU G 408 34.25 -24.04 8.76
C GLU G 408 33.92 -22.55 8.90
N GLN G 409 32.73 -22.24 9.39
CA GLN G 409 32.30 -20.85 9.56
C GLN G 409 32.79 -20.24 10.86
N GLN G 410 33.52 -21.00 11.68
CA GLN G 410 34.12 -20.48 12.92
C GLN G 410 33.07 -19.88 13.84
N VAL G 411 31.98 -20.62 14.03
CA VAL G 411 30.95 -20.22 14.98
C VAL G 411 31.46 -20.45 16.39
N ASP G 412 31.46 -19.40 17.21
CA ASP G 412 31.88 -19.46 18.60
C ASP G 412 30.73 -19.00 19.49
N GLY G 413 31.01 -18.85 20.78
CA GLY G 413 29.95 -18.54 21.73
C GLY G 413 29.20 -17.26 21.38
N ASP G 414 29.95 -16.21 21.03
CA ASP G 414 29.31 -14.95 20.68
C ASP G 414 28.45 -15.10 19.42
N LEU G 415 28.97 -15.78 18.41
CA LEU G 415 28.20 -16.00 17.19
C LEU G 415 27.11 -17.05 17.38
N LEU G 416 27.28 -17.97 18.33
CA LEU G 416 26.26 -18.97 18.58
C LEU G 416 25.05 -18.38 19.30
N LEU G 417 25.30 -17.54 20.30
CA LEU G 417 24.20 -16.94 21.06
C LEU G 417 23.37 -15.96 20.22
N ARG G 418 23.85 -15.58 19.04
CA ARG G 418 23.15 -14.62 18.19
C ARG G 418 22.74 -15.24 16.86
N LEU G 419 22.72 -16.57 16.77
CA LEU G 419 22.42 -17.24 15.51
C LEU G 419 20.94 -17.06 15.18
N THR G 420 20.63 -17.06 13.89
CA THR G 420 19.29 -16.76 13.40
C THR G 420 18.87 -17.89 12.49
N GLU G 421 17.63 -17.82 12.00
CA GLU G 421 17.08 -18.88 11.11
C GLU G 421 17.73 -18.82 9.74
N GLU G 422 17.89 -17.61 9.19
CA GLU G 422 18.47 -17.44 7.83
C GLU G 422 19.93 -17.90 7.84
N GLU G 423 20.69 -17.55 8.88
CA GLU G 423 22.07 -18.00 8.98
C GLU G 423 22.15 -19.52 9.14
N LEU G 424 21.20 -20.11 9.87
CA LEU G 424 21.14 -21.56 9.96
C LEU G 424 20.83 -22.19 8.61
N GLN G 425 19.91 -21.58 7.86
CA GLN G 425 19.45 -22.18 6.61
C GLN G 425 20.47 -22.02 5.49
N THR G 426 20.88 -20.79 5.21
CA THR G 426 21.71 -20.53 4.03
C THR G 426 23.18 -20.82 4.27
N ASP G 427 23.71 -20.39 5.42
CA ASP G 427 25.15 -20.43 5.67
C ASP G 427 25.62 -21.73 6.31
N LEU G 428 24.85 -22.28 7.26
CA LEU G 428 25.26 -23.51 7.94
C LEU G 428 24.65 -24.76 7.32
N GLY G 429 23.59 -24.64 6.54
CA GLY G 429 23.08 -25.73 5.75
C GLY G 429 21.96 -26.54 6.36
N MET G 430 21.17 -25.98 7.28
CA MET G 430 20.03 -26.68 7.86
C MET G 430 18.81 -26.35 7.02
N LYS G 431 18.58 -27.14 5.98
CA LYS G 431 17.48 -26.86 5.06
C LYS G 431 16.10 -27.19 5.62
N SER G 432 15.99 -28.35 6.27
CA SER G 432 14.67 -28.81 6.78
C SER G 432 14.25 -27.97 7.99
N GLY G 433 13.04 -27.41 7.97
CA GLY G 433 12.57 -26.57 9.06
C GLY G 433 12.36 -27.28 10.38
N ILE G 434 12.11 -28.58 10.35
CA ILE G 434 11.96 -29.35 11.58
C ILE G 434 13.30 -29.48 12.28
N THR G 435 14.36 -29.71 11.52
CA THR G 435 15.70 -29.76 12.11
C THR G 435 16.08 -28.42 12.73
N ARG G 436 15.73 -27.32 12.06
CA ARG G 436 15.99 -26.00 12.65
C ARG G 436 15.20 -25.75 13.92
N LYS G 437 13.95 -26.21 13.97
CA LYS G 437 13.18 -26.09 15.21
C LYS G 437 13.82 -26.89 16.34
N ARG G 438 14.32 -28.08 16.02
CA ARG G 438 15.00 -28.89 17.04
C ARG G 438 16.24 -28.15 17.51
N PHE G 439 17.01 -27.59 16.58
CA PHE G 439 18.23 -26.90 16.97
C PHE G 439 17.93 -25.71 17.86
N PHE G 440 16.90 -24.92 17.50
CA PHE G 440 16.53 -23.80 18.35
C PHE G 440 15.95 -24.27 19.68
N ARG G 441 15.30 -25.43 19.70
CA ARG G 441 14.84 -25.99 20.96
C ARG G 441 16.00 -26.32 21.89
N GLU G 442 17.10 -26.84 21.34
CA GLU G 442 18.30 -27.07 22.15
C GLU G 442 18.94 -25.75 22.58
N LEU G 443 19.05 -24.81 21.64
CA LEU G 443 19.74 -23.56 21.93
C LEU G 443 19.01 -22.73 22.98
N THR G 444 17.67 -22.78 23.01
CA THR G 444 16.94 -22.04 24.02
C THR G 444 17.21 -22.61 25.40
N GLU G 445 17.35 -23.92 25.54
CA GLU G 445 17.70 -24.53 26.84
C GLU G 445 19.11 -24.12 27.24
N LEU G 446 20.02 -24.13 26.28
CA LEU G 446 21.37 -23.66 26.59
C LEU G 446 21.37 -22.20 27.05
N LYS G 447 20.60 -21.35 26.36
CA LYS G 447 20.53 -19.95 26.71
C LYS G 447 19.96 -19.75 28.11
N THR G 448 18.88 -20.47 28.43
CA THR G 448 18.27 -20.32 29.75
C THR G 448 19.24 -20.72 30.85
N PHE G 449 19.97 -21.82 30.66
CA PHE G 449 20.85 -22.34 31.69
C PHE G 449 22.30 -21.93 31.50
N ALA G 450 22.54 -20.75 30.95
CA ALA G 450 23.89 -20.23 30.75
C ALA G 450 24.26 -19.22 31.83
N ASN G 451 25.53 -18.83 31.84
CA ASN G 451 26.07 -17.88 32.82
C ASN G 451 26.59 -16.66 32.07
N TYR G 452 25.98 -15.49 32.34
CA TYR G 452 26.31 -14.26 31.65
C TYR G 452 27.08 -13.29 32.54
N SER G 453 27.84 -13.80 33.51
CA SER G 453 28.54 -12.92 34.44
C SER G 453 29.55 -12.05 33.70
N THR G 454 30.19 -12.59 32.67
CA THR G 454 31.17 -11.84 31.91
C THR G 454 30.57 -10.76 31.03
N CYS G 455 29.23 -10.73 30.91
CA CYS G 455 28.61 -9.74 29.98
C CYS G 455 27.88 -8.65 30.78
N ASP G 456 26.99 -9.08 31.68
CA ASP G 456 26.02 -8.19 32.38
C ASP G 456 26.58 -7.72 33.74
N ARG G 457 27.09 -6.47 33.77
CA ARG G 457 27.53 -5.87 35.05
C ARG G 457 26.34 -5.37 35.88
N SER G 458 25.18 -5.22 35.24
CA SER G 458 23.97 -4.70 35.94
C SER G 458 23.08 -5.87 36.40
N ASN G 459 23.61 -7.10 36.32
CA ASN G 459 22.85 -8.28 36.72
C ASN G 459 21.42 -8.28 36.18
N LEU G 460 21.31 -8.18 34.86
CA LEU G 460 20.01 -8.15 34.20
C LEU G 460 19.40 -9.53 34.04
N ALA G 461 20.19 -10.59 34.16
CA ALA G 461 19.65 -11.93 33.99
C ALA G 461 18.67 -12.28 35.11
N ASP G 462 19.01 -11.91 36.35
CA ASP G 462 18.14 -12.24 37.48
C ASP G 462 16.81 -11.50 37.38
N TRP G 463 16.83 -10.25 36.91
CA TRP G 463 15.57 -9.53 36.75
C TRP G 463 14.66 -10.23 35.76
N LEU G 464 15.21 -10.68 34.63
CA LEU G 464 14.41 -11.41 33.66
C LEU G 464 13.89 -12.72 34.23
N GLY G 465 14.76 -13.44 34.95
CA GLY G 465 14.33 -14.68 35.57
C GLY G 465 13.26 -14.50 36.62
N SER G 466 13.22 -13.34 37.26
CA SER G 466 12.19 -13.08 38.27
C SER G 466 10.80 -13.11 37.67
N LEU G 467 10.61 -12.46 36.52
CA LEU G 467 9.29 -12.47 35.88
C LEU G 467 8.86 -13.89 35.56
N ASP G 468 9.71 -14.63 34.86
CA ASP G 468 9.45 -16.01 34.46
C ASP G 468 10.80 -16.61 34.07
N PRO G 469 11.19 -17.76 34.60
CA PRO G 469 12.51 -18.30 34.24
C PRO G 469 12.73 -18.44 32.75
N ARG G 470 11.66 -18.74 31.99
CA ARG G 470 11.80 -18.95 30.53
C ARG G 470 12.15 -17.64 29.82
N PHE G 471 12.34 -16.55 30.56
CA PHE G 471 12.69 -15.23 29.96
C PHE G 471 14.20 -14.99 30.10
N ARG G 472 14.90 -15.85 30.85
CA ARG G 472 16.35 -15.65 31.10
C ARG G 472 17.13 -15.84 29.79
N GLN G 473 16.50 -16.46 28.78
CA GLN G 473 17.15 -16.71 27.46
C GLN G 473 17.41 -15.38 26.74
N TYR G 474 16.65 -14.34 27.07
CA TYR G 474 16.76 -13.06 26.33
C TYR G 474 17.88 -12.19 26.89
N THR G 475 18.56 -12.61 27.96
CA THR G 475 19.58 -11.75 28.55
C THR G 475 20.54 -11.24 27.48
N TYR G 476 21.25 -12.15 26.82
CA TYR G 476 22.24 -11.74 25.84
C TYR G 476 21.63 -10.91 24.73
N GLY G 477 20.34 -11.08 24.45
CA GLY G 477 19.70 -10.23 23.46
C GLY G 477 19.68 -8.77 23.88
N LEU G 478 19.29 -8.52 25.14
CA LEU G 478 19.22 -7.16 25.64
C LEU G 478 20.62 -6.60 25.89
N VAL G 479 21.48 -7.39 26.53
CA VAL G 479 22.76 -6.88 27.01
C VAL G 479 23.62 -6.40 25.84
N SER G 480 23.65 -7.15 24.75
CA SER G 480 24.46 -6.76 23.60
C SER G 480 23.98 -5.48 22.95
N CYS G 481 22.76 -5.02 23.27
CA CYS G 481 22.25 -3.76 22.76
C CYS G 481 22.47 -2.60 23.72
N GLY G 482 23.15 -2.83 24.84
CA GLY G 482 23.44 -1.78 25.80
C GLY G 482 22.37 -1.54 26.85
N LEU G 483 21.26 -2.27 26.81
CA LEU G 483 20.20 -2.07 27.78
C LEU G 483 20.63 -2.53 29.16
N ASP G 484 20.15 -1.81 30.18
CA ASP G 484 20.43 -2.13 31.57
C ASP G 484 19.15 -1.94 32.37
N ARG G 485 19.21 -2.22 33.67
CA ARG G 485 18.05 -2.01 34.53
C ARG G 485 17.63 -0.55 34.57
N SER G 486 18.57 0.37 34.33
CA SER G 486 18.30 1.80 34.39
C SER G 486 17.83 2.38 33.06
N LEU G 487 17.76 1.57 32.01
CA LEU G 487 17.33 2.05 30.70
C LEU G 487 16.12 1.31 30.16
N LEU G 488 15.60 0.31 30.89
CA LEU G 488 14.53 -0.52 30.35
C LEU G 488 13.22 0.24 30.24
N HIS G 489 12.93 1.15 31.18
CA HIS G 489 11.62 1.78 31.20
C HIS G 489 11.35 2.62 29.97
N ARG G 490 12.38 3.00 29.21
CA ARG G 490 12.22 3.83 28.02
C ARG G 490 12.19 3.02 26.73
N VAL G 491 12.26 1.70 26.81
CA VAL G 491 12.29 0.88 25.59
C VAL G 491 10.88 0.73 25.04
N SER G 492 10.80 0.34 23.77
CA SER G 492 9.54 0.19 23.07
C SER G 492 9.43 -1.21 22.47
N GLU G 493 8.21 -1.59 22.10
CA GLU G 493 7.98 -2.93 21.56
C GLU G 493 8.70 -3.13 20.25
N GLN G 494 8.77 -2.10 19.41
CA GLN G 494 9.42 -2.25 18.08
C GLN G 494 10.91 -2.52 18.29
N GLN G 495 11.54 -1.83 19.25
CA GLN G 495 12.95 -2.07 19.53
C GLN G 495 13.19 -3.49 20.04
N LEU G 496 12.32 -3.98 20.93
CA LEU G 496 12.46 -5.35 21.41
C LEU G 496 12.31 -6.34 20.27
N LEU G 497 11.37 -6.09 19.36
CA LEU G 497 11.16 -7.01 18.24
C LEU G 497 12.37 -7.03 17.32
N GLU G 498 12.88 -5.85 16.95
CA GLU G 498 13.94 -5.77 15.95
C GLU G 498 15.34 -5.92 16.52
N ASP G 499 15.64 -5.19 17.60
CA ASP G 499 17.02 -5.15 18.08
C ASP G 499 17.32 -6.31 19.03
N CYS G 500 16.48 -6.51 20.04
CA CYS G 500 16.72 -7.57 21.02
C CYS G 500 16.24 -8.93 20.54
N GLY G 501 15.52 -9.00 19.42
CA GLY G 501 15.13 -10.28 18.86
C GLY G 501 14.19 -11.10 19.72
N ILE G 502 13.15 -10.48 20.25
CA ILE G 502 12.11 -11.18 21.00
C ILE G 502 10.95 -11.39 20.02
N HIS G 503 10.74 -12.65 19.61
CA HIS G 503 9.80 -12.92 18.54
C HIS G 503 8.37 -13.04 19.04
N LEU G 504 8.15 -13.77 20.13
CA LEU G 504 6.80 -13.98 20.63
C LEU G 504 6.23 -12.70 21.21
N GLY G 505 5.03 -12.32 20.77
CA GLY G 505 4.41 -11.11 21.25
C GLY G 505 4.05 -11.16 22.72
N VAL G 506 3.71 -12.33 23.24
CA VAL G 506 3.35 -12.46 24.65
C VAL G 506 4.52 -12.04 25.52
N HIS G 507 5.72 -12.54 25.20
CA HIS G 507 6.89 -12.22 26.00
C HIS G 507 7.24 -10.74 25.86
N ARG G 508 7.12 -10.17 24.66
CA ARG G 508 7.37 -8.74 24.49
C ARG G 508 6.44 -7.93 25.37
N ALA G 509 5.15 -8.25 25.34
CA ALA G 509 4.18 -7.50 26.14
C ALA G 509 4.47 -7.65 27.63
N ARG G 510 4.78 -8.87 28.08
CA ARG G 510 5.07 -9.07 29.50
C ARG G 510 6.29 -8.28 29.93
N ILE G 511 7.36 -8.31 29.12
CA ILE G 511 8.58 -7.59 29.47
C ILE G 511 8.32 -6.10 29.51
N LEU G 512 7.58 -5.57 28.52
CA LEU G 512 7.30 -4.14 28.51
C LEU G 512 6.45 -3.74 29.72
N THR G 513 5.45 -4.55 30.06
CA THR G 513 4.61 -4.24 31.21
C THR G 513 5.41 -4.25 32.50
N ALA G 514 6.33 -5.20 32.64
CA ALA G 514 7.15 -5.25 33.83
C ALA G 514 8.14 -4.09 33.88
N ALA G 515 8.67 -3.68 32.73
CA ALA G 515 9.66 -2.60 32.71
C ALA G 515 9.02 -1.25 32.95
N ARG G 516 7.83 -1.02 32.38
CA ARG G 516 7.18 0.28 32.50
C ARG G 516 6.67 0.56 33.92
N GLU G 517 6.70 -0.44 34.80
CA GLU G 517 6.44 -0.22 36.22
C GLU G 517 7.71 0.16 36.98
N MET G 518 8.70 0.69 36.29
CA MET G 518 9.97 1.09 36.90
C MET G 518 10.63 -0.09 37.61
N LEU G 519 10.84 -1.16 36.85
CA LEU G 519 11.54 -2.33 37.35
C LEU G 519 10.89 -2.86 38.63
N VAL H 34 -38.90 -58.38 0.03
CA VAL H 34 -39.97 -59.09 -0.72
C VAL H 34 -41.32 -58.47 -0.39
N GLN H 35 -42.07 -58.10 -1.43
CA GLN H 35 -43.39 -57.50 -1.29
C GLN H 35 -44.51 -58.52 -1.35
N ASP H 36 -44.20 -59.81 -1.46
CA ASP H 36 -45.24 -60.82 -1.58
C ASP H 36 -46.16 -60.80 -0.36
N ALA H 37 -45.59 -60.71 0.84
CA ALA H 37 -46.41 -60.57 2.03
C ALA H 37 -47.23 -59.28 1.98
N LEU H 38 -46.62 -58.19 1.53
CA LEU H 38 -47.34 -56.94 1.38
C LEU H 38 -48.50 -57.08 0.39
N GLU H 39 -48.24 -57.69 -0.76
CA GLU H 39 -49.29 -57.85 -1.76
C GLU H 39 -50.42 -58.73 -1.23
N ARG H 40 -50.08 -59.77 -0.48
CA ARG H 40 -51.11 -60.61 0.13
C ARG H 40 -51.91 -59.83 1.16
N ALA H 41 -51.22 -59.01 1.95
CA ALA H 41 -51.85 -58.41 3.16
C ALA H 41 -52.79 -57.27 2.77
N LEU H 42 -52.45 -56.52 1.72
CA LEU H 42 -53.19 -55.29 1.36
C LEU H 42 -54.66 -55.60 1.03
N PRO H 43 -55.01 -56.57 0.15
CA PRO H 43 -56.42 -56.88 -0.16
C PRO H 43 -57.23 -57.12 1.10
N GLU H 44 -56.67 -57.88 2.05
CA GLU H 44 -57.38 -58.12 3.30
C GLU H 44 -57.55 -56.83 4.10
N LEU H 45 -56.52 -55.98 4.12
CA LEU H 45 -56.62 -54.71 4.81
C LEU H 45 -57.70 -53.83 4.20
N GLN H 46 -57.76 -53.79 2.87
CA GLN H 46 -58.79 -52.99 2.21
C GLN H 46 -60.18 -53.52 2.52
N GLN H 47 -60.35 -54.84 2.50
CA GLN H 47 -61.65 -55.41 2.84
C GLN H 47 -62.04 -55.08 4.27
N ALA H 48 -61.08 -55.18 5.20
CA ALA H 48 -61.36 -54.86 6.59
C ALA H 48 -61.72 -53.39 6.76
N LEU H 49 -61.01 -52.50 6.07
CA LEU H 49 -61.31 -51.07 6.15
C LEU H 49 -62.70 -50.78 5.60
N SER H 50 -63.06 -51.40 4.48
CA SER H 50 -64.39 -51.21 3.93
C SER H 50 -65.46 -51.72 4.89
N ALA H 51 -65.23 -52.88 5.50
CA ALA H 51 -66.18 -53.41 6.47
C ALA H 51 -66.34 -52.46 7.66
N LEU H 52 -65.22 -51.94 8.17
CA LEU H 52 -65.29 -50.99 9.27
C LEU H 52 -66.07 -49.75 8.87
N LYS H 53 -65.82 -49.24 7.66
CA LYS H 53 -66.61 -48.12 7.16
C LYS H 53 -68.09 -48.47 7.07
N GLN H 54 -68.39 -49.73 6.76
CA GLN H 54 -69.77 -50.20 6.72
C GLN H 54 -70.31 -50.53 8.10
N ALA H 55 -69.48 -50.51 9.14
CA ALA H 55 -69.93 -50.83 10.49
C ALA H 55 -70.82 -49.71 11.01
N GLY H 56 -72.08 -50.06 11.30
CA GLY H 56 -73.04 -49.12 11.82
C GLY H 56 -73.29 -49.21 13.31
N GLY H 57 -72.66 -50.16 14.00
CA GLY H 57 -72.89 -50.35 15.41
C GLY H 57 -71.59 -50.71 16.12
N ALA H 58 -71.69 -50.84 17.44
CA ALA H 58 -70.50 -51.14 18.24
C ALA H 58 -69.93 -52.50 17.90
N ARG H 59 -70.79 -53.49 17.69
CA ARG H 59 -70.31 -54.86 17.44
C ARG H 59 -69.50 -54.93 16.15
N ALA H 60 -70.04 -54.38 15.06
CA ALA H 60 -69.32 -54.39 13.79
C ALA H 60 -68.04 -53.56 13.87
N VAL H 61 -68.10 -52.43 14.57
CA VAL H 61 -66.90 -51.61 14.75
C VAL H 61 -65.81 -52.42 15.44
N GLY H 62 -66.17 -53.10 16.53
CA GLY H 62 -65.20 -53.90 17.24
C GLY H 62 -64.65 -55.03 16.40
N ALA H 63 -65.52 -55.70 15.63
CA ALA H 63 -65.07 -56.79 14.79
C ALA H 63 -64.06 -56.31 13.76
N GLY H 64 -64.37 -55.19 13.09
CA GLY H 64 -63.44 -54.66 12.10
C GLY H 64 -62.14 -54.19 12.72
N LEU H 65 -62.22 -53.55 13.88
CA LEU H 65 -61.00 -53.11 14.56
C LEU H 65 -60.13 -54.29 14.93
N ALA H 66 -60.74 -55.37 15.44
CA ALA H 66 -59.98 -56.56 15.78
C ALA H 66 -59.35 -57.18 14.54
N GLU H 67 -60.09 -57.21 13.43
CA GLU H 67 -59.54 -57.76 12.19
C GLU H 67 -58.30 -56.99 11.75
N VAL H 68 -58.41 -55.65 11.70
CA VAL H 68 -57.28 -54.84 11.24
C VAL H 68 -56.12 -54.95 12.20
N PHE H 69 -56.41 -55.01 13.51
CA PHE H 69 -55.35 -55.16 14.50
C PHE H 69 -54.63 -56.49 14.32
N GLN H 70 -55.37 -57.56 14.10
CA GLN H 70 -54.73 -58.86 13.87
C GLN H 70 -53.87 -58.83 12.62
N LEU H 71 -54.36 -58.20 11.54
CA LEU H 71 -53.58 -58.13 10.31
C LEU H 71 -52.29 -57.36 10.53
N VAL H 72 -52.39 -56.17 11.14
CA VAL H 72 -51.17 -55.31 11.30
C VAL H 72 -50.17 -56.04 12.20
N GLU H 73 -50.64 -56.71 13.25
CA GLU H 73 -49.73 -57.44 14.18
C GLU H 73 -49.02 -58.57 13.45
N GLU H 74 -49.74 -59.28 12.57
CA GLU H 74 -49.13 -60.43 11.86
C GLU H 74 -47.96 -59.92 11.02
N ALA H 75 -48.15 -58.79 10.33
CA ALA H 75 -47.06 -58.19 9.53
C ALA H 75 -45.93 -57.71 10.45
N TRP H 76 -46.28 -57.09 11.59
CA TRP H 76 -45.25 -56.53 12.49
C TRP H 76 -44.38 -57.64 13.09
N LEU H 77 -44.83 -58.90 13.02
CA LEU H 77 -44.04 -59.96 13.71
C LEU H 77 -43.39 -60.88 12.68
N LEU H 78 -43.11 -60.32 11.51
CA LEU H 78 -42.60 -61.16 10.42
C LEU H 78 -41.07 -61.12 10.42
N PRO H 79 -40.33 -62.24 10.56
CA PRO H 79 -38.88 -62.13 10.63
C PRO H 79 -38.24 -61.40 9.43
N ALA H 80 -37.32 -60.46 9.70
CA ALA H 80 -36.56 -59.74 8.64
C ALA H 80 -37.38 -58.66 7.91
N VAL H 81 -38.50 -59.01 7.27
CA VAL H 81 -39.22 -58.00 6.43
C VAL H 81 -40.38 -57.33 7.18
N GLY H 82 -40.67 -57.72 8.42
CA GLY H 82 -41.81 -57.16 9.11
C GLY H 82 -41.94 -55.67 9.07
N ARG H 83 -40.83 -54.93 9.22
CA ARG H 83 -40.89 -53.49 9.26
C ARG H 83 -41.39 -52.87 7.97
N GLU H 84 -40.86 -53.30 6.82
CA GLU H 84 -41.28 -52.73 5.55
C GLU H 84 -42.74 -53.07 5.24
N VAL H 85 -43.12 -54.34 5.45
CA VAL H 85 -44.47 -54.77 5.12
C VAL H 85 -45.50 -54.32 6.14
N ALA H 86 -45.06 -53.80 7.29
CA ALA H 86 -45.97 -53.13 8.21
C ALA H 86 -46.05 -51.65 7.95
N GLN H 87 -44.94 -51.03 7.52
CA GLN H 87 -44.99 -49.65 7.08
C GLN H 87 -45.88 -49.50 5.86
N GLY H 88 -45.88 -50.49 4.96
CA GLY H 88 -46.79 -50.45 3.84
C GLY H 88 -48.26 -50.48 4.26
N LEU H 89 -48.60 -51.34 5.21
CA LEU H 89 -49.97 -51.39 5.70
C LEU H 89 -50.35 -50.10 6.41
N CYS H 90 -49.43 -49.52 7.18
CA CYS H 90 -49.70 -48.24 7.81
C CYS H 90 -49.89 -47.15 6.77
N ASP H 91 -49.11 -47.22 5.69
CA ASP H 91 -49.28 -46.30 4.53
C ASP H 91 -50.70 -46.42 4.00
N ALA H 92 -51.14 -47.66 3.76
CA ALA H 92 -52.48 -47.89 3.22
C ALA H 92 -53.54 -47.33 4.16
N ILE H 93 -53.39 -47.56 5.46
CA ILE H 93 -54.35 -47.05 6.43
C ILE H 93 -54.35 -45.52 6.42
N ARG H 94 -53.16 -44.93 6.21
CA ARG H 94 -53.01 -43.45 6.15
C ARG H 94 -53.91 -42.89 5.06
N LEU H 95 -53.84 -43.46 3.85
CA LEU H 95 -54.82 -43.23 2.80
C LEU H 95 -56.10 -44.00 3.13
N ASP H 96 -57.10 -43.86 2.27
CA ASP H 96 -58.41 -44.49 2.44
C ASP H 96 -59.15 -43.94 3.65
N GLY H 97 -58.67 -42.87 4.26
CA GLY H 97 -59.33 -42.28 5.41
C GLY H 97 -59.28 -43.10 6.68
N GLY H 98 -58.34 -44.04 6.77
CA GLY H 98 -58.30 -44.91 7.95
C GLY H 98 -58.00 -44.14 9.23
N LEU H 99 -57.00 -43.26 9.19
CA LEU H 99 -56.60 -42.55 10.41
C LEU H 99 -57.72 -41.66 10.91
N ASP H 100 -58.39 -40.93 10.02
CA ASP H 100 -59.50 -40.08 10.43
C ASP H 100 -60.63 -40.92 11.01
N LEU H 101 -60.91 -42.06 10.39
CA LEU H 101 -61.95 -42.95 10.92
C LEU H 101 -61.62 -43.42 12.33
N LEU H 102 -60.37 -43.85 12.53
CA LEU H 102 -59.98 -44.33 13.86
C LEU H 102 -60.06 -43.20 14.88
N LEU H 103 -59.66 -41.99 14.49
CA LEU H 103 -59.79 -40.86 15.40
C LEU H 103 -61.25 -40.61 15.76
N ARG H 104 -62.13 -40.65 14.77
CA ARG H 104 -63.55 -40.41 15.04
C ARG H 104 -64.12 -41.47 15.97
N LEU H 105 -63.74 -42.74 15.76
CA LEU H 105 -64.13 -43.78 16.73
C LEU H 105 -63.56 -43.48 18.11
N LEU H 106 -62.30 -43.05 18.18
CA LEU H 106 -61.73 -42.65 19.46
C LEU H 106 -62.54 -41.55 20.12
N GLN H 107 -63.25 -40.75 19.33
CA GLN H 107 -64.19 -39.77 19.89
C GLN H 107 -65.55 -40.37 20.18
N ALA H 108 -65.74 -41.67 19.98
CA ALA H 108 -67.06 -42.26 20.16
C ALA H 108 -67.49 -42.20 21.62
N PRO H 109 -68.77 -42.04 21.91
CA PRO H 109 -69.23 -42.03 23.31
C PRO H 109 -68.92 -43.32 24.05
N GLU H 110 -68.96 -44.46 23.38
CA GLU H 110 -68.78 -45.75 24.04
C GLU H 110 -67.30 -46.01 24.29
N LEU H 111 -66.94 -46.24 25.55
CA LEU H 111 -65.54 -46.47 25.91
C LEU H 111 -65.05 -47.83 25.40
N GLU H 112 -65.94 -48.80 25.23
CA GLU H 112 -65.52 -50.11 24.76
C GLU H 112 -64.92 -50.03 23.36
N THR H 113 -65.48 -49.15 22.51
CA THR H 113 -64.89 -48.92 21.20
C THR H 113 -63.67 -48.01 21.28
N ARG H 114 -63.70 -47.05 22.22
CA ARG H 114 -62.58 -46.10 22.41
C ARG H 114 -61.29 -46.88 22.73
N VAL H 115 -61.38 -47.87 23.63
CA VAL H 115 -60.19 -48.60 24.06
C VAL H 115 -59.56 -49.33 22.88
N GLN H 116 -60.38 -49.97 22.04
CA GLN H 116 -59.84 -50.67 20.87
C GLN H 116 -59.30 -49.69 19.84
N ALA H 117 -59.97 -48.55 19.67
CA ALA H 117 -59.47 -47.54 18.75
C ALA H 117 -58.09 -47.06 19.17
N ALA H 118 -57.90 -46.79 20.46
CA ALA H 118 -56.59 -46.40 20.95
C ALA H 118 -55.58 -47.54 20.83
N ARG H 119 -56.04 -48.78 21.06
CA ARG H 119 -55.15 -49.93 20.90
C ARG H 119 -54.60 -50.02 19.49
N LEU H 120 -55.43 -49.80 18.48
CA LEU H 120 -54.95 -49.81 17.10
C LEU H 120 -54.19 -48.55 16.72
N LEU H 121 -54.53 -47.40 17.30
CA LEU H 121 -53.78 -46.18 17.05
C LEU H 121 -52.39 -46.20 17.66
N GLU H 122 -52.18 -46.99 18.71
CA GLU H 122 -50.86 -47.12 19.32
C GLU H 122 -49.88 -47.85 18.40
N GLN H 123 -50.36 -48.88 17.70
CA GLN H 123 -49.50 -49.74 16.89
C GLN H 123 -49.31 -49.26 15.46
N ILE H 124 -49.81 -48.08 15.06
CA ILE H 124 -49.68 -47.62 13.69
C ILE H 124 -48.94 -46.29 13.58
N LEU H 125 -48.59 -45.64 14.69
CA LEU H 125 -48.07 -44.29 14.64
C LEU H 125 -46.62 -44.24 14.16
N VAL H 126 -46.39 -44.61 12.89
CA VAL H 126 -45.11 -44.36 12.24
C VAL H 126 -45.06 -42.88 11.89
N ALA H 127 -43.87 -42.39 11.51
CA ALA H 127 -43.67 -40.98 11.22
C ALA H 127 -44.69 -40.43 10.24
N GLU H 128 -44.96 -41.14 9.14
CA GLU H 128 -45.95 -40.70 8.17
C GLU H 128 -47.33 -40.63 8.81
N ASN H 129 -47.68 -41.62 9.62
CA ASN H 129 -48.92 -41.60 10.39
C ASN H 129 -48.80 -40.75 11.65
N ARG H 130 -47.60 -40.25 11.95
CA ARG H 130 -47.41 -39.48 13.22
C ARG H 130 -47.67 -38.00 12.92
N ASP H 131 -47.08 -37.48 11.84
CA ASP H 131 -47.23 -36.06 11.57
C ASP H 131 -48.70 -35.68 11.33
N ARG H 132 -49.46 -36.55 10.68
CA ARG H 132 -50.88 -36.25 10.43
C ARG H 132 -51.64 -36.11 11.74
N VAL H 133 -51.40 -37.01 12.70
CA VAL H 133 -52.11 -36.94 13.97
C VAL H 133 -51.73 -35.68 14.71
N ALA H 134 -50.46 -35.28 14.64
CA ALA H 134 -50.03 -34.04 15.27
C ALA H 134 -50.73 -32.84 14.63
N ARG H 135 -50.89 -32.85 13.31
CA ARG H 135 -51.58 -31.75 12.64
C ARG H 135 -53.07 -31.73 12.98
N ILE H 136 -53.68 -32.90 13.15
CA ILE H 136 -55.12 -33.04 13.29
C ILE H 136 -55.49 -33.60 14.66
N GLY H 137 -54.96 -34.77 15.00
CA GLY H 137 -55.40 -35.50 16.18
C GLY H 137 -54.82 -35.05 17.49
N LEU H 138 -53.99 -34.00 17.51
CA LEU H 138 -53.52 -33.45 18.77
C LEU H 138 -54.62 -32.63 19.42
N GLY H 139 -54.62 -32.62 20.75
CA GLY H 139 -55.66 -31.96 21.51
C GLY H 139 -56.75 -32.91 21.96
N VAL H 140 -57.39 -33.61 21.02
CA VAL H 140 -58.40 -34.59 21.42
C VAL H 140 -57.76 -35.69 22.24
N ILE H 141 -56.58 -36.17 21.83
CA ILE H 141 -55.87 -37.16 22.63
C ILE H 141 -55.44 -36.56 23.97
N LEU H 142 -55.08 -35.28 23.97
CA LEU H 142 -54.73 -34.62 25.23
C LEU H 142 -55.89 -34.65 26.21
N ASN H 143 -57.09 -34.29 25.75
CA ASN H 143 -58.26 -34.34 26.62
C ASN H 143 -58.58 -35.77 27.04
N LEU H 144 -58.50 -36.71 26.11
CA LEU H 144 -58.79 -38.10 26.42
C LEU H 144 -57.83 -38.64 27.48
N ALA H 145 -56.58 -38.19 27.46
CA ALA H 145 -55.61 -38.61 28.46
C ALA H 145 -56.03 -38.23 29.87
N LYS H 146 -56.94 -37.26 30.00
CA LYS H 146 -57.40 -36.79 31.34
C LYS H 146 -58.16 -37.93 32.04
N GLU H 147 -58.48 -39.01 31.33
CA GLU H 147 -59.13 -40.18 31.97
C GLU H 147 -58.03 -40.98 32.67
N ARG H 148 -57.62 -40.56 33.86
CA ARG H 148 -56.48 -41.22 34.54
C ARG H 148 -56.90 -42.53 35.20
N GLU H 149 -58.21 -42.72 35.38
CA GLU H 149 -58.69 -43.89 36.16
C GLU H 149 -58.60 -45.19 35.36
N PRO H 150 -59.22 -45.33 34.17
CA PRO H 150 -59.24 -46.61 33.47
C PRO H 150 -57.84 -47.13 33.20
N VAL H 151 -57.68 -48.45 33.24
CA VAL H 151 -56.36 -49.05 33.08
C VAL H 151 -56.03 -49.25 31.61
N GLU H 152 -56.97 -49.85 30.85
CA GLU H 152 -56.72 -50.09 29.43
C GLU H 152 -56.57 -48.78 28.66
N LEU H 153 -57.46 -47.83 28.92
CA LEU H 153 -57.39 -46.55 28.25
C LEU H 153 -56.09 -45.83 28.60
N ALA H 154 -55.70 -45.88 29.87
CA ALA H 154 -54.45 -45.24 30.29
C ALA H 154 -53.25 -45.89 29.60
N ARG H 155 -53.24 -47.22 29.50
CA ARG H 155 -52.15 -47.90 28.83
C ARG H 155 -52.06 -47.49 27.37
N SER H 156 -53.19 -47.49 26.67
CA SER H 156 -53.18 -47.11 25.26
C SER H 156 -52.75 -45.66 25.10
N VAL H 157 -53.22 -44.77 25.98
CA VAL H 157 -52.84 -43.37 25.89
C VAL H 157 -51.36 -43.19 26.17
N ALA H 158 -50.79 -43.97 27.09
CA ALA H 158 -49.35 -43.92 27.31
C ALA H 158 -48.60 -44.35 26.06
N GLY H 159 -49.07 -45.40 25.40
CA GLY H 159 -48.45 -45.79 24.14
C GLY H 159 -48.51 -44.69 23.10
N ILE H 160 -49.67 -44.04 22.97
CA ILE H 160 -49.81 -42.94 22.02
C ILE H 160 -48.85 -41.81 22.36
N LEU H 161 -48.75 -41.46 23.64
CA LEU H 161 -47.90 -40.34 24.02
C LEU H 161 -46.43 -40.66 23.84
N GLU H 162 -46.00 -41.88 24.20
CA GLU H 162 -44.61 -42.24 24.01
C GLU H 162 -44.26 -42.22 22.53
N HIS H 163 -45.17 -42.70 21.68
CA HIS H 163 -44.86 -42.72 20.26
C HIS H 163 -45.07 -41.37 19.58
N MET H 164 -45.65 -40.39 20.29
CA MET H 164 -45.89 -39.04 19.70
C MET H 164 -44.79 -38.08 20.14
N PHE H 165 -44.23 -38.28 21.34
CA PHE H 165 -43.18 -37.37 21.87
C PHE H 165 -41.98 -37.33 20.92
N LYS H 166 -41.95 -38.20 19.90
CA LYS H 166 -40.82 -38.26 18.99
C LYS H 166 -41.03 -37.37 17.76
N HIS H 167 -41.85 -36.34 17.90
CA HIS H 167 -42.11 -35.37 16.84
C HIS H 167 -41.30 -34.11 17.14
N SER H 168 -41.29 -33.18 16.19
CA SER H 168 -40.48 -31.98 16.30
C SER H 168 -40.63 -31.32 17.67
N GLU H 169 -39.60 -30.61 18.12
CA GLU H 169 -39.55 -30.13 19.50
C GLU H 169 -40.71 -29.19 19.81
N GLU H 170 -41.29 -28.54 18.80
CA GLU H 170 -42.47 -27.72 19.04
C GLU H 170 -43.63 -28.61 19.47
N THR H 171 -43.72 -29.83 18.92
CA THR H 171 -44.80 -30.74 19.37
C THR H 171 -44.54 -31.11 20.83
N CYS H 172 -43.28 -31.35 21.21
CA CYS H 172 -43.00 -31.61 22.61
C CYS H 172 -43.37 -30.42 23.50
N GLN H 173 -43.08 -29.21 23.05
CA GLN H 173 -43.43 -28.02 23.84
C GLN H 173 -44.93 -27.95 24.07
N ARG H 174 -45.72 -28.15 23.02
CA ARG H 174 -47.17 -28.04 23.18
C ARG H 174 -47.72 -29.20 24.02
N LEU H 175 -47.14 -30.39 23.89
CA LEU H 175 -47.57 -31.51 24.72
C LEU H 175 -47.29 -31.25 26.19
N VAL H 176 -46.10 -30.73 26.51
CA VAL H 176 -45.78 -30.44 27.91
C VAL H 176 -46.66 -29.30 28.42
N ALA H 177 -46.98 -28.33 27.57
CA ALA H 177 -47.87 -27.25 27.98
C ALA H 177 -49.21 -27.81 28.42
N ALA H 178 -49.71 -28.82 27.74
CA ALA H 178 -50.94 -29.50 28.11
C ALA H 178 -50.64 -30.49 29.25
N GLY H 179 -51.60 -31.35 29.56
CA GLY H 179 -51.48 -32.27 30.66
C GLY H 179 -50.78 -33.58 30.36
N GLY H 180 -50.22 -33.74 29.15
CA GLY H 180 -49.59 -34.99 28.80
C GLY H 180 -48.44 -35.35 29.72
N LEU H 181 -47.54 -34.39 29.95
CA LEU H 181 -46.41 -34.64 30.85
C LEU H 181 -46.90 -34.93 32.26
N ASP H 182 -47.81 -34.11 32.77
CA ASP H 182 -48.39 -34.36 34.09
C ASP H 182 -49.14 -35.68 34.11
N ALA H 183 -49.82 -36.02 33.02
CA ALA H 183 -50.55 -37.28 32.97
C ALA H 183 -49.61 -38.47 33.10
N VAL H 184 -48.48 -38.45 32.38
CA VAL H 184 -47.55 -39.57 32.45
C VAL H 184 -46.87 -39.62 33.82
N LEU H 185 -46.53 -38.45 34.38
CA LEU H 185 -45.94 -38.43 35.72
C LEU H 185 -46.92 -39.01 36.73
N TYR H 186 -48.19 -38.67 36.62
CA TYR H 186 -49.20 -39.22 37.52
C TYR H 186 -49.32 -40.72 37.34
N TRP H 187 -49.33 -41.19 36.09
CA TRP H 187 -49.43 -42.63 35.84
C TRP H 187 -48.21 -43.39 36.35
N CYS H 188 -47.07 -42.70 36.49
CA CYS H 188 -45.87 -43.38 36.98
C CYS H 188 -46.07 -44.01 38.35
N ARG H 189 -47.09 -43.56 39.09
CA ARG H 189 -47.29 -44.06 40.48
C ARG H 189 -48.18 -45.32 40.50
N ARG H 190 -48.58 -45.83 39.33
CA ARG H 190 -49.37 -47.06 39.28
C ARG H 190 -48.48 -48.29 39.38
N THR H 191 -49.08 -49.46 39.15
CA THR H 191 -48.30 -50.72 39.33
C THR H 191 -48.31 -51.65 38.11
N ASP H 192 -49.32 -51.59 37.24
CA ASP H 192 -49.36 -52.58 36.14
C ASP H 192 -48.14 -52.39 35.25
N PRO H 193 -47.32 -53.44 34.95
CA PRO H 193 -46.04 -53.25 34.24
C PRO H 193 -46.09 -52.49 32.91
N ALA H 194 -47.09 -52.77 32.08
CA ALA H 194 -47.12 -52.18 30.75
C ALA H 194 -47.20 -50.67 30.82
N LEU H 195 -48.04 -50.13 31.71
CA LEU H 195 -48.16 -48.69 31.83
C LEU H 195 -46.86 -48.06 32.32
N LEU H 196 -46.20 -48.69 33.29
CA LEU H 196 -44.93 -48.15 33.77
C LEU H 196 -43.88 -48.16 32.68
N ARG H 197 -43.79 -49.25 31.92
CA ARG H 197 -42.82 -49.32 30.83
C ARG H 197 -43.11 -48.26 29.78
N HIS H 198 -44.39 -48.07 29.44
CA HIS H 198 -44.75 -47.06 28.45
C HIS H 198 -44.41 -45.66 28.95
N CYS H 199 -44.66 -45.39 30.24
CA CYS H 199 -44.33 -44.08 30.79
C CYS H 199 -42.82 -43.85 30.76
N ALA H 200 -42.03 -44.86 31.10
CA ALA H 200 -40.58 -44.72 31.05
C ALA H 200 -40.12 -44.45 29.61
N LEU H 201 -40.68 -45.18 28.65
CA LEU H 201 -40.31 -44.96 27.25
C LEU H 201 -40.69 -43.54 26.80
N ALA H 202 -41.87 -43.07 27.21
CA ALA H 202 -42.28 -41.72 26.86
C ALA H 202 -41.34 -40.69 27.45
N LEU H 203 -40.94 -40.88 28.71
CA LEU H 203 -40.03 -39.94 29.36
C LEU H 203 -38.68 -39.92 28.65
N GLY H 204 -38.17 -41.10 28.29
CA GLY H 204 -36.93 -41.15 27.53
C GLY H 204 -37.05 -40.47 26.18
N ASN H 205 -38.16 -40.70 25.48
CA ASN H 205 -38.35 -40.10 24.18
C ASN H 205 -38.43 -38.58 24.27
N CYS H 206 -39.11 -38.06 25.28
CA CYS H 206 -39.19 -36.61 25.43
C CYS H 206 -37.86 -36.02 25.88
N ALA H 207 -37.08 -36.75 26.68
CA ALA H 207 -35.75 -36.28 27.03
C ALA H 207 -34.85 -36.19 25.80
N LEU H 208 -34.93 -37.19 24.90
CA LEU H 208 -34.09 -37.19 23.72
C LEU H 208 -34.55 -36.18 22.68
N HIS H 209 -35.77 -36.35 22.16
CA HIS H 209 -36.25 -35.50 21.08
C HIS H 209 -36.54 -34.08 21.56
N GLY H 210 -37.06 -33.94 22.78
CA GLY H 210 -37.40 -32.61 23.27
C GLY H 210 -36.16 -31.73 23.40
N GLY H 211 -36.38 -30.43 23.26
CA GLY H 211 -35.30 -29.48 23.33
C GLY H 211 -34.79 -29.30 24.75
N GLN H 212 -33.74 -28.48 24.88
CA GLN H 212 -33.16 -28.21 26.18
C GLN H 212 -34.17 -27.55 27.11
N ALA H 213 -35.03 -26.69 26.57
CA ALA H 213 -36.06 -26.07 27.40
C ALA H 213 -36.99 -27.11 28.00
N VAL H 214 -37.37 -28.11 27.21
CA VAL H 214 -38.24 -29.17 27.73
C VAL H 214 -37.55 -29.93 28.85
N GLN H 215 -36.26 -30.23 28.67
CA GLN H 215 -35.53 -30.93 29.73
C GLN H 215 -35.46 -30.10 31.01
N ARG H 216 -35.19 -28.81 30.87
CA ARG H 216 -35.15 -27.94 32.05
C ARG H 216 -36.53 -27.91 32.69
N ARG H 217 -37.58 -27.83 31.86
CA ARG H 217 -38.93 -27.81 32.40
C ARG H 217 -39.23 -29.08 33.18
N MET H 218 -38.88 -30.24 32.61
CA MET H 218 -39.05 -31.50 33.32
C MET H 218 -38.30 -31.56 34.64
N VAL H 219 -37.07 -31.07 34.66
CA VAL H 219 -36.32 -31.07 35.92
C VAL H 219 -37.03 -30.20 36.95
N GLU H 220 -37.46 -29.00 36.54
CA GLU H 220 -38.23 -28.16 37.44
C GLU H 220 -39.58 -28.78 37.76
N LYS H 221 -40.12 -29.59 36.86
CA LYS H 221 -41.32 -30.38 37.14
C LYS H 221 -41.06 -31.47 38.17
N ARG H 222 -39.81 -31.74 38.51
CA ARG H 222 -39.43 -32.81 39.42
C ARG H 222 -39.50 -34.18 38.76
N ALA H 223 -39.45 -34.24 37.42
CA ALA H 223 -39.58 -35.50 36.71
C ALA H 223 -38.43 -36.45 37.03
N ALA H 224 -37.25 -35.91 37.36
CA ALA H 224 -36.11 -36.77 37.64
C ALA H 224 -36.35 -37.65 38.85
N GLU H 225 -36.95 -37.07 39.90
CA GLU H 225 -37.09 -37.79 41.20
C GLU H 225 -38.13 -38.91 41.06
N TRP H 226 -39.16 -38.70 40.24
CA TRP H 226 -40.24 -39.72 40.04
C TRP H 226 -39.68 -41.00 39.41
N LEU H 227 -38.57 -40.90 38.69
CA LEU H 227 -37.95 -42.07 38.08
C LEU H 227 -37.16 -42.94 39.04
N PHE H 228 -36.78 -42.42 40.20
CA PHE H 228 -35.96 -43.20 41.13
C PHE H 228 -36.62 -44.51 41.53
N PRO H 229 -37.89 -44.54 41.94
CA PRO H 229 -38.51 -45.84 42.26
C PRO H 229 -38.50 -46.81 41.09
N LEU H 230 -38.65 -46.31 39.85
CA LEU H 230 -38.64 -47.19 38.69
C LEU H 230 -37.26 -47.81 38.49
N ALA H 231 -36.21 -46.99 38.54
CA ALA H 231 -34.86 -47.50 38.36
C ALA H 231 -34.48 -48.48 39.48
N PHE H 232 -34.85 -48.15 40.71
CA PHE H 232 -34.54 -48.99 41.86
C PHE H 232 -35.42 -50.23 41.94
N SER H 233 -36.51 -50.29 41.17
CA SER H 233 -37.36 -51.46 41.19
C SER H 233 -36.59 -52.69 40.71
N LYS H 234 -37.21 -53.86 40.88
CA LYS H 234 -36.57 -55.11 40.50
C LYS H 234 -37.51 -56.07 39.80
N GLU H 235 -38.74 -55.66 39.48
CA GLU H 235 -39.67 -56.56 38.82
C GLU H 235 -39.21 -56.92 37.41
N ASP H 236 -38.87 -55.91 36.61
CA ASP H 236 -38.40 -56.10 35.25
C ASP H 236 -37.14 -55.29 35.02
N GLU H 237 -36.18 -55.88 34.32
CA GLU H 237 -34.95 -55.17 33.99
C GLU H 237 -35.16 -54.15 32.88
N LEU H 238 -36.12 -54.38 31.99
CA LEU H 238 -36.38 -53.43 30.91
C LEU H 238 -36.83 -52.08 31.44
N LEU H 239 -37.72 -52.09 32.45
CA LEU H 239 -38.17 -50.83 33.04
C LEU H 239 -37.00 -50.08 33.66
N ARG H 240 -36.12 -50.79 34.38
CA ARG H 240 -34.96 -50.16 34.97
C ARG H 240 -34.05 -49.57 33.89
N LEU H 241 -33.85 -50.31 32.80
CA LEU H 241 -33.01 -49.80 31.72
C LEU H 241 -33.60 -48.55 31.10
N HIS H 242 -34.92 -48.53 30.88
CA HIS H 242 -35.55 -47.35 30.31
C HIS H 242 -35.43 -46.15 31.26
N ALA H 243 -35.64 -46.37 32.56
CA ALA H 243 -35.52 -45.28 33.51
C ALA H 243 -34.08 -44.75 33.54
N CYS H 244 -33.10 -45.65 33.52
CA CYS H 244 -31.70 -45.22 33.51
C CYS H 244 -31.38 -44.43 32.25
N LEU H 245 -31.88 -44.88 31.09
CA LEU H 245 -31.67 -44.13 29.86
C LEU H 245 -32.25 -42.73 29.98
N ALA H 246 -33.49 -42.63 30.46
CA ALA H 246 -34.12 -41.32 30.57
C ALA H 246 -33.35 -40.40 31.50
N VAL H 247 -32.96 -40.91 32.67
CA VAL H 247 -32.28 -40.06 33.64
C VAL H 247 -30.90 -39.66 33.13
N ALA H 248 -30.20 -40.57 32.44
CA ALA H 248 -28.89 -40.22 31.89
C ALA H 248 -29.02 -39.15 30.81
N VAL H 249 -30.00 -39.31 29.91
CA VAL H 249 -30.18 -38.31 28.86
C VAL H 249 -30.54 -36.96 29.47
N LEU H 250 -31.32 -36.97 30.55
CA LEU H 250 -31.60 -35.72 31.25
C LEU H 250 -30.32 -35.14 31.86
N ALA H 251 -29.49 -35.99 32.45
CA ALA H 251 -28.30 -35.53 33.14
C ALA H 251 -27.23 -35.00 32.20
N THR H 252 -27.26 -35.41 30.92
CA THR H 252 -26.23 -34.90 29.97
C THR H 252 -26.25 -33.37 29.98
N ASN H 253 -27.42 -32.78 30.21
CA ASN H 253 -27.58 -31.33 30.15
C ASN H 253 -26.97 -30.73 31.41
N LYS H 254 -25.89 -29.96 31.24
CA LYS H 254 -25.16 -29.46 32.39
C LYS H 254 -25.99 -28.52 33.26
N GLU H 255 -26.95 -27.82 32.66
CA GLU H 255 -27.70 -26.78 33.42
C GLU H 255 -28.34 -27.42 34.66
N VAL H 256 -28.74 -28.69 34.57
CA VAL H 256 -29.50 -29.34 35.63
C VAL H 256 -28.79 -30.60 36.10
N GLU H 257 -27.50 -30.74 35.76
CA GLU H 257 -26.79 -31.96 36.09
C GLU H 257 -26.70 -32.16 37.60
N ARG H 258 -26.44 -31.09 38.35
CA ARG H 258 -26.22 -31.23 39.78
C ARG H 258 -27.48 -31.71 40.49
N GLU H 259 -28.61 -31.03 40.25
CA GLU H 259 -29.85 -31.43 40.90
C GLU H 259 -30.29 -32.81 40.44
N VAL H 260 -30.09 -33.14 39.17
CA VAL H 260 -30.41 -34.48 38.69
C VAL H 260 -29.59 -35.52 39.43
N GLU H 261 -28.30 -35.27 39.61
CA GLU H 261 -27.45 -36.21 40.34
C GLU H 261 -27.89 -36.34 41.78
N ARG H 262 -28.30 -35.22 42.40
CA ARG H 262 -28.74 -35.28 43.80
C ARG H 262 -29.95 -36.19 43.98
N SER H 263 -30.69 -36.48 42.91
CA SER H 263 -31.81 -37.40 43.02
C SER H 263 -31.36 -38.78 43.50
N GLY H 264 -30.14 -39.19 43.13
CA GLY H 264 -29.59 -40.45 43.54
C GLY H 264 -29.77 -41.58 42.54
N THR H 265 -30.69 -41.44 41.59
CA THR H 265 -30.89 -42.50 40.61
C THR H 265 -29.74 -42.55 39.59
N LEU H 266 -29.12 -41.41 39.30
CA LEU H 266 -28.06 -41.38 38.29
C LEU H 266 -26.92 -42.30 38.69
N ALA H 267 -26.52 -42.28 39.96
CA ALA H 267 -25.43 -43.13 40.41
C ALA H 267 -25.74 -44.61 40.25
N LEU H 268 -27.02 -44.96 40.08
CA LEU H 268 -27.42 -46.34 39.88
C LEU H 268 -27.27 -46.80 38.44
N VAL H 269 -26.87 -45.92 37.53
CA VAL H 269 -26.78 -46.28 36.12
C VAL H 269 -25.62 -47.23 35.87
N GLU H 270 -24.40 -46.77 36.18
CA GLU H 270 -23.21 -47.55 35.84
C GLU H 270 -23.22 -48.95 36.44
N PRO H 271 -23.56 -49.16 37.71
CA PRO H 271 -23.58 -50.53 38.24
C PRO H 271 -24.54 -51.44 37.50
N LEU H 272 -25.64 -50.91 36.96
CA LEU H 272 -26.64 -51.75 36.32
C LEU H 272 -26.10 -52.36 35.02
N VAL H 273 -25.49 -51.54 34.17
CA VAL H 273 -25.10 -52.00 32.85
C VAL H 273 -24.00 -53.06 32.96
N ALA H 274 -23.09 -52.90 33.93
CA ALA H 274 -21.96 -53.81 34.04
C ALA H 274 -22.38 -55.24 34.36
N SER H 275 -23.61 -55.44 34.84
CA SER H 275 -24.09 -56.75 35.20
C SER H 275 -24.94 -57.41 34.13
N LEU H 276 -25.76 -56.64 33.41
CA LEU H 276 -26.64 -57.21 32.40
C LEU H 276 -25.84 -57.61 31.16
N ASP H 277 -26.38 -58.58 30.42
CA ASP H 277 -25.75 -59.07 29.21
C ASP H 277 -26.49 -58.53 28.00
N PRO H 278 -25.84 -57.80 27.08
CA PRO H 278 -26.58 -57.30 25.91
C PRO H 278 -27.26 -58.39 25.11
N GLY H 279 -26.65 -59.57 25.02
CA GLY H 279 -27.28 -60.65 24.27
C GLY H 279 -28.61 -61.07 24.84
N ARG H 280 -28.68 -61.26 26.16
CA ARG H 280 -29.96 -61.59 26.78
C ARG H 280 -30.94 -60.43 26.66
N PHE H 281 -30.47 -59.20 26.85
CA PHE H 281 -31.33 -58.05 26.62
C PHE H 281 -31.71 -57.95 25.14
N ALA H 282 -30.78 -58.25 24.25
CA ALA H 282 -31.09 -58.30 22.82
C ALA H 282 -32.00 -59.48 22.50
N ARG H 283 -31.85 -60.59 23.23
CA ARG H 283 -32.72 -61.78 23.02
C ARG H 283 -34.15 -61.40 23.37
N CYS H 284 -34.33 -60.66 24.47
CA CYS H 284 -35.58 -59.98 24.73
C CYS H 284 -35.75 -58.84 23.73
N LEU H 285 -36.94 -58.24 23.74
CA LEU H 285 -37.32 -57.20 22.77
C LEU H 285 -37.58 -57.82 21.41
N VAL H 286 -37.32 -59.12 21.26
CA VAL H 286 -37.65 -59.84 20.04
C VAL H 286 -38.77 -60.84 20.26
N ASP H 287 -38.83 -61.50 21.42
CA ASP H 287 -40.00 -62.28 21.78
C ASP H 287 -41.22 -61.41 22.05
N ALA H 288 -41.01 -60.11 22.29
CA ALA H 288 -42.10 -59.18 22.52
C ALA H 288 -42.56 -58.58 21.20
N SER H 289 -43.87 -58.39 21.09
CA SER H 289 -44.45 -57.86 19.85
C SER H 289 -44.20 -56.36 19.71
N ASP H 290 -44.23 -55.63 20.82
CA ASP H 290 -44.13 -54.18 20.77
C ASP H 290 -42.77 -53.71 20.26
N THR H 291 -41.78 -54.61 20.27
CA THR H 291 -40.46 -54.28 19.77
C THR H 291 -39.83 -55.38 18.93
N SER H 292 -40.62 -56.30 18.38
CA SER H 292 -40.09 -57.46 17.68
C SER H 292 -39.08 -57.07 16.61
N GLN H 293 -39.23 -55.88 16.04
CA GLN H 293 -38.38 -55.48 14.87
C GLN H 293 -37.20 -54.62 15.32
N GLY H 294 -37.23 -54.11 16.54
CA GLY H 294 -36.10 -53.35 17.04
C GLY H 294 -36.31 -51.86 17.00
N ARG H 295 -35.21 -51.15 16.74
CA ARG H 295 -35.17 -49.69 16.73
C ARG H 295 -34.84 -49.20 15.33
N GLY H 296 -35.49 -48.11 14.92
CA GLY H 296 -35.39 -47.63 13.55
C GLY H 296 -34.15 -46.83 13.28
N PRO H 297 -33.93 -46.46 12.01
CA PRO H 297 -32.74 -45.69 11.65
C PRO H 297 -32.66 -44.31 12.27
N ASP H 298 -33.79 -43.70 12.65
CA ASP H 298 -33.79 -42.38 13.23
C ASP H 298 -33.83 -42.40 14.75
N ASP H 299 -34.23 -43.54 15.33
CA ASP H 299 -34.25 -43.67 16.81
C ASP H 299 -32.84 -44.10 17.27
N LEU H 300 -32.00 -44.56 16.35
CA LEU H 300 -30.60 -44.92 16.68
C LEU H 300 -29.73 -43.68 16.54
N GLN H 301 -30.00 -42.84 15.53
CA GLN H 301 -29.26 -41.58 15.36
C GLN H 301 -29.37 -40.77 16.63
N ARG H 302 -30.43 -40.93 17.41
CA ARG H 302 -30.59 -40.08 18.61
C ARG H 302 -29.76 -40.66 19.75
N LEU H 303 -29.54 -41.97 19.76
CA LEU H 303 -28.69 -42.57 20.78
C LEU H 303 -27.21 -42.31 20.52
N VAL H 304 -26.80 -42.28 19.26
CA VAL H 304 -25.37 -42.13 18.95
C VAL H 304 -24.73 -40.92 19.63
N PRO H 305 -25.37 -39.75 19.70
CA PRO H 305 -24.74 -38.61 20.40
C PRO H 305 -24.43 -38.88 21.86
N LEU H 306 -24.99 -39.94 22.46
CA LEU H 306 -24.70 -40.21 23.87
C LEU H 306 -23.26 -40.67 24.06
N LEU H 307 -22.67 -41.32 23.04
CA LEU H 307 -21.28 -41.74 23.15
C LEU H 307 -20.33 -40.55 23.22
N ASP H 308 -20.80 -39.35 22.91
CA ASP H 308 -20.01 -38.13 22.97
C ASP H 308 -20.49 -37.18 24.06
N SER H 309 -21.10 -37.72 25.11
CA SER H 309 -21.83 -36.89 26.07
C SER H 309 -20.93 -36.31 27.16
N ASN H 310 -19.68 -36.76 27.27
CA ASN H 310 -18.74 -36.35 28.30
C ASN H 310 -19.16 -36.82 29.69
N ARG H 311 -20.28 -37.53 29.82
CA ARG H 311 -20.75 -38.07 31.09
C ARG H 311 -20.60 -39.59 31.06
N LEU H 312 -19.98 -40.14 32.10
CA LEU H 312 -19.64 -41.56 32.08
C LEU H 312 -20.90 -42.42 31.98
N GLU H 313 -21.92 -42.11 32.76
CA GLU H 313 -23.15 -42.90 32.73
C GLU H 313 -23.81 -42.83 31.37
N ALA H 314 -23.85 -41.64 30.76
CA ALA H 314 -24.45 -41.49 29.45
C ALA H 314 -23.75 -42.37 28.43
N GLN H 315 -22.42 -42.33 28.41
CA GLN H 315 -21.67 -43.15 27.46
C GLN H 315 -21.89 -44.63 27.72
N CYS H 316 -21.90 -45.04 28.98
CA CYS H 316 -22.11 -46.45 29.30
C CYS H 316 -23.46 -46.94 28.80
N ILE H 317 -24.53 -46.19 29.10
CA ILE H 317 -25.86 -46.63 28.71
C ILE H 317 -26.01 -46.58 27.19
N GLY H 318 -25.44 -45.56 26.54
CA GLY H 318 -25.49 -45.50 25.09
C GLY H 318 -24.78 -46.68 24.45
N ALA H 319 -23.61 -47.04 24.97
CA ALA H 319 -22.89 -48.19 24.43
C ALA H 319 -23.68 -49.48 24.64
N PHE H 320 -24.31 -49.62 25.81
CA PHE H 320 -25.12 -50.82 26.06
C PHE H 320 -26.28 -50.92 25.06
N TYR H 321 -27.00 -49.81 24.87
CA TYR H 321 -28.13 -49.83 23.95
C TYR H 321 -27.67 -50.10 22.52
N LEU H 322 -26.57 -49.46 22.11
CA LEU H 322 -26.07 -49.69 20.75
C LEU H 322 -25.63 -51.14 20.57
N CYS H 323 -25.03 -51.74 21.61
CA CYS H 323 -24.65 -53.14 21.52
C CYS H 323 -25.88 -54.04 21.36
N ALA H 324 -26.93 -53.77 22.13
CA ALA H 324 -28.14 -54.58 22.00
C ALA H 324 -28.75 -54.42 20.61
N GLU H 325 -28.85 -53.19 20.12
CA GLU H 325 -29.41 -52.96 18.80
C GLU H 325 -28.56 -53.58 17.70
N ALA H 326 -27.24 -53.56 17.87
CA ALA H 326 -26.35 -54.25 16.92
C ALA H 326 -26.62 -55.74 16.93
N ALA H 327 -26.80 -56.32 18.13
CA ALA H 327 -27.10 -57.74 18.21
C ALA H 327 -28.40 -58.07 17.47
N ILE H 328 -29.40 -57.20 17.60
CA ILE H 328 -30.66 -57.42 16.89
C ILE H 328 -30.45 -57.31 15.38
N LYS H 329 -29.80 -56.23 14.93
CA LYS H 329 -29.76 -55.93 13.51
C LYS H 329 -28.83 -56.87 12.76
N SER H 330 -27.75 -57.33 13.40
CA SER H 330 -26.88 -58.31 12.76
C SER H 330 -27.65 -59.59 12.47
N LEU H 331 -28.50 -60.02 13.40
CA LEU H 331 -29.40 -61.13 13.11
C LEU H 331 -30.35 -60.78 11.98
N GLN H 332 -30.88 -59.55 11.98
CA GLN H 332 -31.71 -59.10 10.87
C GLN H 332 -30.92 -58.87 9.59
N GLY H 333 -29.60 -58.85 9.65
CA GLY H 333 -28.79 -58.64 8.47
C GLY H 333 -28.97 -57.25 7.87
N LYS H 334 -28.92 -56.22 8.73
CA LYS H 334 -29.13 -54.84 8.28
C LYS H 334 -28.11 -53.91 8.95
N THR H 335 -26.89 -54.39 9.17
CA THR H 335 -25.90 -53.64 9.93
C THR H 335 -25.48 -52.38 9.18
N LYS H 336 -25.80 -52.25 7.90
CA LYS H 336 -25.33 -51.06 7.13
C LYS H 336 -25.81 -49.79 7.83
N VAL H 337 -26.98 -49.83 8.47
CA VAL H 337 -27.55 -48.61 9.11
C VAL H 337 -26.50 -48.00 10.03
N PHE H 338 -25.74 -48.82 10.76
CA PHE H 338 -24.79 -48.28 11.73
C PHE H 338 -23.71 -47.44 11.07
N SER H 339 -23.38 -47.72 9.81
CA SER H 339 -22.42 -46.89 9.10
C SER H 339 -23.04 -45.55 8.69
N ASP H 340 -24.30 -45.57 8.27
CA ASP H 340 -24.98 -44.35 7.85
C ASP H 340 -25.24 -43.40 9.00
N ILE H 341 -25.14 -43.87 10.25
CA ILE H 341 -25.46 -43.05 11.40
C ILE H 341 -24.23 -42.41 12.03
N GLY H 342 -23.03 -42.92 11.75
CA GLY H 342 -21.84 -42.47 12.43
C GLY H 342 -21.56 -43.19 13.73
N ALA H 343 -22.18 -44.35 13.96
CA ALA H 343 -21.99 -45.08 15.20
C ALA H 343 -20.64 -45.81 15.25
N ILE H 344 -20.17 -46.31 14.10
CA ILE H 344 -18.91 -47.05 14.10
C ILE H 344 -17.75 -46.13 14.41
N GLN H 345 -17.74 -44.92 13.83
CA GLN H 345 -16.68 -43.97 14.13
C GLN H 345 -16.65 -43.64 15.62
N SER H 346 -17.82 -43.38 16.20
CA SER H 346 -17.89 -43.04 17.62
C SER H 346 -17.44 -44.22 18.48
N LEU H 347 -17.84 -45.44 18.13
CA LEU H 347 -17.42 -46.60 18.90
C LEU H 347 -15.92 -46.78 18.85
N LYS H 348 -15.31 -46.63 17.67
CA LYS H 348 -13.86 -46.76 17.57
C LYS H 348 -13.14 -45.68 18.36
N ARG H 349 -13.63 -44.44 18.28
CA ARG H 349 -13.03 -43.36 19.05
C ARG H 349 -13.14 -43.63 20.54
N LEU H 350 -14.31 -44.13 20.97
CA LEU H 350 -14.50 -44.45 22.38
C LEU H 350 -13.55 -45.56 22.83
N VAL H 351 -13.32 -46.56 21.97
CA VAL H 351 -12.41 -47.63 22.33
C VAL H 351 -10.97 -47.11 22.41
N SER H 352 -10.61 -46.20 21.52
CA SER H 352 -9.23 -45.72 21.47
C SER H 352 -8.90 -44.83 22.68
N TYR H 353 -9.78 -43.87 22.98
CA TYR H 353 -9.48 -42.80 23.93
C TYR H 353 -10.29 -42.91 25.22
N SER H 354 -10.44 -44.12 25.74
CA SER H 354 -11.18 -44.34 26.98
C SER H 354 -10.32 -45.13 27.97
N THR H 355 -10.57 -44.88 29.25
CA THR H 355 -9.89 -45.57 30.34
C THR H 355 -10.81 -46.44 31.18
N ASN H 356 -12.12 -46.24 31.11
CA ASN H 356 -13.05 -47.06 31.87
C ASN H 356 -13.11 -48.47 31.30
N GLY H 357 -13.63 -49.40 32.10
CA GLY H 357 -13.67 -50.79 31.71
C GLY H 357 -14.99 -51.25 31.12
N THR H 358 -16.11 -50.90 31.75
CA THR H 358 -17.40 -51.39 31.29
C THR H 358 -17.75 -50.83 29.91
N LYS H 359 -17.59 -49.52 29.72
CA LYS H 359 -17.94 -48.93 28.43
C LYS H 359 -16.98 -49.38 27.34
N SER H 360 -15.70 -49.54 27.66
CA SER H 360 -14.75 -50.05 26.68
C SER H 360 -15.12 -51.47 26.27
N ALA H 361 -15.47 -52.33 27.23
CA ALA H 361 -15.87 -53.69 26.90
C ALA H 361 -17.13 -53.70 26.05
N LEU H 362 -18.12 -52.87 26.39
CA LEU H 362 -19.34 -52.81 25.61
C LEU H 362 -19.05 -52.36 24.18
N ALA H 363 -18.23 -51.32 24.03
CA ALA H 363 -17.90 -50.83 22.69
C ALA H 363 -17.16 -51.88 21.89
N LYS H 364 -16.21 -52.59 22.52
CA LYS H 364 -15.47 -53.61 21.79
C LYS H 364 -16.39 -54.74 21.35
N ARG H 365 -17.29 -55.19 22.22
CA ARG H 365 -18.22 -56.23 21.82
C ARG H 365 -19.14 -55.76 20.71
N ALA H 366 -19.62 -54.52 20.78
CA ALA H 366 -20.48 -53.99 19.73
C ALA H 366 -19.73 -53.93 18.40
N LEU H 367 -18.47 -53.50 18.42
CA LEU H 367 -17.69 -53.47 17.19
C LEU H 367 -17.50 -54.87 16.62
N ARG H 368 -17.22 -55.84 17.49
CA ARG H 368 -17.04 -57.20 17.00
C ARG H 368 -18.32 -57.79 16.43
N LEU H 369 -19.48 -57.41 16.99
CA LEU H 369 -20.75 -57.87 16.42
C LEU H 369 -20.92 -57.39 14.99
N LEU H 370 -20.55 -56.13 14.73
CA LEU H 370 -20.64 -55.57 13.39
C LEU H 370 -19.58 -56.12 12.44
N GLY H 371 -18.70 -57.01 12.91
CA GLY H 371 -17.63 -57.50 12.06
C GLY H 371 -16.65 -56.39 11.77
N GLU H 372 -16.40 -55.50 12.72
CA GLU H 372 -15.49 -54.34 12.44
C GLU H 372 -14.23 -54.50 13.30
N GLU H 373 -13.18 -53.72 13.04
CA GLU H 373 -11.91 -53.93 13.79
C GLU H 373 -11.99 -53.25 15.15
N VAL H 374 -11.10 -53.60 16.07
CA VAL H 374 -11.06 -52.96 17.38
C VAL H 374 -9.73 -52.23 17.52
N PRO H 375 -9.69 -50.90 17.52
CA PRO H 375 -8.41 -50.20 17.61
C PRO H 375 -7.73 -50.51 18.94
N ARG H 376 -6.40 -50.56 18.91
CA ARG H 376 -5.66 -50.67 20.14
C ARG H 376 -5.65 -49.33 20.86
N PRO H 377 -5.63 -49.32 22.19
CA PRO H 377 -5.64 -48.04 22.92
C PRO H 377 -4.42 -47.19 22.61
N ILE H 378 -4.64 -45.88 22.53
CA ILE H 378 -3.58 -44.92 22.27
C ILE H 378 -3.23 -44.25 23.59
N LEU H 379 -2.00 -44.44 24.06
CA LEU H 379 -1.59 -43.85 25.32
C LEU H 379 -1.65 -42.33 25.21
N PRO H 380 -2.28 -41.64 26.16
CA PRO H 380 -2.66 -40.24 25.91
C PRO H 380 -1.56 -39.22 26.12
N SER H 381 -0.46 -39.58 26.77
CA SER H 381 0.58 -38.59 27.06
C SER H 381 1.34 -38.22 25.80
N VAL H 382 0.70 -37.47 24.90
CA VAL H 382 1.34 -37.13 23.64
C VAL H 382 2.62 -36.31 23.85
N PRO H 383 2.64 -35.29 24.70
CA PRO H 383 3.84 -34.44 24.81
C PRO H 383 5.11 -35.22 25.11
N SER H 384 4.96 -36.40 25.73
CA SER H 384 6.11 -37.22 26.12
C SER H 384 6.37 -38.36 25.15
N TRP H 385 5.94 -38.21 23.89
CA TRP H 385 6.11 -39.28 22.91
C TRP H 385 7.50 -39.22 22.28
N LYS H 386 8.04 -40.41 22.02
CA LYS H 386 9.26 -40.56 21.26
C LYS H 386 8.91 -41.00 19.84
N GLU H 387 9.92 -41.34 19.05
CA GLU H 387 9.68 -41.68 17.65
C GLU H 387 8.80 -42.92 17.52
N ALA H 388 9.03 -43.93 18.37
CA ALA H 388 8.29 -45.18 18.23
C ALA H 388 6.78 -44.94 18.39
N GLU H 389 6.39 -44.12 19.35
CA GLU H 389 4.98 -43.82 19.54
C GLU H 389 4.39 -43.14 18.32
N VAL H 390 5.15 -42.21 17.72
CA VAL H 390 4.65 -41.52 16.54
C VAL H 390 4.50 -42.49 15.38
N GLN H 391 5.45 -43.40 15.21
CA GLN H 391 5.31 -44.40 14.14
C GLN H 391 4.08 -45.26 14.37
N THR H 392 3.85 -45.69 15.60
CA THR H 392 2.68 -46.51 15.88
C THR H 392 1.40 -45.74 15.58
N TRP H 393 1.32 -44.48 15.99
CA TRP H 393 0.13 -43.68 15.72
C TRP H 393 -0.07 -43.48 14.23
N LEU H 394 1.00 -43.23 13.49
CA LEU H 394 0.89 -43.06 12.05
C LEU H 394 0.36 -44.33 11.40
N GLN H 395 0.86 -45.50 11.84
CA GLN H 395 0.35 -46.75 11.29
C GLN H 395 -1.11 -46.98 11.67
N GLN H 396 -1.53 -46.48 12.82
CA GLN H 396 -2.93 -46.66 13.24
C GLN H 396 -3.87 -45.86 12.35
N ILE H 397 -3.57 -44.57 12.14
CA ILE H 397 -4.49 -43.68 11.43
C ILE H 397 -4.50 -43.91 9.93
N GLY H 398 -3.60 -44.74 9.41
CA GLY H 398 -3.58 -45.04 8.00
C GLY H 398 -2.63 -44.22 7.16
N PHE H 399 -1.62 -43.59 7.77
CA PHE H 399 -0.62 -42.81 7.06
C PHE H 399 0.73 -43.52 7.09
N SER H 400 0.72 -44.85 6.95
CA SER H 400 1.95 -45.62 6.98
C SER H 400 2.85 -45.35 5.79
N LYS H 401 2.35 -44.66 4.76
CA LYS H 401 3.21 -44.29 3.64
C LYS H 401 4.20 -43.20 4.00
N TYR H 402 3.93 -42.44 5.06
CA TYR H 402 4.79 -41.33 5.47
C TYR H 402 5.59 -41.67 6.72
N CYS H 403 5.69 -42.94 7.08
CA CYS H 403 6.47 -43.33 8.25
C CYS H 403 7.95 -43.01 8.04
N GLU H 404 8.47 -43.31 6.84
CA GLU H 404 9.89 -43.08 6.58
C GLU H 404 10.24 -41.61 6.68
N SER H 405 9.41 -40.73 6.10
CA SER H 405 9.69 -39.30 6.15
C SER H 405 9.64 -38.78 7.58
N PHE H 406 8.66 -39.22 8.37
CA PHE H 406 8.57 -38.77 9.75
C PHE H 406 9.77 -39.27 10.56
N ARG H 407 10.19 -40.52 10.34
CA ARG H 407 11.32 -41.07 11.08
C ARG H 407 12.62 -40.35 10.71
N GLU H 408 12.80 -40.03 9.43
CA GLU H 408 14.02 -39.37 8.99
C GLU H 408 14.16 -38.01 9.66
N GLN H 409 13.08 -37.25 9.74
CA GLN H 409 13.10 -35.93 10.36
C GLN H 409 12.99 -35.99 11.88
N GLN H 410 12.83 -37.17 12.46
CA GLN H 410 12.80 -37.34 13.91
C GLN H 410 11.68 -36.52 14.54
N VAL H 411 10.47 -36.67 14.01
CA VAL H 411 9.30 -36.01 14.57
C VAL H 411 8.85 -36.79 15.80
N ASP H 412 8.71 -36.09 16.93
CA ASP H 412 8.23 -36.68 18.16
C ASP H 412 7.02 -35.89 18.66
N GLY H 413 6.56 -36.19 19.88
CA GLY H 413 5.33 -35.57 20.36
C GLY H 413 5.42 -34.06 20.37
N ASP H 414 6.55 -33.52 20.82
CA ASP H 414 6.70 -32.06 20.86
C ASP H 414 6.64 -31.46 19.46
N LEU H 415 7.33 -32.08 18.50
CA LEU H 415 7.28 -31.60 17.13
C LEU H 415 5.99 -31.97 16.42
N LEU H 416 5.32 -33.03 16.86
CA LEU H 416 4.05 -33.41 16.25
C LEU H 416 2.94 -32.45 16.63
N LEU H 417 2.87 -32.06 17.91
CA LEU H 417 1.82 -31.15 18.36
C LEU H 417 1.99 -29.73 17.86
N ARG H 418 3.08 -29.43 17.15
CA ARG H 418 3.32 -28.08 16.64
C ARG H 418 3.53 -28.08 15.12
N LEU H 419 3.07 -29.12 14.43
CA LEU H 419 3.30 -29.23 13.00
C LEU H 419 2.37 -28.28 12.24
N THR H 420 2.84 -27.79 11.10
CA THR H 420 2.15 -26.79 10.30
C THR H 420 1.94 -27.26 8.87
N GLU H 421 1.31 -26.41 8.05
CA GLU H 421 1.05 -26.75 6.64
C GLU H 421 2.35 -26.77 5.85
N GLU H 422 3.20 -25.74 6.03
CA GLU H 422 4.46 -25.62 5.26
C GLU H 422 5.40 -26.80 5.60
N GLU H 423 5.51 -27.15 6.87
CA GLU H 423 6.41 -28.24 7.26
C GLU H 423 5.90 -29.58 6.74
N LEU H 424 4.57 -29.76 6.73
CA LEU H 424 3.99 -30.95 6.12
C LEU H 424 4.28 -31.01 4.63
N GLN H 425 4.20 -29.87 3.96
CA GLN H 425 4.35 -29.83 2.50
C GLN H 425 5.80 -29.99 2.08
N THR H 426 6.67 -29.10 2.56
CA THR H 426 8.04 -29.05 2.06
C THR H 426 8.92 -30.12 2.70
N ASP H 427 8.86 -30.25 4.02
CA ASP H 427 9.82 -31.07 4.75
C ASP H 427 9.40 -32.54 4.83
N LEU H 428 8.11 -32.81 5.07
CA LEU H 428 7.64 -34.18 5.18
C LEU H 428 7.14 -34.74 3.86
N GLY H 429 6.57 -33.89 2.99
CA GLY H 429 6.26 -34.29 1.64
C GLY H 429 4.80 -34.60 1.36
N MET H 430 3.86 -33.90 1.96
CA MET H 430 2.43 -34.08 1.69
C MET H 430 2.03 -33.02 0.67
N LYS H 431 2.30 -33.29 -0.60
CA LYS H 431 2.02 -32.33 -1.64
C LYS H 431 0.53 -32.05 -1.84
N SER H 432 -0.28 -33.12 -1.83
CA SER H 432 -1.73 -32.97 -2.09
C SER H 432 -2.42 -32.29 -0.89
N GLY H 433 -3.12 -31.18 -1.13
CA GLY H 433 -3.80 -30.47 -0.07
C GLY H 433 -4.89 -31.27 0.63
N ILE H 434 -5.53 -32.19 -0.09
CA ILE H 434 -6.56 -33.02 0.51
C ILE H 434 -5.96 -33.99 1.52
N THR H 435 -4.80 -34.56 1.19
CA THR H 435 -4.13 -35.44 2.14
C THR H 435 -3.71 -34.68 3.40
N ARG H 436 -3.23 -33.45 3.24
CA ARG H 436 -2.90 -32.65 4.41
C ARG H 436 -4.11 -32.32 5.27
N LYS H 437 -5.25 -32.05 4.64
CA LYS H 437 -6.48 -31.82 5.40
C LYS H 437 -6.91 -33.08 6.17
N ARG H 438 -6.73 -34.25 5.56
CA ARG H 438 -7.02 -35.50 6.26
C ARG H 438 -6.08 -35.64 7.45
N PHE H 439 -4.80 -35.37 7.25
CA PHE H 439 -3.84 -35.51 8.34
C PHE H 439 -4.18 -34.57 9.48
N PHE H 440 -4.53 -33.32 9.16
CA PHE H 440 -4.90 -32.38 10.21
C PHE H 440 -6.22 -32.79 10.86
N ARG H 441 -7.11 -33.43 10.11
CA ARG H 441 -8.34 -33.96 10.71
C ARG H 441 -8.01 -35.02 11.76
N GLU H 442 -7.03 -35.87 11.48
CA GLU H 442 -6.60 -36.86 12.47
C GLU H 442 -5.91 -36.20 13.66
N LEU H 443 -5.03 -35.24 13.38
CA LEU H 443 -4.24 -34.62 14.43
C LEU H 443 -5.10 -33.79 15.37
N THR H 444 -6.17 -33.16 14.86
CA THR H 444 -7.06 -32.41 15.73
C THR H 444 -7.76 -33.33 16.73
N GLU H 445 -8.14 -34.52 16.30
CA GLU H 445 -8.78 -35.51 17.21
C GLU H 445 -7.77 -35.99 18.24
N LEU H 446 -6.54 -36.24 17.82
CA LEU H 446 -5.50 -36.60 18.79
C LEU H 446 -5.28 -35.47 19.79
N LYS H 447 -5.28 -34.23 19.32
CA LYS H 447 -5.07 -33.08 20.19
C LYS H 447 -6.19 -32.93 21.21
N THR H 448 -7.44 -33.07 20.76
CA THR H 448 -8.57 -32.92 21.68
C THR H 448 -8.55 -34.00 22.74
N PHE H 449 -8.16 -35.23 22.38
CA PHE H 449 -8.22 -36.35 23.30
C PHE H 449 -6.86 -36.70 23.91
N ALA H 450 -5.93 -35.76 23.95
CA ALA H 450 -4.62 -35.98 24.55
C ALA H 450 -4.63 -35.59 26.02
N ASN H 451 -3.55 -35.95 26.72
CA ASN H 451 -3.39 -35.68 28.15
C ASN H 451 -2.19 -34.76 28.33
N TYR H 452 -2.44 -33.50 28.70
CA TYR H 452 -1.40 -32.50 28.83
C TYR H 452 -0.97 -32.28 30.27
N SER H 453 -1.05 -33.32 31.11
CA SER H 453 -0.74 -33.15 32.52
C SER H 453 0.72 -32.79 32.74
N THR H 454 1.61 -33.28 31.87
CA THR H 454 3.03 -33.00 32.00
C THR H 454 3.39 -31.57 31.60
N CYS H 455 2.46 -30.86 30.98
CA CYS H 455 2.77 -29.51 30.46
C CYS H 455 2.12 -28.45 31.36
N ASP H 456 0.80 -28.50 31.50
CA ASP H 456 0.04 -27.38 32.10
C ASP H 456 -0.09 -27.54 33.62
N ARG H 457 0.60 -26.71 34.39
CA ARG H 457 0.42 -26.84 35.85
C ARG H 457 -0.72 -25.93 36.33
N SER H 458 -1.23 -25.06 35.45
CA SER H 458 -2.38 -24.19 35.79
C SER H 458 -3.69 -24.87 35.36
N ASN H 459 -3.62 -26.14 34.95
CA ASN H 459 -4.80 -26.87 34.51
C ASN H 459 -5.64 -26.07 33.51
N LEU H 460 -4.97 -25.60 32.46
CA LEU H 460 -5.62 -24.78 31.45
C LEU H 460 -6.46 -25.59 30.47
N ALA H 461 -6.25 -26.90 30.41
CA ALA H 461 -7.03 -27.73 29.49
C ALA H 461 -8.49 -27.74 29.86
N ASP H 462 -8.80 -27.84 31.15
CA ASP H 462 -10.19 -27.92 31.59
C ASP H 462 -10.92 -26.61 31.33
N TRP H 463 -10.24 -25.47 31.50
CA TRP H 463 -10.89 -24.20 31.20
C TRP H 463 -11.28 -24.11 29.74
N LEU H 464 -10.37 -24.52 28.85
CA LEU H 464 -10.69 -24.51 27.42
C LEU H 464 -11.83 -25.48 27.11
N GLY H 465 -11.80 -26.67 27.70
CA GLY H 465 -12.86 -27.63 27.46
C GLY H 465 -14.21 -27.21 28.01
N SER H 466 -14.23 -26.33 29.02
CA SER H 466 -15.49 -25.86 29.57
C SER H 466 -16.27 -25.04 28.55
N LEU H 467 -15.60 -24.14 27.84
CA LEU H 467 -16.28 -23.33 26.83
C LEU H 467 -16.91 -24.21 25.75
N ASP H 468 -16.10 -25.09 25.17
CA ASP H 468 -16.52 -26.00 24.12
C ASP H 468 -15.48 -27.11 24.05
N PRO H 469 -15.86 -28.39 24.13
CA PRO H 469 -14.83 -29.44 24.18
C PRO H 469 -13.85 -29.37 23.01
N ARG H 470 -14.32 -28.94 21.85
CA ARG H 470 -13.46 -28.88 20.64
C ARG H 470 -12.39 -27.78 20.77
N PHE H 471 -12.32 -27.13 21.93
CA PHE H 471 -11.29 -26.07 22.15
C PHE H 471 -10.12 -26.65 22.95
N ARG H 472 -10.24 -27.90 23.41
CA ARG H 472 -9.18 -28.51 24.25
C ARG H 472 -7.95 -28.75 23.40
N GLN H 473 -8.08 -28.71 22.07
CA GLN H 473 -6.95 -28.93 21.14
C GLN H 473 -5.92 -27.81 21.27
N TYR H 474 -6.36 -26.62 21.64
CA TYR H 474 -5.44 -25.45 21.70
C TYR H 474 -4.63 -25.45 23.00
N THR H 475 -4.82 -26.42 23.90
CA THR H 475 -4.06 -26.35 25.15
C THR H 475 -2.57 -26.18 24.89
N TYR H 476 -1.96 -27.15 24.22
CA TYR H 476 -0.52 -27.10 23.99
C TYR H 476 -0.13 -25.84 23.21
N GLY H 477 -1.03 -25.28 22.41
CA GLY H 477 -0.72 -24.03 21.75
C GLY H 477 -0.51 -22.90 22.73
N LEU H 478 -1.42 -22.77 23.70
CA LEU H 478 -1.30 -21.71 24.69
C LEU H 478 -0.16 -21.98 25.66
N VAL H 479 -0.08 -23.21 26.17
CA VAL H 479 0.84 -23.52 27.26
C VAL H 479 2.27 -23.29 26.83
N SER H 480 2.62 -23.71 25.62
CA SER H 480 3.99 -23.55 25.15
C SER H 480 4.39 -22.09 25.01
N CYS H 481 3.42 -21.16 25.02
CA CYS H 481 3.70 -19.73 24.99
C CYS H 481 3.74 -19.11 26.38
N GLY H 482 3.57 -19.91 27.43
CA GLY H 482 3.64 -19.42 28.79
C GLY H 482 2.34 -18.92 29.37
N LEU H 483 1.26 -18.90 28.59
CA LEU H 483 -0.01 -18.40 29.08
C LEU H 483 -0.57 -19.30 30.18
N ASP H 484 -1.30 -18.68 31.11
CA ASP H 484 -1.92 -19.39 32.21
C ASP H 484 -3.28 -18.75 32.48
N ARG H 485 -4.02 -19.32 33.44
CA ARG H 485 -5.32 -18.75 33.78
C ARG H 485 -5.18 -17.34 34.33
N SER H 486 -4.03 -16.99 34.86
CA SER H 486 -3.81 -15.68 35.46
C SER H 486 -3.27 -14.65 34.46
N LEU H 487 -2.99 -15.06 33.22
CA LEU H 487 -2.47 -14.15 32.21
C LEU H 487 -3.35 -14.06 30.98
N LEU H 488 -4.49 -14.76 30.96
CA LEU H 488 -5.30 -14.82 29.74
C LEU H 488 -6.02 -13.50 29.49
N HIS H 489 -6.45 -12.82 30.55
CA HIS H 489 -7.27 -11.63 30.37
C HIS H 489 -6.54 -10.49 29.66
N ARG H 490 -5.20 -10.54 29.60
CA ARG H 490 -4.41 -9.50 28.97
C ARG H 490 -3.98 -9.84 27.56
N VAL H 491 -4.42 -10.97 27.01
CA VAL H 491 -3.99 -11.40 25.68
C VAL H 491 -4.81 -10.67 24.62
N SER H 492 -4.34 -10.70 23.38
CA SER H 492 -4.98 -10.01 22.27
C SER H 492 -5.16 -10.98 21.11
N GLU H 493 -6.00 -10.57 20.15
CA GLU H 493 -6.32 -11.45 19.02
C GLU H 493 -5.11 -11.75 18.14
N GLN H 494 -4.23 -10.76 17.96
CA GLN H 494 -3.03 -10.96 17.11
C GLN H 494 -2.09 -11.94 17.80
N GLN H 495 -2.02 -11.93 19.14
CA GLN H 495 -1.19 -12.88 19.86
C GLN H 495 -1.78 -14.28 19.73
N LEU H 496 -3.10 -14.39 19.82
CA LEU H 496 -3.73 -15.71 19.66
C LEU H 496 -3.60 -16.23 18.24
N LEU H 497 -3.49 -15.33 17.27
CA LEU H 497 -3.36 -15.76 15.88
C LEU H 497 -1.92 -16.17 15.55
N GLU H 498 -0.98 -15.25 15.74
CA GLU H 498 0.40 -15.49 15.33
C GLU H 498 1.12 -16.46 16.25
N ASP H 499 0.95 -16.32 17.56
CA ASP H 499 1.74 -17.09 18.51
C ASP H 499 1.06 -18.40 18.91
N CYS H 500 -0.18 -18.34 19.35
CA CYS H 500 -0.89 -19.55 19.78
C CYS H 500 -1.46 -20.35 18.62
N GLY H 501 -1.44 -19.82 17.40
CA GLY H 501 -1.85 -20.57 16.23
C GLY H 501 -3.31 -20.97 16.23
N ILE H 502 -4.20 -20.02 16.49
CA ILE H 502 -5.64 -20.24 16.42
C ILE H 502 -6.11 -19.62 15.11
N HIS H 503 -6.36 -20.47 14.10
CA HIS H 503 -6.61 -19.97 12.76
C HIS H 503 -8.03 -19.45 12.59
N LEU H 504 -9.04 -20.16 13.10
CA LEU H 504 -10.42 -19.77 12.90
C LEU H 504 -10.76 -18.54 13.73
N GLY H 505 -11.37 -17.54 13.09
CA GLY H 505 -11.74 -16.33 13.79
C GLY H 505 -12.81 -16.54 14.83
N VAL H 506 -13.74 -17.47 14.58
CA VAL H 506 -14.82 -17.71 15.54
C VAL H 506 -14.25 -18.18 16.87
N HIS H 507 -13.32 -19.13 16.82
CA HIS H 507 -12.72 -19.64 18.06
C HIS H 507 -11.90 -18.57 18.75
N ARG H 508 -11.16 -17.76 18.00
CA ARG H 508 -10.40 -16.67 18.61
C ARG H 508 -11.33 -15.71 19.34
N ALA H 509 -12.42 -15.32 18.69
CA ALA H 509 -13.37 -14.40 19.31
C ALA H 509 -14.00 -14.99 20.55
N ARG H 510 -14.40 -16.27 20.49
CA ARG H 510 -15.01 -16.90 21.65
C ARG H 510 -14.02 -16.97 22.81
N ILE H 511 -12.78 -17.35 22.54
CA ILE H 511 -11.78 -17.45 23.60
C ILE H 511 -11.50 -16.09 24.21
N LEU H 512 -11.36 -15.06 23.37
CA LEU H 512 -11.11 -13.72 23.90
C LEU H 512 -12.29 -13.23 24.74
N THR H 513 -13.52 -13.46 24.28
CA THR H 513 -14.68 -13.03 25.04
C THR H 513 -14.76 -13.75 26.37
N ALA H 514 -14.45 -15.04 26.39
CA ALA H 514 -14.49 -15.79 27.65
C ALA H 514 -13.38 -15.36 28.60
N ALA H 515 -12.20 -15.04 28.06
CA ALA H 515 -11.07 -14.67 28.91
C ALA H 515 -11.24 -13.27 29.47
N ARG H 516 -11.76 -12.33 28.67
CA ARG H 516 -11.90 -10.96 29.11
C ARG H 516 -12.97 -10.78 30.19
N GLU H 517 -13.76 -11.81 30.46
CA GLU H 517 -14.66 -11.81 31.60
C GLU H 517 -13.98 -12.32 32.87
N MET H 518 -12.65 -12.25 32.92
CA MET H 518 -11.88 -12.69 34.08
C MET H 518 -12.14 -14.17 34.37
N LEU H 519 -11.90 -14.99 33.35
CA LEU H 519 -11.99 -16.44 33.47
C LEU H 519 -13.35 -16.86 34.05
O3P NMN I . -55.52 -21.09 -23.34
P NMN I . -55.13 -20.84 -24.80
O1P NMN I . -54.46 -22.01 -25.44
O2P NMN I . -54.29 -19.56 -24.87
O5R NMN I . -56.52 -20.51 -25.59
C5R NMN I . -57.75 -20.41 -24.85
C4R NMN I . -58.90 -20.33 -25.83
O4R NMN I . -58.92 -21.51 -26.65
C3R NMN I . -60.29 -20.24 -25.19
O3R NMN I . -61.18 -19.47 -25.98
C2R NMN I . -60.72 -21.71 -25.16
O2R NMN I . -62.13 -21.86 -25.16
C1R NMN I . -60.12 -22.21 -26.48
N1 NMN I . -59.84 -23.68 -26.47
C2 NMN I . -58.76 -24.12 -25.81
C3 NMN I . -58.45 -25.46 -25.81
C7 NMN I . -57.24 -25.97 -25.09
O7 NMN I . -56.98 -27.18 -25.09
N7 NMN I . -56.47 -25.08 -24.45
C4 NMN I . -59.29 -26.34 -26.49
C5 NMN I . -60.40 -25.86 -27.15
C6 NMN I . -60.66 -24.51 -27.13
O3P NMN J . -35.57 17.05 -48.94
P NMN J . -36.20 16.43 -50.18
O1P NMN J . -37.44 15.65 -49.73
O2P NMN J . -35.26 15.60 -50.97
O5R NMN J . -36.75 17.68 -51.07
C5R NMN J . -38.08 18.20 -50.86
C4R NMN J . -38.43 19.10 -52.02
O4R NMN J . -38.37 18.34 -53.26
C3R NMN J . -39.84 19.69 -51.97
O3R NMN J . -39.87 20.99 -52.55
C2R NMN J . -40.65 18.69 -52.79
O2R NMN J . -41.81 19.27 -53.36
C1R NMN J . -39.64 18.31 -53.87
N1 NMN J . -39.86 16.94 -54.43
C2 NMN J . -39.54 15.87 -53.68
C3 NMN J . -39.71 14.60 -54.17
C7 NMN J . -39.34 13.40 -53.34
O7 NMN J . -39.50 12.26 -53.80
N7 NMN J . -38.84 13.63 -52.13
C4 NMN J . -40.24 14.45 -55.45
C5 NMN J . -40.57 15.56 -56.19
C6 NMN J . -40.38 16.82 -55.66
O3P NMN K . 2.88 43.69 -46.48
P NMN K . 4.40 43.65 -46.53
O1P NMN K . 4.92 42.59 -47.46
O2P NMN K . 4.92 43.49 -45.10
O5R NMN K . 4.88 45.11 -47.04
C5R NMN K . 3.93 46.20 -47.12
C4R NMN K . 4.59 47.37 -47.80
O4R NMN K . 5.04 46.97 -49.13
C3R NMN K . 3.70 48.58 -48.02
O3R NMN K . 4.43 49.79 -47.93
C2R NMN K . 3.16 48.35 -49.43
O2R NMN K . 2.79 49.56 -50.07
C1R NMN K . 4.39 47.74 -50.11
N1 NMN K . 4.05 46.86 -51.26
C2 NMN K . 3.57 45.64 -51.01
C3 NMN K . 3.25 44.79 -52.07
C7 NMN K . 2.73 43.41 -51.79
O7 NMN K . 2.45 42.67 -52.74
N7 NMN K . 2.57 43.04 -50.52
C4 NMN K . 3.45 45.24 -53.36
C5 NMN K . 3.94 46.51 -53.58
C6 NMN K . 4.24 47.32 -52.52
O3P NMN L . 42.06 44.18 -15.17
P NMN L . 42.89 44.63 -16.38
O1P NMN L . 41.97 45.37 -17.35
O2P NMN L . 43.62 43.51 -17.02
O5R NMN L . 43.95 45.73 -15.82
C5R NMN L . 43.59 47.13 -15.78
C4R NMN L . 44.82 47.95 -15.53
O4R NMN L . 45.78 47.70 -16.59
C3R NMN L . 44.61 49.46 -15.51
O3R NMN L . 45.51 50.09 -14.62
C2R NMN L . 44.90 49.84 -16.96
O2R NMN L . 45.31 51.20 -17.09
C1R NMN L . 46.04 48.90 -17.29
N1 NMN L . 46.13 48.58 -18.75
C2 NMN L . 45.21 47.76 -19.30
C3 NMN L . 45.27 47.43 -20.63
C7 NMN L . 44.24 46.51 -21.24
O7 NMN L . 44.32 46.22 -22.44
N7 NMN L . 43.30 46.03 -20.44
C4 NMN L . 46.30 47.96 -21.40
C5 NMN L . 47.23 48.81 -20.82
C6 NMN L . 47.12 49.10 -19.49
O3P NMN M . 56.13 20.28 22.58
P NMN M . 56.58 18.88 23.01
O1P NMN M . 57.30 18.16 21.94
O2P NMN M . 55.37 18.12 23.54
O5R NMN M . 57.57 19.11 24.29
C5R NMN M . 57.73 20.43 24.85
C4R NMN M . 58.84 20.39 25.86
O4R NMN M . 60.07 19.97 25.23
C3R NMN M . 59.17 21.73 26.52
O3R NMN M . 59.59 21.57 27.87
C2R NMN M . 60.30 22.26 25.64
O2R NMN M . 61.14 23.17 26.34
C1R NMN M . 61.05 20.97 25.34
N1 NMN M . 61.81 21.03 24.05
C2 NMN M . 61.15 20.93 22.90
C3 NMN M . 61.82 20.96 21.69
C7 NMN M . 61.07 20.85 20.39
O7 NMN M . 61.70 20.87 19.32
N7 NMN M . 59.75 20.70 20.45
C4 NMN M . 63.20 21.11 21.71
C5 NMN M . 63.87 21.21 22.92
C6 NMN M . 63.15 21.18 24.09
O3P NMN N . 36.31 -18.07 48.01
P NMN N . 37.75 -18.50 48.28
O1P NMN N . 38.65 -17.26 48.26
O2P NMN N . 38.22 -19.57 47.35
O5R NMN N . 37.78 -19.05 49.81
C5R NMN N . 38.05 -18.16 50.91
C4R NMN N . 38.33 -18.97 52.15
O4R NMN N . 39.48 -19.82 51.91
C3R NMN N . 38.69 -18.15 53.38
O3R NMN N . 38.25 -18.79 54.58
C2R NMN N . 40.22 -18.10 53.32
O2R NMN N . 40.81 -17.91 54.60
C1R NMN N . 40.52 -19.49 52.78
N1 NMN N . 41.82 -19.55 52.03
C2 NMN N . 41.87 -19.01 50.81
C3 NMN N . 43.05 -19.06 50.07
C7 NMN N . 43.11 -18.45 48.70
O7 NMN N . 44.17 -18.52 48.06
N7 NMN N . 42.02 -17.87 48.23
C4 NMN N . 44.15 -19.69 50.64
C5 NMN N . 44.07 -20.25 51.90
C6 NMN N . 42.88 -20.17 52.59
O3P NMN O . -2.30 -44.51 45.61
P NMN O . -2.95 -45.58 44.73
O1P NMN O . -1.95 -46.43 44.02
O2P NMN O . -3.93 -44.90 43.79
O5R NMN O . -3.84 -46.51 45.72
C5R NMN O . -3.94 -46.16 47.12
C4R NMN O . -4.64 -47.28 47.85
O4R NMN O . -3.89 -48.51 47.70
C3R NMN O . -4.80 -47.07 49.36
O3R NMN O . -6.01 -47.66 49.84
C2R NMN O . -3.58 -47.79 49.92
O2R NMN O . -3.78 -48.24 51.26
C1R NMN O . -3.48 -48.98 48.97
N1 NMN O . -2.09 -49.51 48.85
C2 NMN O . -1.19 -48.83 48.11
C3 NMN O . 0.10 -49.32 47.96
C7 NMN O . 1.10 -48.56 47.14
O7 NMN O . 2.24 -49.01 47.03
N7 NMN O . 0.71 -47.43 46.57
C4 NMN O . 0.44 -50.50 48.60
C5 NMN O . -0.50 -51.18 49.35
C6 NMN O . -1.77 -50.67 49.47
O3P NMN P . -41.31 -45.18 14.22
P NMN P . -41.34 -46.69 14.48
O1P NMN P . -40.77 -46.95 15.88
O2P NMN P . -40.67 -47.47 13.41
O5R NMN P . -42.92 -47.09 14.56
C5R NMN P . -43.61 -47.08 15.82
C4R NMN P . -44.93 -47.80 15.67
O4R NMN P . -44.68 -49.16 15.25
C3R NMN P . -45.75 -47.91 16.94
O3R NMN P . -47.15 -47.89 16.65
C2R NMN P . -45.32 -49.26 17.50
O2R NMN P . -46.31 -49.84 18.34
C1R NMN P . -45.15 -50.06 16.21
N1 NMN P . -44.17 -51.17 16.35
C2 NMN P . -42.86 -50.89 16.42
C3 NMN P . -41.92 -51.90 16.52
C7 NMN P . -40.46 -51.57 16.60
O7 NMN P . -39.63 -52.48 16.70
N7 NMN P . -40.11 -50.29 16.56
C4 NMN P . -42.37 -53.21 16.58
C5 NMN P . -43.72 -53.49 16.51
C6 NMN P . -44.62 -52.45 16.39
#